data_4R1P
#
_entry.id   4R1P
#
_cell.length_a   223.659
_cell.length_b   153.120
_cell.length_c   91.239
_cell.angle_alpha   90.00
_cell.angle_beta   103.85
_cell.angle_gamma   90.00
#
_symmetry.space_group_name_H-M   'C 1 2 1'
#
loop_
_entity.id
_entity.type
_entity.pdbx_description
1 polymer 'L-arabinose isomerase'
2 non-polymer 'MANGANESE (II) ION'
3 water water
#
_entity_poly.entity_id   1
_entity_poly.type   'polypeptide(L)'
_entity_poly.pdbx_seq_one_letter_code
;MMLSLRPYEFWFVTGSQHLYGEEALKQVEEHSRIMVNEWNRDSVFPFPFVFKSVVTTPEEIRRVCLEANASEQCAGVVTW
MHTFSPAKMWIGGLLELRKPLLHLHTQFNRDIPWDSIDMDFMNLNQSAHGDREYGFIGARMGVARKVVVGHWEDPEVRER
LAKWMRTAVAFAESRNLKVARFGDNMREVAVTEGDKVGAQIQFGWSVNGYGIGDLVQYIRDVSEQKVNELLDEYEELYDI
VPAGRQEGPVRESIREQARIELGLKAFLQDGNFTAFTTTFEDLHGMKQLPGLAVQRLMAEGYGFGGEGDWKTAALVRLMK
VMADGKGTSFMEDYTYHFEPGNELILGAHMLEVCPTIAATRPRVEVHPLSIGGKEDPARLVFDGGEGAAVNASLIDLGHR
FRLIVNEVDAVKPEHDMPKLPVARILWKPRPSLRDSAEAWILAGGAHHTCFSFAVTTEQLQDFAEMAGIECVVINEHTSV
SSFKNELKWNEVFWRGR
;
_entity_poly.pdbx_strand_id   A,B,C,D,E,F
#
# COMPACT_ATOMS: atom_id res chain seq x y z
N LEU A 3 -34.35 -0.64 -31.61
CA LEU A 3 -33.88 0.27 -30.56
C LEU A 3 -32.57 0.93 -31.01
N SER A 4 -32.69 2.16 -31.49
CA SER A 4 -31.63 2.78 -32.28
C SER A 4 -30.81 3.80 -31.52
N LEU A 5 -29.75 4.25 -32.16
CA LEU A 5 -28.76 5.06 -31.49
C LEU A 5 -28.78 6.47 -32.02
N ARG A 6 -28.41 7.41 -31.16
CA ARG A 6 -28.10 8.75 -31.62
C ARG A 6 -26.95 8.63 -32.61
N PRO A 7 -26.75 9.64 -33.46
CA PRO A 7 -25.75 9.46 -34.52
C PRO A 7 -24.34 9.74 -34.00
N TYR A 8 -23.63 8.69 -33.62
CA TYR A 8 -22.30 8.87 -33.07
C TYR A 8 -21.29 9.10 -34.18
N GLU A 9 -20.18 9.73 -33.85
CA GLU A 9 -19.10 9.97 -34.81
C GLU A 9 -17.74 9.95 -34.09
N PHE A 10 -16.67 9.93 -34.86
CA PHE A 10 -15.32 9.84 -34.28
C PHE A 10 -14.44 10.97 -34.77
N TRP A 11 -13.85 11.68 -33.83
CA TRP A 11 -13.08 12.87 -34.16
C TRP A 11 -11.63 12.50 -34.41
N PHE A 12 -11.11 12.95 -35.55
CA PHE A 12 -9.73 12.64 -35.91
C PHE A 12 -8.91 13.89 -35.71
N VAL A 13 -7.95 13.81 -34.79
CA VAL A 13 -7.15 14.96 -34.43
C VAL A 13 -5.72 14.66 -34.74
N THR A 14 -5.08 15.56 -35.49
CA THR A 14 -3.71 15.33 -35.91
C THR A 14 -2.79 16.34 -35.26
N GLY A 15 -1.75 15.83 -34.61
CA GLY A 15 -0.82 16.68 -33.90
C GLY A 15 0.35 17.08 -34.77
N SER A 16 0.83 18.30 -34.54
CA SER A 16 2.05 18.75 -35.20
C SER A 16 2.64 19.94 -34.42
N GLN A 17 3.45 20.75 -35.09
CA GLN A 17 4.07 21.88 -34.41
C GLN A 17 4.35 22.98 -35.44
N HIS A 18 4.68 24.17 -34.96
CA HIS A 18 5.01 25.28 -35.87
C HIS A 18 6.44 25.26 -36.42
N LEU A 19 7.29 24.40 -35.87
CA LEU A 19 8.72 24.39 -36.18
C LEU A 19 9.06 24.48 -37.68
N TYR A 20 8.33 23.75 -38.51
CA TYR A 20 8.72 23.56 -39.91
C TYR A 20 8.07 24.51 -40.89
N GLY A 21 7.32 25.49 -40.39
CA GLY A 21 6.66 26.45 -41.26
C GLY A 21 5.22 26.11 -41.61
N GLU A 22 4.55 27.06 -42.27
CA GLU A 22 3.11 26.96 -42.55
C GLU A 22 2.82 25.95 -43.67
N GLU A 23 3.72 25.82 -44.62
CA GLU A 23 3.50 24.95 -45.75
C GLU A 23 3.45 23.47 -45.31
N ALA A 24 4.37 23.09 -44.42
CA ALA A 24 4.38 21.74 -43.87
C ALA A 24 3.05 21.43 -43.20
N LEU A 25 2.53 22.41 -42.48
CA LEU A 25 1.26 22.28 -41.78
C LEU A 25 0.11 22.08 -42.76
N LYS A 26 0.20 22.68 -43.94
CA LYS A 26 -0.86 22.52 -44.95
C LYS A 26 -0.83 21.12 -45.48
N GLN A 27 0.37 20.59 -45.71
CA GLN A 27 0.52 19.21 -46.21
C GLN A 27 0.01 18.21 -45.18
N VAL A 28 0.28 18.48 -43.90
CA VAL A 28 -0.25 17.65 -42.83
C VAL A 28 -1.77 17.64 -42.85
N GLU A 29 -2.37 18.81 -43.03
CA GLU A 29 -3.82 18.92 -43.03
C GLU A 29 -4.41 18.22 -44.23
N GLU A 30 -3.73 18.36 -45.36
CA GLU A 30 -4.17 17.69 -46.58
C GLU A 30 -4.16 16.17 -46.39
N HIS A 31 -3.09 15.63 -45.82
CA HIS A 31 -2.99 14.18 -45.60
C HIS A 31 -4.12 13.68 -44.72
N SER A 32 -4.41 14.43 -43.66
CA SER A 32 -5.44 14.01 -42.71
C SER A 32 -6.86 14.07 -43.28
N ARG A 33 -7.13 15.04 -44.15
CA ARG A 33 -8.43 15.12 -44.80
C ARG A 33 -8.60 13.97 -45.77
N ILE A 34 -7.52 13.63 -46.49
CA ILE A 34 -7.54 12.52 -47.42
C ILE A 34 -7.90 11.24 -46.66
N MET A 35 -7.19 11.00 -45.55
CA MET A 35 -7.41 9.81 -44.73
C MET A 35 -8.85 9.72 -44.24
N VAL A 36 -9.37 10.83 -43.71
CA VAL A 36 -10.74 10.86 -43.21
C VAL A 36 -11.75 10.60 -44.35
N ASN A 37 -11.56 11.31 -45.47
CA ASN A 37 -12.37 11.09 -46.66
C ASN A 37 -12.36 9.65 -47.09
N GLU A 38 -11.16 9.08 -47.24
CA GLU A 38 -10.99 7.70 -47.69
C GLU A 38 -11.59 6.67 -46.72
N TRP A 39 -11.33 6.85 -45.43
CA TRP A 39 -11.91 5.98 -44.40
C TRP A 39 -13.43 5.98 -44.45
N ASN A 40 -14.03 7.17 -44.58
CA ASN A 40 -15.49 7.29 -44.58
C ASN A 40 -16.15 6.54 -45.73
N ARG A 41 -15.44 6.38 -46.83
CA ARG A 41 -15.93 5.60 -47.98
C ARG A 41 -15.83 4.07 -47.79
N ASP A 42 -15.10 3.64 -46.76
CA ASP A 42 -14.96 2.21 -46.47
C ASP A 42 -16.07 1.74 -45.54
N SER A 43 -16.85 0.77 -45.99
CA SER A 43 -18.00 0.31 -45.21
C SER A 43 -17.64 -0.56 -44.00
N VAL A 44 -16.36 -0.85 -43.80
CA VAL A 44 -15.92 -1.56 -42.60
C VAL A 44 -16.24 -0.70 -41.36
N PHE A 45 -16.17 0.61 -41.49
CA PHE A 45 -16.42 1.49 -40.35
C PHE A 45 -17.91 1.69 -40.13
N PRO A 46 -18.39 1.43 -38.93
CA PRO A 46 -19.83 1.58 -38.67
C PRO A 46 -20.26 3.02 -38.32
N PHE A 47 -19.29 3.91 -38.13
CA PHE A 47 -19.60 5.32 -37.83
C PHE A 47 -18.65 6.24 -38.59
N PRO A 48 -19.06 7.49 -38.83
CA PRO A 48 -18.17 8.36 -39.61
C PRO A 48 -17.01 8.85 -38.76
N PHE A 49 -15.89 9.14 -39.41
CA PHE A 49 -14.85 9.98 -38.84
C PHE A 49 -15.19 11.42 -39.18
N VAL A 50 -14.83 12.35 -38.30
CA VAL A 50 -14.86 13.77 -38.64
C VAL A 50 -13.47 14.32 -38.47
N PHE A 51 -12.99 15.03 -39.49
CA PHE A 51 -11.73 15.73 -39.39
C PHE A 51 -11.85 16.94 -38.46
N LYS A 52 -11.08 16.96 -37.39
CA LYS A 52 -11.13 18.04 -36.41
C LYS A 52 -9.79 18.74 -36.34
N SER A 53 -9.28 19.15 -37.49
CA SER A 53 -8.13 20.04 -37.57
C SER A 53 -6.76 19.49 -37.13
N VAL A 54 -5.73 20.22 -37.55
CA VAL A 54 -4.37 19.99 -37.10
C VAL A 54 -4.13 20.87 -35.89
N VAL A 55 -3.72 20.26 -34.78
CA VAL A 55 -3.49 21.04 -33.56
C VAL A 55 -2.00 21.18 -33.28
N THR A 56 -1.58 22.40 -32.94
CA THR A 56 -0.18 22.75 -32.83
C THR A 56 0.18 23.54 -31.57
N THR A 57 -0.83 23.95 -30.78
CA THR A 57 -0.61 24.76 -29.59
C THR A 57 -1.36 24.15 -28.40
N PRO A 58 -0.93 24.47 -27.15
CA PRO A 58 -1.68 23.93 -26.01
C PRO A 58 -3.13 24.38 -26.04
N GLU A 59 -3.37 25.61 -26.46
CA GLU A 59 -4.69 26.20 -26.50
C GLU A 59 -5.59 25.47 -27.49
N GLU A 60 -5.05 25.16 -28.65
CA GLU A 60 -5.78 24.39 -29.66
C GLU A 60 -6.18 23.02 -29.13
N ILE A 61 -5.21 22.29 -28.60
CA ILE A 61 -5.42 20.94 -28.11
C ILE A 61 -6.49 20.89 -27.01
N ARG A 62 -6.39 21.81 -26.06
CA ARG A 62 -7.36 21.85 -24.99
C ARG A 62 -8.77 22.18 -25.51
N ARG A 63 -8.86 23.11 -26.45
CA ARG A 63 -10.15 23.48 -27.02
C ARG A 63 -10.83 22.27 -27.69
N VAL A 64 -10.10 21.52 -28.51
CA VAL A 64 -10.73 20.39 -29.16
C VAL A 64 -11.10 19.27 -28.17
N CYS A 65 -10.33 19.12 -27.10
CA CYS A 65 -10.71 18.18 -26.03
C CYS A 65 -11.96 18.63 -25.28
N LEU A 66 -12.04 19.92 -24.99
CA LEU A 66 -13.20 20.52 -24.35
C LEU A 66 -14.45 20.33 -25.23
N GLU A 67 -14.32 20.61 -26.52
CA GLU A 67 -15.42 20.40 -27.46
C GLU A 67 -15.85 18.93 -27.52
N ALA A 68 -14.89 18.02 -27.49
CA ALA A 68 -15.21 16.60 -27.58
C ALA A 68 -16.04 16.19 -26.38
N ASN A 69 -15.61 16.63 -25.21
CA ASN A 69 -16.35 16.37 -23.98
C ASN A 69 -17.80 16.84 -24.00
N ALA A 70 -18.03 18.00 -24.60
CA ALA A 70 -19.37 18.61 -24.57
C ALA A 70 -20.27 18.08 -25.67
N SER A 71 -19.68 17.47 -26.68
CA SER A 71 -20.45 16.98 -27.82
C SER A 71 -21.05 15.61 -27.57
N GLU A 72 -22.38 15.55 -27.55
CA GLU A 72 -23.07 14.30 -27.30
C GLU A 72 -22.85 13.28 -28.43
N GLN A 73 -22.62 13.75 -29.65
CA GLN A 73 -22.45 12.81 -30.75
C GLN A 73 -21.02 12.28 -30.85
N CYS A 74 -20.10 12.90 -30.13
CA CYS A 74 -18.71 12.45 -30.15
C CYS A 74 -18.51 11.23 -29.25
N ALA A 75 -18.30 10.06 -29.86
CA ALA A 75 -18.14 8.82 -29.10
C ALA A 75 -16.66 8.51 -28.83
N GLY A 76 -15.75 9.18 -29.51
CA GLY A 76 -14.35 8.89 -29.28
C GLY A 76 -13.49 9.78 -30.10
N VAL A 77 -12.21 9.81 -29.75
CA VAL A 77 -11.25 10.69 -30.36
C VAL A 77 -10.07 9.84 -30.81
N VAL A 78 -9.66 10.01 -32.06
CA VAL A 78 -8.51 9.32 -32.58
C VAL A 78 -7.42 10.36 -32.79
N THR A 79 -6.28 10.15 -32.14
CA THR A 79 -5.19 11.12 -32.21
C THR A 79 -4.01 10.47 -32.89
N TRP A 80 -3.35 11.25 -33.75
CA TRP A 80 -2.22 10.80 -34.52
C TRP A 80 -1.27 11.98 -34.65
N MET A 81 -0.03 11.83 -34.16
CA MET A 81 0.97 12.88 -34.37
C MET A 81 1.62 12.69 -35.75
N HIS A 82 1.28 13.55 -36.70
CA HIS A 82 1.85 13.47 -38.04
C HIS A 82 3.33 13.81 -37.95
N THR A 83 3.66 14.89 -37.23
CA THR A 83 5.05 15.25 -37.04
C THR A 83 5.27 15.22 -35.54
N PHE A 84 6.50 15.51 -35.13
CA PHE A 84 6.79 15.73 -33.71
C PHE A 84 5.86 16.82 -33.19
N SER A 85 5.20 16.54 -32.07
CA SER A 85 4.29 17.50 -31.46
C SER A 85 4.53 17.51 -29.94
N PRO A 86 5.38 18.45 -29.46
CA PRO A 86 5.85 18.49 -28.08
C PRO A 86 4.75 18.24 -27.03
N ALA A 87 4.93 17.22 -26.21
CA ALA A 87 3.81 16.60 -25.50
C ALA A 87 3.37 17.36 -24.26
N LYS A 88 4.21 18.27 -23.78
CA LYS A 88 3.77 19.17 -22.72
C LYS A 88 2.53 19.95 -23.19
N MET A 89 2.43 20.20 -24.49
CA MET A 89 1.25 20.87 -25.07
C MET A 89 -0.02 20.05 -24.93
N TRP A 90 0.13 18.73 -24.84
CA TRP A 90 -1.02 17.83 -24.75
C TRP A 90 -1.56 17.62 -23.34
N ILE A 91 -0.81 18.07 -22.34
CA ILE A 91 -1.19 17.83 -20.95
C ILE A 91 -2.57 18.43 -20.61
N GLY A 92 -2.77 19.71 -20.91
CA GLY A 92 -4.04 20.38 -20.68
C GLY A 92 -5.21 19.63 -21.31
N GLY A 93 -5.04 19.22 -22.57
CA GLY A 93 -6.07 18.51 -23.29
C GLY A 93 -6.37 17.15 -22.70
N LEU A 94 -5.33 16.36 -22.44
CA LEU A 94 -5.52 15.02 -21.89
C LEU A 94 -6.17 15.02 -20.52
N LEU A 95 -5.88 16.05 -19.71
CA LEU A 95 -6.55 16.19 -18.41
C LEU A 95 -8.02 16.53 -18.56
N GLU A 96 -8.35 17.19 -19.66
CA GLU A 96 -9.73 17.59 -19.90
C GLU A 96 -10.61 16.47 -20.44
N LEU A 97 -10.06 15.68 -21.36
CA LEU A 97 -10.83 14.70 -22.13
C LEU A 97 -11.38 13.54 -21.29
N ARG A 98 -12.68 13.31 -21.38
CA ARG A 98 -13.27 12.15 -20.72
C ARG A 98 -13.95 11.21 -21.71
N LYS A 99 -13.80 11.51 -23.01
CA LYS A 99 -14.27 10.57 -24.02
C LYS A 99 -13.18 9.56 -24.33
N PRO A 100 -13.56 8.34 -24.74
CA PRO A 100 -12.58 7.30 -25.09
C PRO A 100 -11.56 7.77 -26.13
N LEU A 101 -10.32 7.33 -25.96
CA LEU A 101 -9.22 7.80 -26.78
C LEU A 101 -8.51 6.66 -27.47
N LEU A 102 -8.25 6.83 -28.76
CA LEU A 102 -7.46 5.88 -29.51
C LEU A 102 -6.24 6.60 -30.10
N HIS A 103 -5.05 6.11 -29.76
CA HIS A 103 -3.83 6.60 -30.35
C HIS A 103 -3.51 5.82 -31.64
N LEU A 104 -3.71 6.46 -32.78
CA LEU A 104 -3.36 5.81 -34.03
C LEU A 104 -1.91 6.12 -34.37
N HIS A 105 -1.09 5.08 -34.36
CA HIS A 105 0.29 5.22 -34.76
C HIS A 105 0.41 4.78 -36.22
N THR A 106 0.46 5.75 -37.13
CA THR A 106 0.41 5.46 -38.56
C THR A 106 1.31 6.40 -39.32
N GLN A 107 1.23 6.35 -40.65
CA GLN A 107 2.10 7.14 -41.52
C GLN A 107 1.38 7.28 -42.87
N PHE A 108 1.41 8.46 -43.47
CA PHE A 108 0.61 8.66 -44.68
C PHE A 108 1.08 7.78 -45.82
N ASN A 109 2.37 7.82 -46.10
CA ASN A 109 2.96 6.96 -47.12
C ASN A 109 3.22 5.58 -46.54
N ARG A 110 3.16 4.56 -47.39
CA ARG A 110 3.44 3.21 -46.93
C ARG A 110 4.95 2.95 -46.91
N ASP A 111 5.62 3.34 -48.00
CA ASP A 111 7.03 3.00 -48.16
C ASP A 111 7.93 4.22 -48.09
N ILE A 112 9.18 4.00 -47.72
CA ILE A 112 10.19 5.04 -47.87
C ILE A 112 10.53 5.20 -49.36
N PRO A 113 10.42 6.45 -49.88
CA PRO A 113 10.80 6.83 -51.24
C PRO A 113 12.30 7.03 -51.35
N TRP A 114 13.03 5.93 -51.46
CA TRP A 114 14.49 5.90 -51.36
C TRP A 114 15.18 6.95 -52.22
N ASP A 115 14.79 7.03 -53.49
CA ASP A 115 15.50 7.86 -54.45
C ASP A 115 15.34 9.33 -54.14
N SER A 116 14.29 9.69 -53.41
CA SER A 116 13.97 11.09 -53.22
C SER A 116 13.87 11.54 -51.75
N ILE A 117 13.97 10.61 -50.81
CA ILE A 117 13.85 10.98 -49.40
C ILE A 117 14.91 12.00 -48.99
N ASP A 118 14.45 13.15 -48.49
CA ASP A 118 15.36 14.20 -48.07
C ASP A 118 14.93 14.76 -46.72
N MET A 119 15.53 15.89 -46.33
CA MET A 119 15.24 16.47 -45.02
C MET A 119 13.77 16.93 -44.85
N ASP A 120 13.22 17.60 -45.87
CA ASP A 120 11.82 18.04 -45.83
C ASP A 120 10.87 16.86 -45.53
N PHE A 121 11.08 15.75 -46.24
CA PHE A 121 10.33 14.53 -46.05
C PHE A 121 10.47 14.02 -44.61
N MET A 122 11.71 13.99 -44.13
CA MET A 122 12.05 13.58 -42.77
C MET A 122 11.40 14.46 -41.71
N ASN A 123 11.26 15.74 -42.03
CA ASN A 123 10.60 16.67 -41.13
C ASN A 123 9.10 16.42 -41.14
N LEU A 124 8.58 16.10 -42.32
CA LEU A 124 7.16 15.92 -42.51
C LEU A 124 6.65 14.57 -41.97
N ASN A 125 7.23 13.46 -42.43
CA ASN A 125 6.68 12.16 -42.08
C ASN A 125 7.39 11.49 -40.91
N GLN A 126 7.25 12.09 -39.72
CA GLN A 126 8.02 11.65 -38.57
C GLN A 126 7.16 11.17 -37.38
N SER A 127 6.04 10.50 -37.67
CA SER A 127 5.25 9.90 -36.61
C SER A 127 6.08 8.89 -35.83
N ALA A 128 7.09 8.32 -36.50
CA ALA A 128 7.96 7.31 -35.92
C ALA A 128 8.48 7.79 -34.60
N HIS A 129 8.72 9.10 -34.49
CA HIS A 129 9.08 9.65 -33.21
C HIS A 129 8.03 10.54 -32.57
N GLY A 130 7.21 11.20 -33.39
CA GLY A 130 6.14 12.04 -32.86
C GLY A 130 5.17 11.29 -31.98
N ASP A 131 4.78 10.08 -32.39
CA ASP A 131 3.89 9.24 -31.58
C ASP A 131 4.56 8.63 -30.34
N ARG A 132 5.88 8.49 -30.37
CA ARG A 132 6.59 7.97 -29.20
C ARG A 132 6.59 9.02 -28.09
N GLU A 133 6.85 10.27 -28.46
CA GLU A 133 6.83 11.36 -27.49
C GLU A 133 5.43 11.56 -26.91
N TYR A 134 4.41 11.49 -27.78
CA TYR A 134 3.01 11.46 -27.36
C TYR A 134 2.71 10.22 -26.53
N GLY A 135 3.25 9.08 -26.96
CA GLY A 135 3.17 7.86 -26.18
C GLY A 135 3.68 8.04 -24.75
N PHE A 136 4.80 8.76 -24.59
CA PHE A 136 5.34 8.99 -23.25
C PHE A 136 4.36 9.72 -22.33
N ILE A 137 3.76 10.81 -22.81
CA ILE A 137 2.92 11.62 -21.93
C ILE A 137 1.66 10.85 -21.52
N GLY A 138 1.27 9.91 -22.36
CA GLY A 138 0.14 9.05 -22.07
C GLY A 138 0.47 8.10 -20.93
N ALA A 139 1.66 7.51 -20.99
CA ALA A 139 2.12 6.59 -19.97
C ALA A 139 2.31 7.37 -18.69
N ARG A 140 2.88 8.55 -18.82
CA ARG A 140 3.24 9.38 -17.70
C ARG A 140 2.01 9.83 -16.92
N MET A 141 0.92 10.07 -17.62
CA MET A 141 -0.29 10.56 -16.97
C MET A 141 -1.24 9.44 -16.58
N GLY A 142 -0.86 8.19 -16.86
CA GLY A 142 -1.68 7.04 -16.56
C GLY A 142 -3.04 6.97 -17.27
N VAL A 143 -3.07 7.44 -18.51
CA VAL A 143 -4.29 7.54 -19.31
C VAL A 143 -4.75 6.20 -19.93
N ALA A 144 -6.05 5.91 -19.82
CA ALA A 144 -6.64 4.78 -20.53
C ALA A 144 -6.58 5.08 -22.01
N ARG A 145 -6.01 4.16 -22.80
CA ARG A 145 -5.84 4.38 -24.24
C ARG A 145 -5.76 3.07 -25.01
N LYS A 146 -6.43 3.04 -26.15
CA LYS A 146 -6.22 2.02 -27.14
C LYS A 146 -5.06 2.49 -28.00
N VAL A 147 -4.09 1.63 -28.23
CA VAL A 147 -3.02 1.92 -29.19
C VAL A 147 -3.12 1.02 -30.42
N VAL A 148 -3.17 1.61 -31.61
CA VAL A 148 -3.17 0.84 -32.85
C VAL A 148 -2.01 1.27 -33.74
N VAL A 149 -1.26 0.30 -34.25
CA VAL A 149 -0.08 0.56 -35.06
C VAL A 149 -0.22 -0.06 -36.44
N GLY A 150 0.03 0.73 -37.48
CA GLY A 150 -0.03 0.22 -38.85
C GLY A 150 -0.34 1.30 -39.87
N HIS A 151 -0.14 0.98 -41.14
CA HIS A 151 -0.50 1.92 -42.19
C HIS A 151 -2.03 2.08 -42.26
N TRP A 152 -2.50 3.27 -42.61
CA TRP A 152 -3.92 3.59 -42.47
C TRP A 152 -4.81 2.99 -43.55
N GLU A 153 -4.21 2.37 -44.57
CA GLU A 153 -4.96 1.64 -45.59
C GLU A 153 -4.85 0.14 -45.40
N ASP A 154 -4.16 -0.29 -44.36
CA ASP A 154 -4.03 -1.71 -44.04
C ASP A 154 -5.39 -2.21 -43.51
N PRO A 155 -5.96 -3.25 -44.16
CA PRO A 155 -7.31 -3.64 -43.72
C PRO A 155 -7.33 -4.15 -42.27
N GLU A 156 -6.23 -4.70 -41.80
CA GLU A 156 -6.15 -5.10 -40.40
C GLU A 156 -6.32 -3.91 -39.46
N VAL A 157 -5.59 -2.84 -39.76
CA VAL A 157 -5.71 -1.59 -39.01
C VAL A 157 -7.13 -1.05 -38.98
N ARG A 158 -7.79 -1.08 -40.14
CA ARG A 158 -9.13 -0.54 -40.25
C ARG A 158 -10.14 -1.37 -39.46
N GLU A 159 -10.03 -2.69 -39.55
CA GLU A 159 -10.95 -3.55 -38.82
C GLU A 159 -10.79 -3.38 -37.30
N ARG A 160 -9.59 -3.10 -36.84
CA ARG A 160 -9.36 -2.87 -35.42
C ARG A 160 -10.01 -1.57 -34.95
N LEU A 161 -9.88 -0.52 -35.77
CA LEU A 161 -10.55 0.75 -35.51
C LEU A 161 -12.07 0.60 -35.49
N ALA A 162 -12.58 -0.13 -36.46
CA ALA A 162 -14.02 -0.36 -36.59
C ALA A 162 -14.59 -1.12 -35.40
N LYS A 163 -13.89 -2.17 -34.97
CA LYS A 163 -14.26 -2.89 -33.76
C LYS A 163 -14.24 -1.97 -32.56
N TRP A 164 -13.18 -1.17 -32.43
CA TRP A 164 -13.07 -0.22 -31.34
C TRP A 164 -14.19 0.79 -31.37
N MET A 165 -14.61 1.21 -32.55
CA MET A 165 -15.72 2.16 -32.69
C MET A 165 -16.99 1.62 -32.00
N ARG A 166 -17.32 0.36 -32.24
CA ARG A 166 -18.51 -0.23 -31.62
C ARG A 166 -18.34 -0.29 -30.10
N THR A 167 -17.12 -0.56 -29.63
CA THR A 167 -16.86 -0.61 -28.19
C THR A 167 -17.03 0.77 -27.60
N ALA A 168 -16.49 1.78 -28.28
CA ALA A 168 -16.58 3.17 -27.83
C ALA A 168 -18.04 3.65 -27.79
N VAL A 169 -18.81 3.28 -28.81
CA VAL A 169 -20.23 3.62 -28.83
C VAL A 169 -20.99 2.95 -27.66
N ALA A 170 -20.67 1.70 -27.36
CA ALA A 170 -21.33 1.04 -26.24
C ALA A 170 -21.01 1.73 -24.93
N PHE A 171 -19.82 2.32 -24.86
CA PHE A 171 -19.43 3.03 -23.66
C PHE A 171 -20.18 4.36 -23.53
N ALA A 172 -20.53 4.96 -24.66
CA ALA A 172 -21.36 6.15 -24.60
C ALA A 172 -22.76 5.76 -24.10
N GLU A 173 -23.28 4.66 -24.63
CA GLU A 173 -24.58 4.15 -24.18
C GLU A 173 -24.57 3.83 -22.69
N SER A 174 -23.47 3.24 -22.23
CA SER A 174 -23.29 2.90 -20.82
C SER A 174 -23.44 4.12 -19.92
N ARG A 175 -22.79 5.20 -20.30
CA ARG A 175 -22.84 6.44 -19.55
C ARG A 175 -24.24 7.02 -19.38
N ASN A 176 -25.14 6.64 -20.28
CA ASN A 176 -26.50 7.17 -20.26
C ASN A 176 -27.54 6.09 -20.04
N LEU A 177 -27.07 4.91 -19.66
CA LEU A 177 -27.95 3.76 -19.48
C LEU A 177 -28.87 3.92 -18.29
N LYS A 178 -30.18 3.74 -18.52
CA LYS A 178 -31.13 3.73 -17.42
C LYS A 178 -31.74 2.36 -17.29
N VAL A 179 -31.63 1.80 -16.09
CA VAL A 179 -32.20 0.50 -15.76
C VAL A 179 -33.40 0.71 -14.86
N ALA A 180 -34.48 -0.02 -15.15
CA ALA A 180 -35.68 0.01 -14.33
C ALA A 180 -35.86 -1.35 -13.66
N ARG A 181 -35.94 -1.36 -12.33
CA ARG A 181 -36.21 -2.61 -11.62
C ARG A 181 -37.65 -2.70 -11.12
N PHE A 182 -38.37 -3.71 -11.58
CA PHE A 182 -39.68 -4.02 -11.05
C PHE A 182 -39.49 -5.05 -9.96
N GLY A 183 -39.40 -4.57 -8.73
CA GLY A 183 -39.15 -5.45 -7.61
C GLY A 183 -37.67 -5.55 -7.30
N ASP A 184 -37.37 -6.23 -6.19
CA ASP A 184 -36.01 -6.28 -5.67
C ASP A 184 -35.29 -7.59 -6.03
N ASN A 185 -34.03 -7.69 -5.63
CA ASN A 185 -33.26 -8.90 -5.78
C ASN A 185 -34.03 -10.07 -5.19
N MET A 186 -33.85 -11.25 -5.78
CA MET A 186 -34.31 -12.47 -5.14
C MET A 186 -33.70 -12.51 -3.74
N ARG A 187 -34.53 -12.81 -2.75
CA ARG A 187 -34.09 -12.79 -1.36
C ARG A 187 -32.97 -13.79 -1.13
N GLU A 188 -32.00 -13.39 -0.30
CA GLU A 188 -30.85 -14.22 0.11
C GLU A 188 -29.78 -14.42 -0.96
N VAL A 189 -29.99 -13.87 -2.14
CA VAL A 189 -29.04 -14.05 -3.24
C VAL A 189 -27.92 -13.01 -3.20
N ALA A 190 -26.69 -13.48 -3.43
CA ALA A 190 -25.51 -12.67 -3.22
C ALA A 190 -25.01 -11.99 -4.50
N VAL A 191 -24.79 -12.78 -5.54
CA VAL A 191 -24.06 -12.29 -6.71
C VAL A 191 -24.81 -11.21 -7.47
N THR A 192 -26.12 -11.17 -7.33
CA THR A 192 -26.90 -10.18 -8.04
C THR A 192 -27.01 -8.89 -7.24
N GLU A 193 -26.48 -8.89 -6.03
CA GLU A 193 -26.51 -7.70 -5.20
C GLU A 193 -25.25 -6.90 -5.56
N GLY A 194 -25.16 -5.65 -5.10
CA GLY A 194 -24.00 -4.82 -5.42
C GLY A 194 -24.27 -3.37 -5.09
N ASP A 195 -23.26 -2.51 -5.29
CA ASP A 195 -23.39 -1.08 -5.01
C ASP A 195 -23.77 -0.28 -6.25
N LYS A 196 -25.02 0.15 -6.30
CA LYS A 196 -25.53 0.92 -7.44
C LYS A 196 -24.87 2.29 -7.57
N VAL A 197 -24.54 2.91 -6.44
CA VAL A 197 -23.92 4.21 -6.46
C VAL A 197 -22.53 4.05 -7.08
N GLY A 198 -21.81 3.04 -6.61
CA GLY A 198 -20.53 2.66 -7.16
C GLY A 198 -20.60 2.35 -8.64
N ALA A 199 -21.66 1.67 -9.07
CA ALA A 199 -21.87 1.38 -10.49
C ALA A 199 -22.12 2.65 -11.31
N GLN A 200 -22.87 3.61 -10.76
CA GLN A 200 -23.15 4.85 -11.49
C GLN A 200 -21.87 5.67 -11.66
N ILE A 201 -20.98 5.60 -10.68
CA ILE A 201 -19.69 6.26 -10.77
C ILE A 201 -18.77 5.57 -11.78
N GLN A 202 -18.65 4.26 -11.71
CA GLN A 202 -17.74 3.56 -12.60
C GLN A 202 -18.24 3.58 -14.05
N PHE A 203 -19.55 3.35 -14.27
CA PHE A 203 -20.07 3.09 -15.62
C PHE A 203 -21.07 4.10 -16.14
N GLY A 204 -21.70 4.86 -15.24
CA GLY A 204 -22.69 5.84 -15.63
C GLY A 204 -24.11 5.32 -15.49
N TRP A 205 -24.27 4.04 -15.16
CA TRP A 205 -25.58 3.41 -15.08
C TRP A 205 -26.47 4.03 -14.01
N SER A 206 -27.64 4.50 -14.42
CA SER A 206 -28.67 4.88 -13.48
C SER A 206 -29.65 3.71 -13.32
N VAL A 207 -29.70 3.15 -12.11
CA VAL A 207 -30.50 1.98 -11.79
C VAL A 207 -31.47 2.33 -10.68
N ASN A 208 -32.76 2.29 -10.99
CA ASN A 208 -33.78 2.65 -10.00
C ASN A 208 -34.98 1.70 -9.94
N GLY A 209 -35.57 1.60 -8.75
CA GLY A 209 -36.63 0.64 -8.50
C GLY A 209 -38.02 1.21 -8.59
N TYR A 210 -38.93 0.39 -9.10
CA TYR A 210 -40.33 0.73 -9.24
C TYR A 210 -41.13 -0.40 -8.63
N GLY A 211 -42.20 -0.08 -7.91
CA GLY A 211 -43.11 -1.12 -7.45
C GLY A 211 -43.66 -1.85 -8.68
N ILE A 212 -43.96 -3.13 -8.56
CA ILE A 212 -44.54 -3.87 -9.66
C ILE A 212 -45.89 -3.24 -10.04
N GLY A 213 -46.57 -2.69 -9.05
CA GLY A 213 -47.85 -2.05 -9.27
C GLY A 213 -47.77 -0.91 -10.27
N ASP A 214 -46.62 -0.25 -10.35
CA ASP A 214 -46.48 0.83 -11.32
C ASP A 214 -46.59 0.24 -12.73
N LEU A 215 -46.03 -0.95 -12.92
CA LEU A 215 -46.12 -1.64 -14.19
C LEU A 215 -47.52 -2.21 -14.45
N VAL A 216 -48.17 -2.72 -13.40
CA VAL A 216 -49.50 -3.28 -13.54
C VAL A 216 -50.42 -2.19 -14.08
N GLN A 217 -50.27 -0.98 -13.56
CA GLN A 217 -50.98 0.19 -14.05
C GLN A 217 -50.86 0.38 -15.55
N TYR A 218 -49.63 0.42 -16.08
CA TYR A 218 -49.41 0.52 -17.52
C TYR A 218 -50.04 -0.63 -18.28
N ILE A 219 -49.96 -1.82 -17.71
CA ILE A 219 -50.48 -3.00 -18.39
C ILE A 219 -52.00 -2.91 -18.49
N ARG A 220 -52.63 -2.33 -17.47
CA ARG A 220 -54.08 -2.23 -17.45
C ARG A 220 -54.63 -1.18 -18.41
N ASP A 221 -53.75 -0.34 -18.93
CA ASP A 221 -54.11 0.70 -19.88
C ASP A 221 -53.88 0.27 -21.33
N VAL A 222 -53.43 -0.96 -21.53
CA VAL A 222 -53.23 -1.47 -22.87
C VAL A 222 -54.57 -1.69 -23.58
N SER A 223 -54.69 -1.17 -24.79
CA SER A 223 -55.90 -1.40 -25.59
C SER A 223 -55.88 -2.77 -26.27
N GLU A 224 -57.04 -3.42 -26.29
CA GLU A 224 -57.16 -4.77 -26.85
C GLU A 224 -56.91 -4.81 -28.35
N GLN A 225 -57.10 -3.67 -28.99
CA GLN A 225 -56.88 -3.58 -30.42
C GLN A 225 -55.41 -3.80 -30.71
N LYS A 226 -54.58 -3.06 -30.00
CA LYS A 226 -53.14 -3.25 -30.07
C LYS A 226 -52.75 -4.68 -29.65
N VAL A 227 -53.44 -5.23 -28.66
CA VAL A 227 -53.20 -6.60 -28.25
C VAL A 227 -53.49 -7.55 -29.41
N ASN A 228 -54.61 -7.33 -30.10
CA ASN A 228 -54.96 -8.16 -31.25
C ASN A 228 -53.95 -8.08 -32.39
N GLU A 229 -53.51 -6.87 -32.71
CA GLU A 229 -52.52 -6.70 -33.75
C GLU A 229 -51.24 -7.44 -33.39
N LEU A 230 -50.81 -7.30 -32.14
CA LEU A 230 -49.60 -7.96 -31.67
C LEU A 230 -49.73 -9.48 -31.84
N LEU A 231 -50.91 -10.01 -31.52
CA LEU A 231 -51.14 -11.44 -31.66
C LEU A 231 -51.00 -11.89 -33.11
N ASP A 232 -51.49 -11.06 -34.04
CA ASP A 232 -51.30 -11.33 -35.46
C ASP A 232 -49.82 -11.43 -35.81
N GLU A 233 -49.03 -10.45 -35.36
CA GLU A 233 -47.59 -10.49 -35.56
C GLU A 233 -46.94 -11.75 -34.99
N TYR A 234 -47.36 -12.17 -33.80
CA TYR A 234 -46.92 -13.43 -33.21
C TYR A 234 -47.10 -14.57 -34.18
N GLU A 235 -48.25 -14.62 -34.85
CA GLU A 235 -48.54 -15.75 -35.75
C GLU A 235 -47.73 -15.69 -37.05
N GLU A 236 -47.41 -14.48 -37.48
CA GLU A 236 -46.60 -14.31 -38.66
C GLU A 236 -45.14 -14.72 -38.38
N LEU A 237 -44.66 -14.44 -37.18
CA LEU A 237 -43.25 -14.67 -36.86
C LEU A 237 -42.94 -16.04 -36.27
N TYR A 238 -43.88 -16.62 -35.53
CA TYR A 238 -43.62 -17.84 -34.80
C TYR A 238 -44.63 -18.96 -35.08
N ASP A 239 -44.19 -20.18 -34.85
CA ASP A 239 -45.10 -21.29 -34.66
C ASP A 239 -45.91 -21.07 -33.39
N ILE A 240 -47.20 -21.40 -33.45
CA ILE A 240 -48.07 -21.35 -32.28
C ILE A 240 -48.52 -22.76 -31.97
N VAL A 241 -48.50 -23.16 -30.69
CA VAL A 241 -49.05 -24.47 -30.30
C VAL A 241 -50.48 -24.56 -30.80
N PRO A 242 -50.92 -25.77 -31.21
CA PRO A 242 -52.26 -25.92 -31.80
C PRO A 242 -53.36 -25.34 -30.91
N ALA A 243 -53.32 -25.66 -29.63
CA ALA A 243 -54.26 -25.14 -28.64
C ALA A 243 -54.48 -23.61 -28.73
N GLY A 244 -53.43 -22.86 -29.05
CA GLY A 244 -53.51 -21.41 -29.10
C GLY A 244 -54.00 -20.83 -30.41
N ARG A 245 -54.27 -21.69 -31.39
CA ARG A 245 -54.68 -21.25 -32.72
C ARG A 245 -56.12 -20.71 -32.76
N GLN A 246 -56.97 -21.22 -31.87
CA GLN A 246 -58.34 -20.72 -31.77
C GLN A 246 -58.64 -20.22 -30.35
N GLU A 247 -59.71 -19.42 -30.22
CA GLU A 247 -60.11 -18.86 -28.93
C GLU A 247 -60.21 -19.94 -27.85
N GLY A 248 -59.99 -19.53 -26.60
CA GLY A 248 -59.86 -20.48 -25.50
C GLY A 248 -58.71 -20.11 -24.58
N PRO A 249 -58.55 -20.85 -23.48
CA PRO A 249 -57.63 -20.49 -22.39
C PRO A 249 -56.15 -20.41 -22.79
N VAL A 250 -55.68 -21.31 -23.65
CA VAL A 250 -54.29 -21.28 -24.12
C VAL A 250 -53.98 -19.98 -24.86
N ARG A 251 -54.88 -19.58 -25.77
CA ARG A 251 -54.70 -18.34 -26.51
C ARG A 251 -54.84 -17.11 -25.62
N GLU A 252 -55.66 -17.21 -24.58
CA GLU A 252 -55.83 -16.10 -23.66
C GLU A 252 -54.53 -15.85 -22.89
N SER A 253 -53.84 -16.94 -22.54
CA SER A 253 -52.52 -16.85 -21.91
C SER A 253 -51.49 -16.17 -22.80
N ILE A 254 -51.51 -16.48 -24.09
CA ILE A 254 -50.65 -15.81 -25.05
C ILE A 254 -51.01 -14.34 -25.09
N ARG A 255 -52.31 -14.08 -25.16
CA ARG A 255 -52.83 -12.72 -25.19
C ARG A 255 -52.39 -11.91 -23.96
N GLU A 256 -52.24 -12.59 -22.82
CA GLU A 256 -51.82 -11.94 -21.59
C GLU A 256 -50.38 -11.41 -21.68
N GLN A 257 -49.50 -12.21 -22.28
CA GLN A 257 -48.10 -11.82 -22.48
C GLN A 257 -48.04 -10.66 -23.46
N ALA A 258 -48.95 -10.64 -24.41
CA ALA A 258 -49.06 -9.52 -25.34
C ALA A 258 -49.36 -8.23 -24.58
N ARG A 259 -50.31 -8.32 -23.64
CA ARG A 259 -50.60 -7.17 -22.77
C ARG A 259 -49.37 -6.71 -21.98
N ILE A 260 -48.65 -7.66 -21.38
CA ILE A 260 -47.45 -7.39 -20.63
C ILE A 260 -46.39 -6.71 -21.51
N GLU A 261 -46.16 -7.25 -22.70
CA GLU A 261 -45.24 -6.66 -23.68
C GLU A 261 -45.55 -5.19 -23.98
N LEU A 262 -46.82 -4.88 -24.22
CA LEU A 262 -47.22 -3.50 -24.54
C LEU A 262 -47.12 -2.59 -23.32
N GLY A 263 -47.48 -3.10 -22.15
CA GLY A 263 -47.33 -2.33 -20.93
C GLY A 263 -45.86 -1.97 -20.66
N LEU A 264 -45.00 -2.98 -20.75
CA LEU A 264 -43.56 -2.80 -20.58
C LEU A 264 -43.00 -1.77 -21.57
N LYS A 265 -43.25 -2.00 -22.87
CA LYS A 265 -42.75 -1.14 -23.93
C LYS A 265 -43.10 0.29 -23.60
N ALA A 266 -44.37 0.49 -23.24
CA ALA A 266 -44.84 1.82 -22.87
C ALA A 266 -44.11 2.39 -21.65
N PHE A 267 -44.04 1.61 -20.57
CA PHE A 267 -43.35 2.07 -19.36
C PHE A 267 -41.89 2.40 -19.68
N LEU A 268 -41.24 1.49 -20.39
CA LEU A 268 -39.81 1.64 -20.67
C LEU A 268 -39.52 2.84 -21.58
N GLN A 269 -40.36 3.04 -22.58
CA GLN A 269 -40.20 4.19 -23.47
C GLN A 269 -40.47 5.51 -22.76
N ASP A 270 -41.49 5.52 -21.90
CA ASP A 270 -41.83 6.73 -21.15
C ASP A 270 -40.69 7.25 -20.28
N GLY A 271 -39.84 6.36 -19.81
CA GLY A 271 -38.71 6.77 -18.99
C GLY A 271 -37.38 6.64 -19.70
N ASN A 272 -37.42 6.28 -20.98
CA ASN A 272 -36.19 6.09 -21.76
C ASN A 272 -35.24 5.06 -21.13
N PHE A 273 -35.81 4.01 -20.55
CA PHE A 273 -35.01 2.90 -20.07
C PHE A 273 -34.60 2.03 -21.23
N THR A 274 -33.39 1.48 -21.17
CA THR A 274 -32.92 0.53 -22.17
C THR A 274 -32.60 -0.83 -21.54
N ALA A 275 -32.90 -1.00 -20.26
CA ALA A 275 -32.72 -2.30 -19.62
C ALA A 275 -33.64 -2.38 -18.41
N PHE A 276 -33.99 -3.59 -18.01
CA PHE A 276 -34.91 -3.74 -16.88
C PHE A 276 -34.77 -5.12 -16.24
N THR A 277 -35.28 -5.24 -15.01
CA THR A 277 -35.29 -6.51 -14.30
C THR A 277 -36.68 -6.79 -13.77
N THR A 278 -36.97 -8.06 -13.53
CA THR A 278 -38.16 -8.47 -12.82
C THR A 278 -37.72 -9.46 -11.74
N THR A 279 -38.62 -9.76 -10.81
CA THR A 279 -38.39 -10.81 -9.83
C THR A 279 -39.66 -11.61 -9.61
N PHE A 280 -39.54 -12.93 -9.69
CA PHE A 280 -40.69 -13.79 -9.51
C PHE A 280 -41.24 -13.71 -8.08
N GLU A 281 -40.47 -13.11 -7.16
CA GLU A 281 -40.91 -12.98 -5.77
C GLU A 281 -41.83 -11.79 -5.54
N ASP A 282 -42.01 -10.95 -6.56
CA ASP A 282 -42.92 -9.81 -6.48
C ASP A 282 -43.76 -9.68 -7.76
N LEU A 283 -44.92 -10.33 -7.77
CA LEU A 283 -45.74 -10.32 -8.97
C LEU A 283 -47.17 -9.91 -8.65
N HIS A 284 -47.32 -9.12 -7.59
CA HIS A 284 -48.63 -8.62 -7.21
C HIS A 284 -49.34 -7.88 -8.32
N GLY A 285 -50.53 -8.39 -8.68
CA GLY A 285 -51.33 -7.73 -9.69
C GLY A 285 -51.03 -8.18 -11.11
N MET A 286 -50.05 -9.06 -11.27
CA MET A 286 -49.74 -9.66 -12.57
C MET A 286 -50.42 -11.02 -12.64
N LYS A 287 -50.78 -11.48 -13.85
CA LYS A 287 -51.36 -12.81 -13.98
C LYS A 287 -50.28 -13.85 -14.28
N GLN A 288 -49.20 -13.39 -14.91
CA GLN A 288 -48.10 -14.24 -15.29
C GLN A 288 -46.77 -13.56 -15.01
N LEU A 289 -45.75 -14.37 -14.73
CA LEU A 289 -44.38 -13.89 -14.83
C LEU A 289 -44.13 -13.57 -16.31
N PRO A 290 -43.58 -12.37 -16.60
CA PRO A 290 -43.26 -12.02 -17.99
C PRO A 290 -42.27 -13.00 -18.60
N GLY A 291 -42.60 -13.51 -19.79
CA GLY A 291 -41.79 -14.52 -20.44
C GLY A 291 -41.67 -14.20 -21.92
N LEU A 292 -42.66 -14.63 -22.70
CA LEU A 292 -42.78 -14.23 -24.09
C LEU A 292 -42.50 -12.74 -24.24
N ALA A 293 -43.09 -11.94 -23.35
CA ALA A 293 -42.97 -10.49 -23.39
C ALA A 293 -41.51 -9.99 -23.23
N VAL A 294 -40.77 -10.61 -22.33
CA VAL A 294 -39.38 -10.21 -22.09
C VAL A 294 -38.49 -10.66 -23.24
N GLN A 295 -38.77 -11.86 -23.76
CA GLN A 295 -38.03 -12.42 -24.88
C GLN A 295 -38.17 -11.52 -26.08
N ARG A 296 -39.38 -11.02 -26.30
CA ARG A 296 -39.59 -10.07 -27.41
C ARG A 296 -38.84 -8.75 -27.22
N LEU A 297 -38.85 -8.21 -26.01
CA LEU A 297 -38.11 -6.97 -25.72
C LEU A 297 -36.61 -7.14 -25.83
N MET A 298 -36.09 -8.32 -25.47
CA MET A 298 -34.67 -8.62 -25.66
C MET A 298 -34.30 -8.69 -27.14
N ALA A 299 -35.25 -9.12 -27.97
CA ALA A 299 -35.00 -9.28 -29.39
C ALA A 299 -34.95 -7.93 -30.09
N GLU A 300 -35.41 -6.91 -29.39
CA GLU A 300 -35.39 -5.53 -29.88
C GLU A 300 -34.20 -4.78 -29.29
N GLY A 301 -33.40 -5.50 -28.50
CA GLY A 301 -32.16 -4.96 -27.96
C GLY A 301 -32.20 -4.41 -26.54
N TYR A 302 -33.28 -4.67 -25.79
CA TYR A 302 -33.33 -4.27 -24.38
C TYR A 302 -32.42 -5.15 -23.55
N GLY A 303 -31.79 -4.58 -22.54
CA GLY A 303 -31.11 -5.37 -21.53
C GLY A 303 -32.14 -5.96 -20.57
N PHE A 304 -31.91 -7.18 -20.12
CA PHE A 304 -32.78 -7.81 -19.14
C PHE A 304 -31.95 -8.64 -18.15
N GLY A 305 -32.33 -8.60 -16.88
CA GLY A 305 -31.77 -9.51 -15.91
C GLY A 305 -32.85 -10.08 -15.02
N GLY A 306 -32.88 -11.40 -14.87
CA GLY A 306 -33.82 -12.05 -13.97
C GLY A 306 -33.53 -11.76 -12.51
N GLU A 307 -34.55 -11.90 -11.67
CA GLU A 307 -34.41 -11.85 -10.21
C GLU A 307 -33.78 -10.56 -9.73
N GLY A 308 -34.09 -9.47 -10.42
CA GLY A 308 -33.62 -8.14 -10.06
C GLY A 308 -32.16 -7.87 -10.39
N ASP A 309 -31.56 -8.71 -11.23
CA ASP A 309 -30.14 -8.63 -11.57
C ASP A 309 -29.80 -7.49 -12.54
N TRP A 310 -29.58 -6.31 -11.99
CA TRP A 310 -29.33 -5.10 -12.76
C TRP A 310 -27.96 -5.05 -13.45
N LYS A 311 -26.95 -5.67 -12.84
CA LYS A 311 -25.62 -5.71 -13.43
C LYS A 311 -25.63 -6.46 -14.76
N THR A 312 -26.30 -7.61 -14.78
CA THR A 312 -26.40 -8.38 -16.00
C THR A 312 -27.30 -7.67 -17.00
N ALA A 313 -28.36 -7.07 -16.50
CA ALA A 313 -29.26 -6.32 -17.38
C ALA A 313 -28.47 -5.23 -18.08
N ALA A 314 -27.58 -4.58 -17.36
CA ALA A 314 -26.79 -3.50 -17.95
C ALA A 314 -25.82 -4.11 -18.97
N LEU A 315 -25.09 -5.14 -18.55
CA LEU A 315 -24.15 -5.84 -19.41
C LEU A 315 -24.80 -6.34 -20.71
N VAL A 316 -26.00 -6.90 -20.58
CA VAL A 316 -26.71 -7.36 -21.77
C VAL A 316 -26.97 -6.22 -22.74
N ARG A 317 -27.41 -5.06 -22.24
CA ARG A 317 -27.62 -3.91 -23.10
C ARG A 317 -26.34 -3.39 -23.77
N LEU A 318 -25.26 -3.25 -22.99
CA LEU A 318 -23.95 -2.87 -23.51
C LEU A 318 -23.51 -3.78 -24.64
N MET A 319 -23.64 -5.07 -24.39
CA MET A 319 -23.21 -6.05 -25.36
C MET A 319 -24.05 -6.06 -26.62
N LYS A 320 -25.35 -5.77 -26.49
CA LYS A 320 -26.22 -5.59 -27.65
C LYS A 320 -25.68 -4.44 -28.53
N VAL A 321 -25.17 -3.39 -27.90
CA VAL A 321 -24.68 -2.25 -28.65
C VAL A 321 -23.31 -2.57 -29.26
N MET A 322 -22.46 -3.25 -28.49
CA MET A 322 -21.16 -3.68 -28.98
C MET A 322 -21.25 -4.60 -30.20
N ALA A 323 -22.34 -5.35 -30.28
CA ALA A 323 -22.46 -6.46 -31.21
C ALA A 323 -22.43 -6.01 -32.67
N ASP A 324 -21.64 -6.70 -33.50
CA ASP A 324 -21.64 -6.41 -34.93
C ASP A 324 -22.54 -7.39 -35.69
N GLY A 325 -23.47 -8.01 -34.99
CA GLY A 325 -24.32 -9.03 -35.59
C GLY A 325 -25.33 -9.65 -34.64
N LYS A 326 -26.08 -10.60 -35.17
CA LYS A 326 -27.22 -11.17 -34.48
C LYS A 326 -26.83 -12.12 -33.36
N GLY A 327 -27.60 -12.15 -32.28
CA GLY A 327 -27.53 -13.24 -31.34
C GLY A 327 -26.88 -12.88 -30.02
N THR A 328 -27.64 -12.18 -29.18
CA THR A 328 -27.14 -11.74 -27.89
C THR A 328 -28.28 -11.90 -26.91
N SER A 329 -27.98 -12.41 -25.72
CA SER A 329 -29.03 -12.79 -24.81
C SER A 329 -28.59 -12.91 -23.35
N PHE A 330 -29.52 -12.59 -22.45
CA PHE A 330 -29.40 -13.01 -21.06
C PHE A 330 -29.30 -14.54 -21.04
N MET A 331 -28.50 -15.08 -20.13
CA MET A 331 -28.27 -16.53 -20.11
C MET A 331 -27.98 -17.03 -18.68
N GLU A 332 -28.27 -18.29 -18.42
CA GLU A 332 -27.91 -18.90 -17.15
C GLU A 332 -27.53 -20.35 -17.39
N ASP A 333 -26.39 -20.79 -16.85
CA ASP A 333 -25.99 -22.20 -16.94
C ASP A 333 -27.00 -23.02 -16.17
N TYR A 334 -27.55 -24.06 -16.80
CA TYR A 334 -28.58 -24.84 -16.11
C TYR A 334 -28.13 -26.23 -15.70
N THR A 335 -27.65 -27.03 -16.64
CA THR A 335 -27.21 -28.36 -16.30
C THR A 335 -26.03 -28.78 -17.19
N TYR A 336 -25.32 -29.83 -16.80
CA TYR A 336 -24.13 -30.26 -17.55
C TYR A 336 -24.33 -31.60 -18.20
N HIS A 337 -23.57 -31.83 -19.26
CA HIS A 337 -23.40 -33.13 -19.88
C HIS A 337 -21.93 -33.51 -19.71
N PHE A 338 -21.66 -34.49 -18.85
CA PHE A 338 -20.28 -34.87 -18.52
C PHE A 338 -19.77 -36.07 -19.32
N GLU A 339 -20.45 -36.42 -20.40
CA GLU A 339 -20.01 -37.55 -21.23
C GLU A 339 -18.59 -37.29 -21.74
N PRO A 340 -17.64 -38.17 -21.38
CA PRO A 340 -16.23 -38.01 -21.79
C PRO A 340 -16.07 -37.73 -23.28
N GLY A 341 -15.29 -36.71 -23.62
CA GLY A 341 -15.09 -36.33 -25.00
C GLY A 341 -16.27 -35.59 -25.63
N ASN A 342 -17.33 -35.38 -24.87
CA ASN A 342 -18.45 -34.58 -25.36
C ASN A 342 -19.07 -33.76 -24.24
N GLU A 343 -18.22 -33.07 -23.47
CA GLU A 343 -18.70 -32.29 -22.33
C GLU A 343 -19.28 -30.98 -22.80
N LEU A 344 -20.47 -30.64 -22.30
CA LEU A 344 -21.08 -29.37 -22.65
C LEU A 344 -22.00 -28.83 -21.57
N ILE A 345 -22.47 -27.60 -21.78
CA ILE A 345 -23.38 -26.96 -20.85
C ILE A 345 -24.68 -26.67 -21.57
N LEU A 346 -25.80 -26.96 -20.88
CA LEU A 346 -27.11 -26.52 -21.34
C LEU A 346 -27.44 -25.21 -20.61
N GLY A 347 -27.66 -24.16 -21.38
CA GLY A 347 -28.01 -22.86 -20.82
C GLY A 347 -29.45 -22.53 -21.14
N ALA A 348 -30.09 -21.80 -20.24
CA ALA A 348 -31.50 -21.43 -20.38
C ALA A 348 -31.89 -20.45 -19.27
N HIS A 349 -33.17 -20.08 -19.22
CA HIS A 349 -33.72 -19.48 -18.03
C HIS A 349 -35.14 -20.00 -17.89
N MET A 350 -35.77 -19.79 -16.74
CA MET A 350 -37.09 -20.38 -16.53
C MET A 350 -38.09 -19.96 -17.61
N LEU A 351 -37.90 -18.78 -18.18
CA LEU A 351 -38.70 -18.36 -19.33
C LEU A 351 -37.89 -17.56 -20.37
N GLU A 352 -36.92 -16.78 -19.91
CA GLU A 352 -36.47 -15.61 -20.65
C GLU A 352 -35.14 -15.77 -21.41
N VAL A 353 -35.22 -16.32 -22.61
CA VAL A 353 -34.06 -16.43 -23.49
C VAL A 353 -34.37 -15.74 -24.84
N CYS A 354 -33.43 -14.92 -25.32
CA CYS A 354 -33.70 -14.09 -26.48
C CYS A 354 -33.77 -14.92 -27.76
N PRO A 355 -34.82 -14.71 -28.57
CA PRO A 355 -34.94 -15.48 -29.82
C PRO A 355 -33.87 -15.12 -30.87
N THR A 356 -33.09 -14.05 -30.69
CA THR A 356 -32.01 -13.76 -31.64
C THR A 356 -30.92 -14.85 -31.67
N ILE A 357 -30.85 -15.69 -30.65
CA ILE A 357 -29.85 -16.75 -30.64
C ILE A 357 -30.40 -18.08 -31.20
N ALA A 358 -31.65 -18.06 -31.65
CA ALA A 358 -32.35 -19.25 -32.12
C ALA A 358 -31.89 -19.75 -33.49
N ALA A 359 -31.74 -21.06 -33.61
CA ALA A 359 -31.44 -21.71 -34.90
C ALA A 359 -32.73 -22.13 -35.61
N THR A 360 -33.78 -22.35 -34.81
CA THR A 360 -35.01 -22.90 -35.32
C THR A 360 -36.12 -21.85 -35.18
N ARG A 361 -37.18 -21.99 -35.96
CA ARG A 361 -38.33 -21.09 -35.85
C ARG A 361 -38.93 -21.21 -34.46
N PRO A 362 -38.94 -20.10 -33.70
CA PRO A 362 -39.43 -20.15 -32.31
C PRO A 362 -40.89 -20.54 -32.24
N ARG A 363 -41.24 -21.30 -31.22
CA ARG A 363 -42.60 -21.76 -31.06
C ARG A 363 -43.20 -21.18 -29.79
N VAL A 364 -44.43 -20.65 -29.88
CA VAL A 364 -45.11 -20.13 -28.70
C VAL A 364 -45.80 -21.25 -27.93
N GLU A 365 -45.35 -21.49 -26.71
CA GLU A 365 -45.91 -22.57 -25.89
C GLU A 365 -46.41 -22.01 -24.56
N VAL A 366 -47.32 -22.75 -23.95
CA VAL A 366 -47.85 -22.42 -22.63
C VAL A 366 -47.69 -23.65 -21.73
N HIS A 367 -46.99 -23.49 -20.61
CA HIS A 367 -46.72 -24.59 -19.68
C HIS A 367 -46.81 -24.09 -18.24
N PRO A 368 -47.15 -24.97 -17.30
CA PRO A 368 -47.19 -24.56 -15.90
C PRO A 368 -45.80 -24.12 -15.42
N LEU A 369 -45.79 -23.17 -14.50
CA LEU A 369 -44.55 -22.75 -13.89
C LEU A 369 -44.89 -22.42 -12.44
N SER A 370 -44.52 -23.30 -11.53
CA SER A 370 -44.89 -23.14 -10.12
C SER A 370 -44.11 -22.02 -9.45
N ILE A 371 -42.88 -21.83 -9.91
CA ILE A 371 -42.01 -20.76 -9.45
C ILE A 371 -42.70 -19.40 -9.63
N GLY A 372 -43.04 -18.75 -8.53
CA GLY A 372 -43.72 -17.46 -8.59
C GLY A 372 -45.21 -17.56 -8.31
N GLY A 373 -45.73 -18.79 -8.35
CA GLY A 373 -47.10 -19.06 -7.97
C GLY A 373 -48.18 -18.42 -8.84
N LYS A 374 -47.82 -18.06 -10.06
CA LYS A 374 -48.76 -17.46 -10.99
C LYS A 374 -49.23 -18.43 -12.10
N GLU A 375 -50.06 -17.91 -13.01
CA GLU A 375 -50.68 -18.72 -14.06
C GLU A 375 -49.69 -19.16 -15.12
N ASP A 376 -50.06 -20.17 -15.90
CA ASP A 376 -49.15 -20.77 -16.87
C ASP A 376 -48.69 -19.76 -17.92
N PRO A 377 -47.41 -19.41 -17.93
CA PRO A 377 -47.01 -18.33 -18.84
C PRO A 377 -46.72 -18.82 -20.25
N ALA A 378 -47.04 -17.99 -21.22
CA ALA A 378 -46.63 -18.21 -22.59
C ALA A 378 -45.16 -17.79 -22.77
N ARG A 379 -44.41 -18.52 -23.60
CA ARG A 379 -43.00 -18.22 -23.83
C ARG A 379 -42.60 -18.77 -25.19
N LEU A 380 -41.51 -18.26 -25.74
CA LEU A 380 -40.94 -18.77 -26.98
C LEU A 380 -39.99 -19.93 -26.67
N VAL A 381 -40.16 -21.02 -27.41
CA VAL A 381 -39.32 -22.18 -27.24
C VAL A 381 -38.61 -22.49 -28.55
N PHE A 382 -37.31 -22.73 -28.47
CA PHE A 382 -36.44 -22.90 -29.64
C PHE A 382 -35.09 -23.45 -29.19
N ASP A 383 -34.28 -23.89 -30.14
CA ASP A 383 -32.90 -24.32 -29.86
C ASP A 383 -31.95 -23.23 -30.30
N GLY A 384 -30.88 -23.04 -29.53
CA GLY A 384 -29.89 -22.04 -29.92
C GLY A 384 -29.07 -22.55 -31.09
N GLY A 385 -28.53 -21.63 -31.88
CA GLY A 385 -27.70 -21.99 -33.01
C GLY A 385 -26.29 -22.36 -32.59
N GLU A 386 -25.40 -22.57 -33.58
CA GLU A 386 -24.04 -23.01 -33.30
C GLU A 386 -23.04 -21.90 -33.59
N GLY A 387 -21.82 -22.05 -33.12
CA GLY A 387 -20.79 -21.08 -33.42
C GLY A 387 -19.99 -20.58 -32.24
N ALA A 388 -18.92 -19.85 -32.53
CA ALA A 388 -18.09 -19.25 -31.48
C ALA A 388 -18.84 -18.09 -30.84
N ALA A 389 -18.62 -17.90 -29.55
CA ALA A 389 -19.37 -16.92 -28.78
C ALA A 389 -18.59 -16.56 -27.52
N VAL A 390 -19.01 -15.49 -26.87
CA VAL A 390 -18.50 -15.21 -25.54
C VAL A 390 -19.65 -15.29 -24.56
N ASN A 391 -19.28 -15.66 -23.34
CA ASN A 391 -20.17 -15.68 -22.20
C ASN A 391 -19.55 -14.75 -21.17
N ALA A 392 -20.27 -13.70 -20.78
CA ALA A 392 -19.69 -12.70 -19.89
C ALA A 392 -20.53 -12.41 -18.66
N SER A 393 -19.84 -12.26 -17.54
CA SER A 393 -20.45 -11.87 -16.28
C SER A 393 -19.72 -10.68 -15.66
N LEU A 394 -20.48 -9.77 -15.05
CA LEU A 394 -19.89 -8.62 -14.39
C LEU A 394 -20.27 -8.66 -12.93
N ILE A 395 -19.30 -8.74 -12.04
CA ILE A 395 -19.61 -8.88 -10.62
C ILE A 395 -19.05 -7.76 -9.76
N ASP A 396 -19.59 -7.67 -8.55
CA ASP A 396 -19.11 -6.70 -7.57
C ASP A 396 -18.32 -7.44 -6.49
N LEU A 397 -17.03 -7.14 -6.41
CA LEU A 397 -16.15 -7.76 -5.44
C LEU A 397 -16.15 -7.04 -4.10
N GLY A 398 -16.95 -5.99 -4.00
CA GLY A 398 -17.01 -5.25 -2.75
C GLY A 398 -16.41 -3.86 -2.90
N HIS A 399 -15.13 -3.81 -3.23
CA HIS A 399 -14.43 -2.54 -3.37
C HIS A 399 -14.19 -2.18 -4.84
N ARG A 400 -14.53 -3.08 -5.76
CA ARG A 400 -14.38 -2.83 -7.20
C ARG A 400 -15.17 -3.86 -8.00
N PHE A 401 -15.27 -3.63 -9.31
CA PHE A 401 -15.96 -4.56 -10.19
C PHE A 401 -14.98 -5.44 -10.98
N ARG A 402 -15.45 -6.61 -11.39
CA ARG A 402 -14.65 -7.52 -12.20
C ARG A 402 -15.50 -8.03 -13.35
N LEU A 403 -14.96 -7.94 -14.56
CA LEU A 403 -15.62 -8.48 -15.75
C LEU A 403 -14.95 -9.81 -16.12
N ILE A 404 -15.74 -10.85 -16.27
CA ILE A 404 -15.22 -12.17 -16.55
C ILE A 404 -15.79 -12.65 -17.86
N VAL A 405 -14.91 -13.03 -18.79
CA VAL A 405 -15.33 -13.46 -20.13
C VAL A 405 -14.81 -14.86 -20.43
N ASN A 406 -15.72 -15.76 -20.80
CA ASN A 406 -15.34 -17.11 -21.24
C ASN A 406 -15.63 -17.20 -22.74
N GLU A 407 -14.63 -17.57 -23.52
CA GLU A 407 -14.85 -17.85 -24.93
C GLU A 407 -15.39 -19.28 -25.04
N VAL A 408 -16.47 -19.46 -25.78
CA VAL A 408 -17.10 -20.78 -25.92
C VAL A 408 -17.46 -21.10 -27.36
N ASP A 409 -17.83 -22.36 -27.59
CA ASP A 409 -18.37 -22.77 -28.89
C ASP A 409 -19.74 -23.40 -28.70
N ALA A 410 -20.77 -22.72 -29.18
CA ALA A 410 -22.11 -23.27 -29.11
C ALA A 410 -22.24 -24.42 -30.10
N VAL A 411 -22.92 -25.47 -29.69
CA VAL A 411 -23.12 -26.61 -30.58
C VAL A 411 -24.61 -26.86 -30.76
N LYS A 412 -24.96 -27.35 -31.93
CA LYS A 412 -26.33 -27.77 -32.25
C LYS A 412 -26.68 -29.02 -31.46
N PRO A 413 -27.90 -29.08 -30.92
CA PRO A 413 -28.34 -30.31 -30.23
C PRO A 413 -28.58 -31.45 -31.24
N GLU A 414 -28.06 -32.64 -30.96
CA GLU A 414 -28.28 -33.79 -31.82
C GLU A 414 -29.60 -34.46 -31.51
N HIS A 415 -30.18 -34.17 -30.35
CA HIS A 415 -31.36 -34.88 -29.90
C HIS A 415 -32.46 -33.91 -29.54
N ASP A 416 -33.70 -34.35 -29.72
CA ASP A 416 -34.83 -33.56 -29.28
C ASP A 416 -34.90 -33.64 -27.76
N MET A 417 -35.39 -32.56 -27.17
CA MET A 417 -35.71 -32.55 -25.75
C MET A 417 -37.18 -32.18 -25.69
N PRO A 418 -38.06 -33.16 -25.98
CA PRO A 418 -39.50 -32.86 -26.14
C PRO A 418 -40.23 -32.55 -24.84
N LYS A 419 -39.63 -32.85 -23.70
CA LYS A 419 -40.30 -32.58 -22.43
C LYS A 419 -39.86 -31.25 -21.81
N LEU A 420 -38.94 -30.56 -22.50
CA LEU A 420 -38.32 -29.35 -21.97
C LEU A 420 -39.05 -28.10 -22.45
N PRO A 421 -39.74 -27.41 -21.54
CA PRO A 421 -40.63 -26.30 -21.93
C PRO A 421 -39.93 -24.94 -22.14
N VAL A 422 -38.60 -24.91 -22.12
CA VAL A 422 -37.90 -23.65 -22.27
C VAL A 422 -36.94 -23.66 -23.46
N ALA A 423 -36.71 -22.48 -24.02
CA ALA A 423 -35.67 -22.30 -25.01
C ALA A 423 -34.32 -22.52 -24.33
N ARG A 424 -33.35 -23.03 -25.08
CA ARG A 424 -32.06 -23.39 -24.51
C ARG A 424 -30.99 -23.44 -25.58
N ILE A 425 -29.74 -23.47 -25.12
CA ILE A 425 -28.60 -23.51 -26.00
C ILE A 425 -27.52 -24.38 -25.35
N LEU A 426 -26.79 -25.12 -26.18
CA LEU A 426 -25.68 -25.94 -25.70
C LEU A 426 -24.39 -25.32 -26.15
N TRP A 427 -23.36 -25.43 -25.32
CA TRP A 427 -22.04 -24.95 -25.72
C TRP A 427 -20.93 -25.67 -24.96
N LYS A 428 -19.78 -25.74 -25.60
CA LYS A 428 -18.60 -26.31 -25.00
C LYS A 428 -17.67 -25.15 -24.68
N PRO A 429 -17.44 -24.90 -23.39
CA PRO A 429 -16.56 -23.80 -23.01
C PRO A 429 -15.10 -24.14 -23.24
N ARG A 430 -14.32 -23.13 -23.62
CA ARG A 430 -12.88 -23.28 -23.74
C ARG A 430 -12.19 -22.95 -22.41
N PRO A 431 -11.08 -23.63 -22.10
CA PRO A 431 -10.43 -24.67 -22.90
C PRO A 431 -11.06 -26.07 -22.71
N SER A 432 -11.86 -26.23 -21.65
CA SER A 432 -12.63 -27.46 -21.42
C SER A 432 -13.70 -27.13 -20.41
N LEU A 433 -14.67 -28.04 -20.23
CA LEU A 433 -15.68 -27.84 -19.20
C LEU A 433 -15.00 -27.72 -17.86
N ARG A 434 -14.16 -28.70 -17.54
CA ARG A 434 -13.49 -28.74 -16.25
C ARG A 434 -12.65 -27.51 -15.92
N ASP A 435 -11.83 -27.10 -16.88
CA ASP A 435 -10.92 -26.00 -16.63
C ASP A 435 -11.62 -24.65 -16.60
N SER A 436 -12.61 -24.46 -17.46
CA SER A 436 -13.24 -23.16 -17.51
C SER A 436 -14.16 -22.96 -16.30
N ALA A 437 -14.85 -24.03 -15.92
CA ALA A 437 -15.71 -23.99 -14.76
C ALA A 437 -14.89 -23.67 -13.53
N GLU A 438 -13.76 -24.36 -13.37
CA GLU A 438 -12.90 -24.12 -12.23
C GLU A 438 -12.41 -22.68 -12.21
N ALA A 439 -11.91 -22.20 -13.35
CA ALA A 439 -11.47 -20.81 -13.51
C ALA A 439 -12.60 -19.83 -13.17
N TRP A 440 -13.79 -20.12 -13.68
CA TRP A 440 -14.96 -19.29 -13.46
C TRP A 440 -15.24 -19.17 -11.96
N ILE A 441 -15.27 -20.31 -11.28
CA ILE A 441 -15.61 -20.33 -9.87
C ILE A 441 -14.53 -19.62 -9.06
N LEU A 442 -13.28 -19.79 -9.47
CA LEU A 442 -12.18 -19.10 -8.81
C LEU A 442 -12.27 -17.58 -8.95
N ALA A 443 -12.71 -17.09 -10.11
CA ALA A 443 -12.93 -15.66 -10.30
C ALA A 443 -14.26 -15.18 -9.71
N GLY A 444 -15.07 -16.10 -9.21
CA GLY A 444 -16.36 -15.71 -8.65
C GLY A 444 -17.35 -15.20 -9.68
N GLY A 445 -17.26 -15.70 -10.90
CA GLY A 445 -18.21 -15.33 -11.93
C GLY A 445 -19.62 -15.77 -11.61
N ALA A 446 -20.59 -14.95 -12.03
CA ALA A 446 -21.98 -15.18 -11.71
C ALA A 446 -22.57 -16.39 -12.44
N HIS A 447 -23.79 -16.77 -12.07
CA HIS A 447 -24.56 -17.78 -12.80
C HIS A 447 -25.36 -17.13 -13.96
N HIS A 448 -25.58 -15.83 -13.86
CA HIS A 448 -26.21 -15.06 -14.93
C HIS A 448 -25.12 -14.44 -15.76
N THR A 449 -25.31 -14.46 -17.08
CA THR A 449 -24.34 -13.88 -18.00
C THR A 449 -25.05 -13.22 -19.16
N CYS A 450 -24.27 -12.47 -19.94
CA CYS A 450 -24.66 -12.13 -21.27
C CYS A 450 -23.95 -13.08 -22.20
N PHE A 451 -24.72 -13.67 -23.11
CA PHE A 451 -24.18 -14.62 -24.05
C PHE A 451 -24.35 -13.98 -25.43
N SER A 452 -23.27 -13.92 -26.21
CA SER A 452 -23.33 -13.31 -27.53
C SER A 452 -22.45 -14.00 -28.57
N PHE A 453 -23.02 -14.26 -29.75
CA PHE A 453 -22.28 -14.74 -30.91
C PHE A 453 -21.51 -13.61 -31.61
N ALA A 454 -21.76 -12.36 -31.21
CA ALA A 454 -21.31 -11.24 -32.02
C ALA A 454 -20.44 -10.21 -31.29
N VAL A 455 -19.95 -10.54 -30.10
CA VAL A 455 -19.06 -9.65 -29.37
C VAL A 455 -17.73 -10.37 -29.15
N THR A 456 -16.61 -9.69 -29.39
CA THR A 456 -15.33 -10.35 -29.25
C THR A 456 -14.74 -10.04 -27.90
N THR A 457 -13.80 -10.90 -27.50
CA THR A 457 -13.05 -10.72 -26.26
C THR A 457 -12.32 -9.38 -26.23
N GLU A 458 -11.67 -9.00 -27.32
CA GLU A 458 -10.95 -7.72 -27.40
C GLU A 458 -11.85 -6.53 -27.06
N GLN A 459 -13.08 -6.56 -27.57
CA GLN A 459 -14.04 -5.52 -27.34
C GLN A 459 -14.37 -5.40 -25.87
N LEU A 460 -14.62 -6.54 -25.21
CA LEU A 460 -14.94 -6.52 -23.79
C LEU A 460 -13.75 -6.00 -22.99
N GLN A 461 -12.53 -6.39 -23.37
CA GLN A 461 -11.33 -5.89 -22.72
C GLN A 461 -11.12 -4.40 -22.93
N ASP A 462 -11.48 -3.91 -24.12
CA ASP A 462 -11.41 -2.48 -24.40
C ASP A 462 -12.41 -1.68 -23.56
N PHE A 463 -13.61 -2.22 -23.43
CA PHE A 463 -14.64 -1.60 -22.61
C PHE A 463 -14.17 -1.47 -21.17
N ALA A 464 -13.64 -2.58 -20.64
CA ALA A 464 -13.08 -2.61 -19.30
C ALA A 464 -11.99 -1.56 -19.09
N GLU A 465 -11.12 -1.38 -20.08
CA GLU A 465 -10.14 -0.28 -20.03
C GLU A 465 -10.83 1.08 -19.94
N MET A 466 -11.81 1.33 -20.81
CA MET A 466 -12.50 2.61 -20.80
C MET A 466 -13.11 2.85 -19.44
N ALA A 467 -13.69 1.81 -18.86
CA ALA A 467 -14.37 1.89 -17.57
C ALA A 467 -13.46 1.81 -16.34
N GLY A 468 -12.18 1.49 -16.53
CA GLY A 468 -11.27 1.38 -15.40
C GLY A 468 -11.58 0.22 -14.46
N ILE A 469 -11.85 -0.94 -15.04
CA ILE A 469 -12.03 -2.14 -14.26
C ILE A 469 -11.24 -3.32 -14.82
N GLU A 470 -11.01 -4.32 -13.98
CA GLU A 470 -10.36 -5.55 -14.36
C GLU A 470 -11.24 -6.36 -15.30
N CYS A 471 -10.64 -6.91 -16.33
CA CYS A 471 -11.32 -7.87 -17.18
C CYS A 471 -10.49 -9.14 -17.25
N VAL A 472 -11.08 -10.27 -16.91
CA VAL A 472 -10.37 -11.54 -17.04
C VAL A 472 -11.03 -12.42 -18.08
N VAL A 473 -10.19 -13.09 -18.86
CA VAL A 473 -10.65 -13.90 -19.97
C VAL A 473 -10.31 -15.34 -19.71
N ILE A 474 -11.25 -16.23 -20.01
CA ILE A 474 -11.00 -17.66 -19.97
C ILE A 474 -11.19 -18.15 -21.40
N ASN A 475 -10.12 -18.64 -22.00
CA ASN A 475 -10.23 -19.18 -23.35
C ASN A 475 -9.28 -20.33 -23.59
N GLU A 476 -9.11 -20.68 -24.86
CA GLU A 476 -8.35 -21.87 -25.23
C GLU A 476 -6.92 -21.88 -24.68
N HIS A 477 -6.36 -20.71 -24.40
CA HIS A 477 -5.00 -20.64 -23.88
C HIS A 477 -4.90 -20.71 -22.37
N THR A 478 -6.05 -20.76 -21.70
CA THR A 478 -6.03 -20.61 -20.25
C THR A 478 -5.49 -21.83 -19.55
N SER A 479 -4.55 -21.61 -18.65
CA SER A 479 -4.13 -22.64 -17.72
C SER A 479 -4.56 -22.20 -16.33
N VAL A 480 -5.17 -23.10 -15.56
CA VAL A 480 -5.78 -22.74 -14.29
C VAL A 480 -4.76 -22.21 -13.28
N SER A 481 -3.57 -22.81 -13.27
CA SER A 481 -2.51 -22.37 -12.36
C SER A 481 -2.08 -20.94 -12.63
N SER A 482 -1.84 -20.61 -13.90
CA SER A 482 -1.47 -19.24 -14.29
C SER A 482 -2.61 -18.27 -14.03
N PHE A 483 -3.84 -18.77 -14.20
CA PHE A 483 -5.04 -17.98 -14.04
C PHE A 483 -5.15 -17.52 -12.59
N LYS A 484 -4.88 -18.42 -11.66
CA LYS A 484 -4.89 -18.06 -10.23
C LYS A 484 -3.89 -16.96 -9.88
N ASN A 485 -2.66 -17.10 -10.36
CA ASN A 485 -1.62 -16.11 -10.08
C ASN A 485 -2.00 -14.74 -10.62
N GLU A 486 -2.49 -14.72 -11.84
CA GLU A 486 -3.02 -13.53 -12.49
C GLU A 486 -4.08 -12.82 -11.65
N LEU A 487 -5.01 -13.60 -11.06
CA LEU A 487 -6.03 -13.03 -10.18
C LEU A 487 -5.38 -12.36 -8.99
N LYS A 488 -4.34 -12.99 -8.43
CA LYS A 488 -3.65 -12.39 -7.29
C LYS A 488 -2.93 -11.10 -7.71
N TRP A 489 -2.13 -11.19 -8.77
CA TRP A 489 -1.38 -10.03 -9.24
C TRP A 489 -2.28 -8.89 -9.72
N ASN A 490 -3.36 -9.20 -10.43
CA ASN A 490 -4.36 -8.21 -10.81
C ASN A 490 -4.99 -7.54 -9.58
N GLU A 491 -5.25 -8.36 -8.55
CA GLU A 491 -5.81 -7.89 -7.28
C GLU A 491 -5.04 -6.75 -6.66
N VAL A 492 -3.71 -6.87 -6.61
CA VAL A 492 -2.93 -5.83 -5.98
C VAL A 492 -2.98 -4.59 -6.85
N PHE A 493 -2.90 -4.77 -8.16
CA PHE A 493 -2.97 -3.63 -9.06
C PHE A 493 -4.29 -2.86 -8.95
N TRP A 494 -5.42 -3.56 -9.03
CA TRP A 494 -6.72 -2.88 -9.04
C TRP A 494 -7.23 -2.38 -7.69
N ARG A 495 -6.61 -2.84 -6.60
CA ARG A 495 -7.02 -2.42 -5.27
C ARG A 495 -6.79 -0.93 -5.07
N GLY A 496 -7.72 -0.27 -4.38
CA GLY A 496 -7.59 1.16 -4.11
C GLY A 496 -8.13 2.02 -5.23
N LEU B 3 4.72 -44.87 16.25
CA LEU B 3 4.08 -43.61 15.88
C LEU B 3 3.02 -43.83 14.81
N SER B 4 1.79 -43.43 15.10
CA SER B 4 0.66 -43.73 14.23
C SER B 4 -0.24 -42.50 14.07
N LEU B 5 -0.91 -42.41 12.93
CA LEU B 5 -1.68 -41.22 12.62
C LEU B 5 -3.13 -41.37 13.11
N ARG B 6 -3.59 -40.35 13.81
CA ARG B 6 -4.98 -40.27 14.22
C ARG B 6 -5.90 -40.45 13.00
N PRO B 7 -7.01 -41.16 13.18
CA PRO B 7 -8.01 -41.21 12.11
C PRO B 7 -8.84 -39.91 12.01
N TYR B 8 -9.17 -39.53 10.79
CA TYR B 8 -9.97 -38.34 10.55
C TYR B 8 -11.09 -38.73 9.61
N GLU B 9 -12.05 -37.82 9.45
CA GLU B 9 -13.10 -38.02 8.47
C GLU B 9 -13.37 -36.72 7.73
N PHE B 10 -14.09 -36.81 6.63
CA PHE B 10 -14.42 -35.63 5.86
C PHE B 10 -15.95 -35.46 5.82
N TRP B 11 -16.41 -34.26 6.15
CA TRP B 11 -17.84 -33.97 6.16
C TRP B 11 -18.33 -33.46 4.81
N PHE B 12 -19.31 -34.15 4.25
CA PHE B 12 -19.89 -33.76 2.97
C PHE B 12 -21.21 -33.02 3.23
N VAL B 13 -21.26 -31.73 2.86
CA VAL B 13 -22.46 -30.96 3.06
C VAL B 13 -22.95 -30.42 1.74
N THR B 14 -24.26 -30.55 1.54
CA THR B 14 -24.89 -30.25 0.28
C THR B 14 -25.84 -29.10 0.45
N GLY B 15 -25.68 -28.08 -0.38
CA GLY B 15 -26.54 -26.92 -0.31
C GLY B 15 -27.77 -27.06 -1.19
N SER B 16 -28.90 -26.60 -0.66
CA SER B 16 -30.11 -26.50 -1.46
C SER B 16 -30.96 -25.33 -0.96
N GLN B 17 -32.26 -25.37 -1.23
CA GLN B 17 -33.16 -24.30 -0.80
C GLN B 17 -34.59 -24.84 -0.78
N HIS B 18 -35.51 -24.07 -0.20
CA HIS B 18 -36.89 -24.54 -0.03
C HIS B 18 -37.73 -24.37 -1.28
N LEU B 19 -37.33 -23.45 -2.14
CA LEU B 19 -38.10 -23.04 -3.33
C LEU B 19 -38.84 -24.15 -4.08
N TYR B 20 -38.25 -25.33 -4.18
CA TYR B 20 -38.86 -26.38 -5.02
C TYR B 20 -39.76 -27.36 -4.23
N GLY B 21 -39.83 -27.20 -2.92
CA GLY B 21 -40.70 -28.06 -2.13
C GLY B 21 -39.93 -29.16 -1.44
N GLU B 22 -40.62 -29.90 -0.56
CA GLU B 22 -39.94 -30.89 0.28
C GLU B 22 -39.51 -32.14 -0.47
N GLU B 23 -40.27 -32.49 -1.51
CA GLU B 23 -40.01 -33.70 -2.27
C GLU B 23 -38.68 -33.61 -3.01
N ALA B 24 -38.40 -32.46 -3.60
CA ALA B 24 -37.13 -32.26 -4.30
C ALA B 24 -35.98 -32.31 -3.30
N LEU B 25 -36.19 -31.75 -2.11
CA LEU B 25 -35.18 -31.81 -1.05
C LEU B 25 -34.88 -33.25 -0.60
N LYS B 26 -35.88 -34.12 -0.69
CA LYS B 26 -35.67 -35.54 -0.39
C LYS B 26 -34.80 -36.20 -1.45
N GLN B 27 -34.97 -35.85 -2.71
CA GLN B 27 -34.13 -36.41 -3.76
C GLN B 27 -32.68 -35.91 -3.63
N VAL B 28 -32.51 -34.64 -3.27
CA VAL B 28 -31.18 -34.10 -3.01
C VAL B 28 -30.48 -34.93 -1.95
N GLU B 29 -31.14 -35.09 -0.81
CA GLU B 29 -30.60 -35.90 0.27
C GLU B 29 -30.27 -37.34 -0.14
N GLU B 30 -31.15 -37.95 -0.93
CA GLU B 30 -30.95 -39.31 -1.42
C GLU B 30 -29.69 -39.42 -2.27
N HIS B 31 -29.56 -38.52 -3.25
CA HIS B 31 -28.36 -38.41 -4.08
C HIS B 31 -27.09 -38.32 -3.25
N SER B 32 -27.08 -37.40 -2.30
CA SER B 32 -25.91 -37.13 -1.47
C SER B 32 -25.50 -38.32 -0.63
N ARG B 33 -26.50 -38.99 -0.04
CA ARG B 33 -26.27 -40.24 0.68
C ARG B 33 -25.66 -41.32 -0.22
N ILE B 34 -26.22 -41.49 -1.42
CA ILE B 34 -25.68 -42.43 -2.41
C ILE B 34 -24.19 -42.15 -2.70
N MET B 35 -23.84 -40.88 -2.90
CA MET B 35 -22.45 -40.53 -3.24
C MET B 35 -21.49 -40.85 -2.09
N VAL B 36 -21.86 -40.47 -0.86
CA VAL B 36 -21.05 -40.73 0.31
C VAL B 36 -20.87 -42.24 0.46
N ASN B 37 -21.96 -42.99 0.30
CA ASN B 37 -21.87 -44.43 0.42
C ASN B 37 -20.97 -45.06 -0.65
N GLU B 38 -21.11 -44.62 -1.90
CA GLU B 38 -20.27 -45.14 -2.99
C GLU B 38 -18.79 -44.76 -2.86
N TRP B 39 -18.54 -43.53 -2.44
CA TRP B 39 -17.16 -43.08 -2.23
C TRP B 39 -16.49 -43.91 -1.13
N ASN B 40 -17.22 -44.14 -0.04
CA ASN B 40 -16.66 -44.87 1.10
C ASN B 40 -16.29 -46.31 0.75
N ARG B 41 -16.95 -46.87 -0.26
CA ARG B 41 -16.56 -48.16 -0.86
C ARG B 41 -15.29 -48.09 -1.71
N ASP B 42 -14.90 -46.90 -2.14
CA ASP B 42 -13.76 -46.79 -3.04
C ASP B 42 -12.48 -46.68 -2.22
N SER B 43 -11.53 -47.55 -2.50
CA SER B 43 -10.33 -47.65 -1.68
C SER B 43 -9.36 -46.50 -1.94
N VAL B 44 -9.60 -45.77 -3.02
CA VAL B 44 -8.74 -44.62 -3.32
C VAL B 44 -8.76 -43.60 -2.17
N PHE B 45 -9.84 -43.56 -1.41
CA PHE B 45 -9.94 -42.59 -0.33
C PHE B 45 -9.30 -43.14 0.93
N PRO B 46 -8.27 -42.45 1.42
CA PRO B 46 -7.58 -42.84 2.66
C PRO B 46 -8.41 -42.54 3.91
N PHE B 47 -9.43 -41.71 3.81
CA PHE B 47 -10.29 -41.40 4.96
C PHE B 47 -11.76 -41.43 4.55
N PRO B 48 -12.66 -41.62 5.52
CA PRO B 48 -14.07 -41.74 5.11
C PRO B 48 -14.79 -40.38 4.96
N PHE B 49 -15.86 -40.35 4.18
CA PHE B 49 -16.78 -39.22 4.17
C PHE B 49 -17.89 -39.54 5.16
N VAL B 50 -18.40 -38.51 5.82
CA VAL B 50 -19.61 -38.60 6.63
C VAL B 50 -20.60 -37.62 6.00
N PHE B 51 -21.78 -38.10 5.64
CA PHE B 51 -22.84 -37.23 5.11
C PHE B 51 -23.36 -36.33 6.22
N LYS B 52 -23.35 -35.01 6.01
CA LYS B 52 -23.78 -34.09 7.05
C LYS B 52 -24.90 -33.19 6.58
N SER B 53 -26.02 -33.81 6.23
CA SER B 53 -27.27 -33.10 5.97
C SER B 53 -27.29 -32.17 4.76
N VAL B 54 -28.51 -31.95 4.26
CA VAL B 54 -28.73 -30.95 3.24
C VAL B 54 -29.09 -29.67 3.97
N VAL B 55 -28.35 -28.61 3.71
CA VAL B 55 -28.55 -27.36 4.42
C VAL B 55 -29.24 -26.37 3.49
N THR B 56 -30.23 -25.66 4.03
CA THR B 56 -31.13 -24.84 3.22
C THR B 56 -31.47 -23.48 3.88
N THR B 57 -30.93 -23.23 5.08
CA THR B 57 -31.19 -21.99 5.81
C THR B 57 -29.89 -21.47 6.42
N PRO B 58 -29.83 -20.17 6.76
CA PRO B 58 -28.61 -19.64 7.38
C PRO B 58 -28.22 -20.37 8.66
N GLU B 59 -29.22 -20.77 9.45
CA GLU B 59 -28.98 -21.48 10.71
C GLU B 59 -28.37 -22.86 10.48
N GLU B 60 -28.96 -23.65 9.60
CA GLU B 60 -28.40 -24.94 9.26
C GLU B 60 -26.93 -24.80 8.83
N ILE B 61 -26.69 -23.90 7.88
CA ILE B 61 -25.33 -23.67 7.39
C ILE B 61 -24.42 -23.26 8.53
N ARG B 62 -24.88 -22.35 9.37
CA ARG B 62 -24.05 -21.87 10.47
C ARG B 62 -23.76 -22.99 11.43
N ARG B 63 -24.79 -23.74 11.80
CA ARG B 63 -24.64 -24.84 12.75
C ARG B 63 -23.58 -25.84 12.31
N VAL B 64 -23.65 -26.25 11.04
CA VAL B 64 -22.78 -27.30 10.56
C VAL B 64 -21.32 -26.85 10.45
N CYS B 65 -21.08 -25.56 10.21
CA CYS B 65 -19.72 -25.04 10.21
C CYS B 65 -19.18 -24.92 11.64
N LEU B 66 -20.08 -24.64 12.57
CA LEU B 66 -19.71 -24.49 13.97
C LEU B 66 -19.30 -25.86 14.48
N GLU B 67 -20.08 -26.88 14.11
CA GLU B 67 -19.80 -28.26 14.49
C GLU B 67 -18.47 -28.69 13.88
N ALA B 68 -18.35 -28.47 12.57
CA ALA B 68 -17.14 -28.82 11.83
C ALA B 68 -15.92 -28.25 12.54
N ASN B 69 -16.05 -26.99 12.95
CA ASN B 69 -14.97 -26.34 13.70
C ASN B 69 -14.56 -27.04 14.97
N ALA B 70 -15.55 -27.51 15.73
CA ALA B 70 -15.31 -28.09 17.05
C ALA B 70 -14.96 -29.58 17.08
N SER B 71 -15.17 -30.31 15.97
CA SER B 71 -14.87 -31.74 15.91
C SER B 71 -13.42 -32.00 15.54
N GLU B 72 -12.68 -32.57 16.48
CA GLU B 72 -11.30 -32.92 16.25
C GLU B 72 -11.14 -34.01 15.20
N GLN B 73 -12.18 -34.80 14.98
CA GLN B 73 -12.11 -35.85 13.97
C GLN B 73 -12.36 -35.30 12.56
N CYS B 74 -12.93 -34.12 12.47
CA CYS B 74 -13.15 -33.49 11.17
C CYS B 74 -11.92 -32.74 10.64
N ALA B 75 -11.30 -33.30 9.61
CA ALA B 75 -10.12 -32.68 9.01
C ALA B 75 -10.47 -31.74 7.86
N GLY B 76 -11.66 -31.91 7.27
CA GLY B 76 -12.06 -31.07 6.15
C GLY B 76 -13.54 -31.13 5.86
N VAL B 77 -14.02 -30.08 5.20
CA VAL B 77 -15.40 -30.00 4.76
C VAL B 77 -15.44 -29.95 3.23
N VAL B 78 -16.34 -30.73 2.64
CA VAL B 78 -16.54 -30.73 1.21
C VAL B 78 -17.95 -30.24 0.95
N THR B 79 -18.08 -29.15 0.22
CA THR B 79 -19.39 -28.56 -0.01
C THR B 79 -19.79 -28.65 -1.47
N TRP B 80 -21.06 -28.95 -1.72
CA TRP B 80 -21.59 -29.05 -3.07
C TRP B 80 -22.99 -28.47 -3.09
N MET B 81 -23.23 -27.54 -3.99
CA MET B 81 -24.58 -27.02 -4.16
C MET B 81 -25.30 -27.90 -5.15
N HIS B 82 -26.17 -28.78 -4.66
CA HIS B 82 -26.97 -29.62 -5.55
C HIS B 82 -27.92 -28.78 -6.41
N THR B 83 -28.53 -27.78 -5.77
CA THR B 83 -29.41 -26.84 -6.46
C THR B 83 -28.95 -25.44 -6.15
N PHE B 84 -29.61 -24.45 -6.75
CA PHE B 84 -29.39 -23.07 -6.35
C PHE B 84 -29.56 -22.98 -4.85
N SER B 85 -28.64 -22.31 -4.17
CA SER B 85 -28.69 -22.24 -2.72
C SER B 85 -28.18 -20.88 -2.34
N PRO B 86 -29.07 -19.88 -2.33
CA PRO B 86 -28.72 -18.45 -2.24
C PRO B 86 -27.59 -18.17 -1.25
N ALA B 87 -26.55 -17.48 -1.72
CA ALA B 87 -25.26 -17.49 -1.05
C ALA B 87 -25.13 -16.55 0.14
N LYS B 88 -26.08 -15.64 0.33
CA LYS B 88 -26.04 -14.86 1.56
C LYS B 88 -26.35 -15.73 2.77
N MET B 89 -27.01 -16.88 2.55
CA MET B 89 -27.30 -17.81 3.64
C MET B 89 -26.00 -18.47 4.13
N TRP B 90 -24.98 -18.43 3.27
CA TRP B 90 -23.73 -19.12 3.54
C TRP B 90 -22.71 -18.22 4.21
N ILE B 91 -22.95 -16.91 4.18
CA ILE B 91 -22.02 -15.94 4.74
C ILE B 91 -21.64 -16.27 6.20
N GLY B 92 -22.65 -16.46 7.05
CA GLY B 92 -22.43 -16.77 8.45
C GLY B 92 -21.63 -18.03 8.73
N GLY B 93 -21.95 -19.10 8.01
CA GLY B 93 -21.20 -20.34 8.16
C GLY B 93 -19.76 -20.22 7.69
N LEU B 94 -19.54 -19.54 6.56
CA LEU B 94 -18.19 -19.36 6.06
C LEU B 94 -17.30 -18.52 7.00
N LEU B 95 -17.85 -17.47 7.61
CA LEU B 95 -17.13 -16.71 8.63
C LEU B 95 -16.73 -17.57 9.84
N GLU B 96 -17.39 -18.70 10.01
CA GLU B 96 -17.21 -19.52 11.19
C GLU B 96 -16.20 -20.64 10.98
N LEU B 97 -16.10 -21.12 9.74
CA LEU B 97 -15.30 -22.32 9.42
C LEU B 97 -13.80 -22.03 9.42
N ARG B 98 -13.05 -22.73 10.26
CA ARG B 98 -11.58 -22.65 10.19
C ARG B 98 -10.95 -23.93 9.60
N LYS B 99 -11.75 -24.97 9.41
CA LYS B 99 -11.31 -26.21 8.76
C LYS B 99 -11.12 -26.02 7.25
N PRO B 100 -10.14 -26.72 6.65
CA PRO B 100 -9.96 -26.73 5.19
C PRO B 100 -11.27 -27.01 4.46
N LEU B 101 -11.49 -26.31 3.36
CA LEU B 101 -12.73 -26.38 2.62
C LEU B 101 -12.44 -26.72 1.17
N LEU B 102 -13.18 -27.69 0.65
CA LEU B 102 -13.09 -28.06 -0.76
C LEU B 102 -14.47 -27.90 -1.36
N HIS B 103 -14.55 -27.11 -2.43
CA HIS B 103 -15.78 -26.95 -3.16
C HIS B 103 -15.84 -27.97 -4.30
N LEU B 104 -16.71 -28.97 -4.18
CA LEU B 104 -16.89 -29.95 -5.23
C LEU B 104 -17.99 -29.51 -6.16
N HIS B 105 -17.62 -29.23 -7.41
CA HIS B 105 -18.55 -28.82 -8.44
C HIS B 105 -18.88 -30.08 -9.23
N THR B 106 -19.95 -30.75 -8.84
CA THR B 106 -20.25 -32.04 -9.46
C THR B 106 -21.73 -32.05 -9.86
N GLN B 107 -22.21 -33.21 -10.27
CA GLN B 107 -23.59 -33.38 -10.66
C GLN B 107 -23.90 -34.84 -10.38
N PHE B 108 -25.11 -35.18 -9.98
CA PHE B 108 -25.38 -36.58 -9.65
C PHE B 108 -25.38 -37.45 -10.91
N ASN B 109 -26.23 -37.10 -11.87
CA ASN B 109 -26.23 -37.77 -13.17
C ASN B 109 -25.02 -37.34 -14.00
N ARG B 110 -24.47 -38.25 -14.78
CA ARG B 110 -23.37 -37.85 -15.64
C ARG B 110 -23.84 -37.19 -16.96
N ASP B 111 -24.91 -37.71 -17.56
CA ASP B 111 -25.35 -37.20 -18.86
C ASP B 111 -26.72 -36.55 -18.77
N ILE B 112 -27.02 -35.68 -19.74
CA ILE B 112 -28.35 -35.13 -19.85
C ILE B 112 -29.23 -36.21 -20.43
N PRO B 113 -30.38 -36.49 -19.78
CA PRO B 113 -31.35 -37.45 -20.32
C PRO B 113 -32.28 -36.77 -21.34
N TRP B 114 -31.79 -36.60 -22.57
CA TRP B 114 -32.43 -35.75 -23.58
C TRP B 114 -33.94 -35.97 -23.77
N ASP B 115 -34.35 -37.23 -23.87
CA ASP B 115 -35.76 -37.59 -24.01
C ASP B 115 -36.62 -37.16 -22.81
N SER B 116 -36.05 -37.20 -21.61
CA SER B 116 -36.80 -37.03 -20.37
C SER B 116 -36.72 -35.63 -19.75
N ILE B 117 -35.63 -34.92 -20.01
CA ILE B 117 -35.37 -33.66 -19.32
C ILE B 117 -36.54 -32.68 -19.42
N ASP B 118 -36.97 -32.21 -18.26
CA ASP B 118 -38.08 -31.26 -18.14
C ASP B 118 -37.77 -30.27 -17.01
N MET B 119 -38.75 -29.43 -16.66
CA MET B 119 -38.53 -28.39 -15.66
C MET B 119 -38.16 -28.92 -14.27
N ASP B 120 -38.75 -30.05 -13.87
CA ASP B 120 -38.37 -30.68 -12.61
C ASP B 120 -36.89 -31.02 -12.59
N PHE B 121 -36.43 -31.71 -13.63
CA PHE B 121 -35.02 -32.09 -13.75
C PHE B 121 -34.11 -30.86 -13.69
N MET B 122 -34.53 -29.79 -14.36
CA MET B 122 -33.80 -28.52 -14.43
C MET B 122 -33.71 -27.84 -13.05
N ASN B 123 -34.77 -27.99 -12.25
CA ASN B 123 -34.80 -27.42 -10.90
C ASN B 123 -33.92 -28.21 -9.94
N LEU B 124 -33.87 -29.52 -10.14
CA LEU B 124 -33.17 -30.41 -9.23
C LEU B 124 -31.67 -30.46 -9.51
N ASN B 125 -31.29 -30.67 -10.76
CA ASN B 125 -29.89 -30.88 -11.06
C ASN B 125 -29.23 -29.64 -11.64
N GLN B 126 -29.20 -28.58 -10.84
CA GLN B 126 -28.74 -27.29 -11.32
C GLN B 126 -27.47 -26.78 -10.62
N SER B 127 -26.56 -27.69 -10.28
CA SER B 127 -25.26 -27.33 -9.74
C SER B 127 -24.54 -26.41 -10.71
N ALA B 128 -24.89 -26.53 -11.99
CA ALA B 128 -24.32 -25.71 -13.04
C ALA B 128 -24.39 -24.23 -12.67
N HIS B 129 -25.48 -23.81 -12.03
CA HIS B 129 -25.53 -22.43 -11.56
C HIS B 129 -25.45 -22.23 -10.05
N GLY B 130 -25.88 -23.24 -9.29
CA GLY B 130 -25.78 -23.17 -7.84
C GLY B 130 -24.37 -23.07 -7.30
N ASP B 131 -23.43 -23.77 -7.93
CA ASP B 131 -22.05 -23.77 -7.48
C ASP B 131 -21.36 -22.46 -7.89
N ARG B 132 -21.87 -21.81 -8.94
CA ARG B 132 -21.37 -20.51 -9.38
C ARG B 132 -21.73 -19.38 -8.41
N GLU B 133 -23.01 -19.33 -8.01
CA GLU B 133 -23.44 -18.38 -6.97
C GLU B 133 -22.64 -18.61 -5.69
N TYR B 134 -22.32 -19.86 -5.40
CA TYR B 134 -21.56 -20.20 -4.22
C TYR B 134 -20.09 -19.80 -4.42
N GLY B 135 -19.56 -20.08 -5.61
CA GLY B 135 -18.23 -19.63 -5.97
C GLY B 135 -18.07 -18.13 -5.77
N PHE B 136 -19.11 -17.36 -6.12
CA PHE B 136 -19.03 -15.92 -5.95
C PHE B 136 -18.79 -15.49 -4.51
N ILE B 137 -19.56 -16.05 -3.57
CA ILE B 137 -19.49 -15.60 -2.19
C ILE B 137 -18.15 -15.98 -1.57
N GLY B 138 -17.57 -17.11 -1.97
CA GLY B 138 -16.24 -17.49 -1.54
C GLY B 138 -15.14 -16.55 -2.03
N ALA B 139 -15.25 -16.12 -3.28
CA ALA B 139 -14.31 -15.17 -3.87
C ALA B 139 -14.54 -13.80 -3.27
N ARG B 140 -15.82 -13.46 -3.10
CA ARG B 140 -16.19 -12.19 -2.54
C ARG B 140 -15.67 -12.08 -1.11
N MET B 141 -15.72 -13.19 -0.36
CA MET B 141 -15.21 -13.19 1.01
C MET B 141 -13.73 -13.56 1.16
N GLY B 142 -13.06 -13.91 0.07
CA GLY B 142 -11.64 -14.25 0.15
C GLY B 142 -11.35 -15.55 0.89
N VAL B 143 -12.22 -16.54 0.73
CA VAL B 143 -12.02 -17.84 1.33
C VAL B 143 -10.89 -18.61 0.62
N ALA B 144 -10.05 -19.28 1.40
CA ALA B 144 -9.10 -20.23 0.84
C ALA B 144 -9.87 -21.51 0.51
N ARG B 145 -9.94 -21.86 -0.77
CA ARG B 145 -10.73 -23.03 -1.15
C ARG B 145 -10.05 -23.84 -2.24
N LYS B 146 -10.19 -25.15 -2.14
CA LYS B 146 -9.82 -25.99 -3.26
C LYS B 146 -11.10 -26.19 -4.08
N VAL B 147 -11.00 -26.06 -5.39
CA VAL B 147 -12.14 -26.28 -6.27
C VAL B 147 -11.92 -27.48 -7.17
N VAL B 148 -12.83 -28.44 -7.14
CA VAL B 148 -12.72 -29.63 -8.01
C VAL B 148 -13.95 -29.76 -8.91
N VAL B 149 -13.71 -29.91 -10.21
CA VAL B 149 -14.80 -29.97 -11.18
C VAL B 149 -14.82 -31.31 -11.91
N GLY B 150 -15.98 -31.97 -11.92
CA GLY B 150 -16.16 -33.16 -12.72
C GLY B 150 -17.19 -34.06 -12.06
N HIS B 151 -17.56 -35.15 -12.74
CA HIS B 151 -18.57 -36.06 -12.23
C HIS B 151 -18.05 -36.91 -11.07
N TRP B 152 -18.92 -37.26 -10.14
CA TRP B 152 -18.48 -37.84 -8.87
C TRP B 152 -17.99 -39.29 -9.01
N GLU B 153 -18.25 -39.88 -10.17
CA GLU B 153 -17.75 -41.23 -10.46
C GLU B 153 -16.54 -41.21 -11.39
N ASP B 154 -16.07 -40.03 -11.75
CA ASP B 154 -14.86 -39.87 -12.55
C ASP B 154 -13.68 -40.21 -11.64
N PRO B 155 -12.86 -41.19 -12.06
CA PRO B 155 -11.73 -41.60 -11.19
C PRO B 155 -10.75 -40.45 -10.95
N GLU B 156 -10.59 -39.55 -11.91
CA GLU B 156 -9.66 -38.44 -11.73
C GLU B 156 -10.15 -37.50 -10.64
N VAL B 157 -11.45 -37.22 -10.64
CA VAL B 157 -12.05 -36.41 -9.59
C VAL B 157 -11.76 -37.00 -8.21
N ARG B 158 -11.97 -38.31 -8.08
CA ARG B 158 -11.75 -39.04 -6.82
C ARG B 158 -10.29 -39.04 -6.43
N GLU B 159 -9.39 -39.13 -7.42
CA GLU B 159 -7.96 -38.97 -7.13
C GLU B 159 -7.66 -37.61 -6.50
N ARG B 160 -8.23 -36.55 -7.08
CA ARG B 160 -7.98 -35.19 -6.58
C ARG B 160 -8.50 -35.01 -5.16
N LEU B 161 -9.70 -35.53 -4.91
CA LEU B 161 -10.29 -35.43 -3.58
C LEU B 161 -9.41 -36.19 -2.61
N ALA B 162 -9.01 -37.39 -3.04
CA ALA B 162 -8.18 -38.25 -2.21
C ALA B 162 -6.87 -37.59 -1.82
N LYS B 163 -6.18 -36.98 -2.79
CA LYS B 163 -4.89 -36.35 -2.52
C LYS B 163 -5.11 -35.21 -1.54
N TRP B 164 -6.21 -34.51 -1.71
CA TRP B 164 -6.49 -33.33 -0.90
C TRP B 164 -6.82 -33.77 0.51
N MET B 165 -7.45 -34.93 0.66
CA MET B 165 -7.69 -35.49 1.99
C MET B 165 -6.39 -35.62 2.81
N ARG B 166 -5.37 -36.19 2.19
CA ARG B 166 -4.07 -36.29 2.84
C ARG B 166 -3.51 -34.92 3.16
N THR B 167 -3.60 -33.99 2.22
CA THR B 167 -3.12 -32.64 2.49
C THR B 167 -3.86 -32.01 3.68
N ALA B 168 -5.17 -32.14 3.68
CA ALA B 168 -5.99 -31.59 4.74
C ALA B 168 -5.66 -32.23 6.08
N VAL B 169 -5.34 -33.52 6.07
CA VAL B 169 -5.00 -34.22 7.32
C VAL B 169 -3.61 -33.79 7.85
N ALA B 170 -2.70 -33.48 6.94
CA ALA B 170 -1.42 -32.93 7.34
C ALA B 170 -1.62 -31.57 8.00
N PHE B 171 -2.53 -30.78 7.46
CA PHE B 171 -2.85 -29.47 8.01
C PHE B 171 -3.44 -29.59 9.42
N ALA B 172 -4.31 -30.57 9.64
CA ALA B 172 -4.86 -30.81 10.99
C ALA B 172 -3.74 -31.16 11.96
N GLU B 173 -2.84 -32.05 11.51
CA GLU B 173 -1.69 -32.41 12.31
C GLU B 173 -0.88 -31.17 12.59
N SER B 174 -0.70 -30.33 11.57
CA SER B 174 0.08 -29.10 11.66
C SER B 174 -0.42 -28.21 12.77
N ARG B 175 -1.74 -28.07 12.86
CA ARG B 175 -2.38 -27.23 13.88
C ARG B 175 -2.11 -27.70 15.31
N ASN B 176 -1.81 -28.99 15.47
CA ASN B 176 -1.53 -29.58 16.77
C ASN B 176 -0.08 -30.04 16.94
N LEU B 177 0.76 -29.73 15.97
CA LEU B 177 2.15 -30.14 16.00
C LEU B 177 2.92 -29.49 17.14
N LYS B 178 3.61 -30.34 17.90
CA LYS B 178 4.52 -29.88 18.95
C LYS B 178 5.96 -30.32 18.63
N VAL B 179 6.88 -29.36 18.65
CA VAL B 179 8.29 -29.64 18.39
C VAL B 179 9.07 -29.50 19.68
N ALA B 180 9.92 -30.47 19.99
CA ALA B 180 10.87 -30.29 21.08
C ALA B 180 12.26 -29.96 20.53
N ARG B 181 12.86 -28.89 21.01
CA ARG B 181 14.24 -28.58 20.62
C ARG B 181 15.18 -28.94 21.74
N PHE B 182 16.19 -29.73 21.45
CA PHE B 182 17.20 -30.01 22.46
C PHE B 182 18.41 -29.17 22.14
N GLY B 183 18.47 -27.99 22.75
CA GLY B 183 19.49 -27.02 22.40
C GLY B 183 19.02 -26.00 21.38
N ASP B 184 19.75 -24.89 21.30
CA ASP B 184 19.41 -23.73 20.49
C ASP B 184 19.89 -23.87 19.04
N ASN B 185 19.66 -22.86 18.22
CA ASN B 185 20.19 -22.83 16.86
C ASN B 185 21.70 -22.90 16.89
N MET B 186 22.29 -23.52 15.88
CA MET B 186 23.72 -23.41 15.65
C MET B 186 24.10 -21.93 15.60
N ARG B 187 25.12 -21.55 16.35
CA ARG B 187 25.46 -20.14 16.47
C ARG B 187 25.78 -19.50 15.12
N GLU B 188 25.28 -18.29 14.93
CA GLU B 188 25.52 -17.46 13.74
C GLU B 188 24.78 -17.89 12.46
N VAL B 189 24.03 -18.99 12.52
CA VAL B 189 23.29 -19.42 11.34
C VAL B 189 22.01 -18.61 11.19
N ALA B 190 21.72 -18.18 9.96
CA ALA B 190 20.58 -17.30 9.73
C ALA B 190 19.30 -18.03 9.34
N VAL B 191 19.40 -18.95 8.40
CA VAL B 191 18.20 -19.49 7.75
C VAL B 191 17.38 -20.42 8.66
N THR B 192 18.01 -21.00 9.68
CA THR B 192 17.27 -21.84 10.62
C THR B 192 16.59 -21.02 11.71
N GLU B 193 16.92 -19.74 11.81
CA GLU B 193 16.24 -18.88 12.77
C GLU B 193 14.89 -18.44 12.24
N GLY B 194 13.98 -18.10 13.12
CA GLY B 194 12.71 -17.57 12.68
C GLY B 194 11.91 -16.98 13.81
N ASP B 195 10.66 -16.64 13.51
CA ASP B 195 9.71 -16.20 14.52
C ASP B 195 8.79 -17.35 14.88
N LYS B 196 9.04 -17.95 16.04
CA LYS B 196 8.21 -19.03 16.55
C LYS B 196 6.77 -18.60 16.83
N VAL B 197 6.58 -17.40 17.37
CA VAL B 197 5.24 -16.91 17.63
C VAL B 197 4.47 -16.80 16.31
N GLY B 198 5.08 -16.16 15.32
CA GLY B 198 4.47 -16.01 14.01
C GLY B 198 4.14 -17.36 13.37
N ALA B 199 4.93 -18.38 13.69
CA ALA B 199 4.72 -19.69 13.11
C ALA B 199 3.61 -20.42 13.85
N GLN B 200 3.42 -20.12 15.13
CA GLN B 200 2.31 -20.73 15.84
C GLN B 200 0.97 -20.14 15.37
N ILE B 201 0.94 -18.83 15.16
CA ILE B 201 -0.22 -18.17 14.58
C ILE B 201 -0.54 -18.71 13.19
N GLN B 202 0.47 -18.77 12.33
CA GLN B 202 0.27 -19.12 10.92
C GLN B 202 -0.03 -20.61 10.71
N PHE B 203 0.76 -21.47 11.34
CA PHE B 203 0.69 -22.91 11.09
C PHE B 203 0.09 -23.71 12.23
N GLY B 204 0.09 -23.14 13.43
CA GLY B 204 -0.36 -23.85 14.61
C GLY B 204 0.76 -24.49 15.43
N TRP B 205 1.99 -24.51 14.91
CA TRP B 205 3.09 -25.23 15.56
C TRP B 205 3.48 -24.67 16.93
N SER B 206 3.61 -25.57 17.91
CA SER B 206 4.17 -25.23 19.19
C SER B 206 5.65 -25.67 19.22
N VAL B 207 6.54 -24.69 19.34
CA VAL B 207 7.97 -24.99 19.33
C VAL B 207 8.63 -24.49 20.60
N ASN B 208 9.13 -25.42 21.39
CA ASN B 208 9.72 -25.05 22.67
C ASN B 208 11.03 -25.77 22.96
N GLY B 209 11.91 -25.10 23.69
CA GLY B 209 13.24 -25.61 23.95
C GLY B 209 13.43 -26.29 25.29
N TYR B 210 14.24 -27.34 25.28
CA TYR B 210 14.58 -28.06 26.50
C TYR B 210 16.09 -28.16 26.62
N GLY B 211 16.60 -28.13 27.84
CA GLY B 211 18.01 -28.41 28.01
C GLY B 211 18.34 -29.82 27.53
N ILE B 212 19.53 -30.00 26.96
CA ILE B 212 19.97 -31.35 26.59
C ILE B 212 19.99 -32.24 27.85
N GLY B 213 20.20 -31.63 29.01
CA GLY B 213 20.21 -32.34 30.28
C GLY B 213 18.90 -33.08 30.51
N ASP B 214 17.81 -32.47 30.05
CA ASP B 214 16.50 -33.12 30.15
C ASP B 214 16.48 -34.43 29.36
N LEU B 215 17.07 -34.42 28.16
CA LEU B 215 17.11 -35.63 27.35
C LEU B 215 18.01 -36.64 28.02
N VAL B 216 19.10 -36.13 28.60
CA VAL B 216 20.10 -36.98 29.23
C VAL B 216 19.51 -37.75 30.42
N GLN B 217 18.71 -37.08 31.25
CA GLN B 217 18.01 -37.75 32.35
C GLN B 217 17.15 -38.92 31.85
N TYR B 218 16.53 -38.75 30.68
CA TYR B 218 15.66 -39.79 30.13
C TYR B 218 16.47 -40.99 29.65
N ILE B 219 17.58 -40.70 28.98
CA ILE B 219 18.48 -41.73 28.47
C ILE B 219 19.02 -42.55 29.62
N ARG B 220 19.34 -41.89 30.72
CA ARG B 220 19.91 -42.56 31.87
C ARG B 220 18.90 -43.50 32.51
N ASP B 221 17.64 -43.23 32.29
CA ASP B 221 16.55 -44.01 32.88
C ASP B 221 16.22 -45.27 32.08
N VAL B 222 16.80 -45.40 30.89
CA VAL B 222 16.49 -46.54 30.03
C VAL B 222 16.97 -47.86 30.67
N SER B 223 16.15 -48.90 30.59
CA SER B 223 16.54 -50.23 31.06
C SER B 223 17.45 -50.95 30.06
N GLU B 224 18.49 -51.61 30.57
CA GLU B 224 19.43 -52.35 29.73
C GLU B 224 18.78 -53.52 29.00
N GLN B 225 17.71 -54.07 29.57
CA GLN B 225 17.00 -55.15 28.91
C GLN B 225 16.38 -54.67 27.60
N LYS B 226 15.72 -53.52 27.65
CA LYS B 226 15.11 -52.92 26.46
C LYS B 226 16.18 -52.65 25.40
N VAL B 227 17.30 -52.11 25.86
CA VAL B 227 18.45 -51.87 25.01
C VAL B 227 18.86 -53.16 24.29
N ASN B 228 18.88 -54.26 25.03
CA ASN B 228 19.26 -55.55 24.45
C ASN B 228 18.29 -56.00 23.37
N GLU B 229 17.00 -55.83 23.66
CA GLU B 229 15.94 -56.16 22.69
C GLU B 229 16.00 -55.27 21.46
N LEU B 230 16.28 -53.98 21.67
CA LEU B 230 16.41 -53.07 20.55
C LEU B 230 17.58 -53.51 19.65
N LEU B 231 18.68 -53.92 20.27
CA LEU B 231 19.82 -54.44 19.53
C LEU B 231 19.49 -55.67 18.68
N ASP B 232 18.62 -56.53 19.19
CA ASP B 232 18.18 -57.70 18.42
C ASP B 232 17.38 -57.28 17.20
N GLU B 233 16.56 -56.24 17.36
CA GLU B 233 15.76 -55.74 16.24
C GLU B 233 16.67 -55.10 15.17
N TYR B 234 17.74 -54.44 15.62
CA TYR B 234 18.74 -53.88 14.70
C TYR B 234 19.29 -54.99 13.83
N GLU B 235 19.67 -56.08 14.49
CA GLU B 235 20.21 -57.27 13.84
C GLU B 235 19.25 -57.87 12.81
N GLU B 236 17.96 -57.86 13.13
CA GLU B 236 16.96 -58.42 12.24
C GLU B 236 16.60 -57.49 11.08
N LEU B 237 16.59 -56.18 11.32
CA LEU B 237 16.21 -55.23 10.27
C LEU B 237 17.38 -54.85 9.35
N TYR B 238 18.58 -54.88 9.91
CA TYR B 238 19.73 -54.32 9.20
C TYR B 238 20.92 -55.26 9.12
N ASP B 239 21.79 -54.98 8.16
CA ASP B 239 23.11 -55.60 8.18
C ASP B 239 23.91 -54.86 9.20
N ILE B 240 24.50 -55.56 10.15
CA ILE B 240 25.39 -54.90 11.09
C ILE B 240 26.81 -55.13 10.65
N VAL B 241 27.64 -54.12 10.78
CA VAL B 241 29.06 -54.26 10.52
C VAL B 241 29.55 -55.40 11.43
N PRO B 242 30.28 -56.37 10.84
CA PRO B 242 30.67 -57.63 11.51
C PRO B 242 31.38 -57.44 12.85
N ALA B 243 32.19 -56.40 12.97
CA ALA B 243 32.83 -56.08 14.23
C ALA B 243 31.82 -55.60 15.28
N GLY B 244 30.58 -55.39 14.84
CA GLY B 244 29.52 -54.90 15.71
C GLY B 244 28.64 -56.01 16.22
N ARG B 245 28.69 -57.16 15.54
CA ARG B 245 27.92 -58.33 15.92
C ARG B 245 28.58 -59.03 17.10
N GLN B 246 29.88 -58.83 17.25
CA GLN B 246 30.64 -59.41 18.35
C GLN B 246 30.59 -58.45 19.53
N GLU B 247 31.04 -58.90 20.69
CA GLU B 247 31.12 -58.03 21.86
C GLU B 247 32.41 -57.22 21.82
N GLY B 248 32.34 -55.96 22.25
CA GLY B 248 33.47 -55.07 22.20
C GLY B 248 33.03 -53.62 21.95
N PRO B 249 34.01 -52.73 21.76
CA PRO B 249 33.80 -51.28 21.64
C PRO B 249 32.78 -50.83 20.60
N VAL B 250 32.76 -51.46 19.42
CA VAL B 250 31.88 -50.97 18.37
C VAL B 250 30.46 -51.46 18.52
N ARG B 251 30.29 -52.63 19.12
CA ARG B 251 28.96 -53.06 19.52
C ARG B 251 28.48 -52.14 20.66
N GLU B 252 29.43 -51.69 21.47
CA GLU B 252 29.11 -50.80 22.58
C GLU B 252 28.67 -49.42 22.07
N SER B 253 29.17 -49.05 20.90
CA SER B 253 28.82 -47.80 20.29
C SER B 253 27.42 -47.89 19.71
N ILE B 254 27.09 -49.05 19.16
CA ILE B 254 25.77 -49.27 18.62
C ILE B 254 24.77 -49.31 19.78
N ARG B 255 25.21 -49.86 20.89
CA ARG B 255 24.38 -49.99 22.07
C ARG B 255 24.02 -48.61 22.65
N GLU B 256 24.98 -47.69 22.57
CA GLU B 256 24.79 -46.32 23.05
C GLU B 256 23.76 -45.52 22.21
N GLN B 257 23.71 -45.76 20.91
CA GLN B 257 22.69 -45.19 20.06
C GLN B 257 21.29 -45.72 20.42
N ALA B 258 21.23 -46.99 20.86
CA ALA B 258 19.97 -47.60 21.26
C ALA B 258 19.43 -47.01 22.58
N ARG B 259 20.32 -46.65 23.50
CA ARG B 259 19.93 -45.93 24.70
C ARG B 259 19.33 -44.56 24.36
N ILE B 260 19.99 -43.84 23.45
CA ILE B 260 19.51 -42.56 22.95
C ILE B 260 18.13 -42.70 22.29
N GLU B 261 17.99 -43.66 21.39
CA GLU B 261 16.70 -43.93 20.74
C GLU B 261 15.58 -44.10 21.76
N LEU B 262 15.80 -44.95 22.76
CA LEU B 262 14.79 -45.28 23.77
C LEU B 262 14.53 -44.11 24.71
N GLY B 263 15.58 -43.37 25.03
CA GLY B 263 15.42 -42.19 25.85
C GLY B 263 14.64 -41.11 25.11
N LEU B 264 15.03 -40.89 23.86
CA LEU B 264 14.38 -39.92 22.97
C LEU B 264 12.91 -40.27 22.82
N LYS B 265 12.64 -41.50 22.38
CA LYS B 265 11.29 -41.99 22.17
C LYS B 265 10.39 -41.78 23.40
N ALA B 266 10.93 -42.07 24.58
CA ALA B 266 10.21 -41.89 25.83
C ALA B 266 9.93 -40.42 26.13
N PHE B 267 10.93 -39.56 25.92
CA PHE B 267 10.74 -38.13 26.12
C PHE B 267 9.67 -37.60 25.15
N LEU B 268 9.81 -37.91 23.88
CA LEU B 268 8.90 -37.40 22.86
C LEU B 268 7.46 -37.85 23.12
N GLN B 269 7.31 -39.11 23.49
CA GLN B 269 5.98 -39.65 23.81
C GLN B 269 5.36 -39.01 25.03
N ASP B 270 6.14 -38.83 26.09
CA ASP B 270 5.66 -38.14 27.29
C ASP B 270 5.14 -36.74 27.01
N GLY B 271 5.69 -36.06 26.01
CA GLY B 271 5.26 -34.70 25.72
C GLY B 271 4.36 -34.56 24.51
N ASN B 272 3.98 -35.68 23.91
CA ASN B 272 3.23 -35.69 22.63
C ASN B 272 3.90 -34.96 21.46
N PHE B 273 5.23 -34.95 21.44
CA PHE B 273 5.97 -34.32 20.37
C PHE B 273 6.01 -35.24 19.18
N THR B 274 5.91 -34.68 17.98
CA THR B 274 6.02 -35.45 16.75
C THR B 274 7.14 -34.89 15.87
N ALA B 275 7.98 -34.05 16.47
CA ALA B 275 9.16 -33.54 15.79
C ALA B 275 10.14 -32.99 16.81
N PHE B 276 11.41 -32.99 16.46
CA PHE B 276 12.44 -32.57 17.37
C PHE B 276 13.69 -32.10 16.64
N THR B 277 14.52 -31.35 17.34
CA THR B 277 15.79 -30.90 16.82
C THR B 277 16.89 -31.21 17.85
N THR B 278 18.11 -31.43 17.35
CA THR B 278 19.28 -31.53 18.20
C THR B 278 20.28 -30.52 17.67
N THR B 279 21.38 -30.34 18.39
CA THR B 279 22.45 -29.46 17.94
C THR B 279 23.81 -30.02 18.42
N PHE B 280 24.76 -30.17 17.51
CA PHE B 280 26.06 -30.69 17.86
C PHE B 280 26.85 -29.75 18.79
N GLU B 281 26.44 -28.49 18.88
CA GLU B 281 27.15 -27.54 19.72
C GLU B 281 26.76 -27.65 21.20
N ASP B 282 25.65 -28.32 21.50
CA ASP B 282 25.22 -28.49 22.90
C ASP B 282 24.93 -29.94 23.24
N LEU B 283 25.95 -30.68 23.70
CA LEU B 283 25.78 -32.11 23.89
C LEU B 283 26.29 -32.62 25.24
N HIS B 284 26.32 -31.71 26.21
CA HIS B 284 26.76 -32.06 27.56
C HIS B 284 25.95 -33.22 28.11
N GLY B 285 26.65 -34.26 28.54
CA GLY B 285 26.00 -35.43 29.11
C GLY B 285 25.75 -36.53 28.10
N MET B 286 26.01 -36.27 26.83
CA MET B 286 25.80 -37.25 25.77
C MET B 286 27.13 -37.89 25.38
N LYS B 287 27.11 -39.18 25.09
CA LYS B 287 28.32 -39.83 24.64
C LYS B 287 28.49 -39.68 23.14
N GLN B 288 27.38 -39.58 22.43
CA GLN B 288 27.43 -39.44 20.99
C GLN B 288 26.39 -38.43 20.49
N LEU B 289 26.68 -37.81 19.35
CA LEU B 289 25.65 -37.11 18.64
C LEU B 289 24.64 -38.17 18.19
N PRO B 290 23.35 -37.94 18.47
CA PRO B 290 22.34 -38.89 18.00
C PRO B 290 22.40 -39.06 16.46
N GLY B 291 22.40 -40.33 16.02
CA GLY B 291 22.54 -40.66 14.62
C GLY B 291 21.58 -41.75 14.20
N LEU B 292 22.01 -43.00 14.35
CA LEU B 292 21.15 -44.16 14.23
C LEU B 292 19.80 -43.94 14.91
N ALA B 293 19.86 -43.43 16.15
CA ALA B 293 18.67 -43.10 16.93
C ALA B 293 17.74 -42.22 16.14
N VAL B 294 18.25 -41.09 15.65
CA VAL B 294 17.43 -40.15 14.89
C VAL B 294 16.90 -40.78 13.60
N GLN B 295 17.76 -41.52 12.91
CA GLN B 295 17.36 -42.16 11.66
C GLN B 295 16.19 -43.13 11.87
N ARG B 296 16.17 -43.77 13.02
CA ARG B 296 15.07 -44.68 13.32
C ARG B 296 13.77 -43.97 13.64
N LEU B 297 13.87 -42.87 14.37
CA LEU B 297 12.70 -42.07 14.72
C LEU B 297 12.07 -41.49 13.45
N MET B 298 12.91 -41.02 12.55
CA MET B 298 12.44 -40.55 11.25
C MET B 298 11.76 -41.65 10.44
N ALA B 299 12.26 -42.88 10.54
CA ALA B 299 11.61 -43.99 9.83
C ALA B 299 10.21 -44.22 10.39
N GLU B 300 10.02 -43.88 11.67
CA GLU B 300 8.70 -43.98 12.27
C GLU B 300 7.77 -42.83 11.89
N GLY B 301 8.31 -41.79 11.27
CA GLY B 301 7.50 -40.67 10.81
C GLY B 301 7.68 -39.40 11.62
N TYR B 302 8.63 -39.42 12.55
CA TYR B 302 8.98 -38.22 13.30
C TYR B 302 9.64 -37.18 12.39
N GLY B 303 9.41 -35.90 12.68
CA GLY B 303 10.05 -34.83 11.97
C GLY B 303 11.36 -34.55 12.67
N PHE B 304 12.41 -34.27 11.89
CA PHE B 304 13.69 -33.93 12.48
C PHE B 304 14.31 -32.79 11.70
N GLY B 305 15.03 -31.93 12.41
CA GLY B 305 15.86 -30.92 11.80
C GLY B 305 17.16 -30.79 12.59
N GLY B 306 18.30 -30.88 11.91
CA GLY B 306 19.59 -30.72 12.55
C GLY B 306 19.88 -29.28 12.96
N GLU B 307 20.85 -29.10 13.85
CA GLU B 307 21.29 -27.75 14.26
C GLU B 307 20.17 -26.84 14.73
N GLY B 308 19.20 -27.40 15.44
CA GLY B 308 18.12 -26.61 16.04
C GLY B 308 17.06 -26.13 15.07
N ASP B 309 17.06 -26.66 13.86
CA ASP B 309 16.20 -26.19 12.76
C ASP B 309 14.77 -26.66 12.90
N TRP B 310 13.98 -25.91 13.66
CA TRP B 310 12.60 -26.30 13.93
C TRP B 310 11.66 -26.21 12.72
N LYS B 311 11.87 -25.24 11.83
CA LYS B 311 11.02 -25.12 10.64
C LYS B 311 11.12 -26.35 9.73
N THR B 312 12.33 -26.89 9.56
CA THR B 312 12.45 -28.08 8.74
C THR B 312 11.93 -29.32 9.47
N ALA B 313 12.17 -29.40 10.76
CA ALA B 313 11.63 -30.50 11.56
C ALA B 313 10.11 -30.55 11.38
N ALA B 314 9.45 -29.41 11.54
CA ALA B 314 7.99 -29.35 11.38
C ALA B 314 7.56 -29.79 9.99
N LEU B 315 8.26 -29.27 8.99
CA LEU B 315 7.98 -29.56 7.58
C LEU B 315 8.11 -31.05 7.23
N VAL B 316 9.19 -31.67 7.72
CA VAL B 316 9.43 -33.09 7.54
C VAL B 316 8.26 -33.91 8.12
N ARG B 317 7.78 -33.49 9.29
CA ARG B 317 6.64 -34.18 9.92
C ARG B 317 5.36 -34.00 9.10
N LEU B 318 5.11 -32.79 8.60
CA LEU B 318 3.92 -32.53 7.77
C LEU B 318 3.95 -33.31 6.47
N MET B 319 5.13 -33.43 5.90
CA MET B 319 5.27 -34.20 4.67
C MET B 319 5.19 -35.69 4.89
N LYS B 320 5.58 -36.15 6.08
CA LYS B 320 5.37 -37.55 6.45
C LYS B 320 3.87 -37.87 6.47
N VAL B 321 3.06 -36.94 6.96
CA VAL B 321 1.62 -37.13 6.99
C VAL B 321 1.03 -37.03 5.57
N MET B 322 1.45 -36.02 4.82
CA MET B 322 0.98 -35.81 3.44
C MET B 322 1.24 -37.02 2.53
N ALA B 323 2.35 -37.70 2.79
CA ALA B 323 2.87 -38.74 1.92
C ALA B 323 1.89 -39.89 1.75
N ASP B 324 1.81 -40.42 0.52
CA ASP B 324 0.99 -41.59 0.25
C ASP B 324 1.86 -42.79 -0.08
N GLY B 325 3.06 -42.81 0.47
CA GLY B 325 4.00 -43.90 0.23
C GLY B 325 5.28 -43.71 1.01
N LYS B 326 6.18 -44.68 0.87
CA LYS B 326 7.45 -44.69 1.58
C LYS B 326 8.42 -43.67 0.99
N GLY B 327 9.27 -43.09 1.82
CA GLY B 327 10.39 -42.32 1.30
C GLY B 327 10.40 -40.83 1.57
N THR B 328 10.52 -40.45 2.84
CA THR B 328 10.56 -39.03 3.21
C THR B 328 11.67 -38.80 4.24
N SER B 329 12.50 -37.79 4.02
CA SER B 329 13.66 -37.56 4.90
C SER B 329 14.07 -36.10 5.02
N PHE B 330 14.59 -35.74 6.17
CA PHE B 330 15.38 -34.53 6.33
C PHE B 330 16.57 -34.68 5.37
N MET B 331 17.04 -33.58 4.78
CA MET B 331 18.07 -33.68 3.74
C MET B 331 18.85 -32.38 3.63
N GLU B 332 20.10 -32.47 3.17
CA GLU B 332 20.94 -31.32 2.92
C GLU B 332 21.79 -31.55 1.66
N ASP B 333 21.78 -30.60 0.72
CA ASP B 333 22.71 -30.68 -0.41
C ASP B 333 24.12 -30.59 0.16
N TYR B 334 24.96 -31.56 -0.17
CA TYR B 334 26.27 -31.58 0.41
C TYR B 334 27.36 -31.27 -0.60
N THR B 335 27.23 -31.83 -1.79
CA THR B 335 28.23 -31.53 -2.81
C THR B 335 27.70 -31.78 -4.21
N TYR B 336 28.34 -31.13 -5.19
CA TYR B 336 27.90 -31.25 -6.57
C TYR B 336 28.81 -32.11 -7.41
N HIS B 337 28.22 -32.63 -8.48
CA HIS B 337 28.92 -33.29 -9.57
C HIS B 337 28.59 -32.47 -10.81
N PHE B 338 29.61 -31.84 -11.41
CA PHE B 338 29.44 -30.97 -12.57
C PHE B 338 29.87 -31.60 -13.89
N GLU B 339 30.03 -32.91 -13.91
CA GLU B 339 30.29 -33.61 -15.17
C GLU B 339 29.24 -33.30 -16.21
N PRO B 340 29.67 -32.78 -17.37
CA PRO B 340 28.77 -32.34 -18.44
C PRO B 340 27.87 -33.45 -18.95
N GLY B 341 26.58 -33.16 -19.06
CA GLY B 341 25.59 -34.16 -19.43
C GLY B 341 25.20 -35.08 -18.29
N ASN B 342 25.86 -34.93 -17.15
CA ASN B 342 25.59 -35.80 -16.03
C ASN B 342 25.63 -35.02 -14.70
N GLU B 343 25.16 -33.78 -14.73
CA GLU B 343 25.20 -32.95 -13.52
C GLU B 343 24.22 -33.44 -12.47
N LEU B 344 24.66 -33.46 -11.21
CA LEU B 344 23.76 -33.90 -10.14
C LEU B 344 24.19 -33.39 -8.79
N ILE B 345 23.31 -33.59 -7.80
CA ILE B 345 23.56 -33.25 -6.42
C ILE B 345 23.65 -34.49 -5.54
N LEU B 346 24.68 -34.53 -4.70
CA LEU B 346 24.78 -35.53 -3.64
C LEU B 346 24.20 -34.93 -2.36
N GLY B 347 23.17 -35.58 -1.82
CA GLY B 347 22.57 -35.10 -0.58
C GLY B 347 22.84 -36.06 0.54
N ALA B 348 22.93 -35.51 1.75
CA ALA B 348 23.22 -36.29 2.95
C ALA B 348 23.11 -35.40 4.17
N HIS B 349 23.60 -35.92 5.28
CA HIS B 349 23.81 -35.12 6.46
C HIS B 349 24.89 -35.81 7.27
N MET B 350 25.43 -35.07 8.23
CA MET B 350 26.36 -35.57 9.23
C MET B 350 26.12 -37.03 9.59
N LEU B 351 24.87 -37.36 9.91
CA LEU B 351 24.50 -38.72 10.31
C LEU B 351 23.08 -39.03 9.88
N GLU B 352 22.21 -38.03 9.99
CA GLU B 352 20.76 -38.21 10.07
C GLU B 352 20.01 -38.25 8.74
N VAL B 353 20.03 -39.39 8.06
CA VAL B 353 19.25 -39.58 6.84
C VAL B 353 18.28 -40.77 7.02
N CYS B 354 17.01 -40.57 6.70
CA CYS B 354 16.01 -41.59 6.95
C CYS B 354 16.15 -42.80 6.02
N PRO B 355 16.15 -44.01 6.61
CA PRO B 355 16.31 -45.23 5.80
C PRO B 355 15.12 -45.54 4.88
N THR B 356 13.99 -44.85 5.02
CA THR B 356 12.87 -45.08 4.10
C THR B 356 13.16 -44.71 2.62
N ILE B 357 14.15 -43.85 2.40
CA ILE B 357 14.56 -43.52 1.02
C ILE B 357 15.60 -44.49 0.44
N ALA B 358 16.10 -45.42 1.26
CA ALA B 358 17.15 -46.35 0.85
C ALA B 358 16.72 -47.29 -0.27
N ALA B 359 17.65 -47.62 -1.15
CA ALA B 359 17.40 -48.63 -2.17
C ALA B 359 18.25 -49.88 -1.88
N THR B 360 19.26 -49.72 -1.05
CA THR B 360 20.07 -50.85 -0.58
C THR B 360 19.64 -51.17 0.85
N ARG B 361 19.99 -52.34 1.37
CA ARG B 361 19.68 -52.61 2.77
C ARG B 361 20.65 -51.80 3.59
N PRO B 362 20.14 -51.03 4.56
CA PRO B 362 21.01 -50.18 5.37
C PRO B 362 21.96 -51.02 6.18
N ARG B 363 23.19 -50.54 6.32
CA ARG B 363 24.13 -51.18 7.22
C ARG B 363 24.42 -50.27 8.41
N VAL B 364 24.51 -50.87 9.59
CA VAL B 364 24.89 -50.12 10.77
C VAL B 364 26.41 -50.08 10.90
N GLU B 365 26.96 -48.88 10.81
CA GLU B 365 28.41 -48.70 10.81
C GLU B 365 28.84 -47.70 11.88
N VAL B 366 30.11 -47.78 12.26
CA VAL B 366 30.64 -46.89 13.29
C VAL B 366 31.90 -46.21 12.76
N HIS B 367 31.89 -44.88 12.80
CA HIS B 367 33.01 -44.10 12.26
C HIS B 367 33.20 -42.91 13.16
N PRO B 368 34.39 -42.30 13.10
CA PRO B 368 34.65 -41.07 13.84
C PRO B 368 33.83 -39.90 13.30
N LEU B 369 33.38 -39.02 14.20
CA LEU B 369 32.77 -37.77 13.79
C LEU B 369 33.40 -36.68 14.62
N SER B 370 34.20 -35.83 13.98
CA SER B 370 34.86 -34.75 14.70
C SER B 370 33.88 -33.65 15.14
N ILE B 371 32.88 -33.38 14.31
CA ILE B 371 31.85 -32.39 14.64
C ILE B 371 31.12 -32.77 15.94
N GLY B 372 31.15 -31.88 16.92
CA GLY B 372 30.54 -32.14 18.21
C GLY B 372 31.52 -32.54 19.31
N GLY B 373 32.63 -33.16 18.90
CA GLY B 373 33.66 -33.54 19.86
C GLY B 373 33.29 -34.74 20.72
N LYS B 374 32.42 -35.61 20.21
CA LYS B 374 31.96 -36.78 20.95
C LYS B 374 32.50 -38.09 20.36
N GLU B 375 32.08 -39.21 20.93
CA GLU B 375 32.61 -40.52 20.48
C GLU B 375 32.02 -40.99 19.16
N ASP B 376 32.69 -41.94 18.52
CA ASP B 376 32.30 -42.47 17.22
C ASP B 376 30.85 -42.93 17.21
N PRO B 377 29.98 -42.20 16.48
CA PRO B 377 28.57 -42.57 16.50
C PRO B 377 28.26 -43.71 15.53
N ALA B 378 27.31 -44.56 15.91
CA ALA B 378 26.75 -45.51 14.95
C ALA B 378 25.65 -44.83 14.12
N ARG B 379 25.53 -45.25 12.87
CA ARG B 379 24.52 -44.69 11.98
C ARG B 379 24.17 -45.73 10.97
N LEU B 380 23.11 -45.48 10.21
CA LEU B 380 22.77 -46.33 9.10
C LEU B 380 23.38 -45.77 7.83
N VAL B 381 23.98 -46.64 7.03
CA VAL B 381 24.59 -46.26 5.76
C VAL B 381 23.92 -47.00 4.62
N PHE B 382 23.61 -46.26 3.55
CA PHE B 382 22.88 -46.80 2.41
C PHE B 382 22.91 -45.78 1.28
N ASP B 383 22.52 -46.22 0.08
CA ASP B 383 22.30 -45.35 -1.07
C ASP B 383 20.79 -45.15 -1.26
N GLY B 384 20.37 -43.90 -1.43
CA GLY B 384 18.98 -43.61 -1.72
C GLY B 384 18.65 -44.11 -3.10
N GLY B 385 17.38 -44.40 -3.36
CA GLY B 385 16.95 -44.96 -4.63
C GLY B 385 16.59 -43.91 -5.67
N GLU B 386 16.25 -44.35 -6.88
CA GLU B 386 15.93 -43.49 -8.01
C GLU B 386 14.46 -43.12 -8.04
N GLY B 387 14.09 -42.11 -8.83
CA GLY B 387 12.70 -41.74 -8.99
C GLY B 387 12.39 -40.26 -8.78
N ALA B 388 11.25 -39.85 -9.31
CA ALA B 388 10.76 -38.49 -9.17
C ALA B 388 10.42 -38.17 -7.72
N ALA B 389 10.83 -36.99 -7.28
CA ALA B 389 10.63 -36.56 -5.90
C ALA B 389 10.51 -35.05 -5.82
N VAL B 390 10.23 -34.56 -4.63
CA VAL B 390 10.31 -33.13 -4.39
C VAL B 390 11.27 -32.84 -3.26
N ASN B 391 11.85 -31.64 -3.31
CA ASN B 391 12.72 -31.17 -2.26
C ASN B 391 12.15 -29.81 -1.82
N ALA B 392 11.83 -29.71 -0.54
CA ALA B 392 11.08 -28.55 -0.06
C ALA B 392 11.75 -27.88 1.13
N SER B 393 11.65 -26.56 1.17
CA SER B 393 12.19 -25.76 2.25
C SER B 393 11.16 -24.70 2.67
N LEU B 394 11.10 -24.42 3.96
CA LEU B 394 10.25 -23.35 4.45
C LEU B 394 11.11 -22.29 5.13
N ILE B 395 11.11 -21.08 4.60
CA ILE B 395 11.96 -20.04 5.19
C ILE B 395 11.11 -18.92 5.74
N ASP B 396 11.75 -18.12 6.59
CA ASP B 396 11.11 -16.98 7.23
C ASP B 396 11.75 -15.71 6.65
N LEU B 397 10.95 -14.96 5.89
CA LEU B 397 11.41 -13.75 5.24
C LEU B 397 11.37 -12.55 6.19
N GLY B 398 10.95 -12.78 7.43
CA GLY B 398 10.95 -11.72 8.43
C GLY B 398 9.55 -11.25 8.77
N HIS B 399 8.77 -10.96 7.74
CA HIS B 399 7.39 -10.56 7.92
C HIS B 399 6.42 -11.66 7.46
N ARG B 400 6.93 -12.69 6.79
CA ARG B 400 6.08 -13.77 6.31
C ARG B 400 6.89 -15.03 6.01
N PHE B 401 6.21 -16.16 5.90
CA PHE B 401 6.89 -17.40 5.52
C PHE B 401 6.77 -17.67 4.05
N ARG B 402 7.77 -18.37 3.51
CA ARG B 402 7.74 -18.77 2.11
C ARG B 402 8.09 -20.25 1.99
N LEU B 403 7.25 -20.98 1.26
CA LEU B 403 7.49 -22.41 1.03
C LEU B 403 8.08 -22.57 -0.36
N ILE B 404 9.19 -23.29 -0.46
CA ILE B 404 9.89 -23.44 -1.72
C ILE B 404 10.02 -24.91 -2.06
N VAL B 405 9.61 -25.26 -3.27
CA VAL B 405 9.54 -26.67 -3.65
C VAL B 405 10.25 -26.86 -4.96
N ASN B 406 11.22 -27.76 -5.00
CA ASN B 406 11.91 -28.10 -6.23
C ASN B 406 11.62 -29.56 -6.61
N GLU B 407 11.08 -29.76 -7.80
CA GLU B 407 10.86 -31.10 -8.30
C GLU B 407 12.19 -31.65 -8.82
N VAL B 408 12.53 -32.86 -8.40
CA VAL B 408 13.80 -33.47 -8.73
C VAL B 408 13.64 -34.95 -9.16
N ASP B 409 14.71 -35.51 -9.73
CA ASP B 409 14.75 -36.93 -10.10
C ASP B 409 15.96 -37.59 -9.45
N ALA B 410 15.71 -38.39 -8.42
CA ALA B 410 16.77 -39.13 -7.75
C ALA B 410 17.31 -40.19 -8.71
N VAL B 411 18.61 -40.44 -8.68
CA VAL B 411 19.23 -41.42 -9.57
C VAL B 411 20.09 -42.47 -8.84
N LYS B 412 20.17 -43.66 -9.43
CA LYS B 412 21.07 -44.70 -8.93
C LYS B 412 22.52 -44.29 -9.12
N PRO B 413 23.34 -44.35 -8.06
CA PRO B 413 24.78 -44.10 -8.22
C PRO B 413 25.45 -45.19 -9.07
N GLU B 414 26.32 -44.79 -10.01
CA GLU B 414 27.00 -45.74 -10.88
C GLU B 414 28.29 -46.23 -10.23
N HIS B 415 28.73 -45.52 -9.19
CA HIS B 415 29.96 -45.87 -8.51
C HIS B 415 29.71 -46.05 -7.02
N ASP B 416 30.46 -46.94 -6.40
CA ASP B 416 30.39 -47.08 -4.97
C ASP B 416 31.17 -45.91 -4.37
N MET B 417 30.87 -45.59 -3.12
CA MET B 417 31.60 -44.54 -2.42
C MET B 417 32.18 -45.11 -1.13
N PRO B 418 33.17 -46.00 -1.27
CA PRO B 418 33.66 -46.82 -0.14
C PRO B 418 34.24 -46.00 1.02
N LYS B 419 34.63 -44.75 0.80
CA LYS B 419 35.20 -43.98 1.90
C LYS B 419 34.16 -43.12 2.61
N LEU B 420 32.94 -43.05 2.05
CA LEU B 420 31.92 -42.15 2.56
C LEU B 420 31.11 -42.80 3.68
N PRO B 421 31.24 -42.28 4.92
CA PRO B 421 30.71 -42.93 6.12
C PRO B 421 29.23 -42.61 6.44
N VAL B 422 28.57 -41.83 5.60
CA VAL B 422 27.17 -41.47 5.81
C VAL B 422 26.26 -41.94 4.67
N ALA B 423 24.98 -42.08 5.00
CA ALA B 423 23.97 -42.40 4.00
C ALA B 423 23.88 -41.21 3.07
N ARG B 424 23.52 -41.45 1.82
CA ARG B 424 23.43 -40.37 0.84
C ARG B 424 22.50 -40.70 -0.35
N ILE B 425 22.14 -39.67 -1.10
CA ILE B 425 21.31 -39.86 -2.29
C ILE B 425 21.75 -38.86 -3.37
N LEU B 426 21.59 -39.25 -4.63
CA LEU B 426 21.91 -38.39 -5.76
C LEU B 426 20.63 -38.00 -6.47
N TRP B 427 20.49 -36.71 -6.77
CA TRP B 427 19.40 -36.29 -7.64
C TRP B 427 19.79 -35.27 -8.71
N LYS B 428 18.98 -35.21 -9.75
CA LYS B 428 19.13 -34.24 -10.81
C LYS B 428 17.96 -33.30 -10.69
N PRO B 429 18.20 -32.08 -10.19
CA PRO B 429 17.08 -31.14 -10.04
C PRO B 429 16.57 -30.61 -11.38
N ARG B 430 15.29 -30.29 -11.44
CA ARG B 430 14.67 -29.70 -12.63
C ARG B 430 14.63 -28.19 -12.55
N PRO B 431 14.78 -27.49 -13.68
CA PRO B 431 14.96 -28.06 -15.02
C PRO B 431 16.40 -28.45 -15.32
N SER B 432 17.33 -28.04 -14.45
CA SER B 432 18.75 -28.32 -14.61
C SER B 432 19.42 -27.88 -13.34
N LEU B 433 20.59 -28.45 -13.04
CA LEU B 433 21.30 -28.09 -11.82
C LEU B 433 21.53 -26.58 -11.76
N ARG B 434 22.08 -26.03 -12.84
CA ARG B 434 22.39 -24.62 -12.92
C ARG B 434 21.19 -23.71 -12.64
N ASP B 435 20.08 -23.98 -13.32
CA ASP B 435 18.92 -23.12 -13.25
C ASP B 435 18.17 -23.33 -11.94
N SER B 436 18.08 -24.59 -11.51
CA SER B 436 17.43 -24.93 -10.27
C SER B 436 18.09 -24.21 -9.10
N ALA B 437 19.42 -24.32 -9.02
CA ALA B 437 20.19 -23.70 -7.94
C ALA B 437 20.07 -22.19 -7.99
N GLU B 438 20.10 -21.61 -9.19
CA GLU B 438 19.93 -20.18 -9.27
C GLU B 438 18.57 -19.73 -8.74
N ALA B 439 17.50 -20.38 -9.20
CA ALA B 439 16.15 -20.07 -8.72
C ALA B 439 16.05 -20.23 -7.20
N TRP B 440 16.64 -21.31 -6.70
CA TRP B 440 16.60 -21.62 -5.28
C TRP B 440 17.26 -20.50 -4.43
N ILE B 441 18.44 -20.07 -4.89
CA ILE B 441 19.16 -18.99 -4.23
C ILE B 441 18.42 -17.67 -4.33
N LEU B 442 17.81 -17.39 -5.49
CA LEU B 442 17.01 -16.18 -5.65
C LEU B 442 15.83 -16.19 -4.69
N ALA B 443 15.24 -17.37 -4.51
CA ALA B 443 14.12 -17.52 -3.60
C ALA B 443 14.61 -17.60 -2.15
N GLY B 444 15.93 -17.65 -1.96
CA GLY B 444 16.49 -17.78 -0.63
C GLY B 444 16.21 -19.10 0.06
N GLY B 445 16.08 -20.18 -0.70
CA GLY B 445 15.81 -21.49 -0.13
C GLY B 445 16.90 -21.96 0.83
N ALA B 446 16.49 -22.61 1.91
CA ALA B 446 17.44 -23.18 2.87
C ALA B 446 18.34 -24.27 2.30
N HIS B 447 19.41 -24.56 3.03
CA HIS B 447 20.29 -25.70 2.77
C HIS B 447 19.69 -26.99 3.36
N HIS B 448 18.91 -26.86 4.44
CA HIS B 448 18.12 -27.96 4.99
C HIS B 448 16.78 -28.10 4.28
N THR B 449 16.45 -29.32 3.87
CA THR B 449 15.15 -29.58 3.22
C THR B 449 14.44 -30.82 3.74
N CYS B 450 13.20 -30.98 3.28
CA CYS B 450 12.56 -32.27 3.36
C CYS B 450 12.50 -32.84 1.95
N PHE B 451 13.10 -34.00 1.79
CA PHE B 451 13.10 -34.73 0.54
C PHE B 451 12.00 -35.79 0.61
N SER B 452 11.21 -35.94 -0.44
CA SER B 452 10.21 -37.00 -0.44
C SER B 452 9.87 -37.56 -1.81
N PHE B 453 9.77 -38.88 -1.89
CA PHE B 453 9.29 -39.54 -3.12
C PHE B 453 7.77 -39.62 -3.21
N ALA B 454 7.08 -39.16 -2.16
CA ALA B 454 5.68 -39.53 -1.98
C ALA B 454 4.72 -38.36 -1.79
N VAL B 455 5.23 -37.14 -1.90
CA VAL B 455 4.42 -35.95 -1.78
C VAL B 455 4.43 -35.22 -3.11
N THR B 456 3.27 -34.81 -3.61
CA THR B 456 3.26 -34.05 -4.86
C THR B 456 3.33 -32.53 -4.61
N THR B 457 3.74 -31.82 -5.65
CA THR B 457 3.74 -30.36 -5.68
C THR B 457 2.34 -29.80 -5.42
N GLU B 458 1.32 -30.44 -6.01
CA GLU B 458 -0.05 -30.00 -5.81
C GLU B 458 -0.44 -29.98 -4.32
N GLN B 459 0.02 -30.98 -3.58
CA GLN B 459 -0.28 -31.08 -2.16
C GLN B 459 0.35 -29.94 -1.38
N LEU B 460 1.60 -29.63 -1.68
CA LEU B 460 2.33 -28.58 -0.97
C LEU B 460 1.74 -27.23 -1.31
N GLN B 461 1.35 -27.08 -2.57
CA GLN B 461 0.65 -25.87 -2.97
C GLN B 461 -0.69 -25.74 -2.27
N ASP B 462 -1.42 -26.84 -2.12
CA ASP B 462 -2.69 -26.80 -1.41
C ASP B 462 -2.47 -26.52 0.06
N PHE B 463 -1.42 -27.09 0.65
CA PHE B 463 -1.12 -26.82 2.04
C PHE B 463 -0.85 -25.33 2.29
N ALA B 464 -0.02 -24.73 1.43
CA ALA B 464 0.32 -23.32 1.50
C ALA B 464 -0.92 -22.44 1.44
N GLU B 465 -1.89 -22.87 0.63
CA GLU B 465 -3.14 -22.13 0.46
C GLU B 465 -3.97 -22.22 1.72
N MET B 466 -3.96 -23.40 2.36
CA MET B 466 -4.64 -23.60 3.64
C MET B 466 -4.03 -22.76 4.72
N ALA B 467 -2.71 -22.62 4.67
CA ALA B 467 -1.95 -21.95 5.69
C ALA B 467 -1.82 -20.46 5.41
N GLY B 468 -2.23 -20.03 4.22
CA GLY B 468 -2.14 -18.62 3.87
C GLY B 468 -0.71 -18.12 3.64
N ILE B 469 0.11 -18.93 2.97
CA ILE B 469 1.47 -18.52 2.64
C ILE B 469 1.83 -18.75 1.17
N GLU B 470 2.85 -18.03 0.73
CA GLU B 470 3.39 -18.19 -0.62
C GLU B 470 4.06 -19.56 -0.80
N CYS B 471 3.77 -20.20 -1.93
CA CYS B 471 4.48 -21.40 -2.32
C CYS B 471 5.07 -21.24 -3.70
N VAL B 472 6.38 -21.30 -3.77
CA VAL B 472 7.13 -21.10 -5.00
C VAL B 472 7.57 -22.46 -5.50
N VAL B 473 7.36 -22.74 -6.78
CA VAL B 473 7.73 -24.04 -7.34
C VAL B 473 8.82 -23.92 -8.38
N ILE B 474 9.83 -24.77 -8.27
CA ILE B 474 10.88 -24.83 -9.28
C ILE B 474 10.81 -26.18 -9.96
N ASN B 475 10.49 -26.19 -11.24
CA ASN B 475 10.31 -27.45 -11.94
C ASN B 475 10.82 -27.37 -13.38
N GLU B 476 10.40 -28.33 -14.21
CA GLU B 476 10.92 -28.42 -15.58
C GLU B 476 10.62 -27.19 -16.43
N HIS B 477 9.58 -26.47 -16.05
CA HIS B 477 9.13 -25.33 -16.83
C HIS B 477 9.72 -24.01 -16.37
N THR B 478 10.55 -24.04 -15.34
CA THR B 478 11.04 -22.80 -14.76
C THR B 478 12.05 -22.15 -15.69
N SER B 479 11.86 -20.86 -15.93
CA SER B 479 12.88 -20.01 -16.52
C SER B 479 13.18 -18.96 -15.47
N VAL B 480 14.46 -18.66 -15.30
CA VAL B 480 14.92 -17.88 -14.18
C VAL B 480 14.40 -16.45 -14.22
N SER B 481 14.43 -15.83 -15.39
CA SER B 481 13.93 -14.47 -15.56
C SER B 481 12.46 -14.36 -15.16
N SER B 482 11.63 -15.30 -15.65
CA SER B 482 10.20 -15.32 -15.31
C SER B 482 10.02 -15.54 -13.81
N PHE B 483 10.89 -16.36 -13.26
CA PHE B 483 10.84 -16.73 -11.85
C PHE B 483 11.09 -15.49 -10.99
N LYS B 484 12.08 -14.69 -11.39
CA LYS B 484 12.39 -13.44 -10.71
C LYS B 484 11.18 -12.53 -10.66
N ASN B 485 10.57 -12.30 -11.82
CA ASN B 485 9.35 -11.51 -11.93
C ASN B 485 8.28 -11.98 -10.96
N GLU B 486 7.98 -13.27 -10.98
CA GLU B 486 6.95 -13.78 -10.09
C GLU B 486 7.28 -13.64 -8.59
N LEU B 487 8.56 -13.76 -8.24
CA LEU B 487 8.96 -13.48 -6.86
C LEU B 487 8.58 -12.04 -6.49
N LYS B 488 8.82 -11.10 -7.41
CA LYS B 488 8.44 -9.69 -7.18
C LYS B 488 6.92 -9.51 -7.06
N TRP B 489 6.17 -10.12 -7.98
CA TRP B 489 4.72 -9.92 -8.03
C TRP B 489 4.02 -10.62 -6.86
N ASN B 490 4.47 -11.83 -6.54
CA ASN B 490 3.99 -12.53 -5.36
C ASN B 490 4.21 -11.70 -4.12
N GLU B 491 5.38 -11.05 -4.04
CA GLU B 491 5.78 -10.35 -2.84
C GLU B 491 4.84 -9.20 -2.50
N VAL B 492 4.38 -8.50 -3.52
CA VAL B 492 3.47 -7.39 -3.32
C VAL B 492 2.13 -7.92 -2.90
N PHE B 493 1.77 -9.10 -3.40
CA PHE B 493 0.50 -9.73 -2.99
C PHE B 493 0.55 -10.23 -1.55
N TRP B 494 1.65 -10.86 -1.17
CA TRP B 494 1.73 -11.46 0.16
C TRP B 494 2.19 -10.44 1.19
N MET C 2 -0.99 47.63 -11.63
CA MET C 2 -0.39 46.30 -11.59
C MET C 2 -0.57 45.48 -12.88
N LEU C 3 -0.76 44.17 -12.71
CA LEU C 3 -0.99 43.25 -13.82
C LEU C 3 -2.46 42.88 -13.80
N SER C 4 -3.17 43.21 -14.88
CA SER C 4 -4.61 43.09 -14.87
C SER C 4 -5.09 41.68 -15.19
N LEU C 5 -6.12 41.24 -14.47
CA LEU C 5 -6.73 39.94 -14.67
C LEU C 5 -7.88 40.06 -15.63
N ARG C 6 -8.09 39.01 -16.43
CA ARG C 6 -9.30 38.87 -17.21
C ARG C 6 -10.51 38.85 -16.27
N PRO C 7 -11.73 39.10 -16.79
CA PRO C 7 -12.84 39.07 -15.84
C PRO C 7 -13.14 37.64 -15.39
N TYR C 8 -13.63 37.51 -14.16
CA TYR C 8 -13.89 36.22 -13.57
C TYR C 8 -15.17 36.39 -12.80
N GLU C 9 -15.86 35.28 -12.59
CA GLU C 9 -17.17 35.29 -11.98
C GLU C 9 -17.37 33.93 -11.34
N PHE C 10 -18.38 33.84 -10.48
CA PHE C 10 -18.66 32.60 -9.77
C PHE C 10 -20.10 32.19 -10.01
N TRP C 11 -20.27 30.94 -10.42
CA TRP C 11 -21.61 30.45 -10.68
C TRP C 11 -22.24 29.90 -9.41
N PHE C 12 -23.44 30.38 -9.12
CA PHE C 12 -24.21 29.84 -8.02
C PHE C 12 -25.24 28.90 -8.64
N VAL C 13 -25.23 27.65 -8.24
CA VAL C 13 -26.25 26.75 -8.76
C VAL C 13 -27.00 26.11 -7.59
N THR C 14 -28.31 26.08 -7.71
CA THR C 14 -29.14 25.61 -6.62
C THR C 14 -29.74 24.26 -7.01
N GLY C 15 -29.66 23.30 -6.10
CA GLY C 15 -30.22 21.99 -6.35
C GLY C 15 -31.57 21.82 -5.71
N SER C 16 -32.48 21.14 -6.41
CA SER C 16 -33.78 20.81 -5.84
C SER C 16 -34.34 19.54 -6.51
N GLN C 17 -35.64 19.31 -6.35
CA GLN C 17 -36.31 18.15 -6.95
C GLN C 17 -37.75 18.47 -7.36
N HIS C 18 -38.32 17.65 -8.24
CA HIS C 18 -39.69 17.84 -8.70
C HIS C 18 -40.76 17.42 -7.72
N LEU C 19 -40.38 16.72 -6.66
CA LEU C 19 -41.33 16.07 -5.74
C LEU C 19 -42.42 17.00 -5.19
N TYR C 20 -42.04 18.22 -4.80
CA TYR C 20 -42.99 19.12 -4.13
C TYR C 20 -43.78 20.02 -5.08
N GLY C 21 -43.74 19.72 -6.38
CA GLY C 21 -44.49 20.51 -7.35
C GLY C 21 -43.66 21.63 -7.95
N GLU C 22 -44.27 22.41 -8.85
CA GLU C 22 -43.55 23.42 -9.62
C GLU C 22 -43.62 24.80 -8.97
N GLU C 23 -44.58 24.99 -8.07
CA GLU C 23 -44.68 26.25 -7.36
C GLU C 23 -43.56 26.35 -6.35
N ALA C 24 -43.21 25.22 -5.74
CA ALA C 24 -42.09 25.18 -4.82
C ALA C 24 -40.78 25.54 -5.53
N LEU C 25 -40.62 25.06 -6.77
CA LEU C 25 -39.43 25.34 -7.57
C LEU C 25 -39.36 26.78 -8.05
N LYS C 26 -40.52 27.42 -8.14
CA LYS C 26 -40.53 28.83 -8.50
C LYS C 26 -39.98 29.64 -7.34
N GLN C 27 -40.40 29.28 -6.13
CA GLN C 27 -39.91 29.90 -4.89
C GLN C 27 -38.40 29.69 -4.72
N VAL C 28 -37.91 28.49 -5.06
CA VAL C 28 -36.49 28.19 -4.99
C VAL C 28 -35.67 29.16 -5.81
N GLU C 29 -36.08 29.39 -7.05
CA GLU C 29 -35.33 30.31 -7.91
C GLU C 29 -35.36 31.75 -7.39
N GLU C 30 -36.49 32.16 -6.85
CA GLU C 30 -36.68 33.52 -6.36
C GLU C 30 -35.69 33.80 -5.22
N HIS C 31 -35.63 32.87 -4.27
CA HIS C 31 -34.65 32.91 -3.19
C HIS C 31 -33.22 33.02 -3.68
N SER C 32 -32.85 32.15 -4.63
CA SER C 32 -31.47 32.07 -5.08
C SER C 32 -31.06 33.35 -5.78
N ARG C 33 -32.02 33.95 -6.47
CA ARG C 33 -31.76 35.19 -7.19
C ARG C 33 -31.65 36.36 -6.21
N ILE C 34 -32.48 36.34 -5.18
CA ILE C 34 -32.39 37.34 -4.12
C ILE C 34 -31.01 37.29 -3.48
N MET C 35 -30.54 36.08 -3.20
CA MET C 35 -29.23 35.86 -2.59
C MET C 35 -28.09 36.38 -3.47
N VAL C 36 -28.13 36.06 -4.76
CA VAL C 36 -27.06 36.46 -5.68
C VAL C 36 -27.00 37.98 -5.81
N ASN C 37 -28.17 38.57 -6.00
CA ASN C 37 -28.28 40.03 -6.13
C ASN C 37 -27.82 40.76 -4.88
N GLU C 38 -28.29 40.32 -3.72
CA GLU C 38 -27.84 40.88 -2.45
C GLU C 38 -26.32 40.77 -2.26
N TRP C 39 -25.78 39.57 -2.45
CA TRP C 39 -24.33 39.37 -2.35
C TRP C 39 -23.58 40.33 -3.26
N ASN C 40 -24.14 40.57 -4.44
CA ASN C 40 -23.49 41.44 -5.42
C ASN C 40 -23.46 42.91 -5.01
N ARG C 41 -24.35 43.30 -4.10
CA ARG C 41 -24.32 44.64 -3.52
C ARG C 41 -23.26 44.78 -2.44
N ASP C 42 -22.68 43.67 -2.00
CA ASP C 42 -21.73 43.72 -0.88
C ASP C 42 -20.29 43.79 -1.39
N SER C 43 -19.57 44.81 -0.95
CA SER C 43 -18.24 45.07 -1.46
C SER C 43 -17.18 44.10 -0.96
N VAL C 44 -17.51 43.28 0.03
CA VAL C 44 -16.58 42.27 0.51
C VAL C 44 -16.17 41.34 -0.63
N PHE C 45 -17.08 41.11 -1.58
CA PHE C 45 -16.82 40.20 -2.70
C PHE C 45 -16.03 40.85 -3.82
N PRO C 46 -14.83 40.33 -4.09
CA PRO C 46 -13.92 40.87 -5.11
C PRO C 46 -14.32 40.50 -6.55
N PHE C 47 -15.28 39.60 -6.69
CA PHE C 47 -15.77 39.18 -8.00
C PHE C 47 -17.25 38.96 -7.85
N PRO C 48 -18.01 39.05 -8.96
CA PRO C 48 -19.47 38.93 -8.89
C PRO C 48 -19.98 37.49 -8.91
N PHE C 49 -21.14 37.27 -8.30
CA PHE C 49 -21.85 36.02 -8.47
C PHE C 49 -22.76 36.09 -9.67
N VAL C 50 -23.03 34.94 -10.27
CA VAL C 50 -24.01 34.84 -11.34
C VAL C 50 -24.89 33.68 -10.99
N PHE C 51 -26.20 33.89 -10.94
CA PHE C 51 -27.12 32.76 -10.76
C PHE C 51 -27.24 32.00 -12.07
N LYS C 52 -27.10 30.68 -12.02
CA LYS C 52 -27.21 29.89 -13.25
C LYS C 52 -28.61 29.32 -13.42
N SER C 53 -28.99 28.43 -12.51
CA SER C 53 -30.32 27.86 -12.52
C SER C 53 -30.59 26.96 -11.33
N VAL C 54 -31.84 26.58 -11.18
CA VAL C 54 -32.21 25.54 -10.25
C VAL C 54 -32.14 24.26 -11.07
N VAL C 55 -31.31 23.32 -10.63
CA VAL C 55 -31.13 22.06 -11.37
C VAL C 55 -31.86 20.97 -10.63
N THR C 56 -32.54 20.11 -11.38
CA THR C 56 -33.49 19.17 -10.78
C THR C 56 -33.44 17.80 -11.43
N THR C 57 -32.60 17.67 -12.46
CA THR C 57 -32.45 16.40 -13.14
C THR C 57 -30.99 16.15 -13.43
N PRO C 58 -30.63 14.88 -13.69
CA PRO C 58 -29.21 14.57 -13.94
C PRO C 58 -28.67 15.35 -15.13
N GLU C 59 -29.50 15.52 -16.16
CA GLU C 59 -29.01 16.15 -17.38
C GLU C 59 -28.77 17.65 -17.19
N GLU C 60 -29.65 18.31 -16.46
CA GLU C 60 -29.45 19.72 -16.11
C GLU C 60 -28.16 19.87 -15.33
N ILE C 61 -27.99 19.05 -14.29
CA ILE C 61 -26.78 19.06 -13.48
C ILE C 61 -25.53 18.86 -14.32
N ARG C 62 -25.54 17.86 -15.19
CA ARG C 62 -24.38 17.63 -16.03
C ARG C 62 -24.16 18.79 -16.99
N ARG C 63 -25.25 19.41 -17.43
CA ARG C 63 -25.14 20.47 -18.43
C ARG C 63 -24.43 21.69 -17.85
N VAL C 64 -24.84 22.11 -16.66
CA VAL C 64 -24.22 23.27 -16.03
C VAL C 64 -22.73 23.04 -15.71
N CYS C 65 -22.35 21.80 -15.39
CA CYS C 65 -20.93 21.49 -15.17
C CYS C 65 -20.07 21.50 -16.44
N LEU C 66 -20.61 21.00 -17.55
CA LEU C 66 -19.92 21.10 -18.83
C LEU C 66 -19.73 22.57 -19.21
N GLU C 67 -20.80 23.36 -19.03
CA GLU C 67 -20.72 24.80 -19.28
C GLU C 67 -19.65 25.46 -18.41
N ALA C 68 -19.63 25.14 -17.12
CA ALA C 68 -18.64 25.72 -16.22
C ALA C 68 -17.24 25.37 -16.70
N ASN C 69 -17.05 24.13 -17.10
CA ASN C 69 -15.73 23.68 -17.57
C ASN C 69 -15.22 24.48 -18.74
N ALA C 70 -16.15 25.00 -19.54
CA ALA C 70 -15.82 25.62 -20.80
C ALA C 70 -15.82 27.15 -20.75
N SER C 71 -16.37 27.74 -19.70
CA SER C 71 -16.29 29.19 -19.59
C SER C 71 -14.96 29.56 -19.00
N GLU C 72 -14.12 30.22 -19.78
CA GLU C 72 -12.90 30.82 -19.25
C GLU C 72 -13.23 31.81 -18.12
N GLN C 73 -14.42 32.39 -18.15
CA GLN C 73 -14.82 33.34 -17.12
C GLN C 73 -15.13 32.69 -15.78
N CYS C 74 -15.73 31.50 -15.80
CA CYS C 74 -16.11 30.82 -14.56
C CYS C 74 -14.89 30.39 -13.78
N ALA C 75 -14.67 31.00 -12.62
CA ALA C 75 -13.49 30.68 -11.82
C ALA C 75 -13.86 29.68 -10.74
N GLY C 76 -15.15 29.53 -10.47
CA GLY C 76 -15.60 28.58 -9.46
C GLY C 76 -17.09 28.39 -9.45
N VAL C 77 -17.55 27.35 -8.77
CA VAL C 77 -18.97 27.05 -8.74
C VAL C 77 -19.37 26.92 -7.29
N VAL C 78 -20.42 27.62 -6.90
CA VAL C 78 -20.93 27.49 -5.55
C VAL C 78 -22.24 26.72 -5.61
N THR C 79 -22.35 25.63 -4.87
CA THR C 79 -23.56 24.82 -4.95
C THR C 79 -24.31 24.83 -3.64
N TRP C 80 -25.63 24.87 -3.75
CA TRP C 80 -26.47 24.84 -2.56
C TRP C 80 -27.75 24.07 -2.81
N MET C 81 -28.02 23.11 -1.94
CA MET C 81 -29.25 22.32 -2.02
C MET C 81 -30.34 23.00 -1.23
N HIS C 82 -31.21 23.74 -1.93
CA HIS C 82 -32.35 24.39 -1.30
C HIS C 82 -33.31 23.34 -0.75
N THR C 83 -33.58 22.31 -1.53
CA THR C 83 -34.36 21.19 -1.00
C THR C 83 -33.55 19.92 -1.22
N PHE C 84 -34.09 18.82 -0.72
CA PHE C 84 -33.57 17.50 -1.04
C PHE C 84 -33.41 17.46 -2.55
N SER C 85 -32.21 17.11 -2.98
CA SER C 85 -31.91 16.97 -4.39
C SER C 85 -31.11 15.67 -4.50
N PRO C 86 -31.80 14.55 -4.70
CA PRO C 86 -31.20 13.19 -4.69
C PRO C 86 -29.84 13.13 -5.39
N ALA C 87 -28.82 12.68 -4.66
CA ALA C 87 -27.43 12.92 -5.03
C ALA C 87 -26.89 12.05 -6.16
N LYS C 88 -27.57 10.95 -6.47
CA LYS C 88 -27.16 10.17 -7.64
C LYS C 88 -27.30 11.00 -8.93
N MET C 89 -28.24 11.95 -8.93
CA MET C 89 -28.34 12.86 -10.07
C MET C 89 -27.08 13.73 -10.21
N TRP C 90 -26.32 13.89 -9.13
CA TRP C 90 -25.15 14.76 -9.17
C TRP C 90 -23.86 14.08 -9.60
N ILE C 91 -23.87 12.75 -9.60
CA ILE C 91 -22.69 11.99 -9.97
C ILE C 91 -22.13 12.42 -11.34
N GLY C 92 -23.00 12.50 -12.33
CA GLY C 92 -22.59 12.85 -13.67
C GLY C 92 -21.91 14.21 -13.75
N GLY C 93 -22.54 15.23 -13.18
CA GLY C 93 -21.96 16.56 -13.19
C GLY C 93 -20.66 16.66 -12.41
N LEU C 94 -20.65 16.10 -11.19
CA LEU C 94 -19.45 16.09 -10.37
C LEU C 94 -18.31 15.31 -10.99
N LEU C 95 -18.62 14.31 -11.82
CA LEU C 95 -17.55 13.61 -12.53
C LEU C 95 -16.94 14.55 -13.57
N GLU C 96 -17.77 15.39 -14.17
CA GLU C 96 -17.31 16.20 -15.29
C GLU C 96 -16.62 17.51 -14.85
N LEU C 97 -16.98 18.02 -13.69
CA LEU C 97 -16.56 19.35 -13.24
C LEU C 97 -15.07 19.44 -12.92
N ARG C 98 -14.37 20.40 -13.53
CA ARG C 98 -12.96 20.63 -13.24
C ARG C 98 -12.68 22.04 -12.76
N LYS C 99 -13.72 22.83 -12.53
CA LYS C 99 -13.59 24.12 -11.86
C LYS C 99 -13.69 23.93 -10.35
N PRO C 100 -12.98 24.79 -9.56
CA PRO C 100 -13.07 24.68 -8.10
C PRO C 100 -14.51 24.75 -7.63
N LEU C 101 -14.81 23.99 -6.59
CA LEU C 101 -16.19 23.83 -6.13
C LEU C 101 -16.31 24.21 -4.67
N LEU C 102 -17.36 24.95 -4.34
CA LEU C 102 -17.63 25.29 -2.95
C LEU C 102 -19.05 24.91 -2.61
N HIS C 103 -19.20 24.04 -1.62
CA HIS C 103 -20.51 23.66 -1.11
C HIS C 103 -20.96 24.63 -0.02
N LEU C 104 -22.00 25.41 -0.30
CA LEU C 104 -22.55 26.34 0.69
C LEU C 104 -23.74 25.72 1.39
N HIS C 105 -23.56 25.46 2.67
CA HIS C 105 -24.60 24.92 3.51
C HIS C 105 -25.33 26.07 4.19
N THR C 106 -26.41 26.54 3.56
CA THR C 106 -27.11 27.72 4.03
C THR C 106 -28.65 27.51 4.04
N GLN C 107 -29.38 28.60 4.23
CA GLN C 107 -30.83 28.54 4.37
C GLN C 107 -31.30 29.93 4.03
N PHE C 108 -32.44 30.08 3.35
CA PHE C 108 -32.89 31.42 2.98
C PHE C 108 -33.25 32.26 4.21
N ASN C 109 -34.12 31.72 5.05
CA ASN C 109 -34.51 32.40 6.29
C ASN C 109 -33.53 32.13 7.40
N ARG C 110 -33.33 33.12 8.26
CA ARG C 110 -32.40 32.94 9.35
C ARG C 110 -33.07 32.14 10.44
N ASP C 111 -34.32 32.50 10.76
CA ASP C 111 -35.00 31.92 11.92
C ASP C 111 -36.20 31.06 11.56
N ILE C 112 -36.49 30.09 12.42
CA ILE C 112 -37.71 29.29 12.28
C ILE C 112 -38.94 30.15 12.58
N PRO C 113 -39.87 30.24 11.62
CA PRO C 113 -41.16 30.92 11.87
C PRO C 113 -42.09 30.03 12.69
N TRP C 114 -41.89 30.03 14.02
CA TRP C 114 -42.58 29.10 14.91
C TRP C 114 -44.09 29.17 14.77
N ASP C 115 -44.60 30.36 14.48
CA ASP C 115 -46.04 30.57 14.37
C ASP C 115 -46.61 29.83 13.18
N SER C 116 -45.90 29.91 12.06
CA SER C 116 -46.46 29.54 10.78
C SER C 116 -45.87 28.26 10.20
N ILE C 117 -44.78 27.76 10.80
CA ILE C 117 -44.11 26.60 10.23
C ILE C 117 -45.06 25.42 10.09
N ASP C 118 -45.20 24.95 8.85
CA ASP C 118 -46.06 23.82 8.56
C ASP C 118 -45.35 22.93 7.57
N MET C 119 -46.07 21.94 7.04
CA MET C 119 -45.46 20.94 6.17
C MET C 119 -44.94 21.53 4.87
N ASP C 120 -45.61 22.55 4.35
CA ASP C 120 -45.15 23.22 3.13
C ASP C 120 -43.79 23.91 3.34
N PHE C 121 -43.60 24.45 4.54
CA PHE C 121 -42.34 25.07 4.91
C PHE C 121 -41.25 24.00 5.03
N MET C 122 -41.58 22.93 5.75
CA MET C 122 -40.67 21.80 5.99
C MET C 122 -40.17 21.20 4.68
N ASN C 123 -41.02 21.19 3.66
CA ASN C 123 -40.66 20.62 2.38
C ASN C 123 -39.72 21.54 1.60
N LEU C 124 -39.90 22.85 1.81
CA LEU C 124 -39.26 23.85 0.97
C LEU C 124 -37.86 24.22 1.46
N ASN C 125 -37.73 24.41 2.77
CA ASN C 125 -36.51 24.92 3.34
C ASN C 125 -35.79 23.82 4.11
N GLN C 126 -35.33 22.82 3.38
CA GLN C 126 -34.79 21.62 3.99
C GLN C 126 -33.34 21.35 3.59
N SER C 127 -32.57 22.43 3.47
CA SER C 127 -31.12 22.33 3.25
C SER C 127 -30.52 21.52 4.38
N ALA C 128 -31.15 21.60 5.55
CA ALA C 128 -30.72 20.85 6.72
C ALA C 128 -30.50 19.38 6.36
N HIS C 129 -31.33 18.83 5.46
CA HIS C 129 -31.05 17.49 4.99
C HIS C 129 -30.59 17.36 3.54
N GLY C 130 -31.00 18.29 2.69
CA GLY C 130 -30.58 18.27 1.30
C GLY C 130 -29.06 18.36 1.13
N ASP C 131 -28.41 19.16 1.99
CA ASP C 131 -26.96 19.39 1.90
C ASP C 131 -26.14 18.23 2.46
N ARG C 132 -26.75 17.47 3.34
CA ARG C 132 -26.08 16.30 3.91
C ARG C 132 -26.07 15.11 2.93
N GLU C 133 -27.20 14.90 2.25
CA GLU C 133 -27.27 13.88 1.20
C GLU C 133 -26.25 14.22 0.10
N TYR C 134 -26.11 15.50 -0.20
CA TYR C 134 -25.15 15.98 -1.19
C TYR C 134 -23.72 15.87 -0.67
N GLY C 135 -23.55 16.23 0.59
CA GLY C 135 -22.27 16.08 1.26
C GLY C 135 -21.81 14.63 1.20
N PHE C 136 -22.76 13.70 1.30
CA PHE C 136 -22.41 12.29 1.20
C PHE C 136 -21.80 11.93 -0.15
N ILE C 137 -22.40 12.44 -1.23
CA ILE C 137 -21.90 12.05 -2.55
C ILE C 137 -20.52 12.64 -2.78
N GLY C 138 -20.24 13.80 -2.19
CA GLY C 138 -18.93 14.41 -2.31
C GLY C 138 -17.86 13.56 -1.63
N ALA C 139 -18.13 13.15 -0.40
CA ALA C 139 -17.24 12.25 0.33
C ALA C 139 -17.08 10.93 -0.41
N ARG C 140 -18.19 10.41 -0.90
CA ARG C 140 -18.23 9.12 -1.58
C ARG C 140 -17.35 9.11 -2.83
N MET C 141 -17.32 10.22 -3.56
CA MET C 141 -16.55 10.34 -4.77
C MET C 141 -15.16 10.95 -4.56
N GLY C 142 -14.83 11.32 -3.33
CA GLY C 142 -13.53 11.89 -3.04
C GLY C 142 -13.31 13.23 -3.71
N VAL C 143 -14.38 14.01 -3.83
CA VAL C 143 -14.32 15.31 -4.46
C VAL C 143 -13.53 16.31 -3.59
N ALA C 144 -12.65 17.09 -4.22
CA ALA C 144 -12.05 18.24 -3.55
C ALA C 144 -13.11 19.34 -3.43
N ARG C 145 -13.31 19.85 -2.22
CA ARG C 145 -14.41 20.78 -1.98
C ARG C 145 -14.16 21.56 -0.71
N LYS C 146 -14.58 22.82 -0.75
CA LYS C 146 -14.62 23.69 0.40
C LYS C 146 -16.06 23.67 0.89
N VAL C 147 -16.26 23.57 2.19
CA VAL C 147 -17.60 23.56 2.75
C VAL C 147 -17.80 24.73 3.69
N VAL C 148 -18.80 25.56 3.42
CA VAL C 148 -19.09 26.73 4.25
C VAL C 148 -20.49 26.63 4.82
N VAL C 149 -20.58 26.69 6.14
CA VAL C 149 -21.85 26.55 6.83
C VAL C 149 -22.30 27.88 7.44
N GLY C 150 -23.55 28.27 7.18
CA GLY C 150 -24.08 29.45 7.83
C GLY C 150 -25.16 30.16 7.04
N HIS C 151 -25.82 31.12 7.67
CA HIS C 151 -26.82 31.90 6.99
C HIS C 151 -26.13 32.85 6.00
N TRP C 152 -26.75 33.05 4.83
CA TRP C 152 -26.11 33.80 3.75
C TRP C 152 -25.98 35.30 4.00
N GLU C 153 -26.60 35.80 5.07
CA GLU C 153 -26.47 37.21 5.41
C GLU C 153 -25.40 37.47 6.47
N ASP C 154 -25.03 36.41 7.18
CA ASP C 154 -23.91 36.40 8.11
C ASP C 154 -22.58 36.88 7.43
N PRO C 155 -21.98 37.97 7.95
CA PRO C 155 -20.73 38.52 7.40
C PRO C 155 -19.53 37.55 7.46
N GLU C 156 -19.53 36.66 8.44
CA GLU C 156 -18.44 35.70 8.54
C GLU C 156 -18.49 34.69 7.39
N VAL C 157 -19.70 34.25 7.05
CA VAL C 157 -19.92 33.39 5.89
C VAL C 157 -19.50 34.07 4.59
N ARG C 158 -19.90 35.33 4.42
CA ARG C 158 -19.56 36.08 3.24
C ARG C 158 -18.05 36.30 3.14
N GLU C 159 -17.41 36.51 4.30
CA GLU C 159 -15.97 36.66 4.35
C GLU C 159 -15.24 35.40 3.88
N ARG C 160 -15.72 34.24 4.29
CA ARG C 160 -15.09 33.00 3.88
C ARG C 160 -15.23 32.82 2.37
N LEU C 161 -16.44 33.07 1.86
CA LEU C 161 -16.69 33.02 0.41
C LEU C 161 -15.77 33.93 -0.35
N ALA C 162 -15.68 35.19 0.09
CA ALA C 162 -14.84 36.16 -0.58
C ALA C 162 -13.37 35.75 -0.61
N LYS C 163 -12.88 35.16 0.47
CA LYS C 163 -11.47 34.75 0.53
C LYS C 163 -11.22 33.60 -0.42
N TRP C 164 -12.17 32.67 -0.46
CA TRP C 164 -12.10 31.52 -1.33
C TRP C 164 -12.15 31.94 -2.81
N MET C 165 -12.90 33.00 -3.13
CA MET C 165 -12.95 33.53 -4.48
C MET C 165 -11.58 33.96 -4.99
N ARG C 166 -10.79 34.55 -4.12
CA ARG C 166 -9.45 34.95 -4.52
C ARG C 166 -8.60 33.70 -4.72
N THR C 167 -8.83 32.69 -3.87
CA THR C 167 -8.06 31.47 -3.96
C THR C 167 -8.38 30.79 -5.29
N ALA C 168 -9.67 30.66 -5.57
CA ALA C 168 -10.16 30.11 -6.82
C ALA C 168 -9.62 30.83 -8.07
N VAL C 169 -9.57 32.17 -8.02
CA VAL C 169 -9.04 32.93 -9.14
C VAL C 169 -7.52 32.69 -9.27
N ALA C 170 -6.82 32.63 -8.14
CA ALA C 170 -5.43 32.23 -8.14
C ALA C 170 -5.25 30.88 -8.83
N PHE C 171 -6.18 29.98 -8.58
CA PHE C 171 -6.12 28.66 -9.19
C PHE C 171 -6.41 28.70 -10.70
N ALA C 172 -7.34 29.55 -11.13
CA ALA C 172 -7.56 29.77 -12.56
C ALA C 172 -6.32 30.39 -13.19
N GLU C 173 -5.74 31.37 -12.51
CA GLU C 173 -4.49 31.91 -13.02
C GLU C 173 -3.39 30.83 -13.10
N SER C 174 -3.37 29.92 -12.12
CA SER C 174 -2.35 28.88 -12.05
C SER C 174 -2.45 27.93 -13.24
N ARG C 175 -3.68 27.63 -13.63
CA ARG C 175 -3.92 26.70 -14.71
C ARG C 175 -3.46 27.24 -16.06
N ASN C 176 -3.21 28.53 -16.15
CA ASN C 176 -2.76 29.11 -17.40
C ASN C 176 -1.46 29.87 -17.23
N LEU C 177 -0.77 29.59 -16.14
CA LEU C 177 0.46 30.29 -15.83
C LEU C 177 1.65 29.88 -16.70
N LYS C 178 2.35 30.88 -17.25
CA LYS C 178 3.54 30.63 -18.05
C LYS C 178 4.79 31.28 -17.44
N VAL C 179 5.81 30.46 -17.23
CA VAL C 179 7.07 30.92 -16.66
C VAL C 179 8.13 30.86 -17.73
N ALA C 180 8.87 31.96 -17.90
CA ALA C 180 10.07 31.99 -18.75
C ALA C 180 11.31 31.90 -17.91
N ARG C 181 12.19 30.96 -18.23
CA ARG C 181 13.47 30.86 -17.55
C ARG C 181 14.58 31.38 -18.43
N PHE C 182 15.33 32.33 -17.91
CA PHE C 182 16.51 32.80 -18.59
C PHE C 182 17.69 32.12 -17.91
N GLY C 183 18.19 31.07 -18.54
CA GLY C 183 19.25 30.27 -17.94
C GLY C 183 18.70 29.16 -17.07
N ASP C 184 19.53 28.16 -16.79
CA ASP C 184 19.14 26.99 -16.01
C ASP C 184 19.21 27.27 -14.49
N ASN C 185 18.98 26.24 -13.67
CA ASN C 185 19.17 26.34 -12.22
C ASN C 185 20.61 26.67 -11.84
N MET C 186 20.80 27.34 -10.70
CA MET C 186 22.13 27.52 -10.14
C MET C 186 22.73 26.13 -9.98
N ARG C 187 23.95 25.96 -10.48
CA ARG C 187 24.57 24.65 -10.51
C ARG C 187 24.73 24.04 -9.11
N GLU C 188 24.47 22.74 -9.04
CA GLU C 188 24.60 21.96 -7.82
C GLU C 188 23.49 22.16 -6.79
N VAL C 189 22.58 23.12 -7.02
CA VAL C 189 21.48 23.34 -6.08
C VAL C 189 20.34 22.33 -6.25
N ALA C 190 19.80 21.86 -5.13
CA ALA C 190 18.80 20.79 -5.15
C ALA C 190 17.35 21.25 -5.07
N VAL C 191 17.04 22.15 -4.15
CA VAL C 191 15.65 22.44 -3.84
C VAL C 191 14.91 23.20 -4.96
N THR C 192 15.66 23.94 -5.78
CA THR C 192 15.05 24.70 -6.87
C THR C 192 14.86 23.83 -8.09
N GLU C 193 15.41 22.62 -8.02
CA GLU C 193 15.23 21.65 -9.07
C GLU C 193 13.87 20.99 -8.89
N GLY C 194 13.35 20.36 -9.93
CA GLY C 194 12.14 19.56 -9.78
C GLY C 194 11.63 19.05 -11.09
N ASP C 195 10.48 18.40 -11.07
CA ASP C 195 9.88 17.85 -12.27
C ASP C 195 8.86 18.82 -12.88
N LYS C 196 9.22 19.43 -14.00
CA LYS C 196 8.35 20.39 -14.66
C LYS C 196 7.09 19.76 -15.26
N VAL C 197 7.23 18.61 -15.88
CA VAL C 197 6.08 17.87 -16.37
C VAL C 197 5.14 17.53 -15.22
N GLY C 198 5.69 17.03 -14.12
CA GLY C 198 4.92 16.83 -12.91
C GLY C 198 4.16 18.08 -12.48
N ALA C 199 4.81 19.24 -12.56
CA ALA C 199 4.14 20.49 -12.14
C ALA C 199 3.03 20.94 -13.11
N GLN C 200 3.24 20.78 -14.41
CA GLN C 200 2.19 21.14 -15.38
C GLN C 200 0.97 20.23 -15.18
N ILE C 201 1.21 18.97 -14.85
CA ILE C 201 0.12 18.03 -14.56
C ILE C 201 -0.61 18.49 -13.30
N GLN C 202 0.13 18.79 -12.23
CA GLN C 202 -0.50 19.09 -10.95
C GLN C 202 -1.13 20.49 -10.89
N PHE C 203 -0.45 21.48 -11.46
CA PHE C 203 -0.86 22.88 -11.25
C PHE C 203 -1.28 23.55 -12.53
N GLY C 204 -0.88 22.98 -13.66
CA GLY C 204 -1.17 23.58 -14.94
C GLY C 204 -0.03 24.46 -15.44
N TRP C 205 0.95 24.72 -14.59
CA TRP C 205 2.05 25.65 -14.94
C TRP C 205 2.84 25.23 -16.18
N SER C 206 3.15 26.21 -17.01
CA SER C 206 3.96 25.97 -18.17
C SER C 206 5.29 26.69 -17.99
N VAL C 207 6.38 25.93 -18.03
CA VAL C 207 7.68 26.44 -17.63
C VAL C 207 8.66 26.06 -18.71
N ASN C 208 9.16 27.05 -19.45
CA ASN C 208 10.10 26.75 -20.52
C ASN C 208 11.34 27.62 -20.56
N GLY C 209 12.40 27.08 -21.15
CA GLY C 209 13.70 27.69 -21.07
C GLY C 209 14.10 28.53 -22.26
N TYR C 210 14.68 29.69 -21.98
CA TYR C 210 15.16 30.60 -23.02
C TYR C 210 16.61 30.99 -22.76
N GLY C 211 17.44 30.98 -23.80
CA GLY C 211 18.79 31.48 -23.65
C GLY C 211 18.77 32.91 -23.16
N ILE C 212 19.76 33.31 -22.37
CA ILE C 212 19.90 34.70 -21.94
C ILE C 212 19.98 35.62 -23.17
N GLY C 213 20.47 35.07 -24.28
CA GLY C 213 20.60 35.81 -25.51
C GLY C 213 19.29 36.23 -26.16
N ASP C 214 18.19 35.55 -25.84
CA ASP C 214 16.90 35.98 -26.37
C ASP C 214 16.49 37.28 -25.67
N LEU C 215 16.80 37.39 -24.38
CA LEU C 215 16.46 38.59 -23.64
C LEU C 215 17.35 39.77 -24.06
N VAL C 216 18.63 39.48 -24.26
CA VAL C 216 19.61 40.51 -24.63
C VAL C 216 19.18 41.23 -25.91
N GLN C 217 18.68 40.47 -26.88
CA GLN C 217 18.08 41.05 -28.08
C GLN C 217 16.91 42.00 -27.81
N TYR C 218 16.02 41.64 -26.90
CA TYR C 218 14.91 42.54 -26.56
C TYR C 218 15.46 43.79 -25.92
N ILE C 219 16.51 43.63 -25.12
CA ILE C 219 17.09 44.76 -24.41
C ILE C 219 17.79 45.69 -25.40
N ARG C 220 18.45 45.11 -26.39
CA ARG C 220 19.11 45.92 -27.42
C ARG C 220 18.14 46.72 -28.28
N ASP C 221 16.92 46.21 -28.48
CA ASP C 221 15.90 46.93 -29.26
C ASP C 221 15.09 47.96 -28.45
N VAL C 222 15.44 48.18 -27.20
CA VAL C 222 14.67 49.12 -26.37
C VAL C 222 14.88 50.56 -26.84
N SER C 223 13.78 51.29 -27.00
CA SER C 223 13.83 52.71 -27.35
C SER C 223 14.53 53.54 -26.27
N GLU C 224 15.55 54.27 -26.69
CA GLU C 224 16.30 55.14 -25.79
C GLU C 224 15.43 56.27 -25.22
N GLN C 225 14.49 56.74 -26.02
CA GLN C 225 13.50 57.70 -25.53
C GLN C 225 12.74 57.12 -24.36
N LYS C 226 12.24 55.89 -24.52
CA LYS C 226 11.43 55.25 -23.50
C LYS C 226 12.20 54.99 -22.22
N VAL C 227 13.49 54.74 -22.35
CA VAL C 227 14.39 54.65 -21.20
C VAL C 227 14.33 55.92 -20.35
N ASN C 228 14.56 57.06 -20.99
CA ASN C 228 14.59 58.34 -20.30
C ASN C 228 13.24 58.73 -19.71
N GLU C 229 12.18 58.24 -20.34
CA GLU C 229 10.85 58.35 -19.77
C GLU C 229 10.76 57.56 -18.48
N LEU C 230 11.31 56.35 -18.50
CA LEU C 230 11.30 55.48 -17.33
C LEU C 230 12.16 56.06 -16.22
N LEU C 231 13.28 56.67 -16.58
CA LEU C 231 14.09 57.42 -15.62
C LEU C 231 13.32 58.55 -14.94
N ASP C 232 12.53 59.30 -15.72
CA ASP C 232 11.71 60.36 -15.15
C ASP C 232 10.71 59.81 -14.14
N GLU C 233 10.18 58.62 -14.44
CA GLU C 233 9.28 57.93 -13.54
C GLU C 233 9.98 57.48 -12.24
N TYR C 234 11.20 56.96 -12.35
CA TYR C 234 11.99 56.61 -11.18
C TYR C 234 12.12 57.81 -10.26
N GLU C 235 12.60 58.92 -10.83
CA GLU C 235 12.83 60.15 -10.07
C GLU C 235 11.57 60.60 -9.34
N GLU C 236 10.42 60.44 -9.99
CA GLU C 236 9.12 60.78 -9.41
C GLU C 236 8.72 59.88 -8.24
N LEU C 237 9.03 58.59 -8.33
CA LEU C 237 8.51 57.58 -7.41
C LEU C 237 9.41 57.29 -6.21
N TYR C 238 10.71 57.24 -6.48
CA TYR C 238 11.70 56.82 -5.49
C TYR C 238 12.64 57.97 -5.17
N ASP C 239 13.47 57.79 -4.15
CA ASP C 239 14.59 58.68 -3.93
C ASP C 239 15.80 58.15 -4.65
N ILE C 240 16.49 59.01 -5.39
CA ILE C 240 17.70 58.62 -6.08
C ILE C 240 18.89 59.10 -5.27
N VAL C 241 19.96 58.30 -5.21
CA VAL C 241 21.19 58.81 -4.61
C VAL C 241 21.64 60.00 -5.44
N PRO C 242 22.00 61.10 -4.76
CA PRO C 242 22.46 62.37 -5.32
C PRO C 242 23.39 62.20 -6.51
N ALA C 243 24.33 61.26 -6.42
CA ALA C 243 25.22 60.97 -7.54
C ALA C 243 24.46 60.57 -8.81
N GLY C 244 23.26 60.02 -8.63
CA GLY C 244 22.47 59.59 -9.77
C GLY C 244 21.48 60.62 -10.27
N ARG C 245 21.35 61.72 -9.53
CA ARG C 245 20.37 62.77 -9.87
C ARG C 245 20.79 63.57 -11.09
N GLN C 246 22.08 63.58 -11.38
CA GLN C 246 22.59 64.19 -12.60
C GLN C 246 23.52 63.23 -13.33
N GLU C 247 23.98 63.63 -14.51
CA GLU C 247 24.72 62.74 -15.40
C GLU C 247 25.99 62.18 -14.79
N GLY C 248 26.50 61.11 -15.38
CA GLY C 248 27.66 60.40 -14.87
C GLY C 248 27.48 58.90 -14.79
N PRO C 249 28.46 58.19 -14.21
CA PRO C 249 28.48 56.73 -14.11
C PRO C 249 27.27 56.12 -13.39
N VAL C 250 26.87 56.66 -12.24
CA VAL C 250 25.83 55.99 -11.46
C VAL C 250 24.43 56.26 -11.99
N ARG C 251 24.27 57.36 -12.72
CA ARG C 251 23.01 57.55 -13.42
C ARG C 251 22.94 56.57 -14.58
N GLU C 252 24.09 56.31 -15.19
CA GLU C 252 24.19 55.37 -16.30
C GLU C 252 23.88 53.92 -15.85
N SER C 253 24.29 53.58 -14.63
CA SER C 253 23.99 52.27 -14.08
C SER C 253 22.47 52.11 -13.86
N ILE C 254 21.82 53.17 -13.40
CA ILE C 254 20.36 53.22 -13.30
C ILE C 254 19.67 53.09 -14.67
N ARG C 255 20.27 53.68 -15.70
CA ARG C 255 19.74 53.60 -17.07
C ARG C 255 19.77 52.17 -17.62
N GLU C 256 20.83 51.44 -17.27
CA GLU C 256 20.97 50.08 -17.74
C GLU C 256 19.84 49.21 -17.19
N GLN C 257 19.50 49.38 -15.92
CA GLN C 257 18.39 48.63 -15.33
C GLN C 257 17.05 49.03 -15.95
N ALA C 258 16.95 50.26 -16.44
CA ALA C 258 15.72 50.70 -17.11
C ALA C 258 15.59 50.04 -18.47
N ARG C 259 16.70 49.93 -19.19
CA ARG C 259 16.72 49.15 -20.43
C ARG C 259 16.31 47.71 -20.16
N ILE C 260 16.96 47.10 -19.17
CA ILE C 260 16.66 45.74 -18.75
C ILE C 260 15.18 45.59 -18.40
N GLU C 261 14.63 46.57 -17.68
CA GLU C 261 13.22 46.50 -17.30
C GLU C 261 12.29 46.54 -18.50
N LEU C 262 12.58 47.43 -19.43
CA LEU C 262 11.76 47.57 -20.61
C LEU C 262 11.81 46.33 -21.52
N GLY C 263 13.02 45.83 -21.78
CA GLY C 263 13.20 44.64 -22.59
C GLY C 263 12.59 43.40 -21.96
N LEU C 264 12.60 43.34 -20.63
CA LEU C 264 12.02 42.21 -19.90
C LEU C 264 10.52 42.28 -20.09
N LYS C 265 9.97 43.48 -19.93
CA LYS C 265 8.54 43.72 -20.17
C LYS C 265 8.08 43.28 -21.56
N ALA C 266 8.83 43.69 -22.57
CA ALA C 266 8.46 43.40 -23.95
C ALA C 266 8.43 41.90 -24.15
N PHE C 267 9.47 41.23 -23.66
CA PHE C 267 9.56 39.78 -23.77
C PHE C 267 8.37 39.09 -23.08
N LEU C 268 8.19 39.40 -21.80
CA LEU C 268 7.15 38.76 -21.00
C LEU C 268 5.77 38.99 -21.62
N GLN C 269 5.52 40.22 -22.04
CA GLN C 269 4.26 40.57 -22.70
C GLN C 269 4.06 39.86 -24.05
N ASP C 270 5.13 39.75 -24.84
CA ASP C 270 5.02 39.02 -26.11
C ASP C 270 4.64 37.55 -25.97
N GLY C 271 5.05 36.91 -24.87
CA GLY C 271 4.75 35.50 -24.69
C GLY C 271 3.69 35.23 -23.63
N ASN C 272 3.09 36.30 -23.13
CA ASN C 272 2.08 36.20 -22.09
C ASN C 272 2.60 35.47 -20.84
N PHE C 273 3.88 35.68 -20.55
CA PHE C 273 4.46 35.12 -19.35
C PHE C 273 4.05 35.96 -18.16
N THR C 274 3.74 35.30 -17.07
CA THR C 274 3.29 35.99 -15.87
C THR C 274 4.27 35.77 -14.69
N ALA C 275 5.34 35.01 -14.98
CA ALA C 275 6.43 34.79 -14.01
C ALA C 275 7.72 34.48 -14.76
N PHE C 276 8.86 34.69 -14.11
CA PHE C 276 10.15 34.45 -14.77
C PHE C 276 11.29 34.19 -13.79
N THR C 277 12.44 33.73 -14.30
CA THR C 277 13.59 33.46 -13.45
C THR C 277 14.87 33.90 -14.15
N THR C 278 15.89 34.22 -13.35
CA THR C 278 17.22 34.53 -13.87
C THR C 278 18.26 33.75 -13.07
N THR C 279 19.49 33.71 -13.59
CA THR C 279 20.59 33.10 -12.89
C THR C 279 21.84 33.94 -13.04
N PHE C 280 22.53 34.19 -11.94
CA PHE C 280 23.74 34.98 -11.99
C PHE C 280 24.86 34.22 -12.67
N GLU C 281 24.68 32.93 -12.90
CA GLU C 281 25.67 32.11 -13.57
C GLU C 281 25.62 32.18 -15.09
N ASP C 282 24.54 32.77 -15.63
CA ASP C 282 24.36 32.89 -17.08
C ASP C 282 23.90 34.31 -17.43
N LEU C 283 24.86 35.22 -17.62
CA LEU C 283 24.52 36.61 -17.88
C LEU C 283 25.27 37.16 -19.09
N HIS C 284 25.64 36.28 -20.02
CA HIS C 284 26.33 36.72 -21.22
C HIS C 284 25.56 37.78 -22.00
N GLY C 285 26.23 38.89 -22.32
CA GLY C 285 25.62 39.97 -23.07
C GLY C 285 24.83 40.92 -22.18
N MET C 286 24.71 40.59 -20.90
CA MET C 286 24.10 41.51 -19.95
C MET C 286 25.22 42.31 -19.31
N LYS C 287 24.93 43.54 -18.93
CA LYS C 287 25.91 44.39 -18.27
C LYS C 287 25.78 44.32 -16.74
N GLN C 288 24.57 44.08 -16.26
CA GLN C 288 24.33 43.86 -14.83
C GLN C 288 23.40 42.69 -14.65
N LEU C 289 23.44 42.11 -13.46
CA LEU C 289 22.40 41.20 -13.03
C LEU C 289 21.14 42.05 -12.87
N PRO C 290 20.00 41.58 -13.39
CA PRO C 290 18.75 42.33 -13.19
C PRO C 290 18.38 42.47 -11.71
N GLY C 291 18.05 43.70 -11.31
CA GLY C 291 17.85 44.04 -9.91
C GLY C 291 16.71 45.02 -9.77
N LEU C 292 17.00 46.31 -9.95
CA LEU C 292 15.94 47.32 -9.96
C LEU C 292 14.83 46.94 -10.95
N ALA C 293 15.23 46.51 -12.15
CA ALA C 293 14.32 45.93 -13.14
C ALA C 293 13.36 44.88 -12.54
N VAL C 294 13.93 43.88 -11.87
CA VAL C 294 13.12 42.79 -11.33
C VAL C 294 12.18 43.23 -10.20
N GLN C 295 12.66 44.12 -9.32
CA GLN C 295 11.84 44.62 -8.23
C GLN C 295 10.62 45.37 -8.76
N ARG C 296 10.80 46.06 -9.88
CA ARG C 296 9.70 46.79 -10.47
C ARG C 296 8.64 45.88 -11.09
N LEU C 297 9.07 44.82 -11.77
CA LEU C 297 8.13 43.87 -12.37
C LEU C 297 7.39 43.12 -11.26
N MET C 298 8.10 42.79 -10.19
CA MET C 298 7.48 42.18 -9.03
C MET C 298 6.40 43.08 -8.48
N ALA C 299 6.65 44.39 -8.48
CA ALA C 299 5.68 45.34 -7.93
C ALA C 299 4.42 45.37 -8.76
N GLU C 300 4.56 45.09 -10.06
CA GLU C 300 3.38 45.02 -10.92
C GLU C 300 2.69 43.68 -10.83
N GLY C 301 3.22 42.75 -10.05
CA GLY C 301 2.58 41.47 -9.85
C GLY C 301 3.19 40.31 -10.60
N TYR C 302 4.35 40.51 -11.21
CA TYR C 302 5.03 39.37 -11.81
C TYR C 302 5.56 38.45 -10.73
N GLY C 303 5.57 37.16 -11.03
CA GLY C 303 6.24 36.19 -10.19
C GLY C 303 7.69 36.15 -10.58
N PHE C 304 8.57 35.93 -9.60
CA PHE C 304 10.00 35.85 -9.83
C PHE C 304 10.68 34.90 -8.84
N GLY C 305 11.67 34.16 -9.34
CA GLY C 305 12.56 33.37 -8.52
C GLY C 305 13.98 33.56 -8.98
N GLY C 306 14.90 33.79 -8.04
CA GLY C 306 16.31 33.89 -8.38
C GLY C 306 16.89 32.51 -8.66
N GLU C 307 18.03 32.48 -9.34
CA GLU C 307 18.76 31.24 -9.58
C GLU C 307 17.93 30.13 -10.23
N GLY C 308 17.13 30.51 -11.23
CA GLY C 308 16.35 29.56 -12.01
C GLY C 308 15.22 28.87 -11.26
N ASP C 309 14.83 29.45 -10.13
CA ASP C 309 13.82 28.86 -9.25
C ASP C 309 12.39 29.08 -9.75
N TRP C 310 11.95 28.23 -10.67
CA TRP C 310 10.63 28.37 -11.26
C TRP C 310 9.48 28.05 -10.30
N LYS C 311 9.69 27.13 -9.36
CA LYS C 311 8.65 26.82 -8.39
C LYS C 311 8.24 28.05 -7.56
N THR C 312 9.21 28.76 -7.00
CA THR C 312 8.92 29.96 -6.20
C THR C 312 8.34 31.08 -7.06
N ALA C 313 8.84 31.22 -8.28
CA ALA C 313 8.34 32.22 -9.23
C ALA C 313 6.85 32.03 -9.46
N ALA C 314 6.45 30.81 -9.80
CA ALA C 314 5.04 30.48 -9.96
C ALA C 314 4.28 30.79 -8.68
N LEU C 315 4.84 30.35 -7.55
CA LEU C 315 4.19 30.54 -6.26
C LEU C 315 4.04 32.02 -5.93
N VAL C 316 5.07 32.82 -6.23
CA VAL C 316 4.98 34.26 -5.98
C VAL C 316 3.85 34.87 -6.81
N ARG C 317 3.79 34.50 -8.08
CA ARG C 317 2.76 35.01 -8.96
C ARG C 317 1.38 34.63 -8.44
N LEU C 318 1.20 33.37 -8.08
CA LEU C 318 -0.13 32.97 -7.67
C LEU C 318 -0.54 33.50 -6.28
N MET C 319 0.44 33.74 -5.40
CA MET C 319 0.15 34.45 -4.14
C MET C 319 -0.20 35.93 -4.37
N LYS C 320 0.39 36.54 -5.40
CA LYS C 320 -0.01 37.89 -5.81
C LYS C 320 -1.52 37.94 -6.16
N VAL C 321 -2.01 36.93 -6.87
CA VAL C 321 -3.43 36.88 -7.24
C VAL C 321 -4.32 36.68 -6.03
N MET C 322 -3.91 35.77 -5.13
CA MET C 322 -4.64 35.48 -3.89
C MET C 322 -4.69 36.69 -2.98
N ALA C 323 -3.66 37.52 -3.11
CA ALA C 323 -3.45 38.64 -2.20
C ALA C 323 -4.67 39.56 -2.05
N ASP C 324 -4.92 39.94 -0.81
CA ASP C 324 -6.03 40.79 -0.41
C ASP C 324 -5.59 42.25 -0.43
N GLY C 325 -4.30 42.48 -0.59
CA GLY C 325 -3.75 43.81 -0.47
C GLY C 325 -2.29 43.87 -0.89
N LYS C 326 -1.65 45.00 -0.59
CA LYS C 326 -0.26 45.23 -0.92
C LYS C 326 0.66 44.37 -0.05
N GLY C 327 1.80 43.95 -0.60
CA GLY C 327 2.80 43.32 0.24
C GLY C 327 3.04 41.84 -0.03
N THR C 328 3.58 41.55 -1.21
CA THR C 328 3.92 40.19 -1.60
C THR C 328 5.26 40.21 -2.30
N SER C 329 6.17 39.33 -1.88
CA SER C 329 7.49 39.34 -2.48
C SER C 329 8.14 37.97 -2.50
N PHE C 330 8.96 37.74 -3.52
CA PHE C 330 10.01 36.75 -3.42
C PHE C 330 10.87 37.09 -2.20
N MET C 331 11.43 36.09 -1.53
CA MET C 331 12.16 36.31 -0.29
C MET C 331 13.17 35.20 -0.01
N GLU C 332 14.19 35.51 0.78
CA GLU C 332 15.15 34.52 1.25
C GLU C 332 15.58 34.84 2.70
N ASP C 333 15.59 33.83 3.57
CA ASP C 333 16.14 34.00 4.93
C ASP C 333 17.62 34.28 4.77
N TYR C 334 18.09 35.43 5.25
CA TYR C 334 19.52 35.67 5.12
C TYR C 334 20.33 35.42 6.40
N THR C 335 19.93 36.04 7.51
CA THR C 335 20.75 35.91 8.70
C THR C 335 19.88 36.02 9.93
N TYR C 336 20.37 35.49 11.06
CA TYR C 336 19.57 35.47 12.27
C TYR C 336 20.02 36.49 13.31
N HIS C 337 19.09 36.83 14.20
CA HIS C 337 19.36 37.60 15.41
C HIS C 337 18.94 36.72 16.59
N PHE C 338 19.91 36.25 17.37
CA PHE C 338 19.65 35.29 18.44
C PHE C 338 19.57 35.93 19.81
N GLU C 339 19.45 37.24 19.88
CA GLU C 339 19.38 37.92 21.17
C GLU C 339 18.17 37.43 21.96
N PRO C 340 18.42 36.81 23.13
CA PRO C 340 17.34 36.17 23.91
C PRO C 340 16.17 37.13 24.14
N GLY C 341 14.96 36.66 23.90
CA GLY C 341 13.78 37.49 24.04
C GLY C 341 13.62 38.49 22.92
N ASN C 342 14.45 38.37 21.91
CA ASN C 342 14.26 39.22 20.75
C ASN C 342 14.77 38.53 19.50
N GLU C 343 14.48 37.23 19.39
CA GLU C 343 14.96 36.48 18.25
C GLU C 343 14.21 36.83 16.96
N LEU C 344 14.94 37.01 15.87
CA LEU C 344 14.30 37.32 14.61
C LEU C 344 15.10 36.88 13.38
N ILE C 345 14.46 36.96 12.22
CA ILE C 345 15.12 36.68 10.96
C ILE C 345 15.25 37.95 10.15
N LEU C 346 16.41 38.15 9.54
CA LEU C 346 16.56 39.18 8.53
C LEU C 346 16.44 38.47 7.19
N GLY C 347 15.48 38.91 6.38
CA GLY C 347 15.29 38.36 5.04
C GLY C 347 15.59 39.38 3.96
N ALA C 348 16.11 38.89 2.82
CA ALA C 348 16.53 39.72 1.70
C ALA C 348 16.84 38.86 0.46
N HIS C 349 17.41 39.47 -0.57
CA HIS C 349 18.07 38.74 -1.65
C HIS C 349 19.23 39.59 -2.21
N MET C 350 19.99 39.03 -3.16
CA MET C 350 21.10 39.76 -3.78
C MET C 350 20.72 41.17 -4.17
N LEU C 351 19.50 41.34 -4.66
CA LEU C 351 19.01 42.62 -5.14
C LEU C 351 17.48 42.62 -5.12
N GLU C 352 16.89 41.45 -5.37
CA GLU C 352 15.50 41.35 -5.82
C GLU C 352 14.47 41.19 -4.71
N VAL C 353 14.04 42.31 -4.14
CA VAL C 353 13.03 42.32 -3.09
C VAL C 353 11.96 43.30 -3.51
N CYS C 354 10.70 42.88 -3.45
CA CYS C 354 9.62 43.70 -3.96
C CYS C 354 9.29 44.92 -3.07
N PRO C 355 9.28 46.12 -3.68
CA PRO C 355 8.99 47.34 -2.92
C PRO C 355 7.57 47.42 -2.38
N THR C 356 6.67 46.49 -2.68
CA THR C 356 5.34 46.54 -2.07
C THR C 356 5.36 46.17 -0.59
N ILE C 357 6.42 45.54 -0.13
CA ILE C 357 6.54 45.26 1.30
C ILE C 357 7.16 46.43 2.07
N ALA C 358 7.60 47.48 1.35
CA ALA C 358 8.31 48.61 1.95
C ALA C 358 7.50 49.41 2.98
N ALA C 359 8.17 49.87 4.02
CA ALA C 359 7.56 50.72 5.04
C ALA C 359 8.06 52.13 4.83
N THR C 360 9.17 52.23 4.10
CA THR C 360 9.78 53.51 3.79
C THR C 360 9.80 53.71 2.28
N ARG C 361 10.06 54.94 1.85
CA ARG C 361 10.15 55.22 0.43
C ARG C 361 11.45 54.65 -0.10
N PRO C 362 11.36 53.78 -1.11
CA PRO C 362 12.54 53.12 -1.70
C PRO C 362 13.54 54.12 -2.26
N ARG C 363 14.82 53.76 -2.17
CA ARG C 363 15.89 54.59 -2.68
C ARG C 363 16.60 53.83 -3.78
N VAL C 364 16.81 54.46 -4.93
CA VAL C 364 17.65 53.85 -5.95
C VAL C 364 19.09 54.03 -5.54
N GLU C 365 19.81 52.92 -5.40
CA GLU C 365 21.21 52.95 -5.03
C GLU C 365 22.00 52.06 -5.97
N VAL C 366 23.29 52.34 -6.07
CA VAL C 366 24.18 51.57 -6.92
C VAL C 366 25.37 51.17 -6.08
N HIS C 367 25.61 49.87 -6.00
CA HIS C 367 26.69 49.32 -5.19
C HIS C 367 27.31 48.17 -5.96
N PRO C 368 28.58 47.89 -5.69
CA PRO C 368 29.19 46.73 -6.33
C PRO C 368 28.54 45.42 -5.90
N LEU C 369 28.48 44.47 -6.82
CA LEU C 369 28.05 43.12 -6.51
C LEU C 369 28.95 42.15 -7.27
N SER C 370 29.72 41.37 -6.52
CA SER C 370 30.68 40.47 -7.13
C SER C 370 30.02 39.21 -7.71
N ILE C 371 28.95 38.76 -7.07
CA ILE C 371 28.21 37.59 -7.55
C ILE C 371 27.71 37.83 -8.96
N GLY C 372 28.17 36.99 -9.89
CA GLY C 372 27.82 37.16 -11.30
C GLY C 372 28.89 37.91 -12.08
N GLY C 373 29.70 38.69 -11.37
CA GLY C 373 30.85 39.36 -11.99
C GLY C 373 30.49 40.39 -13.04
N LYS C 374 29.34 41.03 -12.89
CA LYS C 374 28.96 42.08 -13.81
C LYS C 374 29.13 43.44 -13.15
N GLU C 375 28.63 44.48 -13.82
CA GLU C 375 28.77 45.84 -13.32
C GLU C 375 27.85 46.15 -12.15
N ASP C 376 28.26 47.11 -11.33
CA ASP C 376 27.50 47.54 -10.16
C ASP C 376 26.05 47.81 -10.52
N PRO C 377 25.15 46.96 -10.04
CA PRO C 377 23.74 47.07 -10.41
C PRO C 377 22.98 48.11 -9.58
N ALA C 378 22.00 48.75 -10.20
CA ALA C 378 21.11 49.64 -9.48
C ALA C 378 20.02 48.79 -8.83
N ARG C 379 19.56 49.19 -7.65
CA ARG C 379 18.47 48.49 -6.97
C ARG C 379 17.71 49.45 -6.05
N LEU C 380 16.54 49.03 -5.57
CA LEU C 380 15.79 49.76 -4.57
C LEU C 380 16.13 49.27 -3.17
N VAL C 381 16.38 50.21 -2.26
CA VAL C 381 16.74 49.86 -0.89
C VAL C 381 15.68 50.43 0.05
N PHE C 382 15.14 49.57 0.91
CA PHE C 382 14.07 49.97 1.83
C PHE C 382 13.99 49.01 3.00
N ASP C 383 13.39 49.46 4.09
CA ASP C 383 13.05 48.57 5.20
C ASP C 383 11.64 48.05 4.97
N GLY C 384 11.43 46.76 5.27
CA GLY C 384 10.11 46.16 5.18
C GLY C 384 9.23 46.60 6.32
N GLY C 385 7.92 46.54 6.10
CA GLY C 385 6.96 46.94 7.10
C GLY C 385 6.77 45.89 8.17
N GLU C 386 5.83 46.14 9.08
CA GLU C 386 5.51 45.24 10.16
C GLU C 386 4.11 44.68 10.00
N GLY C 387 3.79 43.63 10.75
CA GLY C 387 2.46 43.04 10.72
C GLY C 387 2.45 41.54 10.50
N ALA C 388 1.29 40.92 10.72
CA ALA C 388 1.12 39.49 10.50
C ALA C 388 1.34 39.12 9.03
N ALA C 389 2.05 38.03 8.80
CA ALA C 389 2.42 37.68 7.44
C ALA C 389 2.55 36.18 7.28
N VAL C 390 2.65 35.74 6.03
CA VAL C 390 2.98 34.34 5.78
C VAL C 390 4.20 34.26 4.91
N ASN C 391 4.93 33.16 5.10
CA ASN C 391 6.10 32.85 4.31
C ASN C 391 5.91 31.43 3.83
N ALA C 392 5.88 31.25 2.51
CA ALA C 392 5.55 29.94 1.93
C ALA C 392 6.57 29.46 0.94
N SER C 393 6.75 28.15 0.94
CA SER C 393 7.71 27.49 0.06
C SER C 393 6.97 26.31 -0.52
N LEU C 394 7.27 26.01 -1.77
CA LEU C 394 6.69 24.84 -2.41
C LEU C 394 7.83 24.01 -2.95
N ILE C 395 7.91 22.77 -2.49
CA ILE C 395 9.01 21.89 -2.81
C ILE C 395 8.56 20.60 -3.49
N ASP C 396 9.52 19.96 -4.15
CA ASP C 396 9.29 18.73 -4.87
C ASP C 396 9.95 17.61 -4.06
N LEU C 397 9.15 16.66 -3.58
CA LEU C 397 9.68 15.52 -2.84
C LEU C 397 10.10 14.35 -3.72
N GLY C 398 10.13 14.57 -5.03
CA GLY C 398 10.49 13.54 -5.98
C GLY C 398 9.25 12.88 -6.55
N HIS C 399 8.31 12.52 -5.68
CA HIS C 399 7.09 11.85 -6.12
C HIS C 399 5.83 12.70 -6.01
N ARG C 400 5.93 13.84 -5.33
CA ARG C 400 4.80 14.74 -5.17
C ARG C 400 5.28 16.09 -4.65
N PHE C 401 4.41 17.08 -4.64
CA PHE C 401 4.78 18.38 -4.09
C PHE C 401 4.29 18.57 -2.67
N ARG C 402 4.95 19.49 -1.97
CA ARG C 402 4.56 19.88 -0.62
C ARG C 402 4.62 21.41 -0.44
N LEU C 403 3.51 21.98 -0.01
CA LEU C 403 3.43 23.40 0.29
C LEU C 403 3.67 23.57 1.79
N ILE C 404 4.70 24.35 2.14
CA ILE C 404 5.02 24.65 3.54
C ILE C 404 4.76 26.12 3.84
N VAL C 405 3.88 26.38 4.82
CA VAL C 405 3.52 27.73 5.20
C VAL C 405 3.90 28.03 6.66
N ASN C 406 4.66 29.10 6.88
CA ASN C 406 4.91 29.58 8.24
C ASN C 406 4.26 30.96 8.44
N GLU C 407 3.46 31.09 9.48
CA GLU C 407 2.89 32.37 9.85
C GLU C 407 3.94 33.14 10.64
N VAL C 408 4.15 34.39 10.26
CA VAL C 408 5.18 35.20 10.92
C VAL C 408 4.64 36.57 11.34
N ASP C 409 5.45 37.29 12.11
CA ASP C 409 5.15 38.68 12.46
C ASP C 409 6.32 39.57 12.08
N ALA C 410 6.21 40.25 10.95
CA ALA C 410 7.25 41.17 10.52
C ALA C 410 7.35 42.30 11.54
N VAL C 411 8.57 42.74 11.83
CA VAL C 411 8.78 43.81 12.80
C VAL C 411 9.59 44.97 12.21
N LYS C 412 9.32 46.16 12.76
CA LYS C 412 10.05 47.37 12.39
C LYS C 412 11.45 47.31 12.99
N PRO C 413 12.48 47.56 12.16
CA PRO C 413 13.82 47.59 12.74
C PRO C 413 13.91 48.71 13.76
N GLU C 414 14.55 48.46 14.90
CA GLU C 414 14.80 49.50 15.88
C GLU C 414 16.05 50.27 15.48
N HIS C 415 16.89 49.64 14.67
CA HIS C 415 18.19 50.18 14.37
C HIS C 415 18.42 50.29 12.86
N ASP C 416 19.09 51.35 12.43
CA ASP C 416 19.45 51.50 11.03
C ASP C 416 20.53 50.48 10.64
N MET C 417 20.57 50.16 9.35
CA MET C 417 21.60 49.31 8.79
C MET C 417 22.25 50.04 7.62
N PRO C 418 23.07 51.06 7.92
CA PRO C 418 23.64 51.98 6.93
C PRO C 418 24.61 51.33 5.96
N LYS C 419 25.19 50.19 6.31
CA LYS C 419 26.17 49.52 5.43
C LYS C 419 25.55 48.43 4.53
N LEU C 420 24.23 48.27 4.62
CA LEU C 420 23.54 47.17 3.95
C LEU C 420 22.88 47.67 2.67
N PRO C 421 23.46 47.30 1.51
CA PRO C 421 23.13 47.77 0.16
C PRO C 421 21.93 47.07 -0.49
N VAL C 422 21.20 46.25 0.26
CA VAL C 422 20.00 45.60 -0.26
C VAL C 422 18.79 45.91 0.61
N ALA C 423 17.61 45.83 0.00
CA ALA C 423 16.35 45.91 0.73
C ALA C 423 16.19 44.67 1.59
N ARG C 424 15.42 44.78 2.66
CA ARG C 424 15.29 43.67 3.60
C ARG C 424 14.10 43.90 4.49
N ILE C 425 13.78 42.87 5.26
CA ILE C 425 12.69 42.91 6.22
C ILE C 425 13.04 42.01 7.40
N LEU C 426 12.48 42.30 8.57
CA LEU C 426 12.73 41.50 9.77
C LEU C 426 11.45 40.86 10.23
N TRP C 427 11.52 39.60 10.62
CA TRP C 427 10.35 38.98 11.19
C TRP C 427 10.64 37.99 12.31
N LYS C 428 9.62 37.79 13.14
CA LYS C 428 9.66 36.81 14.19
C LYS C 428 8.68 35.70 13.86
N PRO C 429 9.19 34.55 13.40
CA PRO C 429 8.32 33.41 13.04
C PRO C 429 7.64 32.79 14.27
N ARG C 430 6.39 32.38 14.09
CA ARG C 430 5.66 31.65 15.13
C ARG C 430 5.95 30.15 15.00
N PRO C 431 5.94 29.43 16.14
CA PRO C 431 5.71 29.95 17.50
C PRO C 431 6.96 30.59 18.13
N SER C 432 8.12 30.35 17.53
CA SER C 432 9.41 30.87 17.99
C SER C 432 10.42 30.62 16.89
N LEU C 433 11.57 31.30 16.93
CA LEU C 433 12.59 31.09 15.91
C LEU C 433 13.09 29.67 15.93
N ARG C 434 13.34 29.16 17.13
CA ARG C 434 13.86 27.81 17.29
C ARG C 434 12.91 26.74 16.79
N ASP C 435 11.65 26.80 17.18
CA ASP C 435 10.70 25.77 16.78
C ASP C 435 10.33 25.86 15.31
N SER C 436 10.14 27.08 14.83
CA SER C 436 9.84 27.31 13.43
C SER C 436 10.97 26.82 12.50
N ALA C 437 12.22 27.12 12.83
CA ALA C 437 13.32 26.70 11.98
C ALA C 437 13.44 25.19 11.96
N GLU C 438 13.29 24.59 13.14
CA GLU C 438 13.36 23.15 13.27
C GLU C 438 12.24 22.47 12.49
N ALA C 439 11.02 22.96 12.65
CA ALA C 439 9.88 22.45 11.89
C ALA C 439 10.13 22.57 10.39
N TRP C 440 10.59 23.75 9.97
CA TRP C 440 10.83 24.05 8.57
C TRP C 440 11.86 23.12 7.94
N ILE C 441 12.92 22.84 8.69
CA ILE C 441 13.97 21.92 8.25
C ILE C 441 13.46 20.47 8.21
N LEU C 442 12.69 20.08 9.23
CA LEU C 442 12.07 18.74 9.19
C LEU C 442 11.16 18.56 7.97
N ALA C 443 10.46 19.62 7.56
CA ALA C 443 9.57 19.52 6.41
C ALA C 443 10.32 19.72 5.11
N GLY C 444 11.59 20.11 5.21
CA GLY C 444 12.40 20.31 4.03
C GLY C 444 12.13 21.59 3.25
N GLY C 445 11.51 22.58 3.91
CA GLY C 445 11.20 23.87 3.31
C GLY C 445 12.41 24.51 2.65
N ALA C 446 12.17 25.23 1.56
CA ALA C 446 13.28 25.79 0.81
C ALA C 446 13.85 27.04 1.48
N HIS C 447 15.02 27.46 1.02
CA HIS C 447 15.54 28.76 1.41
C HIS C 447 14.76 29.90 0.74
N HIS C 448 14.30 29.68 -0.49
CA HIS C 448 13.47 30.66 -1.21
C HIS C 448 12.01 30.51 -0.84
N THR C 449 11.37 31.62 -0.54
CA THR C 449 9.95 31.59 -0.28
C THR C 449 9.25 32.73 -1.00
N CYS C 450 7.93 32.76 -0.84
CA CYS C 450 7.12 33.94 -1.13
C CYS C 450 6.62 34.49 0.19
N PHE C 451 7.00 35.72 0.49
CA PHE C 451 6.57 36.41 1.69
C PHE C 451 5.37 37.25 1.30
N SER C 452 4.33 37.24 2.13
CA SER C 452 3.18 38.08 1.88
C SER C 452 2.43 38.54 3.14
N PHE C 453 2.06 39.82 3.15
CA PHE C 453 1.27 40.42 4.20
C PHE C 453 -0.21 40.23 3.94
N ALA C 454 -0.57 39.74 2.76
CA ALA C 454 -1.96 39.83 2.32
C ALA C 454 -2.58 38.50 1.90
N VAL C 455 -1.88 37.40 2.19
CA VAL C 455 -2.41 36.08 1.91
C VAL C 455 -2.57 35.34 3.23
N THR C 456 -3.68 34.63 3.42
CA THR C 456 -3.89 33.86 4.66
C THR C 456 -3.56 32.38 4.52
N THR C 457 -3.32 31.76 5.68
CA THR C 457 -3.12 30.32 5.76
C THR C 457 -4.29 29.52 5.21
N GLU C 458 -5.52 29.93 5.52
CA GLU C 458 -6.70 29.25 4.99
C GLU C 458 -6.68 29.22 3.45
N GLN C 459 -6.27 30.33 2.84
CA GLN C 459 -6.21 30.41 1.39
C GLN C 459 -5.21 29.45 0.77
N LEU C 460 -4.02 29.36 1.36
CA LEU C 460 -2.99 28.47 0.85
C LEU C 460 -3.41 27.01 1.01
N GLN C 461 -4.07 26.70 2.13
CA GLN C 461 -4.58 25.37 2.38
C GLN C 461 -5.66 24.99 1.38
N ASP C 462 -6.59 25.92 1.14
CA ASP C 462 -7.60 25.73 0.10
C ASP C 462 -6.99 25.53 -1.28
N PHE C 463 -5.93 26.28 -1.60
CA PHE C 463 -5.32 26.16 -2.91
C PHE C 463 -4.74 24.75 -3.06
N ALA C 464 -4.05 24.33 -2.00
CA ALA C 464 -3.45 23.01 -1.92
C ALA C 464 -4.52 21.94 -2.14
N GLU C 465 -5.70 22.15 -1.57
CA GLU C 465 -6.83 21.26 -1.79
C GLU C 465 -7.28 21.20 -3.27
N MET C 466 -7.34 22.35 -3.93
CA MET C 466 -7.65 22.40 -5.36
C MET C 466 -6.60 21.68 -6.19
N ALA C 467 -5.33 21.86 -5.83
CA ALA C 467 -4.24 21.27 -6.60
C ALA C 467 -3.99 19.80 -6.25
N GLY C 468 -4.59 19.36 -5.15
CA GLY C 468 -4.38 18.00 -4.65
C GLY C 468 -2.98 17.75 -4.07
N ILE C 469 -2.48 18.69 -3.29
CA ILE C 469 -1.17 18.50 -2.67
C ILE C 469 -1.23 18.76 -1.18
N GLU C 470 -0.25 18.21 -0.47
CA GLU C 470 -0.08 18.46 0.95
C GLU C 470 0.29 19.91 1.23
N CYS C 471 -0.37 20.48 2.24
CA CYS C 471 0.00 21.76 2.79
C CYS C 471 0.28 21.59 4.27
N VAL C 472 1.50 21.87 4.72
CA VAL C 472 1.78 21.83 6.15
C VAL C 472 1.92 23.24 6.68
N VAL C 473 1.43 23.45 7.89
CA VAL C 473 1.40 24.79 8.47
C VAL C 473 2.18 24.84 9.78
N ILE C 474 3.09 25.79 9.85
CA ILE C 474 3.82 26.07 11.08
C ILE C 474 3.30 27.40 11.59
N ASN C 475 2.69 27.37 12.78
CA ASN C 475 2.14 28.57 13.37
C ASN C 475 2.24 28.59 14.90
N GLU C 476 1.48 29.46 15.55
CA GLU C 476 1.62 29.65 16.99
C GLU C 476 1.25 28.39 17.78
N HIS C 477 0.42 27.54 17.18
CA HIS C 477 -0.05 26.32 17.83
C HIS C 477 0.85 25.10 17.63
N THR C 478 1.87 25.22 16.80
CA THR C 478 2.68 24.07 16.43
C THR C 478 3.57 23.62 17.56
N SER C 479 3.65 22.31 17.79
CA SER C 479 4.74 21.77 18.58
C SER C 479 5.47 20.87 17.61
N VAL C 480 6.78 20.76 17.78
CA VAL C 480 7.62 20.07 16.82
C VAL C 480 7.41 18.55 16.85
N SER C 481 7.20 18.00 18.03
CA SER C 481 6.89 16.58 18.16
C SER C 481 5.60 16.19 17.40
N SER C 482 4.53 16.96 17.58
CA SER C 482 3.28 16.71 16.84
C SER C 482 3.49 16.90 15.36
N PHE C 483 4.20 17.97 15.04
CA PHE C 483 4.49 18.33 13.67
C PHE C 483 5.19 17.19 12.95
N LYS C 484 6.21 16.63 13.60
CA LYS C 484 6.92 15.46 13.10
C LYS C 484 6.00 14.30 12.79
N ASN C 485 5.09 13.98 13.73
CA ASN C 485 4.16 12.89 13.51
C ASN C 485 3.31 13.12 12.29
N GLU C 486 2.72 14.31 12.23
CA GLU C 486 1.81 14.66 11.15
C GLU C 486 2.47 14.58 9.79
N LEU C 487 3.76 14.86 9.71
CA LEU C 487 4.51 14.67 8.48
C LEU C 487 4.51 13.20 8.09
N LYS C 488 4.71 12.34 9.07
CA LYS C 488 4.68 10.91 8.80
C LYS C 488 3.29 10.48 8.37
N TRP C 489 2.27 10.85 9.14
CA TRP C 489 0.92 10.44 8.79
C TRP C 489 0.44 10.97 7.44
N ASN C 490 0.70 12.25 7.14
CA ASN C 490 0.44 12.81 5.82
C ASN C 490 1.14 12.06 4.67
N GLU C 491 2.40 11.71 4.87
CA GLU C 491 3.16 11.02 3.83
C GLU C 491 2.52 9.71 3.39
N VAL C 492 1.92 8.99 4.32
CA VAL C 492 1.30 7.76 3.91
C VAL C 492 -0.02 8.05 3.20
N PHE C 493 -0.66 9.17 3.54
CA PHE C 493 -1.87 9.52 2.83
C PHE C 493 -1.59 10.03 1.42
N TRP C 494 -0.64 10.95 1.30
CA TRP C 494 -0.32 11.56 0.01
C TRP C 494 0.44 10.65 -0.94
N ARG C 495 1.03 9.58 -0.41
CA ARG C 495 1.73 8.61 -1.27
C ARG C 495 0.76 7.97 -2.25
N GLY C 496 0.98 8.21 -3.54
CA GLY C 496 0.10 7.71 -4.58
C GLY C 496 -1.27 8.36 -4.53
N LEU D 3 31.55 1.97 31.65
CA LEU D 3 31.10 0.67 31.17
C LEU D 3 32.19 0.04 30.30
N SER D 4 33.45 0.37 30.61
CA SER D 4 34.62 0.00 29.80
C SER D 4 34.41 0.32 28.32
N LEU D 5 34.03 1.55 28.03
CA LEU D 5 33.76 1.98 26.66
C LEU D 5 35.03 2.29 25.91
N ARG D 6 35.08 1.89 24.65
CA ARG D 6 36.18 2.25 23.80
C ARG D 6 36.13 3.77 23.61
N PRO D 7 37.20 4.36 23.06
CA PRO D 7 37.15 5.80 22.80
C PRO D 7 36.15 6.14 21.70
N TYR D 8 35.36 7.17 21.93
CA TYR D 8 34.45 7.65 20.90
C TYR D 8 34.63 9.14 20.72
N GLU D 9 34.39 9.63 19.51
CA GLU D 9 34.48 11.04 19.22
C GLU D 9 33.42 11.45 18.22
N PHE D 10 33.20 12.74 18.10
CA PHE D 10 32.21 13.26 17.18
C PHE D 10 32.86 14.23 16.21
N TRP D 11 32.54 14.04 14.93
CA TRP D 11 33.14 14.82 13.87
C TRP D 11 32.27 16.00 13.49
N PHE D 12 32.90 17.17 13.48
CA PHE D 12 32.20 18.39 13.19
C PHE D 12 32.51 18.77 11.76
N VAL D 13 31.49 18.72 10.93
CA VAL D 13 31.68 18.96 9.50
C VAL D 13 30.97 20.22 9.09
N THR D 14 31.72 21.15 8.50
CA THR D 14 31.18 22.44 8.09
C THR D 14 31.09 22.53 6.57
N GLY D 15 29.90 22.81 6.07
CA GLY D 15 29.72 22.98 4.63
C GLY D 15 29.81 24.43 4.17
N SER D 16 30.36 24.63 2.98
CA SER D 16 30.38 25.93 2.34
C SER D 16 30.49 25.77 0.82
N GLN D 17 31.09 26.74 0.14
CA GLN D 17 31.20 26.67 -1.32
C GLN D 17 32.23 27.68 -1.80
N HIS D 18 32.69 27.52 -3.04
CA HIS D 18 33.75 28.39 -3.54
C HIS D 18 33.30 29.77 -3.98
N LEU D 19 32.00 29.93 -4.21
CA LEU D 19 31.43 31.17 -4.76
C LEU D 19 31.99 32.48 -4.19
N TYR D 20 32.15 32.58 -2.87
CA TYR D 20 32.53 33.87 -2.29
C TYR D 20 34.03 34.06 -2.18
N GLY D 21 34.79 33.05 -2.61
CA GLY D 21 36.24 33.16 -2.62
C GLY D 21 36.98 32.47 -1.48
N GLU D 22 38.31 32.54 -1.55
CA GLU D 22 39.19 31.77 -0.68
C GLU D 22 39.32 32.36 0.71
N GLU D 23 39.09 33.66 0.83
CA GLU D 23 39.23 34.34 2.12
C GLU D 23 37.98 34.12 2.98
N ALA D 24 36.82 34.04 2.33
CA ALA D 24 35.60 33.73 3.05
C ALA D 24 35.73 32.33 3.63
N LEU D 25 36.31 31.42 2.85
CA LEU D 25 36.52 30.06 3.30
C LEU D 25 37.45 29.98 4.51
N LYS D 26 38.47 30.82 4.54
CA LYS D 26 39.38 30.82 5.69
C LYS D 26 38.62 31.29 6.93
N GLN D 27 37.74 32.27 6.72
CA GLN D 27 36.87 32.79 7.76
C GLN D 27 35.92 31.75 8.34
N VAL D 28 35.30 30.93 7.48
CA VAL D 28 34.36 29.94 7.98
C VAL D 28 35.13 28.88 8.75
N GLU D 29 36.34 28.59 8.30
CA GLU D 29 37.18 27.61 8.95
C GLU D 29 37.61 28.08 10.33
N GLU D 30 37.75 29.39 10.49
CA GLU D 30 38.19 29.97 11.76
C GLU D 30 37.05 29.94 12.79
N HIS D 31 35.83 30.20 12.34
CA HIS D 31 34.65 30.04 13.19
C HIS D 31 34.52 28.61 13.71
N SER D 32 34.67 27.63 12.82
CA SER D 32 34.47 26.24 13.18
C SER D 32 35.57 25.76 14.12
N ARG D 33 36.79 26.23 13.88
CA ARG D 33 37.91 26.00 14.78
C ARG D 33 37.60 26.49 16.19
N ILE D 34 37.21 27.75 16.30
CA ILE D 34 36.84 28.34 17.58
C ILE D 34 35.71 27.55 18.28
N MET D 35 34.69 27.17 17.53
CA MET D 35 33.56 26.43 18.09
C MET D 35 34.01 25.10 18.69
N VAL D 36 34.78 24.33 17.92
CA VAL D 36 35.25 23.03 18.35
C VAL D 36 36.09 23.15 19.63
N ASN D 37 37.03 24.09 19.63
CA ASN D 37 37.87 24.23 20.81
C ASN D 37 37.15 24.77 22.04
N GLU D 38 36.17 25.63 21.84
CA GLU D 38 35.35 26.06 22.96
C GLU D 38 34.48 24.95 23.51
N TRP D 39 33.80 24.24 22.62
CA TRP D 39 32.98 23.10 23.02
C TRP D 39 33.80 22.08 23.80
N ASN D 40 35.01 21.79 23.33
CA ASN D 40 35.84 20.77 23.97
C ASN D 40 36.37 21.18 25.33
N ARG D 41 36.28 22.47 25.65
CA ARG D 41 36.68 22.94 26.96
C ARG D 41 35.49 23.07 27.89
N ASP D 42 34.30 22.75 27.38
CA ASP D 42 33.07 22.74 28.18
C ASP D 42 32.86 21.33 28.74
N SER D 43 32.72 21.23 30.05
CA SER D 43 32.63 19.92 30.65
C SER D 43 31.31 19.16 30.39
N VAL D 44 30.30 19.83 29.84
CA VAL D 44 29.00 19.19 29.60
C VAL D 44 29.09 18.06 28.58
N PHE D 45 30.09 18.12 27.69
CA PHE D 45 30.22 17.14 26.64
C PHE D 45 30.96 15.89 27.12
N PRO D 46 30.31 14.74 26.99
CA PRO D 46 30.88 13.47 27.43
C PRO D 46 31.98 12.97 26.48
N PHE D 47 32.04 13.48 25.26
CA PHE D 47 33.06 13.05 24.30
C PHE D 47 33.59 14.24 23.48
N PRO D 48 34.81 14.13 22.94
CA PRO D 48 35.34 15.26 22.19
C PRO D 48 34.76 15.40 20.78
N PHE D 49 34.69 16.64 20.30
CA PHE D 49 34.44 16.92 18.91
C PHE D 49 35.78 16.94 18.19
N VAL D 50 35.76 16.55 16.92
CA VAL D 50 36.93 16.58 16.11
C VAL D 50 36.60 17.51 14.95
N PHE D 51 37.39 18.57 14.79
CA PHE D 51 37.22 19.46 13.67
C PHE D 51 37.61 18.77 12.36
N LYS D 52 36.73 18.84 11.38
CA LYS D 52 37.07 18.40 10.04
C LYS D 52 37.13 19.61 9.12
N SER D 53 38.05 19.60 8.17
CA SER D 53 38.18 20.72 7.24
C SER D 53 36.87 21.01 6.55
N VAL D 54 36.58 22.30 6.37
CA VAL D 54 35.39 22.74 5.67
C VAL D 54 35.25 21.99 4.35
N VAL D 55 34.03 21.60 4.02
CA VAL D 55 33.81 20.82 2.79
C VAL D 55 33.06 21.67 1.75
N THR D 56 33.51 21.64 0.50
CA THR D 56 33.02 22.56 -0.53
C THR D 56 32.71 21.92 -1.88
N THR D 57 33.03 20.64 -2.04
CA THR D 57 32.88 19.95 -3.31
C THR D 57 32.29 18.58 -3.02
N PRO D 58 31.67 17.95 -4.03
CA PRO D 58 31.08 16.61 -3.80
C PRO D 58 32.14 15.60 -3.36
N GLU D 59 33.32 15.69 -3.96
CA GLU D 59 34.42 14.79 -3.62
C GLU D 59 34.81 14.96 -2.14
N GLU D 60 35.09 16.20 -1.74
CA GLU D 60 35.44 16.50 -0.35
C GLU D 60 34.37 15.96 0.62
N ILE D 61 33.10 16.16 0.28
CA ILE D 61 32.00 15.72 1.12
C ILE D 61 31.93 14.20 1.23
N ARG D 62 32.01 13.54 0.08
CA ARG D 62 31.97 12.08 0.07
C ARG D 62 33.16 11.50 0.84
N ARG D 63 34.31 12.12 0.64
CA ARG D 63 35.53 11.66 1.32
C ARG D 63 35.33 11.61 2.84
N VAL D 64 34.84 12.70 3.42
CA VAL D 64 34.68 12.74 4.87
C VAL D 64 33.63 11.76 5.39
N CYS D 65 32.56 11.54 4.63
CA CYS D 65 31.54 10.55 5.00
C CYS D 65 32.06 9.12 4.96
N LEU D 66 32.81 8.80 3.91
CA LEU D 66 33.52 7.53 3.80
C LEU D 66 34.43 7.29 5.02
N GLU D 67 35.23 8.29 5.38
CA GLU D 67 36.12 8.18 6.55
C GLU D 67 35.36 8.01 7.86
N ALA D 68 34.28 8.75 8.04
CA ALA D 68 33.47 8.63 9.26
C ALA D 68 32.99 7.19 9.44
N ASN D 69 32.65 6.57 8.33
CA ASN D 69 32.12 5.21 8.32
C ASN D 69 33.10 4.16 8.74
N ALA D 70 34.34 4.29 8.25
CA ALA D 70 35.36 3.27 8.51
C ALA D 70 36.04 3.55 9.84
N SER D 71 35.71 4.68 10.45
CA SER D 71 36.30 5.02 11.73
C SER D 71 35.47 4.44 12.85
N GLU D 72 36.10 3.60 13.66
CA GLU D 72 35.45 2.98 14.81
C GLU D 72 35.30 3.99 15.95
N GLN D 73 36.19 4.99 15.99
CA GLN D 73 36.13 6.00 17.04
C GLN D 73 34.97 6.95 16.80
N CYS D 74 34.59 7.12 15.54
CA CYS D 74 33.55 8.09 15.18
C CYS D 74 32.15 7.59 15.44
N ALA D 75 31.47 8.18 16.42
CA ALA D 75 30.16 7.71 16.83
C ALA D 75 29.05 8.56 16.22
N GLY D 76 29.42 9.69 15.65
CA GLY D 76 28.41 10.58 15.13
C GLY D 76 28.99 11.70 14.32
N VAL D 77 28.21 12.21 13.39
CA VAL D 77 28.61 13.37 12.60
C VAL D 77 27.65 14.52 12.88
N VAL D 78 28.21 15.70 13.12
CA VAL D 78 27.45 16.92 13.28
C VAL D 78 27.76 17.78 12.07
N THR D 79 26.74 18.10 11.28
CA THR D 79 26.92 18.89 10.09
C THR D 79 26.30 20.27 10.29
N TRP D 80 26.99 21.28 9.79
CA TRP D 80 26.49 22.64 9.85
C TRP D 80 26.85 23.40 8.58
N MET D 81 25.84 23.96 7.91
CA MET D 81 26.12 24.80 6.75
C MET D 81 26.41 26.23 7.18
N HIS D 82 27.69 26.59 7.16
CA HIS D 82 28.10 27.95 7.50
C HIS D 82 27.55 28.94 6.47
N THR D 83 27.79 28.66 5.19
CA THR D 83 27.23 29.45 4.12
C THR D 83 26.35 28.54 3.30
N PHE D 84 25.80 29.08 2.21
CA PHE D 84 25.11 28.27 1.21
C PHE D 84 26.07 27.21 0.70
N SER D 85 25.60 25.97 0.63
CA SER D 85 26.44 24.87 0.21
C SER D 85 25.58 23.94 -0.64
N PRO D 86 25.49 24.22 -1.95
CA PRO D 86 24.59 23.56 -2.90
C PRO D 86 24.40 22.07 -2.59
N ALA D 87 23.17 21.69 -2.25
CA ALA D 87 22.89 20.39 -1.65
C ALA D 87 23.04 19.16 -2.55
N LYS D 88 23.06 19.34 -3.88
CA LYS D 88 23.35 18.19 -4.74
C LYS D 88 24.78 17.68 -4.51
N MET D 89 25.67 18.54 -3.99
CA MET D 89 27.01 18.11 -3.62
C MET D 89 27.01 17.12 -2.46
N TRP D 90 25.93 17.12 -1.67
CA TRP D 90 25.86 16.30 -0.48
C TRP D 90 25.30 14.91 -0.70
N ILE D 91 24.62 14.72 -1.83
CA ILE D 91 23.97 13.45 -2.12
C ILE D 91 24.92 12.24 -1.98
N GLY D 92 26.09 12.30 -2.61
CA GLY D 92 27.02 11.18 -2.59
C GLY D 92 27.42 10.78 -1.18
N GLY D 93 27.73 11.79 -0.37
CA GLY D 93 28.14 11.58 1.01
C GLY D 93 27.03 11.09 1.91
N LEU D 94 25.85 11.70 1.80
CA LEU D 94 24.72 11.25 2.59
C LEU D 94 24.35 9.81 2.23
N LEU D 95 24.59 9.41 0.99
CA LEU D 95 24.38 8.02 0.62
C LEU D 95 25.38 7.04 1.24
N GLU D 96 26.62 7.48 1.49
CA GLU D 96 27.64 6.60 2.06
C GLU D 96 27.59 6.55 3.59
N LEU D 97 27.11 7.63 4.19
CA LEU D 97 27.19 7.80 5.63
C LEU D 97 26.23 6.87 6.36
N ARG D 98 26.76 6.07 7.30
CA ARG D 98 25.92 5.17 8.10
C ARG D 98 26.06 5.43 9.61
N LYS D 99 26.72 6.53 9.96
CA LYS D 99 26.84 6.95 11.37
C LYS D 99 25.70 7.91 11.69
N PRO D 100 25.24 7.92 12.95
CA PRO D 100 24.20 8.88 13.31
C PRO D 100 24.60 10.30 12.91
N LEU D 101 23.60 11.07 12.52
CA LEU D 101 23.85 12.38 11.97
C LEU D 101 23.01 13.39 12.72
N LEU D 102 23.66 14.46 13.16
CA LEU D 102 22.93 15.55 13.77
C LEU D 102 23.16 16.77 12.91
N HIS D 103 22.08 17.44 12.54
CA HIS D 103 22.16 18.68 11.78
C HIS D 103 22.09 19.84 12.76
N LEU D 104 23.19 20.56 12.90
CA LEU D 104 23.22 21.69 13.83
C LEU D 104 22.94 22.96 13.06
N HIS D 105 21.83 23.61 13.40
CA HIS D 105 21.42 24.85 12.76
C HIS D 105 21.78 26.00 13.68
N THR D 106 22.91 26.64 13.38
CA THR D 106 23.53 27.60 14.29
C THR D 106 24.16 28.74 13.48
N GLN D 107 24.93 29.59 14.15
CA GLN D 107 25.47 30.80 13.55
C GLN D 107 26.57 31.22 14.47
N PHE D 108 27.69 31.68 13.92
CA PHE D 108 28.81 32.03 14.77
C PHE D 108 28.51 33.20 15.70
N ASN D 109 28.01 34.29 15.12
CA ASN D 109 27.63 35.45 15.90
C ASN D 109 26.24 35.25 16.47
N ARG D 110 26.02 35.68 17.71
CA ARG D 110 24.71 35.62 18.28
C ARG D 110 23.76 36.68 17.68
N ASP D 111 24.26 37.91 17.51
CA ASP D 111 23.43 39.05 17.14
C ASP D 111 23.81 39.66 15.80
N ILE D 112 22.83 40.20 15.09
CA ILE D 112 23.11 41.03 13.93
C ILE D 112 23.80 42.33 14.34
N PRO D 113 24.98 42.62 13.77
CA PRO D 113 25.69 43.88 14.02
C PRO D 113 25.11 44.97 13.14
N TRP D 114 24.07 45.60 13.63
CA TRP D 114 23.27 46.53 12.86
C TRP D 114 24.04 47.62 12.12
N ASP D 115 25.08 48.16 12.75
CA ASP D 115 25.76 49.31 12.15
C ASP D 115 26.77 48.94 11.10
N SER D 116 27.21 47.69 11.07
CA SER D 116 28.27 47.30 10.15
C SER D 116 27.88 46.22 9.15
N ILE D 117 26.67 45.68 9.28
CA ILE D 117 26.29 44.58 8.40
C ILE D 117 26.27 45.01 6.93
N ASP D 118 26.98 44.25 6.10
CA ASP D 118 27.11 44.54 4.68
C ASP D 118 27.01 43.23 3.88
N MET D 119 27.21 43.29 2.57
CA MET D 119 27.14 42.08 1.75
C MET D 119 28.14 41.01 2.15
N ASP D 120 29.36 41.41 2.52
CA ASP D 120 30.38 40.45 2.99
C ASP D 120 29.84 39.59 4.13
N PHE D 121 29.18 40.24 5.08
CA PHE D 121 28.62 39.58 6.23
C PHE D 121 27.43 38.71 5.82
N MET D 122 26.59 39.24 4.94
CA MET D 122 25.43 38.53 4.39
C MET D 122 25.85 37.24 3.67
N ASN D 123 26.88 37.34 2.84
CA ASN D 123 27.41 36.21 2.10
C ASN D 123 27.98 35.13 3.00
N LEU D 124 28.52 35.57 4.14
CA LEU D 124 29.32 34.70 5.00
C LEU D 124 28.47 34.00 6.07
N ASN D 125 27.71 34.79 6.82
CA ASN D 125 26.92 34.24 7.91
C ASN D 125 25.48 34.01 7.45
N GLN D 126 25.34 33.08 6.49
CA GLN D 126 24.06 32.79 5.89
C GLN D 126 23.59 31.35 6.10
N SER D 127 23.83 30.81 7.31
CA SER D 127 23.27 29.54 7.75
C SER D 127 21.76 29.54 7.60
N ALA D 128 21.17 30.71 7.84
CA ALA D 128 19.72 30.91 7.76
C ALA D 128 19.14 30.29 6.50
N HIS D 129 19.89 30.32 5.40
CA HIS D 129 19.40 29.65 4.20
C HIS D 129 20.24 28.44 3.76
N GLY D 130 21.53 28.43 4.10
CA GLY D 130 22.37 27.29 3.75
C GLY D 130 21.89 26.01 4.42
N ASP D 131 21.44 26.13 5.67
CA ASP D 131 20.91 24.99 6.39
C ASP D 131 19.53 24.57 5.90
N ARG D 132 18.76 25.52 5.36
CA ARG D 132 17.44 25.17 4.80
C ARG D 132 17.59 24.35 3.53
N GLU D 133 18.57 24.71 2.70
CA GLU D 133 18.85 23.97 1.49
C GLU D 133 19.37 22.56 1.83
N TYR D 134 20.17 22.48 2.88
CA TYR D 134 20.68 21.19 3.36
C TYR D 134 19.55 20.36 3.96
N GLY D 135 18.64 21.04 4.64
CA GLY D 135 17.49 20.40 5.26
C GLY D 135 16.58 19.79 4.23
N PHE D 136 16.39 20.49 3.12
CA PHE D 136 15.65 19.95 1.99
C PHE D 136 16.19 18.60 1.50
N ILE D 137 17.48 18.52 1.17
CA ILE D 137 18.03 17.29 0.61
C ILE D 137 17.95 16.17 1.63
N GLY D 138 17.93 16.52 2.92
CA GLY D 138 17.77 15.51 3.97
C GLY D 138 16.37 14.91 3.98
N ALA D 139 15.37 15.77 3.83
CA ALA D 139 13.98 15.36 3.72
C ALA D 139 13.72 14.64 2.41
N ARG D 140 14.32 15.14 1.34
CA ARG D 140 14.16 14.55 0.02
C ARG D 140 14.72 13.12 -0.01
N MET D 141 15.78 12.84 0.74
CA MET D 141 16.40 11.52 0.71
C MET D 141 15.87 10.56 1.80
N GLY D 142 15.04 11.06 2.70
CA GLY D 142 14.50 10.25 3.78
C GLY D 142 15.51 9.90 4.85
N VAL D 143 16.44 10.80 5.10
CA VAL D 143 17.56 10.61 6.03
C VAL D 143 17.15 10.70 7.50
N ALA D 144 17.64 9.75 8.30
CA ALA D 144 17.49 9.83 9.74
C ALA D 144 18.42 10.93 10.26
N ARG D 145 17.83 11.89 10.96
CA ARG D 145 18.59 13.04 11.42
C ARG D 145 17.96 13.61 12.67
N LYS D 146 18.81 14.11 13.54
CA LYS D 146 18.39 14.93 14.65
C LYS D 146 18.65 16.35 14.18
N VAL D 147 17.77 17.27 14.52
CA VAL D 147 17.94 18.66 14.13
C VAL D 147 17.92 19.55 15.37
N VAL D 148 18.96 20.34 15.52
CA VAL D 148 19.10 21.19 16.70
C VAL D 148 19.36 22.61 16.26
N VAL D 149 18.54 23.53 16.74
CA VAL D 149 18.59 24.92 16.31
C VAL D 149 18.96 25.83 17.45
N GLY D 150 20.00 26.64 17.26
CA GLY D 150 20.31 27.67 18.25
C GLY D 150 21.74 28.14 18.18
N HIS D 151 22.05 29.17 18.97
CA HIS D 151 23.42 29.67 18.99
C HIS D 151 24.34 28.67 19.67
N TRP D 152 25.58 28.59 19.22
CA TRP D 152 26.46 27.51 19.63
C TRP D 152 26.99 27.69 21.06
N GLU D 153 26.74 28.86 21.66
CA GLU D 153 27.09 29.14 23.05
C GLU D 153 25.89 29.04 23.98
N ASP D 154 24.70 28.91 23.41
CA ASP D 154 23.50 28.69 24.22
C ASP D 154 23.66 27.36 24.97
N PRO D 155 23.60 27.41 26.31
CA PRO D 155 23.76 26.19 27.11
C PRO D 155 22.70 25.12 26.81
N GLU D 156 21.50 25.52 26.39
CA GLU D 156 20.48 24.55 26.05
C GLU D 156 20.88 23.77 24.81
N VAL D 157 21.39 24.47 23.80
CA VAL D 157 21.92 23.84 22.59
C VAL D 157 23.00 22.81 22.97
N ARG D 158 23.91 23.23 23.84
CA ARG D 158 25.00 22.38 24.28
C ARG D 158 24.50 21.14 25.02
N GLU D 159 23.54 21.34 25.92
CA GLU D 159 22.96 20.23 26.63
C GLU D 159 22.33 19.25 25.67
N ARG D 160 21.63 19.77 24.66
CA ARG D 160 20.96 18.89 23.71
C ARG D 160 22.00 18.10 22.92
N LEU D 161 23.07 18.77 22.50
CA LEU D 161 24.16 18.08 21.82
C LEU D 161 24.80 16.99 22.68
N ALA D 162 25.07 17.32 23.95
CA ALA D 162 25.71 16.39 24.89
C ALA D 162 24.90 15.13 25.15
N LYS D 163 23.57 15.27 25.28
CA LYS D 163 22.69 14.12 25.48
C LYS D 163 22.63 13.21 24.26
N TRP D 164 22.52 13.82 23.09
CA TRP D 164 22.50 13.09 21.83
C TRP D 164 23.82 12.32 21.63
N MET D 165 24.92 12.86 22.16
CA MET D 165 26.20 12.15 22.16
C MET D 165 26.09 10.80 22.87
N ARG D 166 25.44 10.79 24.03
CA ARG D 166 25.25 9.55 24.77
C ARG D 166 24.38 8.56 23.99
N THR D 167 23.32 9.05 23.35
CA THR D 167 22.46 8.20 22.56
C THR D 167 23.20 7.58 21.36
N ALA D 168 24.01 8.42 20.68
CA ALA D 168 24.75 8.01 19.51
C ALA D 168 25.83 6.96 19.86
N VAL D 169 26.52 7.19 20.98
CA VAL D 169 27.49 6.21 21.45
C VAL D 169 26.76 4.91 21.81
N ALA D 170 25.61 5.04 22.47
CA ALA D 170 24.79 3.86 22.74
C ALA D 170 24.46 3.12 21.45
N PHE D 171 24.14 3.85 20.39
CA PHE D 171 23.89 3.24 19.10
C PHE D 171 25.14 2.53 18.57
N ALA D 172 26.31 3.12 18.74
CA ALA D 172 27.55 2.49 18.30
C ALA D 172 27.76 1.16 19.02
N GLU D 173 27.49 1.15 20.32
CA GLU D 173 27.60 -0.07 21.10
C GLU D 173 26.58 -1.11 20.65
N SER D 174 25.36 -0.64 20.37
CA SER D 174 24.28 -1.48 19.86
C SER D 174 24.71 -2.26 18.61
N ARG D 175 25.41 -1.56 17.72
CA ARG D 175 25.85 -2.16 16.46
C ARG D 175 26.87 -3.28 16.66
N ASN D 176 27.59 -3.25 17.77
CA ASN D 176 28.57 -4.28 18.09
C ASN D 176 28.19 -5.12 19.30
N LEU D 177 26.92 -5.06 19.69
CA LEU D 177 26.48 -5.69 20.92
C LEU D 177 26.37 -7.20 20.74
N LYS D 178 27.00 -7.96 21.64
CA LYS D 178 26.88 -9.43 21.64
C LYS D 178 26.17 -9.93 22.89
N VAL D 179 25.14 -10.75 22.70
CA VAL D 179 24.35 -11.32 23.80
C VAL D 179 24.59 -12.83 23.86
N ALA D 180 24.92 -13.33 25.04
CA ALA D 180 25.03 -14.77 25.24
C ALA D 180 23.77 -15.28 25.92
N ARG D 181 23.09 -16.25 25.33
CA ARG D 181 21.99 -16.87 26.04
C ARG D 181 22.41 -18.21 26.57
N PHE D 182 22.29 -18.38 27.88
CA PHE D 182 22.45 -19.69 28.50
C PHE D 182 21.07 -20.29 28.61
N GLY D 183 20.68 -21.07 27.60
CA GLY D 183 19.38 -21.70 27.57
C GLY D 183 18.37 -20.90 26.76
N ASP D 184 17.20 -21.50 26.52
CA ASP D 184 16.24 -20.93 25.59
C ASP D 184 15.18 -20.14 26.33
N ASN D 185 14.27 -19.53 25.58
CA ASN D 185 13.13 -18.85 26.16
C ASN D 185 12.35 -19.75 27.12
N MET D 186 11.73 -19.14 28.14
CA MET D 186 10.78 -19.86 28.96
C MET D 186 9.73 -20.47 28.02
N ARG D 187 9.42 -21.74 28.22
CA ARG D 187 8.48 -22.39 27.32
C ARG D 187 7.10 -21.71 27.37
N GLU D 188 6.49 -21.57 26.20
CA GLU D 188 5.14 -21.01 25.99
C GLU D 188 5.01 -19.47 26.08
N VAL D 189 6.09 -18.79 26.46
CA VAL D 189 6.10 -17.32 26.54
C VAL D 189 6.20 -16.69 25.15
N ALA D 190 5.36 -15.69 24.90
CA ALA D 190 5.35 -15.02 23.60
C ALA D 190 6.29 -13.81 23.45
N VAL D 191 6.21 -12.88 24.42
CA VAL D 191 6.79 -11.55 24.23
C VAL D 191 8.31 -11.54 24.21
N THR D 192 8.91 -12.50 24.89
CA THR D 192 10.35 -12.61 24.94
C THR D 192 10.90 -13.37 23.73
N GLU D 193 10.02 -13.91 22.92
CA GLU D 193 10.41 -14.58 21.69
C GLU D 193 10.53 -13.48 20.63
N GLY D 194 11.13 -13.77 19.48
CA GLY D 194 11.26 -12.75 18.44
C GLY D 194 12.19 -13.16 17.31
N ASP D 195 12.41 -12.24 16.37
CA ASP D 195 13.25 -12.52 15.22
C ASP D 195 14.69 -11.99 15.42
N LYS D 196 15.63 -12.89 15.70
CA LYS D 196 17.01 -12.50 15.99
C LYS D 196 17.76 -12.01 14.76
N VAL D 197 17.45 -12.57 13.59
CA VAL D 197 18.07 -12.12 12.37
C VAL D 197 17.58 -10.70 12.05
N GLY D 198 16.29 -10.47 12.25
CA GLY D 198 15.72 -9.16 12.12
C GLY D 198 16.30 -8.13 13.09
N ALA D 199 16.56 -8.55 14.32
CA ALA D 199 17.14 -7.63 15.29
C ALA D 199 18.60 -7.34 14.98
N GLN D 200 19.33 -8.29 14.40
CA GLN D 200 20.71 -8.07 13.99
C GLN D 200 20.79 -7.10 12.80
N ILE D 201 19.78 -7.14 11.93
CA ILE D 201 19.68 -6.21 10.81
C ILE D 201 19.31 -4.80 11.30
N GLN D 202 18.29 -4.72 12.14
CA GLN D 202 17.79 -3.46 12.67
C GLN D 202 18.72 -2.76 13.68
N PHE D 203 19.26 -3.51 14.63
CA PHE D 203 20.04 -2.87 15.70
C PHE D 203 21.52 -3.23 15.67
N GLY D 204 21.86 -4.28 14.93
CA GLY D 204 23.22 -4.78 14.92
C GLY D 204 23.48 -5.90 15.90
N TRP D 205 22.54 -6.17 16.80
CA TRP D 205 22.78 -7.13 17.88
C TRP D 205 23.06 -8.54 17.41
N SER D 206 24.11 -9.13 17.95
CA SER D 206 24.37 -10.54 17.73
C SER D 206 23.92 -11.36 18.95
N VAL D 207 22.96 -12.25 18.75
CA VAL D 207 22.41 -13.03 19.85
C VAL D 207 22.62 -14.50 19.59
N ASN D 208 23.38 -15.15 20.47
CA ASN D 208 23.64 -16.58 20.28
C ASN D 208 23.53 -17.41 21.55
N GLY D 209 23.24 -18.69 21.36
CA GLY D 209 22.91 -19.56 22.47
C GLY D 209 24.01 -20.51 22.87
N TYR D 210 24.20 -20.65 24.18
CA TYR D 210 25.13 -21.63 24.71
C TYR D 210 24.40 -22.55 25.68
N GLY D 211 24.71 -23.83 25.60
CA GLY D 211 24.22 -24.76 26.61
C GLY D 211 24.71 -24.28 27.97
N ILE D 212 23.88 -24.47 28.99
CA ILE D 212 24.21 -24.13 30.36
C ILE D 212 25.50 -24.86 30.81
N GLY D 213 25.76 -26.00 30.18
CA GLY D 213 26.99 -26.75 30.40
C GLY D 213 28.26 -25.98 30.08
N ASP D 214 28.21 -25.12 29.07
CA ASP D 214 29.36 -24.31 28.71
C ASP D 214 29.74 -23.40 29.87
N LEU D 215 28.73 -22.81 30.49
CA LEU D 215 28.93 -21.88 31.60
C LEU D 215 29.41 -22.65 32.82
N VAL D 216 28.82 -23.82 33.06
CA VAL D 216 29.14 -24.63 34.21
C VAL D 216 30.64 -24.93 34.20
N GLN D 217 31.15 -25.22 33.02
CA GLN D 217 32.56 -25.55 32.83
C GLN D 217 33.49 -24.37 33.22
N TYR D 218 33.01 -23.15 32.98
CA TYR D 218 33.68 -21.94 33.45
C TYR D 218 33.59 -21.84 34.96
N ILE D 219 32.40 -22.06 35.49
CA ILE D 219 32.19 -21.99 36.93
C ILE D 219 33.09 -22.99 37.64
N ARG D 220 33.25 -24.18 37.08
CA ARG D 220 34.13 -25.19 37.70
C ARG D 220 35.60 -24.77 37.72
N ASP D 221 36.03 -24.00 36.72
CA ASP D 221 37.44 -23.63 36.60
C ASP D 221 37.85 -22.48 37.49
N VAL D 222 36.88 -21.89 38.20
CA VAL D 222 37.13 -20.70 39.02
C VAL D 222 38.10 -20.98 40.18
N SER D 223 39.04 -20.06 40.42
CA SER D 223 39.95 -20.18 41.54
C SER D 223 39.27 -19.88 42.87
N GLU D 224 39.48 -20.74 43.85
CA GLU D 224 38.90 -20.52 45.18
C GLU D 224 39.59 -19.37 45.90
N GLN D 225 40.82 -19.10 45.51
CA GLN D 225 41.51 -17.88 45.92
C GLN D 225 40.69 -16.66 45.49
N LYS D 226 40.27 -16.63 44.23
CA LYS D 226 39.43 -15.55 43.72
C LYS D 226 38.06 -15.49 44.40
N VAL D 227 37.46 -16.66 44.64
CA VAL D 227 36.18 -16.72 45.35
C VAL D 227 36.28 -15.99 46.68
N ASN D 228 37.23 -16.41 47.50
CA ASN D 228 37.42 -15.85 48.83
C ASN D 228 37.71 -14.35 48.85
N GLU D 229 38.45 -13.86 47.85
CA GLU D 229 38.68 -12.41 47.73
C GLU D 229 37.39 -11.66 47.47
N LEU D 230 36.50 -12.29 46.70
CA LEU D 230 35.23 -11.69 46.34
C LEU D 230 34.28 -11.70 47.54
N LEU D 231 34.36 -12.76 48.33
CA LEU D 231 33.60 -12.85 49.57
C LEU D 231 33.95 -11.70 50.49
N ASP D 232 35.25 -11.44 50.61
CA ASP D 232 35.73 -10.33 51.42
C ASP D 232 35.12 -9.05 50.89
N GLU D 233 35.05 -8.93 49.56
CA GLU D 233 34.44 -7.76 48.94
C GLU D 233 32.94 -7.63 49.27
N TYR D 234 32.20 -8.75 49.29
CA TYR D 234 30.77 -8.70 49.64
C TYR D 234 30.59 -8.12 51.04
N GLU D 235 31.53 -8.44 51.91
CA GLU D 235 31.49 -7.99 53.29
C GLU D 235 31.70 -6.48 53.40
N GLU D 236 32.63 -5.97 52.59
CA GLU D 236 32.91 -4.54 52.52
C GLU D 236 31.72 -3.72 52.02
N LEU D 237 31.11 -4.20 50.94
CA LEU D 237 30.07 -3.45 50.23
C LEU D 237 28.70 -3.49 50.90
N TYR D 238 28.34 -4.66 51.43
CA TYR D 238 26.97 -4.89 51.86
C TYR D 238 26.89 -5.36 53.31
N ASP D 239 25.69 -5.39 53.85
CA ASP D 239 25.43 -6.08 55.10
C ASP D 239 25.16 -7.55 54.78
N ILE D 240 25.80 -8.45 55.52
CA ILE D 240 25.54 -9.87 55.33
C ILE D 240 24.61 -10.35 56.44
N VAL D 241 23.70 -11.26 56.12
CA VAL D 241 22.88 -11.90 57.15
C VAL D 241 23.82 -12.52 58.18
N PRO D 242 23.53 -12.28 59.47
CA PRO D 242 24.29 -12.81 60.61
C PRO D 242 24.75 -14.24 60.39
N ALA D 243 23.84 -15.14 60.04
CA ALA D 243 24.18 -16.52 59.75
C ALA D 243 25.22 -16.66 58.63
N GLY D 244 25.23 -15.70 57.72
CA GLY D 244 26.15 -15.73 56.60
C GLY D 244 27.55 -15.29 56.95
N ARG D 245 27.70 -14.70 58.15
CA ARG D 245 28.96 -14.11 58.59
C ARG D 245 29.95 -15.15 59.10
N GLN D 246 29.46 -16.19 59.76
CA GLN D 246 30.34 -17.20 60.36
C GLN D 246 30.92 -18.15 59.33
N GLU D 247 30.66 -19.45 59.48
CA GLU D 247 31.13 -20.44 58.53
C GLU D 247 30.22 -21.65 58.51
N GLY D 248 29.16 -21.59 57.72
CA GLY D 248 28.21 -22.69 57.61
C GLY D 248 27.52 -22.69 56.26
N PRO D 249 26.38 -23.39 56.17
CA PRO D 249 25.64 -23.53 54.91
C PRO D 249 25.24 -22.20 54.27
N VAL D 250 24.79 -21.23 55.07
CA VAL D 250 24.42 -19.92 54.53
C VAL D 250 25.58 -19.24 53.79
N ARG D 251 26.73 -19.15 54.46
CA ARG D 251 27.92 -18.58 53.84
C ARG D 251 28.37 -19.37 52.61
N GLU D 252 28.29 -20.70 52.70
CA GLU D 252 28.62 -21.55 51.57
C GLU D 252 27.70 -21.23 50.40
N SER D 253 26.45 -20.97 50.72
CA SER D 253 25.47 -20.59 49.71
C SER D 253 25.84 -19.25 49.04
N ILE D 254 26.29 -18.28 49.83
CA ILE D 254 26.82 -17.04 49.28
C ILE D 254 28.08 -17.29 48.45
N ARG D 255 28.91 -18.22 48.91
CA ARG D 255 30.16 -18.55 48.22
C ARG D 255 29.85 -19.12 46.83
N GLU D 256 28.77 -19.91 46.74
CA GLU D 256 28.34 -20.46 45.47
C GLU D 256 28.01 -19.34 44.45
N GLN D 257 27.37 -18.28 44.92
CA GLN D 257 27.08 -17.12 44.09
C GLN D 257 28.35 -16.38 43.61
N ALA D 258 29.36 -16.28 44.47
CA ALA D 258 30.65 -15.75 44.05
C ALA D 258 31.25 -16.60 42.92
N ARG D 259 31.13 -17.92 43.04
CA ARG D 259 31.63 -18.83 42.00
C ARG D 259 30.94 -18.59 40.67
N ILE D 260 29.61 -18.50 40.70
CA ILE D 260 28.82 -18.16 39.53
C ILE D 260 29.24 -16.80 38.93
N GLU D 261 29.36 -15.78 39.77
CA GLU D 261 29.78 -14.45 39.32
C GLU D 261 31.12 -14.47 38.59
N LEU D 262 32.08 -15.21 39.12
CA LEU D 262 33.40 -15.24 38.51
C LEU D 262 33.44 -16.15 37.26
N GLY D 263 32.65 -17.21 37.27
CA GLY D 263 32.47 -18.03 36.09
C GLY D 263 31.82 -17.26 34.94
N LEU D 264 30.68 -16.63 35.22
CA LEU D 264 29.98 -15.74 34.30
C LEU D 264 30.92 -14.65 33.75
N LYS D 265 31.61 -13.94 34.64
CA LYS D 265 32.47 -12.86 34.18
C LYS D 265 33.63 -13.33 33.27
N ALA D 266 34.20 -14.49 33.54
CA ALA D 266 35.23 -15.01 32.65
C ALA D 266 34.62 -15.40 31.29
N PHE D 267 33.43 -15.97 31.32
CA PHE D 267 32.77 -16.35 30.06
C PHE D 267 32.47 -15.12 29.24
N LEU D 268 31.80 -14.15 29.88
CA LEU D 268 31.42 -12.90 29.23
C LEU D 268 32.62 -12.15 28.64
N GLN D 269 33.70 -12.04 29.42
CA GLN D 269 34.90 -11.36 28.92
C GLN D 269 35.53 -12.09 27.76
N ASP D 270 35.71 -13.39 27.88
CA ASP D 270 36.30 -14.18 26.81
C ASP D 270 35.60 -14.05 25.46
N GLY D 271 34.33 -13.71 25.47
CA GLY D 271 33.57 -13.68 24.23
C GLY D 271 33.22 -12.27 23.82
N ASN D 272 33.61 -11.31 24.64
CA ASN D 272 33.26 -9.90 24.46
C ASN D 272 31.75 -9.65 24.54
N PHE D 273 31.08 -10.42 25.39
CA PHE D 273 29.64 -10.30 25.57
C PHE D 273 29.34 -9.13 26.50
N THR D 274 28.31 -8.37 26.18
CA THR D 274 27.99 -7.17 26.91
C THR D 274 26.58 -7.31 27.50
N ALA D 275 25.96 -8.45 27.25
CA ALA D 275 24.62 -8.74 27.78
C ALA D 275 24.43 -10.24 27.74
N PHE D 276 23.55 -10.75 28.58
CA PHE D 276 23.33 -12.19 28.61
C PHE D 276 21.98 -12.51 29.20
N THR D 277 21.54 -13.75 29.02
CA THR D 277 20.26 -14.18 29.60
C THR D 277 20.45 -15.52 30.32
N THR D 278 19.51 -15.81 31.21
CA THR D 278 19.47 -17.07 31.90
C THR D 278 18.02 -17.58 31.90
N THR D 279 17.83 -18.87 32.14
CA THR D 279 16.48 -19.40 32.30
C THR D 279 16.41 -20.43 33.42
N PHE D 280 15.44 -20.26 34.32
CA PHE D 280 15.27 -21.18 35.44
C PHE D 280 14.90 -22.58 34.98
N GLU D 281 14.40 -22.70 33.74
CA GLU D 281 14.01 -24.01 33.22
C GLU D 281 15.20 -24.84 32.72
N ASP D 282 16.40 -24.27 32.71
CA ASP D 282 17.58 -25.03 32.31
C ASP D 282 18.80 -24.70 33.17
N LEU D 283 18.98 -25.47 34.25
CA LEU D 283 20.05 -25.20 35.21
C LEU D 283 20.79 -26.49 35.54
N HIS D 284 20.86 -27.38 34.56
CA HIS D 284 21.58 -28.63 34.75
C HIS D 284 23.03 -28.36 35.06
N GLY D 285 23.47 -28.82 36.23
CA GLY D 285 24.85 -28.70 36.65
C GLY D 285 25.10 -27.47 37.48
N MET D 286 24.06 -26.66 37.66
CA MET D 286 24.13 -25.46 38.47
C MET D 286 23.57 -25.81 39.84
N LYS D 287 24.10 -25.20 40.90
CA LYS D 287 23.60 -25.46 42.25
C LYS D 287 22.53 -24.45 42.62
N GLN D 288 22.54 -23.32 41.91
CA GLN D 288 21.59 -22.23 42.17
C GLN D 288 21.28 -21.46 40.89
N LEU D 289 20.09 -20.88 40.85
CA LEU D 289 19.78 -19.87 39.87
C LEU D 289 20.72 -18.72 40.14
N PRO D 290 21.41 -18.23 39.11
CA PRO D 290 22.27 -17.08 39.36
C PRO D 290 21.40 -15.96 39.90
N GLY D 291 21.86 -15.31 40.98
CA GLY D 291 21.06 -14.29 41.65
C GLY D 291 21.94 -13.12 42.03
N LEU D 292 22.68 -13.31 43.11
CA LEU D 292 23.64 -12.34 43.57
C LEU D 292 24.61 -12.02 42.43
N ALA D 293 25.00 -13.06 41.70
CA ALA D 293 25.93 -12.91 40.58
C ALA D 293 25.40 -11.91 39.55
N VAL D 294 24.16 -12.14 39.11
CA VAL D 294 23.56 -11.33 38.05
C VAL D 294 23.44 -9.89 38.50
N GLN D 295 22.99 -9.70 39.73
CA GLN D 295 22.86 -8.36 40.28
C GLN D 295 24.17 -7.59 40.22
N ARG D 296 25.26 -8.24 40.57
CA ARG D 296 26.55 -7.57 40.59
C ARG D 296 27.00 -7.24 39.18
N LEU D 297 26.76 -8.14 38.25
CA LEU D 297 27.16 -7.91 36.86
C LEU D 297 26.34 -6.77 36.24
N MET D 298 25.07 -6.69 36.61
CA MET D 298 24.23 -5.59 36.14
C MET D 298 24.78 -4.26 36.66
N ALA D 299 25.23 -4.25 37.91
CA ALA D 299 25.86 -3.07 38.51
C ALA D 299 27.12 -2.64 37.76
N GLU D 300 27.83 -3.60 37.19
CA GLU D 300 29.00 -3.25 36.40
C GLU D 300 28.62 -2.79 35.01
N GLY D 301 27.33 -2.89 34.68
CA GLY D 301 26.84 -2.40 33.41
C GLY D 301 26.48 -3.45 32.36
N TYR D 302 26.46 -4.71 32.75
CA TYR D 302 25.99 -5.73 31.83
C TYR D 302 24.48 -5.66 31.60
N GLY D 303 24.06 -5.96 30.38
CA GLY D 303 22.66 -6.14 30.07
C GLY D 303 22.21 -7.51 30.55
N PHE D 304 21.01 -7.60 31.09
CA PHE D 304 20.48 -8.89 31.51
C PHE D 304 19.01 -8.99 31.19
N GLY D 305 18.57 -10.16 30.73
CA GLY D 305 17.16 -10.49 30.66
C GLY D 305 16.94 -11.86 31.26
N GLY D 306 15.92 -11.99 32.10
CA GLY D 306 15.57 -13.28 32.68
C GLY D 306 14.72 -14.08 31.71
N GLU D 307 14.68 -15.39 31.90
CA GLU D 307 13.90 -16.29 31.02
C GLU D 307 14.22 -16.21 29.52
N GLY D 308 15.49 -15.97 29.19
CA GLY D 308 15.95 -16.01 27.82
C GLY D 308 15.58 -14.76 27.03
N ASP D 309 15.21 -13.70 27.75
CA ASP D 309 14.78 -12.45 27.14
C ASP D 309 15.95 -11.62 26.59
N TRP D 310 16.33 -11.89 25.35
CA TRP D 310 17.46 -11.21 24.74
C TRP D 310 17.17 -9.76 24.37
N LYS D 311 15.94 -9.48 23.97
CA LYS D 311 15.57 -8.10 23.65
C LYS D 311 15.68 -7.15 24.85
N THR D 312 15.24 -7.60 26.02
CA THR D 312 15.37 -6.74 27.19
C THR D 312 16.83 -6.65 27.62
N ALA D 313 17.57 -7.77 27.47
CA ALA D 313 18.98 -7.78 27.83
C ALA D 313 19.76 -6.74 27.02
N ALA D 314 19.52 -6.70 25.71
CA ALA D 314 20.15 -5.74 24.84
C ALA D 314 19.78 -4.31 25.24
N LEU D 315 18.50 -4.11 25.55
CA LEU D 315 17.98 -2.79 25.89
C LEU D 315 18.55 -2.26 27.18
N VAL D 316 18.60 -3.11 28.20
CA VAL D 316 19.23 -2.75 29.45
C VAL D 316 20.67 -2.27 29.19
N ARG D 317 21.43 -3.03 28.40
CA ARG D 317 22.81 -2.65 28.08
C ARG D 317 22.91 -1.30 27.38
N LEU D 318 22.13 -1.12 26.31
CA LEU D 318 22.00 0.15 25.60
C LEU D 318 21.74 1.31 26.53
N MET D 319 20.77 1.12 27.43
CA MET D 319 20.38 2.15 28.38
C MET D 319 21.44 2.41 29.46
N LYS D 320 22.19 1.37 29.84
CA LYS D 320 23.35 1.55 30.69
C LYS D 320 24.27 2.56 30.01
N VAL D 321 24.48 2.38 28.71
CA VAL D 321 25.33 3.29 27.94
C VAL D 321 24.76 4.69 27.76
N MET D 322 23.48 4.78 27.41
CA MET D 322 22.82 6.09 27.29
C MET D 322 22.83 6.92 28.57
N ALA D 323 22.84 6.23 29.71
CA ALA D 323 22.58 6.88 30.98
C ALA D 323 23.59 7.95 31.32
N ASP D 324 23.09 8.99 31.98
CA ASP D 324 23.84 10.15 32.40
C ASP D 324 24.29 10.00 33.86
N GLY D 325 23.69 9.05 34.58
CA GLY D 325 24.03 8.83 35.97
C GLY D 325 23.73 7.41 36.41
N LYS D 326 23.51 7.22 37.71
CA LYS D 326 23.33 5.90 38.31
C LYS D 326 21.88 5.43 38.37
N GLY D 327 21.66 4.13 38.23
CA GLY D 327 20.37 3.57 38.52
C GLY D 327 19.65 3.11 37.29
N THR D 328 20.09 1.97 36.77
CA THR D 328 19.50 1.36 35.59
C THR D 328 19.47 -0.16 35.75
N SER D 329 18.30 -0.76 35.56
CA SER D 329 18.13 -2.16 35.88
C SER D 329 17.16 -2.88 34.97
N PHE D 330 17.34 -4.19 34.86
CA PHE D 330 16.29 -5.08 34.41
C PHE D 330 15.15 -5.00 35.44
N MET D 331 13.92 -5.20 34.99
CA MET D 331 12.77 -4.97 35.86
C MET D 331 11.53 -5.70 35.34
N GLU D 332 10.55 -5.87 36.23
CA GLU D 332 9.29 -6.53 35.92
C GLU D 332 8.24 -6.03 36.89
N ASP D 333 7.09 -5.61 36.36
CA ASP D 333 5.95 -5.29 37.20
C ASP D 333 5.54 -6.55 37.95
N TYR D 334 5.43 -6.47 39.26
CA TYR D 334 5.08 -7.67 40.00
C TYR D 334 3.68 -7.65 40.61
N THR D 335 3.31 -6.57 41.30
CA THR D 335 1.99 -6.50 41.93
C THR D 335 1.52 -5.05 42.09
N TYR D 336 0.22 -4.84 42.23
CA TYR D 336 -0.30 -3.47 42.31
C TYR D 336 -0.83 -3.11 43.69
N HIS D 337 -0.79 -1.81 43.97
CA HIS D 337 -1.45 -1.24 45.12
C HIS D 337 -2.53 -0.37 44.52
N PHE D 338 -3.79 -0.75 44.68
CA PHE D 338 -4.89 0.00 44.07
C PHE D 338 -5.55 1.01 45.02
N GLU D 339 -4.87 1.33 46.13
CA GLU D 339 -5.37 2.27 47.11
C GLU D 339 -5.69 3.59 46.43
N PRO D 340 -6.96 4.03 46.51
CA PRO D 340 -7.39 5.23 45.79
C PRO D 340 -6.60 6.46 46.19
N GLY D 341 -6.10 7.19 45.21
CA GLY D 341 -5.27 8.35 45.47
C GLY D 341 -3.83 8.01 45.78
N ASN D 342 -3.50 6.72 45.81
CA ASN D 342 -2.17 6.30 46.16
C ASN D 342 -1.76 5.03 45.40
N GLU D 343 -2.17 4.96 44.14
CA GLU D 343 -1.92 3.78 43.33
C GLU D 343 -0.46 3.71 42.89
N LEU D 344 0.10 2.52 42.92
CA LEU D 344 1.48 2.34 42.51
C LEU D 344 1.72 0.91 42.04
N ILE D 345 2.90 0.67 41.50
CA ILE D 345 3.33 -0.67 41.09
C ILE D 345 4.56 -1.03 41.91
N LEU D 346 4.62 -2.29 42.35
CA LEU D 346 5.80 -2.86 42.97
C LEU D 346 6.52 -3.70 41.91
N GLY D 347 7.75 -3.32 41.57
CA GLY D 347 8.51 -4.06 40.59
C GLY D 347 9.66 -4.83 41.19
N ALA D 348 10.02 -5.93 40.55
CA ALA D 348 11.09 -6.80 41.02
C ALA D 348 11.33 -7.90 40.01
N HIS D 349 12.11 -8.89 40.42
CA HIS D 349 12.18 -10.15 39.71
C HIS D 349 12.49 -11.21 40.76
N MET D 350 12.47 -12.48 40.41
CA MET D 350 12.64 -13.52 41.42
C MET D 350 13.96 -13.42 42.20
N LEU D 351 14.97 -12.77 41.62
CA LEU D 351 16.22 -12.48 42.32
C LEU D 351 16.95 -11.24 41.76
N GLU D 352 16.79 -11.00 40.46
CA GLU D 352 17.77 -10.22 39.70
C GLU D 352 17.45 -8.72 39.49
N VAL D 353 17.58 -7.91 40.54
CA VAL D 353 17.36 -6.47 40.42
C VAL D 353 18.66 -5.73 40.71
N CYS D 354 19.00 -4.75 39.90
CA CYS D 354 20.29 -4.08 40.06
C CYS D 354 20.36 -3.16 41.28
N PRO D 355 21.44 -3.30 42.06
CA PRO D 355 21.67 -2.51 43.26
C PRO D 355 21.97 -1.03 42.98
N THR D 356 22.26 -0.69 41.73
CA THR D 356 22.42 0.73 41.37
C THR D 356 21.15 1.55 41.58
N ILE D 357 20.00 0.89 41.71
CA ILE D 357 18.77 1.62 41.99
C ILE D 357 18.39 1.64 43.47
N ALA D 358 19.23 1.06 44.31
CA ALA D 358 18.98 0.96 45.76
C ALA D 358 19.04 2.32 46.46
N ALA D 359 18.18 2.51 47.44
CA ALA D 359 18.24 3.69 48.31
C ALA D 359 18.76 3.29 49.69
N THR D 360 18.76 1.99 49.95
CA THR D 360 19.25 1.42 51.20
C THR D 360 20.48 0.59 50.86
N ARG D 361 21.33 0.29 51.85
CA ARG D 361 22.48 -0.56 51.58
C ARG D 361 21.98 -1.96 51.28
N PRO D 362 22.45 -2.53 50.17
CA PRO D 362 22.07 -3.93 49.90
C PRO D 362 22.48 -4.85 51.05
N ARG D 363 21.61 -5.81 51.34
CA ARG D 363 21.93 -6.84 52.30
C ARG D 363 21.98 -8.15 51.53
N VAL D 364 22.99 -8.97 51.78
CA VAL D 364 23.01 -10.30 51.20
C VAL D 364 22.18 -11.25 52.06
N GLU D 365 21.21 -11.92 51.44
CA GLU D 365 20.34 -12.85 52.13
C GLU D 365 20.17 -14.15 51.34
N VAL D 366 19.78 -15.21 52.03
CA VAL D 366 19.56 -16.51 51.44
C VAL D 366 18.16 -16.95 51.84
N HIS D 367 17.41 -17.50 50.89
CA HIS D 367 16.02 -17.86 51.09
C HIS D 367 15.70 -18.98 50.13
N PRO D 368 14.66 -19.77 50.43
CA PRO D 368 14.30 -20.78 49.44
C PRO D 368 13.67 -20.16 48.19
N LEU D 369 13.97 -20.76 47.04
CA LEU D 369 13.32 -20.40 45.81
C LEU D 369 12.86 -21.68 45.14
N SER D 370 11.54 -21.88 45.09
CA SER D 370 10.98 -23.10 44.52
C SER D 370 11.17 -23.15 43.00
N ILE D 371 11.00 -22.01 42.37
CA ILE D 371 11.04 -21.90 40.93
C ILE D 371 12.43 -22.28 40.44
N GLY D 372 12.48 -23.27 39.55
CA GLY D 372 13.74 -23.77 39.03
C GLY D 372 14.23 -24.99 39.79
N GLY D 373 13.78 -25.10 41.04
CA GLY D 373 14.07 -26.26 41.86
C GLY D 373 15.53 -26.50 42.18
N LYS D 374 16.28 -25.42 42.41
CA LYS D 374 17.67 -25.57 42.82
C LYS D 374 17.85 -25.15 44.28
N GLU D 375 19.08 -25.17 44.76
CA GLU D 375 19.35 -24.84 46.17
C GLU D 375 19.04 -23.37 46.47
N ASP D 376 18.82 -23.04 47.73
CA ASP D 376 18.49 -21.67 48.15
C ASP D 376 19.56 -20.69 47.69
N PRO D 377 19.15 -19.68 46.88
CA PRO D 377 20.10 -18.72 46.30
C PRO D 377 20.36 -17.46 47.15
N ALA D 378 21.63 -17.06 47.21
CA ALA D 378 21.96 -15.78 47.83
C ALA D 378 21.64 -14.63 46.88
N ARG D 379 21.21 -13.50 47.44
CA ARG D 379 20.86 -12.33 46.63
C ARG D 379 20.92 -11.06 47.45
N LEU D 380 20.98 -9.93 46.75
CA LEU D 380 20.93 -8.64 47.40
C LEU D 380 19.49 -8.19 47.63
N VAL D 381 19.19 -7.72 48.83
CA VAL D 381 17.87 -7.18 49.13
C VAL D 381 17.96 -5.70 49.48
N PHE D 382 17.06 -4.93 48.91
CA PHE D 382 17.07 -3.49 49.13
C PHE D 382 15.77 -2.91 48.64
N ASP D 383 15.48 -1.68 49.05
CA ASP D 383 14.40 -0.92 48.47
C ASP D 383 14.95 0.05 47.42
N GLY D 384 14.27 0.12 46.29
CA GLY D 384 14.67 1.05 45.24
C GLY D 384 14.45 2.48 45.70
N GLY D 385 15.20 3.41 45.12
CA GLY D 385 15.09 4.81 45.47
C GLY D 385 13.88 5.48 44.86
N GLU D 386 13.86 6.81 44.91
CA GLU D 386 12.74 7.58 44.41
C GLU D 386 13.22 8.62 43.43
N GLY D 387 12.30 9.11 42.59
CA GLY D 387 12.66 10.06 41.57
C GLY D 387 12.05 9.73 40.21
N ALA D 388 12.09 10.72 39.33
CA ALA D 388 11.72 10.55 37.93
C ALA D 388 12.57 9.48 37.26
N ALA D 389 11.91 8.64 36.46
CA ALA D 389 12.56 7.54 35.76
C ALA D 389 11.77 7.17 34.51
N VAL D 390 12.32 6.26 33.71
CA VAL D 390 11.57 5.72 32.58
C VAL D 390 11.57 4.22 32.72
N ASN D 391 10.52 3.60 32.20
CA ASN D 391 10.45 2.15 32.13
C ASN D 391 10.18 1.83 30.67
N ALA D 392 11.11 1.12 30.03
CA ALA D 392 11.04 0.92 28.58
C ALA D 392 11.01 -0.56 28.20
N SER D 393 10.25 -0.86 27.15
CA SER D 393 10.13 -2.20 26.62
C SER D 393 10.29 -2.14 25.12
N LEU D 394 10.96 -3.13 24.55
CA LEU D 394 11.10 -3.23 23.10
C LEU D 394 10.51 -4.55 22.65
N ILE D 395 9.47 -4.52 21.81
CA ILE D 395 8.83 -5.76 21.41
C ILE D 395 8.94 -6.00 19.91
N ASP D 396 8.69 -7.26 19.53
CA ASP D 396 8.67 -7.68 18.15
C ASP D 396 7.23 -7.90 17.69
N LEU D 397 6.74 -7.03 16.81
CA LEU D 397 5.37 -7.13 16.31
C LEU D 397 5.24 -8.13 15.19
N GLY D 398 6.31 -8.85 14.87
CA GLY D 398 6.25 -9.83 13.81
C GLY D 398 6.93 -9.32 12.56
N HIS D 399 6.56 -8.12 12.14
CA HIS D 399 7.11 -7.56 10.91
C HIS D 399 7.99 -6.34 11.18
N ARG D 400 8.04 -5.91 12.45
CA ARG D 400 8.84 -4.76 12.85
C ARG D 400 8.90 -4.70 14.37
N PHE D 401 9.84 -3.92 14.90
CA PHE D 401 9.98 -3.74 16.34
C PHE D 401 9.32 -2.46 16.77
N ARG D 402 8.89 -2.42 18.03
CA ARG D 402 8.27 -1.22 18.60
C ARG D 402 8.85 -0.97 19.97
N LEU D 403 9.27 0.26 20.21
CA LEU D 403 9.84 0.65 21.50
C LEU D 403 8.81 1.44 22.30
N ILE D 404 8.51 0.96 23.51
CA ILE D 404 7.50 1.57 24.36
C ILE D 404 8.15 2.10 25.61
N VAL D 405 7.90 3.36 25.94
CA VAL D 405 8.52 3.97 27.09
C VAL D 405 7.47 4.67 27.95
N ASN D 406 7.47 4.35 29.23
CA ASN D 406 6.58 5.00 30.16
C ASN D 406 7.40 5.81 31.17
N GLU D 407 7.04 7.08 31.30
CA GLU D 407 7.66 7.96 32.25
C GLU D 407 6.98 7.72 33.59
N VAL D 408 7.76 7.45 34.62
CA VAL D 408 7.19 7.18 35.94
C VAL D 408 7.90 7.97 37.05
N ASP D 409 7.35 7.88 38.26
CA ASP D 409 8.01 8.46 39.42
C ASP D 409 8.20 7.39 40.47
N ALA D 410 9.44 7.02 40.74
CA ALA D 410 9.70 6.02 41.79
C ALA D 410 9.40 6.66 43.14
N VAL D 411 8.86 5.87 44.08
CA VAL D 411 8.57 6.38 45.41
C VAL D 411 9.17 5.48 46.49
N LYS D 412 9.53 6.09 47.62
CA LYS D 412 10.00 5.35 48.78
C LYS D 412 8.84 4.63 49.48
N PRO D 413 9.06 3.37 49.88
CA PRO D 413 8.03 2.67 50.66
C PRO D 413 7.80 3.27 52.05
N GLU D 414 6.53 3.53 52.37
CA GLU D 414 6.15 3.94 53.71
C GLU D 414 6.40 2.84 54.74
N HIS D 415 6.23 1.59 54.32
CA HIS D 415 6.26 0.47 55.25
C HIS D 415 7.36 -0.53 54.93
N ASP D 416 7.77 -1.27 55.95
CA ASP D 416 8.72 -2.34 55.73
C ASP D 416 8.01 -3.51 55.08
N MET D 417 8.76 -4.32 54.32
CA MET D 417 8.26 -5.57 53.78
C MET D 417 9.16 -6.72 54.27
N PRO D 418 9.02 -7.07 55.55
CA PRO D 418 9.91 -8.01 56.24
C PRO D 418 9.78 -9.44 55.74
N LYS D 419 8.66 -9.82 55.12
CA LYS D 419 8.53 -11.19 54.59
C LYS D 419 9.00 -11.35 53.14
N LEU D 420 9.34 -10.24 52.49
CA LEU D 420 9.65 -10.24 51.07
C LEU D 420 11.14 -10.36 50.83
N PRO D 421 11.58 -11.52 50.29
CA PRO D 421 13.00 -11.89 50.17
C PRO D 421 13.70 -11.35 48.92
N VAL D 422 13.09 -10.39 48.23
CA VAL D 422 13.70 -9.83 47.03
C VAL D 422 13.73 -8.31 47.06
N ALA D 423 14.76 -7.75 46.43
CA ALA D 423 14.82 -6.33 46.20
C ALA D 423 13.65 -5.92 45.32
N ARG D 424 13.14 -4.72 45.56
CA ARG D 424 11.95 -4.23 44.87
C ARG D 424 11.97 -2.72 44.76
N ILE D 425 11.07 -2.20 43.96
CA ILE D 425 10.98 -0.76 43.81
C ILE D 425 9.51 -0.41 43.61
N LEU D 426 9.10 0.76 44.09
CA LEU D 426 7.73 1.19 43.90
C LEU D 426 7.71 2.44 43.02
N TRP D 427 6.84 2.45 42.02
CA TRP D 427 6.65 3.65 41.24
C TRP D 427 5.18 3.96 40.92
N LYS D 428 4.91 5.22 40.63
CA LYS D 428 3.59 5.64 40.18
C LYS D 428 3.74 6.05 38.73
N PRO D 429 3.07 5.34 37.82
CA PRO D 429 3.25 5.67 36.40
C PRO D 429 2.43 6.89 36.01
N ARG D 430 2.98 7.67 35.09
CA ARG D 430 2.28 8.80 34.49
C ARG D 430 1.47 8.35 33.27
N PRO D 431 0.26 8.92 33.08
CA PRO D 431 -0.36 9.98 33.90
C PRO D 431 -1.08 9.40 35.11
N SER D 432 -1.37 8.10 35.08
CA SER D 432 -1.96 7.38 36.20
C SER D 432 -1.74 5.90 35.98
N LEU D 433 -1.93 5.09 37.02
CA LEU D 433 -1.83 3.63 36.89
C LEU D 433 -2.86 3.10 35.91
N ARG D 434 -4.11 3.47 36.14
CA ARG D 434 -5.22 3.19 35.24
C ARG D 434 -4.84 3.46 33.78
N ASP D 435 -4.48 4.70 33.48
CA ASP D 435 -4.26 5.14 32.09
C ASP D 435 -2.99 4.59 31.45
N SER D 436 -1.90 4.50 32.21
CA SER D 436 -0.65 3.98 31.64
C SER D 436 -0.68 2.47 31.40
N ALA D 437 -1.34 1.72 32.29
CA ALA D 437 -1.49 0.28 32.10
C ALA D 437 -2.35 -0.02 30.88
N GLU D 438 -3.45 0.72 30.74
CA GLU D 438 -4.28 0.55 29.58
C GLU D 438 -3.48 0.82 28.31
N ALA D 439 -2.81 1.96 28.30
CA ALA D 439 -1.96 2.33 27.17
C ALA D 439 -0.87 1.28 26.87
N TRP D 440 -0.22 0.79 27.92
CA TRP D 440 0.85 -0.18 27.78
C TRP D 440 0.30 -1.47 27.15
N ILE D 441 -0.88 -1.88 27.59
CA ILE D 441 -1.50 -3.10 27.10
C ILE D 441 -1.90 -2.98 25.65
N LEU D 442 -2.50 -1.84 25.30
CA LEU D 442 -2.86 -1.56 23.92
C LEU D 442 -1.64 -1.59 23.00
N ALA D 443 -0.51 -1.09 23.49
CA ALA D 443 0.73 -1.11 22.72
C ALA D 443 1.37 -2.50 22.72
N GLY D 444 0.80 -3.41 23.51
CA GLY D 444 1.39 -4.73 23.67
C GLY D 444 2.73 -4.71 24.38
N GLY D 445 2.92 -3.73 25.27
CA GLY D 445 4.16 -3.63 26.02
C GLY D 445 4.45 -4.87 26.85
N ALA D 446 5.73 -5.20 26.98
CA ALA D 446 6.12 -6.40 27.72
C ALA D 446 6.00 -6.23 29.23
N HIS D 447 6.08 -7.36 29.93
CA HIS D 447 6.18 -7.37 31.38
C HIS D 447 7.64 -7.21 31.85
N HIS D 448 8.60 -7.51 30.98
CA HIS D 448 10.00 -7.19 31.25
C HIS D 448 10.35 -5.82 30.67
N THR D 449 11.08 -5.02 31.45
CA THR D 449 11.50 -3.72 30.97
C THR D 449 12.91 -3.42 31.40
N CYS D 450 13.43 -2.31 30.90
CA CYS D 450 14.57 -1.67 31.53
C CYS D 450 14.04 -0.44 32.26
N PHE D 451 14.39 -0.35 33.53
CA PHE D 451 14.05 0.79 34.38
C PHE D 451 15.31 1.64 34.56
N SER D 452 15.19 2.95 34.39
CA SER D 452 16.34 3.83 34.62
C SER D 452 15.99 5.23 35.12
N PHE D 453 16.80 5.72 36.05
CA PHE D 453 16.65 7.06 36.59
C PHE D 453 17.36 8.10 35.73
N ALA D 454 18.21 7.62 34.82
CA ALA D 454 19.20 8.46 34.19
C ALA D 454 19.11 8.51 32.67
N VAL D 455 18.04 7.98 32.11
CA VAL D 455 17.83 8.01 30.67
C VAL D 455 16.57 8.83 30.40
N THR D 456 16.60 9.72 29.43
CA THR D 456 15.44 10.57 29.17
C THR D 456 14.66 9.97 28.01
N THR D 457 13.39 10.37 27.90
CA THR D 457 12.54 9.95 26.80
C THR D 457 13.10 10.38 25.46
N GLU D 458 13.65 11.60 25.42
CA GLU D 458 14.30 12.16 24.23
C GLU D 458 15.37 11.24 23.68
N GLN D 459 16.21 10.71 24.56
CA GLN D 459 17.26 9.80 24.15
C GLN D 459 16.69 8.53 23.49
N LEU D 460 15.72 7.91 24.15
CA LEU D 460 15.10 6.72 23.60
C LEU D 460 14.43 6.99 22.24
N GLN D 461 13.75 8.13 22.12
CA GLN D 461 13.23 8.54 20.83
C GLN D 461 14.32 8.72 19.77
N ASP D 462 15.43 9.36 20.14
CA ASP D 462 16.52 9.56 19.18
C ASP D 462 17.14 8.21 18.78
N PHE D 463 17.17 7.26 19.70
CA PHE D 463 17.73 5.95 19.39
C PHE D 463 16.81 5.24 18.40
N ALA D 464 15.52 5.28 18.67
CA ALA D 464 14.52 4.70 17.78
C ALA D 464 14.66 5.28 16.37
N GLU D 465 14.77 6.60 16.31
CA GLU D 465 14.99 7.30 15.05
C GLU D 465 16.24 6.81 14.29
N MET D 466 17.36 6.66 15.00
CA MET D 466 18.59 6.09 14.43
C MET D 466 18.41 4.66 13.94
N ALA D 467 17.58 3.90 14.65
CA ALA D 467 17.44 2.47 14.36
C ALA D 467 16.40 2.21 13.25
N GLY D 468 15.52 3.18 13.04
CA GLY D 468 14.46 3.01 12.06
C GLY D 468 13.28 2.27 12.64
N ILE D 469 12.95 2.58 13.90
CA ILE D 469 11.79 1.95 14.52
C ILE D 469 10.87 2.94 15.21
N GLU D 470 9.60 2.55 15.31
CA GLU D 470 8.61 3.29 16.05
C GLU D 470 8.96 3.32 17.53
N CYS D 471 8.79 4.50 18.13
CA CYS D 471 8.87 4.66 19.58
C CYS D 471 7.60 5.35 20.09
N VAL D 472 6.84 4.67 20.94
CA VAL D 472 5.66 5.26 21.55
C VAL D 472 5.95 5.61 23.00
N VAL D 473 5.39 6.72 23.45
CA VAL D 473 5.71 7.29 24.76
C VAL D 473 4.44 7.43 25.55
N ILE D 474 4.49 7.05 26.81
CA ILE D 474 3.35 7.21 27.69
C ILE D 474 3.80 8.10 28.85
N ASN D 475 3.12 9.24 29.03
CA ASN D 475 3.50 10.18 30.09
C ASN D 475 2.36 11.06 30.55
N GLU D 476 2.70 12.17 31.20
CA GLU D 476 1.70 13.04 31.84
C GLU D 476 0.66 13.60 30.85
N HIS D 477 1.04 13.71 29.59
CA HIS D 477 0.16 14.30 28.59
C HIS D 477 -0.64 13.25 27.82
N THR D 478 -0.38 11.98 28.11
CA THR D 478 -1.06 10.92 27.38
C THR D 478 -2.55 10.88 27.67
N SER D 479 -3.33 10.83 26.60
CA SER D 479 -4.74 10.50 26.68
C SER D 479 -4.89 9.17 25.93
N VAL D 480 -5.64 8.23 26.50
CA VAL D 480 -5.74 6.89 25.91
C VAL D 480 -6.39 6.89 24.52
N SER D 481 -7.43 7.68 24.33
CA SER D 481 -8.07 7.75 23.01
C SER D 481 -7.13 8.29 21.93
N SER D 482 -6.37 9.34 22.27
CA SER D 482 -5.38 9.87 21.34
C SER D 482 -4.29 8.83 21.07
N PHE D 483 -3.91 8.09 22.12
CA PHE D 483 -2.85 7.10 22.03
C PHE D 483 -3.27 5.96 21.10
N LYS D 484 -4.53 5.56 21.18
CA LYS D 484 -5.06 4.55 20.27
C LYS D 484 -4.93 5.00 18.82
N ASN D 485 -5.51 6.14 18.50
CA ASN D 485 -5.41 6.67 17.13
C ASN D 485 -3.96 6.69 16.66
N GLU D 486 -3.09 7.19 17.52
CA GLU D 486 -1.68 7.30 17.20
C GLU D 486 -1.04 5.94 16.86
N LEU D 487 -1.41 4.89 17.60
CA LEU D 487 -0.91 3.54 17.31
C LEU D 487 -1.33 3.11 15.90
N LYS D 488 -2.59 3.37 15.57
CA LYS D 488 -3.12 3.06 14.24
C LYS D 488 -2.35 3.80 13.15
N TRP D 489 -2.22 5.11 13.31
CA TRP D 489 -1.61 5.94 12.27
C TRP D 489 -0.15 5.61 12.13
N ASN D 490 0.52 5.41 13.27
CA ASN D 490 1.90 4.96 13.26
C ASN D 490 2.05 3.64 12.52
N GLU D 491 1.16 2.68 12.80
CA GLU D 491 1.24 1.36 12.19
C GLU D 491 1.25 1.40 10.67
N VAL D 492 0.48 2.30 10.07
CA VAL D 492 0.43 2.33 8.61
C VAL D 492 1.70 2.96 8.04
N PHE D 493 2.27 3.90 8.78
CA PHE D 493 3.55 4.49 8.38
C PHE D 493 4.74 3.52 8.50
N TRP D 494 4.82 2.75 9.59
CA TRP D 494 5.98 1.85 9.79
C TRP D 494 5.96 0.56 8.98
N ARG D 495 4.78 0.10 8.58
CA ARG D 495 4.67 -1.01 7.61
C ARG D 495 5.55 -0.78 6.38
N GLY D 496 6.78 -1.27 6.44
CA GLY D 496 7.76 -1.02 5.40
C GLY D 496 8.94 -0.20 5.88
N MET E 2 38.36 5.90 -27.06
CA MET E 2 39.54 6.76 -26.87
C MET E 2 39.51 7.40 -25.48
N LEU E 3 38.31 7.58 -24.94
CA LEU E 3 38.14 8.04 -23.56
C LEU E 3 38.53 6.90 -22.66
N SER E 4 39.69 7.03 -22.02
CA SER E 4 40.26 5.93 -21.25
C SER E 4 39.63 5.83 -19.86
N LEU E 5 39.46 4.61 -19.39
CA LEU E 5 38.96 4.37 -18.03
C LEU E 5 40.09 4.40 -17.02
N ARG E 6 39.77 4.77 -15.78
CA ARG E 6 40.71 4.57 -14.70
C ARG E 6 40.88 3.06 -14.48
N PRO E 7 41.94 2.65 -13.77
CA PRO E 7 42.06 1.20 -13.52
C PRO E 7 40.91 0.69 -12.63
N TYR E 8 40.34 -0.47 -12.99
CA TYR E 8 39.31 -1.11 -12.15
C TYR E 8 39.67 -2.57 -11.93
N GLU E 9 39.24 -3.13 -10.80
CA GLU E 9 39.46 -4.53 -10.52
C GLU E 9 38.24 -5.16 -9.83
N PHE E 10 38.24 -6.49 -9.72
CA PHE E 10 37.16 -7.21 -9.05
C PHE E 10 37.66 -8.04 -7.88
N TRP E 11 37.02 -7.88 -6.73
CA TRP E 11 37.49 -8.51 -5.52
C TRP E 11 36.81 -9.85 -5.35
N PHE E 12 37.60 -10.90 -5.21
CA PHE E 12 37.06 -12.23 -4.96
C PHE E 12 37.14 -12.55 -3.48
N VAL E 13 35.98 -12.75 -2.85
CA VAL E 13 35.92 -12.93 -1.40
C VAL E 13 35.34 -14.28 -1.07
N THR E 14 36.10 -15.10 -0.36
CA THR E 14 35.69 -16.46 -0.04
C THR E 14 35.24 -16.57 1.39
N GLY E 15 34.08 -17.16 1.60
CA GLY E 15 33.57 -17.32 2.95
C GLY E 15 33.88 -18.71 3.47
N SER E 16 34.29 -18.78 4.73
CA SER E 16 34.30 -20.07 5.41
C SER E 16 33.97 -19.89 6.88
N GLN E 17 34.44 -20.81 7.72
CA GLN E 17 34.23 -20.79 9.17
C GLN E 17 35.37 -21.57 9.85
N HIS E 18 35.57 -21.35 11.15
CA HIS E 18 36.65 -22.01 11.89
C HIS E 18 36.34 -23.43 12.34
N LEU E 19 35.12 -23.90 12.08
CA LEU E 19 34.62 -25.18 12.58
C LEU E 19 35.54 -26.37 12.25
N TYR E 20 35.95 -26.45 10.99
CA TYR E 20 36.72 -27.60 10.51
C TYR E 20 38.24 -27.49 10.76
N GLY E 21 38.69 -26.38 11.35
CA GLY E 21 40.10 -26.24 11.68
C GLY E 21 40.89 -25.31 10.78
N GLU E 22 42.13 -25.02 11.18
CA GLU E 22 42.96 -24.05 10.48
C GLU E 22 43.55 -24.63 9.19
N GLU E 23 43.73 -25.94 9.17
CA GLU E 23 44.25 -26.63 8.01
C GLU E 23 43.29 -26.50 6.82
N ALA E 24 42.01 -26.75 7.10
CA ALA E 24 40.95 -26.63 6.10
C ALA E 24 40.95 -25.22 5.52
N LEU E 25 41.19 -24.23 6.36
CA LEU E 25 41.18 -22.85 5.90
C LEU E 25 42.31 -22.61 4.94
N LYS E 26 43.45 -23.25 5.19
CA LYS E 26 44.61 -23.11 4.32
C LYS E 26 44.27 -23.63 2.94
N GLN E 27 43.62 -24.79 2.92
CA GLN E 27 43.19 -25.39 1.67
C GLN E 27 42.22 -24.49 0.93
N VAL E 28 41.31 -23.85 1.67
CA VAL E 28 40.27 -23.02 1.07
C VAL E 28 40.94 -21.85 0.34
N GLU E 29 41.87 -21.23 1.04
CA GLU E 29 42.64 -20.14 0.49
C GLU E 29 43.43 -20.55 -0.76
N GLU E 30 44.01 -21.74 -0.74
CA GLU E 30 44.82 -22.17 -1.87
C GLU E 30 43.92 -22.28 -3.08
N HIS E 31 42.71 -22.78 -2.83
CA HIS E 31 41.73 -22.99 -3.88
C HIS E 31 41.34 -21.67 -4.51
N SER E 32 41.06 -20.68 -3.67
CA SER E 32 40.66 -19.38 -4.14
C SER E 32 41.79 -18.66 -4.87
N ARG E 33 43.00 -18.85 -4.36
CA ARG E 33 44.17 -18.29 -5.03
C ARG E 33 44.30 -18.87 -6.43
N ILE E 34 44.18 -20.19 -6.55
CA ILE E 34 44.22 -20.88 -7.83
C ILE E 34 43.14 -20.37 -8.79
N MET E 35 41.92 -20.19 -8.28
CA MET E 35 40.84 -19.74 -9.14
C MET E 35 41.13 -18.34 -9.66
N VAL E 36 41.50 -17.43 -8.75
CA VAL E 36 41.88 -16.07 -9.15
C VAL E 36 43.05 -16.02 -10.16
N ASN E 37 44.10 -16.79 -9.90
CA ASN E 37 45.27 -16.75 -10.78
C ASN E 37 44.94 -17.29 -12.16
N GLU E 38 44.18 -18.38 -12.19
CA GLU E 38 43.74 -18.97 -13.44
C GLU E 38 42.80 -18.04 -14.20
N TRP E 39 41.84 -17.48 -13.50
CA TRP E 39 40.94 -16.50 -14.12
C TRP E 39 41.74 -15.40 -14.78
N ASN E 40 42.76 -14.91 -14.10
CA ASN E 40 43.54 -13.78 -14.63
C ASN E 40 44.40 -14.12 -15.84
N ARG E 41 44.47 -15.41 -16.18
CA ARG E 41 45.17 -15.88 -17.37
C ARG E 41 44.24 -15.99 -18.55
N ASP E 42 42.94 -15.82 -18.30
CA ASP E 42 41.95 -16.03 -19.34
C ASP E 42 41.53 -14.68 -19.89
N SER E 43 41.74 -14.52 -21.20
CA SER E 43 41.56 -13.24 -21.85
C SER E 43 40.08 -12.82 -21.97
N VAL E 44 39.17 -13.74 -21.64
CA VAL E 44 37.76 -13.41 -21.70
C VAL E 44 37.42 -12.21 -20.79
N PHE E 45 38.12 -12.11 -19.65
CA PHE E 45 37.85 -11.03 -18.69
C PHE E 45 38.57 -9.74 -19.09
N PRO E 46 37.86 -8.61 -19.03
CA PRO E 46 38.41 -7.30 -19.39
C PRO E 46 39.07 -6.57 -18.21
N PHE E 47 38.96 -7.13 -17.02
CA PHE E 47 39.49 -6.49 -15.82
C PHE E 47 40.03 -7.59 -14.94
N PRO E 48 40.99 -7.28 -14.07
CA PRO E 48 41.56 -8.32 -13.21
C PRO E 48 40.72 -8.64 -11.97
N PHE E 49 40.87 -9.87 -11.51
CA PHE E 49 40.39 -10.32 -10.22
C PHE E 49 41.48 -10.08 -9.18
N VAL E 50 41.07 -9.69 -7.97
CA VAL E 50 41.98 -9.65 -6.85
C VAL E 50 41.48 -10.58 -5.74
N PHE E 51 42.36 -11.47 -5.31
CA PHE E 51 42.05 -12.35 -4.19
C PHE E 51 42.16 -11.57 -2.89
N LYS E 52 41.05 -11.37 -2.22
CA LYS E 52 41.08 -10.89 -0.83
C LYS E 52 41.12 -12.16 0.03
N SER E 53 41.28 -12.02 1.34
CA SER E 53 41.38 -13.21 2.18
C SER E 53 40.12 -14.10 2.19
N VAL E 54 40.24 -15.18 2.94
CA VAL E 54 39.11 -16.02 3.27
C VAL E 54 38.54 -15.38 4.53
N VAL E 55 37.26 -15.05 4.51
CA VAL E 55 36.68 -14.37 5.67
C VAL E 55 35.88 -15.38 6.47
N THR E 56 36.01 -15.33 7.79
CA THR E 56 35.50 -16.38 8.66
C THR E 56 34.81 -15.82 9.90
N THR E 57 34.83 -14.50 10.06
CA THR E 57 34.23 -13.84 11.22
C THR E 57 33.46 -12.59 10.76
N PRO E 58 32.53 -12.11 11.59
CA PRO E 58 31.77 -10.92 11.20
C PRO E 58 32.67 -9.70 10.95
N GLU E 59 33.70 -9.57 11.79
CA GLU E 59 34.67 -8.50 11.68
C GLU E 59 35.39 -8.50 10.34
N GLU E 60 35.92 -9.67 9.98
CA GLU E 60 36.65 -9.83 8.72
C GLU E 60 35.75 -9.47 7.55
N ILE E 61 34.52 -9.96 7.59
CA ILE E 61 33.54 -9.65 6.56
C ILE E 61 33.25 -8.15 6.45
N ARG E 62 32.99 -7.49 7.58
CA ARG E 62 32.66 -6.07 7.56
C ARG E 62 33.83 -5.25 7.05
N ARG E 63 35.00 -5.54 7.58
CA ARG E 63 36.24 -4.91 7.15
C ARG E 63 36.43 -4.95 5.64
N VAL E 64 36.26 -6.12 5.02
CA VAL E 64 36.48 -6.22 3.57
C VAL E 64 35.41 -5.45 2.78
N CYS E 65 34.19 -5.39 3.32
CA CYS E 65 33.14 -4.59 2.69
C CYS E 65 33.41 -3.10 2.85
N LEU E 66 33.82 -2.69 4.04
CA LEU E 66 34.28 -1.32 4.25
C LEU E 66 35.43 -0.94 3.31
N GLU E 67 36.40 -1.84 3.14
CA GLU E 67 37.50 -1.59 2.22
C GLU E 67 36.99 -1.44 0.79
N ALA E 68 36.09 -2.32 0.38
CA ALA E 68 35.54 -2.25 -0.98
C ALA E 68 34.87 -0.91 -1.23
N ASN E 69 34.03 -0.46 -0.28
CA ASN E 69 33.39 0.85 -0.40
C ASN E 69 34.32 2.04 -0.60
N ALA E 70 35.44 2.03 0.10
CA ALA E 70 36.37 3.17 0.06
C ALA E 70 37.40 3.07 -1.05
N SER E 71 37.44 1.95 -1.75
CA SER E 71 38.42 1.75 -2.82
C SER E 71 37.86 2.09 -4.19
N GLU E 72 38.35 3.18 -4.78
CA GLU E 72 37.81 3.66 -6.04
C GLU E 72 38.03 2.70 -7.21
N GLN E 73 39.06 1.88 -7.14
CA GLN E 73 39.35 0.95 -8.24
C GLN E 73 38.48 -0.29 -8.19
N CYS E 74 37.89 -0.56 -7.03
CA CYS E 74 37.06 -1.74 -6.89
C CYS E 74 35.70 -1.52 -7.56
N ALA E 75 35.47 -2.12 -8.72
CA ALA E 75 34.18 -1.97 -9.38
C ALA E 75 33.13 -3.02 -8.97
N GLY E 76 33.55 -4.05 -8.26
CA GLY E 76 32.62 -5.09 -7.88
C GLY E 76 33.18 -6.14 -6.95
N VAL E 77 32.28 -6.76 -6.20
CA VAL E 77 32.67 -7.82 -5.28
C VAL E 77 32.02 -9.13 -5.66
N VAL E 78 32.86 -10.17 -5.78
CA VAL E 78 32.42 -11.51 -6.09
C VAL E 78 32.58 -12.39 -4.84
N THR E 79 31.46 -12.90 -4.34
CA THR E 79 31.47 -13.68 -3.13
C THR E 79 31.18 -15.14 -3.42
N TRP E 80 31.85 -16.01 -2.67
CA TRP E 80 31.67 -17.44 -2.82
C TRP E 80 31.87 -18.08 -1.46
N MET E 81 30.87 -18.87 -1.02
CA MET E 81 31.03 -19.67 0.19
C MET E 81 31.66 -21.01 -0.19
N HIS E 82 32.95 -21.16 0.07
CA HIS E 82 33.64 -22.42 -0.18
C HIS E 82 33.10 -23.51 0.74
N THR E 83 32.89 -23.17 2.01
CA THR E 83 32.22 -24.06 2.93
C THR E 83 31.07 -23.31 3.56
N PHE E 84 30.37 -23.97 4.47
CA PHE E 84 29.35 -23.32 5.28
C PHE E 84 29.97 -22.10 5.96
N SER E 85 29.26 -20.99 5.94
CA SER E 85 29.76 -19.74 6.48
C SER E 85 28.55 -19.02 7.06
N PRO E 86 28.21 -19.32 8.32
CA PRO E 86 26.97 -18.93 8.99
C PRO E 86 26.61 -17.49 8.65
N ALA E 87 25.40 -17.29 8.12
CA ALA E 87 25.10 -16.07 7.38
C ALA E 87 24.88 -14.83 8.24
N LYS E 88 24.56 -15.02 9.52
CA LYS E 88 24.44 -13.87 10.42
C LYS E 88 25.76 -13.13 10.51
N MET E 89 26.86 -13.81 10.21
CA MET E 89 28.17 -13.16 10.20
C MET E 89 28.29 -12.17 9.02
N TRP E 90 27.43 -12.35 8.02
CA TRP E 90 27.50 -11.55 6.80
C TRP E 90 26.62 -10.31 6.83
N ILE E 91 25.70 -10.25 7.79
CA ILE E 91 24.77 -9.14 7.87
C ILE E 91 25.46 -7.75 7.94
N GLY E 92 26.36 -7.58 8.91
CA GLY E 92 27.12 -6.35 9.02
C GLY E 92 27.77 -5.90 7.72
N GLY E 93 28.54 -6.79 7.11
CA GLY E 93 29.18 -6.50 5.83
C GLY E 93 28.20 -6.14 4.73
N LEU E 94 27.19 -6.97 4.55
CA LEU E 94 26.17 -6.71 3.53
C LEU E 94 25.43 -5.38 3.73
N LEU E 95 25.19 -4.98 4.98
CA LEU E 95 24.64 -3.66 5.24
C LEU E 95 25.60 -2.54 4.85
N GLU E 96 26.91 -2.79 4.91
CA GLU E 96 27.88 -1.75 4.58
C GLU E 96 28.10 -1.64 3.09
N LEU E 97 28.03 -2.77 2.39
CA LEU E 97 28.52 -2.83 1.02
C LEU E 97 27.67 -2.01 0.05
N ARG E 98 28.31 -1.13 -0.71
CA ARG E 98 27.62 -0.31 -1.71
C ARG E 98 28.21 -0.53 -3.12
N LYS E 99 29.07 -1.51 -3.27
CA LYS E 99 29.59 -1.85 -4.60
C LYS E 99 28.75 -3.00 -5.17
N PRO E 100 28.62 -3.09 -6.50
CA PRO E 100 27.82 -4.17 -7.09
C PRO E 100 28.30 -5.55 -6.64
N LEU E 101 27.35 -6.42 -6.31
CA LEU E 101 27.69 -7.72 -5.73
C LEU E 101 27.32 -8.89 -6.65
N LEU E 102 28.26 -9.81 -6.85
CA LEU E 102 27.96 -11.04 -7.57
C LEU E 102 28.17 -12.25 -6.69
N HIS E 103 27.13 -13.08 -6.57
CA HIS E 103 27.27 -14.32 -5.81
C HIS E 103 27.63 -15.45 -6.76
N LEU E 104 28.87 -15.92 -6.68
CA LEU E 104 29.29 -17.04 -7.51
C LEU E 104 29.04 -18.34 -6.75
N HIS E 105 28.10 -19.12 -7.25
CA HIS E 105 27.80 -20.40 -6.65
C HIS E 105 28.57 -21.42 -7.47
N THR E 106 29.71 -21.86 -6.94
CA THR E 106 30.61 -22.72 -7.70
C THR E 106 31.25 -23.75 -6.77
N GLN E 107 32.25 -24.46 -7.29
CA GLN E 107 32.87 -25.54 -6.52
C GLN E 107 34.24 -25.73 -7.15
N PHE E 108 35.26 -26.04 -6.36
CA PHE E 108 36.61 -26.10 -6.92
C PHE E 108 36.80 -27.28 -7.88
N ASN E 109 36.53 -28.48 -7.39
CA ASN E 109 36.53 -29.68 -8.22
C ASN E 109 35.27 -29.75 -9.06
N ARG E 110 35.40 -30.28 -10.26
CA ARG E 110 34.25 -30.41 -11.14
C ARG E 110 33.48 -31.68 -10.80
N ASP E 111 34.20 -32.75 -10.46
CA ASP E 111 33.54 -34.03 -10.27
C ASP E 111 33.64 -34.58 -8.85
N ILE E 112 32.65 -35.36 -8.47
CA ILE E 112 32.74 -36.10 -7.24
C ILE E 112 33.81 -37.15 -7.45
N PRO E 113 34.81 -37.22 -6.54
CA PRO E 113 35.79 -38.31 -6.61
C PRO E 113 35.21 -39.55 -5.89
N TRP E 114 34.42 -40.33 -6.62
CA TRP E 114 33.60 -41.38 -6.02
C TRP E 114 34.36 -42.30 -5.08
N ASP E 115 35.51 -42.79 -5.54
CA ASP E 115 36.24 -43.81 -4.79
C ASP E 115 36.98 -43.29 -3.57
N SER E 116 37.16 -41.98 -3.47
CA SER E 116 37.90 -41.45 -2.33
C SER E 116 37.07 -40.50 -1.47
N ILE E 117 35.92 -40.07 -1.97
CA ILE E 117 35.09 -39.13 -1.22
C ILE E 117 34.80 -39.58 0.22
N ASP E 118 35.15 -38.72 1.18
CA ASP E 118 34.96 -39.00 2.61
C ASP E 118 34.52 -37.74 3.38
N MET E 119 34.51 -37.84 4.71
CA MET E 119 34.04 -36.74 5.54
C MET E 119 34.80 -35.43 5.34
N ASP E 120 36.13 -35.51 5.28
CA ASP E 120 36.98 -34.33 5.07
C ASP E 120 36.60 -33.61 3.78
N PHE E 121 36.47 -34.37 2.70
CA PHE E 121 36.02 -33.82 1.44
C PHE E 121 34.65 -33.14 1.57
N MET E 122 33.75 -33.80 2.29
CA MET E 122 32.38 -33.32 2.46
C MET E 122 32.38 -32.02 3.25
N ASN E 123 33.25 -31.93 4.26
CA ASN E 123 33.37 -30.74 5.07
C ASN E 123 33.93 -29.55 4.28
N LEU E 124 34.83 -29.84 3.35
CA LEU E 124 35.57 -28.80 2.65
C LEU E 124 34.84 -28.30 1.40
N ASN E 125 34.29 -29.23 0.63
CA ASN E 125 33.70 -28.85 -0.65
C ASN E 125 32.19 -28.73 -0.62
N GLN E 126 31.69 -27.92 0.31
CA GLN E 126 30.27 -27.86 0.60
C GLN E 126 29.59 -26.54 0.24
N SER E 127 30.05 -25.91 -0.84
CA SER E 127 29.35 -24.78 -1.46
C SER E 127 27.87 -25.10 -1.70
N ALA E 128 27.60 -26.35 -2.06
CA ALA E 128 26.23 -26.83 -2.27
C ALA E 128 25.28 -26.40 -1.16
N HIS E 129 25.73 -26.34 0.09
CA HIS E 129 24.86 -25.76 1.10
C HIS E 129 25.33 -24.42 1.66
N GLY E 130 26.64 -24.21 1.72
CA GLY E 130 27.21 -22.92 2.08
C GLY E 130 26.61 -21.75 1.31
N ASP E 131 26.50 -21.89 -0.01
CA ASP E 131 25.98 -20.80 -0.83
C ASP E 131 24.48 -20.58 -0.66
N ARG E 132 23.77 -21.61 -0.20
CA ARG E 132 22.33 -21.49 -0.02
C ARG E 132 21.99 -20.77 1.28
N GLU E 133 22.74 -21.08 2.35
CA GLU E 133 22.61 -20.33 3.60
C GLU E 133 22.95 -18.84 3.35
N TYR E 134 23.94 -18.57 2.51
CA TYR E 134 24.28 -17.21 2.08
C TYR E 134 23.20 -16.60 1.16
N GLY E 135 22.69 -17.41 0.22
CA GLY E 135 21.57 -17.01 -0.61
C GLY E 135 20.37 -16.54 0.18
N PHE E 136 20.08 -17.20 1.30
CA PHE E 136 18.98 -16.80 2.15
C PHE E 136 19.13 -15.38 2.74
N ILE E 137 20.31 -15.05 3.27
CA ILE E 137 20.47 -13.75 3.92
C ILE E 137 20.38 -12.63 2.90
N GLY E 138 20.77 -12.92 1.67
CA GLY E 138 20.64 -11.98 0.59
C GLY E 138 19.19 -11.75 0.22
N ALA E 139 18.41 -12.83 0.16
CA ALA E 139 16.98 -12.70 -0.11
C ALA E 139 16.30 -12.02 1.06
N ARG E 140 16.67 -12.44 2.25
CA ARG E 140 16.12 -11.89 3.48
C ARG E 140 16.39 -10.38 3.61
N MET E 141 17.60 -9.94 3.25
CA MET E 141 17.94 -8.51 3.34
C MET E 141 17.61 -7.72 2.07
N GLY E 142 17.00 -8.36 1.08
CA GLY E 142 16.65 -7.68 -0.16
C GLY E 142 17.83 -7.01 -0.84
N VAL E 143 18.99 -7.62 -0.76
CA VAL E 143 20.16 -7.04 -1.39
C VAL E 143 20.07 -7.21 -2.91
N ALA E 144 20.52 -6.21 -3.66
CA ALA E 144 20.69 -6.31 -5.12
C ALA E 144 21.84 -7.26 -5.41
N ARG E 145 21.60 -8.32 -6.16
CA ARG E 145 22.68 -9.26 -6.42
C ARG E 145 22.55 -9.97 -7.76
N LYS E 146 23.68 -10.35 -8.31
CA LYS E 146 23.72 -11.18 -9.48
C LYS E 146 24.10 -12.57 -8.99
N VAL E 147 23.37 -13.58 -9.43
CA VAL E 147 23.65 -14.94 -9.03
C VAL E 147 24.14 -15.72 -10.24
N VAL E 148 25.35 -16.28 -10.16
CA VAL E 148 25.89 -17.12 -11.23
C VAL E 148 26.20 -18.53 -10.71
N VAL E 149 25.72 -19.56 -11.41
CA VAL E 149 25.93 -20.93 -10.95
C VAL E 149 26.70 -21.74 -12.00
N GLY E 150 27.65 -22.56 -11.56
CA GLY E 150 28.41 -23.37 -12.47
C GLY E 150 29.81 -23.60 -11.95
N HIS E 151 30.54 -24.48 -12.61
CA HIS E 151 31.93 -24.72 -12.22
C HIS E 151 32.80 -23.55 -12.71
N TRP E 152 33.87 -23.24 -11.99
CA TRP E 152 34.67 -22.04 -12.28
C TRP E 152 35.52 -22.14 -13.56
N GLU E 153 35.65 -23.33 -14.12
CA GLU E 153 36.40 -23.49 -15.38
C GLU E 153 35.48 -23.60 -16.59
N ASP E 154 34.17 -23.55 -16.33
CA ASP E 154 33.16 -23.58 -17.37
C ASP E 154 33.18 -22.25 -18.11
N PRO E 155 33.43 -22.28 -19.43
CA PRO E 155 33.52 -21.04 -20.21
C PRO E 155 32.23 -20.22 -20.18
N GLU E 156 31.09 -20.87 -20.00
CA GLU E 156 29.82 -20.16 -19.92
C GLU E 156 29.76 -19.34 -18.64
N VAL E 157 30.18 -19.94 -17.53
CA VAL E 157 30.34 -19.23 -16.28
C VAL E 157 31.26 -18.02 -16.44
N ARG E 158 32.40 -18.23 -17.09
CA ARG E 158 33.39 -17.16 -17.23
C ARG E 158 32.86 -16.01 -18.08
N GLU E 159 32.27 -16.35 -19.21
CA GLU E 159 31.63 -15.38 -20.08
C GLU E 159 30.55 -14.55 -19.34
N ARG E 160 29.79 -15.19 -18.47
CA ARG E 160 28.76 -14.48 -17.72
C ARG E 160 29.41 -13.50 -16.75
N LEU E 161 30.49 -13.95 -16.11
CA LEU E 161 31.27 -13.10 -15.22
C LEU E 161 31.89 -11.92 -15.99
N ALA E 162 32.50 -12.20 -17.15
CA ALA E 162 33.13 -11.14 -17.94
C ALA E 162 32.14 -10.07 -18.37
N LYS E 163 30.93 -10.45 -18.75
CA LYS E 163 29.92 -9.43 -19.14
C LYS E 163 29.52 -8.56 -17.96
N TRP E 164 29.39 -9.20 -16.82
CA TRP E 164 28.93 -8.51 -15.64
C TRP E 164 30.02 -7.52 -15.20
N MET E 165 31.28 -7.88 -15.40
CA MET E 165 32.38 -6.94 -15.13
C MET E 165 32.18 -5.64 -15.89
N ARG E 166 31.83 -5.74 -17.16
CA ARG E 166 31.58 -4.54 -17.98
C ARG E 166 30.41 -3.73 -17.46
N THR E 167 29.33 -4.42 -17.09
CA THR E 167 28.17 -3.77 -16.50
C THR E 167 28.54 -3.03 -15.22
N ALA E 168 29.31 -3.72 -14.38
CA ALA E 168 29.68 -3.20 -13.06
C ALA E 168 30.57 -1.96 -13.19
N VAL E 169 31.47 -1.99 -14.16
CA VAL E 169 32.34 -0.85 -14.44
C VAL E 169 31.51 0.30 -15.01
N ALA E 170 30.52 -0.01 -15.85
CA ALA E 170 29.56 1.01 -16.32
C ALA E 170 28.85 1.69 -15.15
N PHE E 171 28.52 0.90 -14.13
CA PHE E 171 27.87 1.41 -12.95
C PHE E 171 28.79 2.31 -12.13
N ALA E 172 30.04 1.90 -11.99
CA ALA E 172 31.08 2.72 -11.36
C ALA E 172 31.18 4.05 -12.09
N GLU E 173 31.24 3.97 -13.41
CA GLU E 173 31.31 5.19 -14.20
C GLU E 173 30.06 6.02 -13.97
N SER E 174 28.91 5.36 -13.93
CA SER E 174 27.62 6.00 -13.74
C SER E 174 27.59 6.82 -12.47
N ARG E 175 28.18 6.26 -11.42
CA ARG E 175 28.23 6.89 -10.10
C ARG E 175 29.06 8.16 -10.09
N ASN E 176 29.99 8.28 -11.03
CA ASN E 176 30.87 9.45 -11.07
C ASN E 176 30.60 10.32 -12.28
N LEU E 177 29.51 10.06 -12.96
CA LEU E 177 29.22 10.69 -14.24
C LEU E 177 28.85 12.16 -14.12
N LYS E 178 29.49 13.00 -14.91
CA LYS E 178 29.12 14.40 -14.95
C LYS E 178 28.65 14.79 -16.35
N VAL E 179 27.44 15.34 -16.43
CA VAL E 179 26.86 15.76 -17.70
C VAL E 179 26.79 17.28 -17.76
N ALA E 180 27.36 17.86 -18.82
CA ALA E 180 27.22 19.29 -19.08
C ALA E 180 26.11 19.55 -20.10
N ARG E 181 25.15 20.39 -19.74
CA ARG E 181 24.12 20.81 -20.70
C ARG E 181 24.38 22.21 -21.23
N PHE E 182 24.62 22.32 -22.53
CA PHE E 182 24.69 23.64 -23.16
C PHE E 182 23.29 24.08 -23.57
N GLY E 183 22.63 24.81 -22.68
CA GLY E 183 21.26 25.23 -22.89
C GLY E 183 20.23 24.28 -22.29
N ASP E 184 18.96 24.69 -22.32
CA ASP E 184 17.87 23.95 -21.67
C ASP E 184 17.20 22.95 -22.60
N ASN E 185 16.18 22.26 -22.10
CA ASN E 185 15.35 21.37 -22.91
C ASN E 185 14.70 22.11 -24.08
N MET E 186 14.48 21.40 -25.18
CA MET E 186 13.62 21.95 -26.22
C MET E 186 12.26 22.27 -25.62
N ARG E 187 11.79 23.49 -25.87
CA ARG E 187 10.56 23.95 -25.23
C ARG E 187 9.34 23.09 -25.57
N GLU E 188 8.54 22.85 -24.55
CA GLU E 188 7.31 22.06 -24.61
C GLU E 188 7.52 20.55 -24.73
N VAL E 189 8.75 20.07 -24.81
CA VAL E 189 8.98 18.62 -24.87
C VAL E 189 8.88 17.99 -23.48
N ALA E 190 8.23 16.83 -23.39
CA ALA E 190 7.99 16.13 -22.11
C ALA E 190 9.00 15.03 -21.75
N VAL E 191 9.29 14.13 -22.68
CA VAL E 191 10.09 12.95 -22.37
C VAL E 191 11.56 13.24 -22.02
N THR E 192 12.09 14.36 -22.52
CA THR E 192 13.47 14.72 -22.22
C THR E 192 13.57 15.47 -20.90
N GLU E 193 12.42 15.76 -20.31
CA GLU E 193 12.38 16.47 -19.05
C GLU E 193 12.45 15.42 -17.94
N GLY E 194 12.82 15.82 -16.73
CA GLY E 194 12.86 14.89 -15.63
C GLY E 194 13.47 15.50 -14.37
N ASP E 195 13.60 14.67 -13.34
CA ASP E 195 14.10 15.10 -12.03
C ASP E 195 15.57 14.80 -11.87
N LYS E 196 16.39 15.81 -12.02
CA LYS E 196 17.84 15.65 -11.89
C LYS E 196 18.26 15.20 -10.50
N VAL E 197 17.61 15.72 -9.47
CA VAL E 197 17.90 15.34 -8.10
C VAL E 197 17.61 13.87 -7.90
N GLY E 198 16.45 13.43 -8.38
CA GLY E 198 16.11 12.03 -8.36
C GLY E 198 17.12 11.16 -9.10
N ALA E 199 17.63 11.64 -10.23
CA ALA E 199 18.60 10.88 -10.99
C ALA E 199 19.97 10.79 -10.29
N GLN E 200 20.38 11.89 -9.65
CA GLN E 200 21.66 11.86 -8.95
C GLN E 200 21.61 10.87 -7.77
N ILE E 201 20.48 10.87 -7.07
CA ILE E 201 20.24 9.90 -6.00
C ILE E 201 20.22 8.48 -6.53
N GLN E 202 19.53 8.26 -7.64
CA GLN E 202 19.38 6.90 -8.15
C GLN E 202 20.64 6.35 -8.83
N PHE E 203 21.30 7.17 -9.64
CA PHE E 203 22.37 6.68 -10.51
C PHE E 203 23.72 7.32 -10.22
N GLY E 204 23.71 8.43 -9.49
CA GLY E 204 24.93 9.15 -9.20
C GLY E 204 25.20 10.28 -10.18
N TRP E 205 24.46 10.32 -11.28
CA TRP E 205 24.67 11.35 -12.32
C TRP E 205 24.63 12.78 -11.80
N SER E 206 25.66 13.55 -12.15
CA SER E 206 25.68 14.97 -11.86
C SER E 206 25.36 15.67 -13.18
N VAL E 207 24.20 16.32 -13.23
CA VAL E 207 23.76 17.03 -14.42
C VAL E 207 23.64 18.52 -14.10
N ASN E 208 24.40 19.34 -14.80
CA ASN E 208 24.33 20.79 -14.56
C ASN E 208 24.37 21.64 -15.83
N GLY E 209 23.78 22.83 -15.74
CA GLY E 209 23.61 23.69 -16.89
C GLY E 209 24.68 24.75 -17.07
N TYR E 210 25.05 24.99 -18.33
CA TYR E 210 25.99 26.03 -18.70
C TYR E 210 25.36 26.86 -19.80
N GLY E 211 25.60 28.16 -19.77
CA GLY E 211 25.16 29.00 -20.86
C GLY E 211 25.96 28.62 -22.08
N ILE E 212 25.32 28.68 -23.26
CA ILE E 212 26.02 28.40 -24.50
C ILE E 212 27.22 29.35 -24.63
N GLY E 213 27.08 30.55 -24.10
CA GLY E 213 28.19 31.48 -24.02
C GLY E 213 29.47 30.89 -23.45
N ASP E 214 29.34 30.02 -22.46
CA ASP E 214 30.51 29.39 -21.85
C ASP E 214 31.29 28.58 -22.88
N LEU E 215 30.56 27.88 -23.75
CA LEU E 215 31.16 27.08 -24.79
C LEU E 215 31.77 27.94 -25.90
N VAL E 216 31.06 29.02 -26.24
CA VAL E 216 31.53 29.96 -27.25
C VAL E 216 32.90 30.52 -26.86
N GLN E 217 33.04 30.93 -25.61
CA GLN E 217 34.31 31.44 -25.11
C GLN E 217 35.44 30.44 -25.28
N TYR E 218 35.15 29.16 -25.02
CA TYR E 218 36.15 28.13 -25.25
C TYR E 218 36.48 28.01 -26.73
N ILE E 219 35.45 28.05 -27.57
CA ILE E 219 35.66 27.87 -28.99
C ILE E 219 36.51 29.04 -29.53
N ARG E 220 36.24 30.25 -29.06
CA ARG E 220 36.97 31.43 -29.50
C ARG E 220 38.45 31.39 -29.14
N ASP E 221 38.82 30.56 -28.18
CA ASP E 221 40.22 30.49 -27.76
C ASP E 221 40.97 29.32 -28.39
N VAL E 222 40.33 28.64 -29.33
CA VAL E 222 40.95 27.51 -30.02
C VAL E 222 42.00 28.04 -31.00
N SER E 223 43.19 27.46 -30.96
CA SER E 223 44.25 27.90 -31.87
C SER E 223 44.01 27.39 -33.29
N GLU E 224 44.22 28.28 -34.27
CA GLU E 224 44.03 27.95 -35.68
C GLU E 224 44.99 26.86 -36.14
N GLN E 225 46.09 26.72 -35.44
CA GLN E 225 47.07 25.68 -35.71
C GLN E 225 46.44 24.32 -35.45
N LYS E 226 45.82 24.16 -34.28
CA LYS E 226 45.18 22.90 -33.90
C LYS E 226 44.01 22.60 -34.81
N VAL E 227 43.24 23.64 -35.15
CA VAL E 227 42.18 23.52 -36.16
C VAL E 227 42.68 22.86 -37.45
N ASN E 228 43.82 23.33 -37.96
CA ASN E 228 44.32 22.82 -39.24
C ASN E 228 44.84 21.40 -39.13
N GLU E 229 45.41 21.07 -37.98
CA GLU E 229 45.85 19.70 -37.73
C GLU E 229 44.63 18.80 -37.79
N LEU E 230 43.56 19.26 -37.15
CA LEU E 230 42.35 18.44 -37.07
C LEU E 230 41.77 18.22 -38.46
N LEU E 231 41.77 19.28 -39.27
CA LEU E 231 41.31 19.22 -40.65
C LEU E 231 42.10 18.18 -41.47
N ASP E 232 43.41 18.11 -41.23
CA ASP E 232 44.24 17.11 -41.88
C ASP E 232 43.86 15.71 -41.43
N GLU E 233 43.45 15.58 -40.18
CA GLU E 233 43.00 14.27 -39.70
C GLU E 233 41.64 13.88 -40.28
N TYR E 234 40.78 14.86 -40.52
CA TYR E 234 39.49 14.62 -41.17
C TYR E 234 39.72 14.01 -42.55
N GLU E 235 40.66 14.63 -43.28
CA GLU E 235 40.95 14.25 -44.66
C GLU E 235 41.52 12.85 -44.74
N GLU E 236 42.38 12.53 -43.78
CA GLU E 236 42.94 11.19 -43.67
C GLU E 236 41.88 10.17 -43.32
N LEU E 237 41.01 10.52 -42.38
CA LEU E 237 40.02 9.58 -41.85
C LEU E 237 38.78 9.43 -42.71
N TYR E 238 38.35 10.50 -43.36
CA TYR E 238 37.09 10.46 -44.08
C TYR E 238 37.24 10.79 -45.55
N ASP E 239 36.17 10.54 -46.28
CA ASP E 239 36.07 11.07 -47.62
C ASP E 239 35.47 12.45 -47.49
N ILE E 240 36.07 13.41 -48.16
CA ILE E 240 35.56 14.77 -48.11
C ILE E 240 34.91 15.14 -49.43
N VAL E 241 33.72 15.70 -49.35
CA VAL E 241 33.02 16.21 -50.52
C VAL E 241 33.98 17.14 -51.27
N PRO E 242 34.18 16.89 -52.59
CA PRO E 242 35.14 17.58 -53.47
C PRO E 242 35.31 19.07 -53.17
N ALA E 243 34.20 19.80 -53.12
CA ALA E 243 34.22 21.24 -52.81
C ALA E 243 34.95 21.58 -51.51
N GLY E 244 34.93 20.66 -50.54
CA GLY E 244 35.57 20.90 -49.26
C GLY E 244 37.06 20.62 -49.25
N ARG E 245 37.57 20.04 -50.33
CA ARG E 245 38.98 19.72 -50.44
C ARG E 245 39.81 20.91 -50.91
N GLN E 246 39.14 22.03 -51.13
CA GLN E 246 39.79 23.27 -51.55
C GLN E 246 39.21 24.42 -50.74
N GLU E 247 39.92 25.56 -50.70
CA GLU E 247 39.46 26.73 -49.94
C GLU E 247 38.12 27.20 -50.48
N GLY E 248 37.40 27.95 -49.64
CA GLY E 248 36.08 28.43 -50.01
C GLY E 248 35.08 28.21 -48.89
N PRO E 249 33.79 28.45 -49.18
CA PRO E 249 32.72 28.32 -48.19
C PRO E 249 32.63 26.93 -47.57
N VAL E 250 32.62 25.89 -48.38
CA VAL E 250 32.40 24.53 -47.88
C VAL E 250 33.50 24.07 -46.94
N ARG E 251 34.75 24.34 -47.32
CA ARG E 251 35.87 23.99 -46.47
C ARG E 251 35.82 24.76 -45.16
N GLU E 252 35.41 26.03 -45.24
CA GLU E 252 35.31 26.86 -44.05
C GLU E 252 34.19 26.40 -43.14
N SER E 253 33.12 25.88 -43.75
CA SER E 253 32.05 25.24 -42.99
C SER E 253 32.66 24.11 -42.16
N ILE E 254 33.40 23.22 -42.82
CA ILE E 254 34.08 22.13 -42.14
C ILE E 254 35.06 22.62 -41.06
N ARG E 255 35.77 23.71 -41.36
CA ARG E 255 36.73 24.28 -40.43
C ARG E 255 36.03 24.78 -39.16
N GLU E 256 34.78 25.21 -39.29
CA GLU E 256 34.04 25.70 -38.15
C GLU E 256 33.68 24.56 -37.20
N GLN E 257 33.50 23.37 -37.76
CA GLN E 257 33.11 22.23 -36.94
C GLN E 257 34.30 21.72 -36.17
N ALA E 258 35.48 21.88 -36.75
CA ALA E 258 36.71 21.48 -36.07
C ALA E 258 37.00 22.40 -34.88
N ARG E 259 36.69 23.69 -35.04
CA ARG E 259 36.83 24.65 -33.96
C ARG E 259 35.92 24.26 -32.81
N ILE E 260 34.70 23.87 -33.15
CA ILE E 260 33.68 23.52 -32.19
C ILE E 260 34.09 22.25 -31.46
N GLU E 261 34.60 21.28 -32.22
CA GLU E 261 35.09 20.04 -31.66
C GLU E 261 36.18 20.28 -30.62
N LEU E 262 37.11 21.18 -30.94
CA LEU E 262 38.23 21.48 -30.03
C LEU E 262 37.79 22.27 -28.80
N GLY E 263 36.85 23.19 -28.97
CA GLY E 263 36.34 23.97 -27.85
C GLY E 263 35.57 23.09 -26.90
N LEU E 264 34.66 22.30 -27.47
CA LEU E 264 33.92 21.28 -26.75
C LEU E 264 34.87 20.38 -25.97
N LYS E 265 35.83 19.80 -26.65
CA LYS E 265 36.82 18.93 -26.01
C LYS E 265 37.52 19.60 -24.81
N ALA E 266 37.99 20.83 -25.01
CA ALA E 266 38.65 21.58 -23.93
C ALA E 266 37.72 21.77 -22.74
N PHE E 267 36.50 22.25 -22.99
CA PHE E 267 35.51 22.43 -21.94
C PHE E 267 35.22 21.14 -21.15
N LEU E 268 34.91 20.08 -21.88
CA LEU E 268 34.60 18.78 -21.31
C LEU E 268 35.74 18.22 -20.44
N GLN E 269 36.96 18.27 -20.96
CA GLN E 269 38.12 17.76 -20.23
C GLN E 269 38.41 18.60 -18.99
N ASP E 270 38.25 19.90 -19.12
CA ASP E 270 38.43 20.79 -17.98
C ASP E 270 37.45 20.50 -16.84
N GLY E 271 36.22 20.15 -17.17
CA GLY E 271 35.24 19.92 -16.13
C GLY E 271 35.05 18.45 -15.85
N ASN E 272 35.85 17.61 -16.52
CA ASN E 272 35.73 16.17 -16.42
C ASN E 272 34.37 15.62 -16.80
N PHE E 273 33.76 16.20 -17.84
CA PHE E 273 32.48 15.71 -18.30
C PHE E 273 32.70 14.55 -19.24
N THR E 274 31.80 13.58 -19.18
CA THR E 274 31.87 12.44 -20.09
C THR E 274 30.58 12.32 -20.92
N ALA E 275 29.67 13.25 -20.69
CA ALA E 275 28.48 13.38 -21.52
C ALA E 275 28.04 14.83 -21.60
N PHE E 276 27.32 15.16 -22.66
CA PHE E 276 26.80 16.52 -22.78
C PHE E 276 25.56 16.60 -23.65
N THR E 277 24.87 17.73 -23.57
CA THR E 277 23.72 17.98 -24.42
C THR E 277 23.85 19.36 -25.09
N THR E 278 23.16 19.53 -26.22
CA THR E 278 22.99 20.83 -26.87
C THR E 278 21.51 21.01 -27.14
N THR E 279 21.13 22.23 -27.51
CA THR E 279 19.77 22.52 -27.97
C THR E 279 19.79 23.51 -29.13
N PHE E 280 19.09 23.21 -30.21
CA PHE E 280 19.06 24.13 -31.34
C PHE E 280 18.30 25.42 -31.03
N GLU E 281 17.54 25.42 -29.93
CA GLU E 281 16.78 26.60 -29.59
C GLU E 281 17.62 27.66 -28.89
N ASP E 282 18.87 27.32 -28.57
CA ASP E 282 19.77 28.26 -27.89
C ASP E 282 21.20 28.13 -28.44
N LEU E 283 21.50 28.89 -29.49
CA LEU E 283 22.82 28.80 -30.11
C LEU E 283 23.43 30.17 -30.34
N HIS E 284 23.13 31.12 -29.44
CA HIS E 284 23.75 32.45 -29.50
C HIS E 284 25.29 32.42 -29.49
N GLY E 285 25.90 33.06 -30.49
CA GLY E 285 27.34 33.16 -30.56
C GLY E 285 27.95 32.02 -31.37
N MET E 286 27.13 31.02 -31.69
CA MET E 286 27.57 29.89 -32.50
C MET E 286 27.28 30.14 -33.98
N LYS E 287 28.15 29.67 -34.86
CA LYS E 287 27.93 29.79 -36.29
C LYS E 287 27.12 28.63 -36.87
N GLN E 288 27.33 27.44 -36.34
CA GLN E 288 26.58 26.26 -36.74
C GLN E 288 26.08 25.50 -35.52
N LEU E 289 25.08 24.66 -35.72
CA LEU E 289 24.71 23.65 -34.74
C LEU E 289 25.84 22.63 -34.74
N PRO E 290 26.29 22.22 -33.55
CA PRO E 290 27.33 21.19 -33.53
C PRO E 290 26.86 19.90 -34.19
N GLY E 291 27.69 19.35 -35.08
CA GLY E 291 27.30 18.22 -35.89
C GLY E 291 28.42 17.22 -36.06
N LEU E 292 29.27 17.47 -37.05
CA LEU E 292 30.49 16.69 -37.23
C LEU E 292 31.25 16.56 -35.90
N ALA E 293 31.31 17.67 -35.16
CA ALA E 293 32.01 17.74 -33.89
C ALA E 293 31.41 16.82 -32.83
N VAL E 294 30.08 16.77 -32.76
CA VAL E 294 29.40 15.88 -31.82
C VAL E 294 29.59 14.44 -32.24
N GLN E 295 29.53 14.22 -33.55
CA GLN E 295 29.75 12.90 -34.10
C GLN E 295 31.15 12.36 -33.72
N ARG E 296 32.14 13.25 -33.70
CA ARG E 296 33.48 12.83 -33.35
C ARG E 296 33.63 12.57 -31.85
N LEU E 297 32.97 13.38 -31.03
CA LEU E 297 33.04 13.15 -29.59
C LEU E 297 32.36 11.85 -29.23
N MET E 298 31.24 11.56 -29.90
CA MET E 298 30.57 10.29 -29.71
C MET E 298 31.46 9.10 -30.08
N ALA E 299 32.25 9.24 -31.13
CA ALA E 299 33.15 8.15 -31.53
C ALA E 299 34.24 7.91 -30.48
N GLU E 300 34.58 8.93 -29.71
CA GLU E 300 35.57 8.75 -28.66
C GLU E 300 34.96 8.22 -27.38
N GLY E 301 33.64 8.03 -27.37
CA GLY E 301 32.95 7.44 -26.23
C GLY E 301 32.21 8.42 -25.32
N TYR E 302 32.08 9.67 -25.75
CA TYR E 302 31.27 10.64 -25.01
C TYR E 302 29.77 10.35 -25.15
N GLY E 303 29.04 10.58 -24.07
CA GLY E 303 27.59 10.55 -24.12
C GLY E 303 27.07 11.81 -24.77
N PHE E 304 25.99 11.68 -25.53
CA PHE E 304 25.34 12.84 -26.14
C PHE E 304 23.82 12.69 -26.16
N GLY E 305 23.13 13.80 -25.97
CA GLY E 305 21.69 13.85 -26.18
C GLY E 305 21.29 15.15 -26.84
N GLY E 306 20.50 15.08 -27.90
CA GLY E 306 20.04 16.27 -28.59
C GLY E 306 18.97 16.92 -27.75
N GLU E 307 18.77 18.23 -27.91
CA GLU E 307 17.66 18.93 -27.28
C GLU E 307 17.64 18.86 -25.75
N GLY E 308 18.81 19.03 -25.13
CA GLY E 308 18.92 19.07 -23.69
C GLY E 308 18.62 17.74 -23.02
N ASP E 309 18.66 16.67 -23.79
CA ASP E 309 18.26 15.35 -23.31
C ASP E 309 19.38 14.65 -22.53
N TRP E 310 19.43 14.96 -21.25
CA TRP E 310 20.49 14.49 -20.38
C TRP E 310 20.33 13.02 -19.98
N LYS E 311 19.11 12.54 -19.85
CA LYS E 311 18.88 11.13 -19.56
C LYS E 311 19.51 10.25 -20.64
N THR E 312 19.31 10.59 -21.91
CA THR E 312 19.87 9.78 -22.98
C THR E 312 21.37 9.98 -23.14
N ALA E 313 21.84 11.19 -22.90
CA ALA E 313 23.27 11.47 -22.95
C ALA E 313 24.00 10.59 -21.94
N ALA E 314 23.44 10.49 -20.74
CA ALA E 314 23.99 9.62 -19.70
C ALA E 314 23.94 8.18 -20.13
N LEU E 315 22.78 7.75 -20.62
CA LEU E 315 22.57 6.36 -21.02
C LEU E 315 23.49 5.95 -22.17
N VAL E 316 23.75 6.89 -23.08
CA VAL E 316 24.70 6.63 -24.17
C VAL E 316 26.12 6.41 -23.62
N ARG E 317 26.55 7.27 -22.71
CA ARG E 317 27.87 7.12 -22.12
C ARG E 317 27.99 5.78 -21.38
N LEU E 318 26.94 5.42 -20.64
CA LEU E 318 26.94 4.16 -19.90
C LEU E 318 27.04 2.94 -20.82
N MET E 319 26.36 2.99 -21.95
CA MET E 319 26.38 1.85 -22.85
C MET E 319 27.73 1.77 -23.57
N LYS E 320 28.34 2.93 -23.84
CA LYS E 320 29.68 2.96 -24.45
C LYS E 320 30.64 2.18 -23.54
N VAL E 321 30.47 2.32 -22.24
CA VAL E 321 31.27 1.58 -21.25
C VAL E 321 30.84 0.12 -21.09
N MET E 322 29.56 -0.17 -21.17
CA MET E 322 29.08 -1.56 -21.13
C MET E 322 29.57 -2.32 -22.36
N ALA E 323 29.75 -1.58 -23.46
CA ALA E 323 30.00 -2.14 -24.79
C ALA E 323 31.15 -3.13 -24.87
N ASP E 324 30.87 -4.25 -25.53
CA ASP E 324 31.80 -5.36 -25.71
C ASP E 324 32.51 -5.19 -27.04
N GLY E 325 32.40 -4.01 -27.60
CA GLY E 325 32.89 -3.78 -28.94
C GLY E 325 32.38 -2.49 -29.51
N LYS E 326 32.51 -2.36 -30.81
CA LYS E 326 32.30 -1.09 -31.49
C LYS E 326 30.86 -1.00 -31.97
N GLY E 327 30.32 0.22 -31.96
CA GLY E 327 29.01 0.44 -32.55
C GLY E 327 27.95 0.85 -31.56
N THR E 328 28.09 2.05 -30.99
CA THR E 328 27.15 2.55 -30.02
C THR E 328 26.85 4.01 -30.32
N SER E 329 25.56 4.39 -30.35
CA SER E 329 25.20 5.72 -30.80
C SER E 329 23.91 6.26 -30.21
N PHE E 330 23.86 7.58 -30.04
CA PHE E 330 22.62 8.29 -29.83
C PHE E 330 21.79 8.02 -31.06
N MET E 331 20.47 7.99 -30.92
CA MET E 331 19.59 7.60 -32.03
C MET E 331 18.15 8.07 -31.88
N GLU E 332 17.45 8.21 -33.00
CA GLU E 332 16.06 8.63 -33.00
C GLU E 332 15.38 8.00 -34.22
N ASP E 333 14.20 7.43 -34.00
CA ASP E 333 13.43 6.84 -35.10
C ASP E 333 12.83 7.98 -35.92
N TYR E 334 13.05 7.97 -37.22
CA TYR E 334 12.59 9.07 -38.04
C TYR E 334 11.37 8.77 -38.91
N THR E 335 11.37 7.61 -39.56
CA THR E 335 10.29 7.29 -40.47
C THR E 335 10.21 5.78 -40.66
N TYR E 336 9.06 5.30 -41.08
CA TYR E 336 8.81 3.87 -41.22
C TYR E 336 8.76 3.44 -42.70
N HIS E 337 8.98 2.14 -42.90
CA HIS E 337 8.80 1.53 -44.21
C HIS E 337 7.86 0.37 -43.93
N PHE E 338 6.59 0.53 -44.33
CA PHE E 338 5.53 -0.44 -44.02
C PHE E 338 5.32 -1.52 -45.08
N GLU E 339 6.25 -1.65 -46.03
CA GLU E 339 6.15 -2.68 -47.06
C GLU E 339 5.99 -4.07 -46.44
N PRO E 340 4.85 -4.74 -46.73
CA PRO E 340 4.54 -6.04 -46.13
C PRO E 340 5.67 -7.05 -46.29
N GLY E 341 6.10 -7.65 -45.18
CA GLY E 341 7.19 -8.61 -45.20
C GLY E 341 8.57 -7.97 -45.19
N ASN E 342 8.62 -6.64 -45.24
CA ASN E 342 9.88 -5.92 -45.29
C ASN E 342 9.81 -4.66 -44.43
N GLU E 343 9.05 -4.76 -43.33
CA GLU E 343 8.84 -3.63 -42.44
C GLU E 343 10.14 -3.24 -41.74
N LEU E 344 10.46 -1.95 -41.74
CA LEU E 344 11.67 -1.50 -41.05
C LEU E 344 11.56 -0.05 -40.57
N ILE E 345 12.53 0.34 -39.76
CA ILE E 345 12.59 1.69 -39.21
C ILE E 345 13.85 2.34 -39.74
N LEU E 346 13.74 3.58 -40.21
CA LEU E 346 14.95 4.33 -40.55
C LEU E 346 15.27 5.26 -39.39
N GLY E 347 16.44 5.07 -38.79
CA GLY E 347 16.85 5.88 -37.67
C GLY E 347 17.91 6.89 -38.06
N ALA E 348 17.95 8.02 -37.35
CA ALA E 348 18.90 9.10 -37.64
C ALA E 348 18.74 10.23 -36.63
N HIS E 349 19.37 11.35 -36.92
CA HIS E 349 19.09 12.60 -36.23
C HIS E 349 19.43 13.74 -37.17
N MET E 350 19.11 14.98 -36.79
CA MET E 350 19.34 16.09 -37.71
C MET E 350 20.81 16.23 -38.09
N LEU E 351 21.70 15.89 -37.17
CA LEU E 351 23.13 15.83 -37.46
C LEU E 351 23.87 14.69 -36.75
N GLU E 352 23.49 14.41 -35.51
CA GLU E 352 24.35 13.69 -34.58
C GLU E 352 24.11 12.18 -34.52
N VAL E 353 24.81 11.46 -35.38
CA VAL E 353 24.75 10.02 -35.44
C VAL E 353 26.19 9.54 -35.39
N CYS E 354 26.48 8.61 -34.50
CA CYS E 354 27.87 8.20 -34.29
C CYS E 354 28.41 7.31 -35.42
N PRO E 355 29.59 7.68 -35.94
CA PRO E 355 30.24 6.96 -37.04
C PRO E 355 30.70 5.55 -36.67
N THR E 356 30.67 5.20 -35.38
CA THR E 356 31.07 3.85 -34.97
C THR E 356 30.08 2.79 -35.48
N ILE E 357 28.89 3.21 -35.87
CA ILE E 357 27.91 2.28 -36.42
C ILE E 357 27.94 2.23 -37.95
N ALA E 358 28.84 3.01 -38.57
CA ALA E 358 28.93 3.06 -40.03
C ALA E 358 29.38 1.72 -40.64
N ALA E 359 28.79 1.38 -41.77
CA ALA E 359 29.20 0.21 -42.54
C ALA E 359 30.04 0.73 -43.69
N THR E 360 29.76 1.95 -44.10
CA THR E 360 30.48 2.62 -45.17
C THR E 360 31.42 3.66 -44.57
N ARG E 361 32.48 3.98 -45.30
CA ARG E 361 33.40 5.02 -44.87
C ARG E 361 32.71 6.38 -44.87
N PRO E 362 32.61 7.03 -43.70
CA PRO E 362 31.84 8.27 -43.58
C PRO E 362 32.38 9.36 -44.50
N ARG E 363 31.46 10.15 -45.04
CA ARG E 363 31.80 11.23 -45.94
C ARG E 363 31.44 12.54 -45.26
N VAL E 364 32.38 13.49 -45.23
CA VAL E 364 32.08 14.82 -44.72
C VAL E 364 31.32 15.60 -45.81
N GLU E 365 30.11 16.01 -45.50
CA GLU E 365 29.31 16.81 -46.42
C GLU E 365 28.83 18.06 -45.70
N VAL E 366 28.46 19.07 -46.47
CA VAL E 366 27.87 20.28 -45.93
C VAL E 366 26.55 20.49 -46.61
N HIS E 367 25.48 20.71 -45.83
CA HIS E 367 24.15 20.91 -46.38
C HIS E 367 23.43 22.00 -45.60
N PRO E 368 22.37 22.56 -46.18
CA PRO E 368 21.60 23.54 -45.40
C PRO E 368 20.85 22.84 -44.28
N LEU E 369 20.73 23.49 -43.13
CA LEU E 369 19.85 22.98 -42.07
C LEU E 369 19.04 24.12 -41.53
N SER E 370 17.74 24.11 -41.81
CA SER E 370 16.83 25.20 -41.39
C SER E 370 16.62 25.28 -39.88
N ILE E 371 16.49 24.12 -39.24
CA ILE E 371 16.27 24.05 -37.81
C ILE E 371 17.39 24.77 -37.08
N GLY E 372 17.04 25.69 -36.20
CA GLY E 372 18.04 26.42 -35.44
C GLY E 372 18.49 27.72 -36.09
N GLY E 373 18.31 27.84 -37.40
CA GLY E 373 18.58 29.09 -38.09
C GLY E 373 20.04 29.51 -38.15
N LYS E 374 20.95 28.54 -38.23
CA LYS E 374 22.37 28.82 -38.33
C LYS E 374 22.95 28.34 -39.67
N GLU E 375 24.22 28.60 -39.90
CA GLU E 375 24.88 28.36 -41.19
C GLU E 375 24.98 26.88 -41.51
N ASP E 376 25.10 26.55 -42.79
CA ASP E 376 25.14 25.16 -43.28
C ASP E 376 26.16 24.31 -42.52
N PRO E 377 25.68 23.37 -41.69
CA PRO E 377 26.62 22.62 -40.87
C PRO E 377 27.29 21.46 -41.60
N ALA E 378 28.54 21.19 -41.24
CA ALA E 378 29.25 20.03 -41.76
C ALA E 378 28.95 18.80 -40.90
N ARG E 379 28.81 17.64 -41.52
CA ARG E 379 28.41 16.43 -40.80
C ARG E 379 29.00 15.20 -41.49
N LEU E 380 29.04 14.08 -40.77
CA LEU E 380 29.45 12.83 -41.37
C LEU E 380 28.23 12.08 -41.86
N VAL E 381 28.31 11.58 -43.09
CA VAL E 381 27.21 10.85 -43.70
C VAL E 381 27.67 9.45 -44.05
N PHE E 382 26.82 8.46 -43.77
CA PHE E 382 27.15 7.05 -43.95
C PHE E 382 25.92 6.21 -43.72
N ASP E 383 26.00 4.96 -44.17
CA ASP E 383 24.98 3.97 -43.85
C ASP E 383 25.39 3.20 -42.60
N GLY E 384 24.43 2.94 -41.71
CA GLY E 384 24.70 2.14 -40.53
C GLY E 384 24.85 0.70 -40.94
N GLY E 385 25.65 -0.05 -40.20
CA GLY E 385 25.86 -1.46 -40.48
C GLY E 385 24.68 -2.35 -40.15
N GLU E 386 24.90 -3.66 -40.21
CA GLU E 386 23.82 -4.60 -40.00
C GLU E 386 24.14 -5.56 -38.87
N GLY E 387 23.14 -6.28 -38.38
CA GLY E 387 23.36 -7.23 -37.31
C GLY E 387 22.50 -6.96 -36.10
N ALA E 388 22.48 -7.93 -35.18
CA ALA E 388 21.77 -7.84 -33.91
C ALA E 388 22.20 -6.63 -33.10
N ALA E 389 21.24 -5.94 -32.51
CA ALA E 389 21.49 -4.73 -31.73
C ALA E 389 20.44 -4.51 -30.65
N VAL E 390 20.70 -3.59 -29.74
CA VAL E 390 19.68 -3.15 -28.79
C VAL E 390 19.42 -1.66 -28.97
N ASN E 391 18.21 -1.23 -28.68
CA ASN E 391 17.84 0.16 -28.74
C ASN E 391 17.24 0.44 -27.39
N ALA E 392 17.88 1.28 -26.59
CA ALA E 392 17.42 1.46 -25.23
C ALA E 392 17.04 2.89 -24.94
N SER E 393 16.06 3.06 -24.07
CA SER E 393 15.61 4.37 -23.67
C SER E 393 15.34 4.36 -22.17
N LEU E 394 15.67 5.43 -21.49
CA LEU E 394 15.41 5.55 -20.06
C LEU E 394 14.57 6.79 -19.81
N ILE E 395 13.36 6.60 -19.30
CA ILE E 395 12.43 7.68 -19.06
C ILE E 395 12.15 7.86 -17.56
N ASP E 396 11.56 8.99 -17.24
CA ASP E 396 11.20 9.32 -15.87
C ASP E 396 9.67 9.28 -15.79
N LEU E 397 9.13 8.37 -14.99
CA LEU E 397 7.68 8.23 -14.85
C LEU E 397 7.12 9.17 -13.80
N GLY E 398 7.98 10.00 -13.24
CA GLY E 398 7.55 10.95 -12.22
C GLY E 398 8.03 10.58 -10.84
N HIS E 399 7.66 9.39 -10.40
CA HIS E 399 8.10 8.92 -9.09
C HIS E 399 9.21 7.90 -9.22
N ARG E 400 9.50 7.48 -10.45
CA ARG E 400 10.58 6.53 -10.67
C ARG E 400 11.04 6.50 -12.12
N PHE E 401 12.19 5.89 -12.33
CA PHE E 401 12.74 5.72 -13.68
C PHE E 401 12.43 4.33 -14.22
N ARG E 402 12.31 4.22 -15.54
CA ARG E 402 12.07 2.95 -16.21
C ARG E 402 12.99 2.81 -17.41
N LEU E 403 13.70 1.70 -17.49
CA LEU E 403 14.60 1.43 -18.60
C LEU E 403 13.88 0.50 -19.56
N ILE E 404 13.81 0.88 -20.84
CA ILE E 404 13.05 0.12 -21.82
C ILE E 404 13.98 -0.33 -22.93
N VAL E 405 14.01 -1.63 -23.20
CA VAL E 405 14.97 -2.17 -24.15
C VAL E 405 14.24 -2.95 -25.23
N ASN E 406 14.56 -2.66 -26.49
CA ASN E 406 14.02 -3.39 -27.61
C ASN E 406 15.17 -4.05 -28.31
N GLU E 407 15.07 -5.37 -28.53
CA GLU E 407 16.03 -6.09 -29.36
C GLU E 407 15.65 -5.92 -30.83
N VAL E 408 16.63 -5.54 -31.65
CA VAL E 408 16.41 -5.29 -33.08
C VAL E 408 17.47 -5.94 -33.99
N ASP E 409 17.16 -6.03 -35.28
CA ASP E 409 18.16 -6.46 -36.26
C ASP E 409 18.38 -5.37 -37.29
N ALA E 410 19.56 -4.76 -37.29
CA ALA E 410 19.82 -3.72 -38.27
C ALA E 410 20.11 -4.37 -39.62
N VAL E 411 19.69 -3.69 -40.68
CA VAL E 411 19.78 -4.27 -42.01
C VAL E 411 20.41 -3.30 -43.03
N LYS E 412 21.11 -3.87 -44.00
CA LYS E 412 21.79 -3.11 -45.04
C LYS E 412 20.74 -2.57 -45.99
N PRO E 413 20.86 -1.28 -46.38
CA PRO E 413 19.91 -0.72 -47.36
C PRO E 413 20.03 -1.44 -48.70
N GLU E 414 18.92 -1.61 -49.41
CA GLU E 414 18.97 -2.20 -50.75
C GLU E 414 19.01 -1.10 -51.78
N HIS E 415 18.69 0.11 -51.34
CA HIS E 415 18.66 1.24 -52.25
C HIS E 415 19.38 2.44 -51.63
N ASP E 416 20.09 3.18 -52.47
CA ASP E 416 20.78 4.36 -52.00
C ASP E 416 19.78 5.47 -51.72
N MET E 417 20.18 6.41 -50.88
CA MET E 417 19.34 7.53 -50.52
C MET E 417 20.07 8.81 -50.85
N PRO E 418 20.18 9.12 -52.15
CA PRO E 418 21.00 10.22 -52.66
C PRO E 418 20.57 11.62 -52.20
N LYS E 419 19.32 11.82 -51.83
CA LYS E 419 18.93 13.17 -51.40
C LYS E 419 19.01 13.34 -49.88
N LEU E 420 19.35 12.26 -49.17
CA LEU E 420 19.34 12.25 -47.72
C LEU E 420 20.67 12.73 -47.15
N PRO E 421 20.68 13.94 -46.55
CA PRO E 421 21.91 14.60 -46.08
C PRO E 421 22.42 14.12 -44.71
N VAL E 422 21.79 13.12 -44.10
CA VAL E 422 22.22 12.68 -42.78
C VAL E 422 22.57 11.21 -42.74
N ALA E 423 23.48 10.85 -41.83
CA ALA E 423 23.77 9.46 -41.57
C ALA E 423 22.51 8.79 -41.03
N ARG E 424 22.39 7.49 -41.26
CA ARG E 424 21.15 6.78 -40.96
C ARG E 424 21.38 5.28 -40.94
N ILE E 425 20.42 4.56 -40.36
CA ILE E 425 20.55 3.13 -40.20
C ILE E 425 19.15 2.54 -40.27
N LEU E 426 19.03 1.34 -40.84
CA LEU E 426 17.74 0.65 -40.91
C LEU E 426 17.73 -0.53 -39.94
N TRP E 427 16.58 -0.75 -39.30
CA TRP E 427 16.44 -1.95 -38.49
C TRP E 427 15.03 -2.55 -38.48
N LYS E 428 14.99 -3.86 -38.26
CA LYS E 428 13.74 -4.57 -38.04
C LYS E 428 13.65 -4.88 -36.55
N PRO E 429 12.73 -4.21 -35.86
CA PRO E 429 12.57 -4.46 -34.43
C PRO E 429 11.90 -5.81 -34.22
N ARG E 430 12.27 -6.49 -33.12
CA ARG E 430 11.60 -7.70 -32.70
C ARG E 430 10.47 -7.36 -31.74
N PRO E 431 9.39 -8.15 -31.75
CA PRO E 431 9.19 -9.31 -32.65
C PRO E 431 8.70 -8.87 -34.03
N SER E 432 8.21 -7.65 -34.13
CA SER E 432 7.78 -7.10 -35.39
C SER E 432 7.64 -5.61 -35.21
N LEU E 433 7.57 -4.90 -36.33
CA LEU E 433 7.38 -3.46 -36.33
C LEU E 433 6.12 -3.05 -35.59
N ARG E 434 5.01 -3.68 -35.97
CA ARG E 434 3.72 -3.41 -35.35
C ARG E 434 3.72 -3.73 -33.85
N ASP E 435 4.26 -4.89 -33.46
CA ASP E 435 4.20 -5.27 -32.06
C ASP E 435 5.18 -4.52 -31.16
N SER E 436 6.42 -4.34 -31.61
CA SER E 436 7.36 -3.62 -30.78
C SER E 436 6.96 -2.15 -30.65
N ALA E 437 6.48 -1.55 -31.74
CA ALA E 437 6.08 -0.14 -31.67
C ALA E 437 4.98 0.06 -30.63
N GLU E 438 4.04 -0.88 -30.59
CA GLU E 438 2.92 -0.82 -29.69
C GLU E 438 3.39 -0.99 -28.24
N ALA E 439 4.16 -2.05 -27.98
CA ALA E 439 4.82 -2.24 -26.69
C ALA E 439 5.59 -0.99 -26.23
N TRP E 440 6.38 -0.42 -27.14
CA TRP E 440 7.17 0.77 -26.82
C TRP E 440 6.31 1.95 -26.37
N ILE E 441 5.22 2.20 -27.10
CA ILE E 441 4.32 3.30 -26.77
C ILE E 441 3.58 3.04 -25.45
N LEU E 442 3.16 1.81 -25.24
CA LEU E 442 2.50 1.45 -23.99
C LEU E 442 3.45 1.63 -22.79
N ALA E 443 4.74 1.34 -22.99
CA ALA E 443 5.75 1.54 -21.96
C ALA E 443 6.14 3.02 -21.84
N GLY E 444 5.77 3.80 -22.86
CA GLY E 444 6.08 5.22 -22.88
C GLY E 444 7.52 5.54 -23.23
N GLY E 445 8.14 4.64 -23.97
CA GLY E 445 9.53 4.82 -24.37
C GLY E 445 9.72 6.10 -25.18
N ALA E 446 10.88 6.71 -25.04
CA ALA E 446 11.16 7.96 -25.72
C ALA E 446 11.42 7.75 -27.20
N HIS E 447 11.44 8.86 -27.93
CA HIS E 447 11.84 8.86 -29.32
C HIS E 447 13.36 8.84 -29.44
N HIS E 448 14.02 9.38 -28.42
CA HIS E 448 15.48 9.37 -28.32
C HIS E 448 15.96 8.09 -27.68
N THR E 449 16.91 7.43 -28.30
CA THR E 449 17.45 6.22 -27.70
C THR E 449 18.97 6.17 -27.73
N CYS E 450 19.49 5.11 -27.14
CA CYS E 450 20.84 4.70 -27.41
C CYS E 450 20.78 3.37 -28.15
N PHE E 451 21.44 3.35 -29.30
CA PHE E 451 21.49 2.19 -30.17
C PHE E 451 22.87 1.56 -30.01
N SER E 452 22.92 0.25 -29.78
CA SER E 452 24.22 -0.41 -29.72
C SER E 452 24.27 -1.80 -30.32
N PHE E 453 25.34 -2.06 -31.06
CA PHE E 453 25.59 -3.39 -31.61
C PHE E 453 26.26 -4.32 -30.59
N ALA E 454 26.71 -3.76 -29.47
CA ALA E 454 27.68 -4.44 -28.62
C ALA E 454 27.30 -4.52 -27.14
N VAL E 455 26.04 -4.22 -26.83
CA VAL E 455 25.55 -4.30 -25.46
C VAL E 455 24.40 -5.28 -25.49
N THR E 456 24.39 -6.23 -24.57
CA THR E 456 23.33 -7.22 -24.55
C THR E 456 22.23 -6.82 -23.58
N THR E 457 21.08 -7.46 -23.73
CA THR E 457 19.94 -7.26 -22.86
C THR E 457 20.28 -7.62 -21.42
N GLU E 458 21.06 -8.68 -21.24
CA GLU E 458 21.41 -9.11 -19.88
C GLU E 458 22.18 -8.02 -19.09
N GLN E 459 23.10 -7.33 -19.75
CA GLN E 459 23.84 -6.25 -19.12
C GLN E 459 22.93 -5.09 -18.71
N LEU E 460 21.99 -4.73 -19.57
CA LEU E 460 21.07 -3.64 -19.27
C LEU E 460 20.18 -4.01 -18.10
N GLN E 461 19.69 -5.25 -18.10
CA GLN E 461 18.94 -5.77 -16.96
C GLN E 461 19.78 -5.83 -15.68
N ASP E 462 21.06 -6.16 -15.80
CA ASP E 462 21.92 -6.21 -14.61
C ASP E 462 22.20 -4.81 -14.08
N PHE E 463 22.33 -3.84 -14.97
CA PHE E 463 22.53 -2.45 -14.55
C PHE E 463 21.34 -1.92 -13.76
N ALA E 464 20.15 -2.14 -14.33
CA ALA E 464 18.88 -1.75 -13.70
C ALA E 464 18.77 -2.33 -12.31
N GLU E 465 19.11 -3.60 -12.18
CA GLU E 465 19.18 -4.26 -10.88
C GLU E 465 20.11 -3.54 -9.89
N MET E 466 21.30 -3.15 -10.35
CA MET E 466 22.26 -2.45 -9.48
C MET E 466 21.75 -1.08 -9.10
N ALA E 467 20.95 -0.47 -9.96
CA ALA E 467 20.54 0.93 -9.77
C ALA E 467 19.19 1.01 -9.09
N GLY E 468 18.52 -0.13 -8.96
CA GLY E 468 17.24 -0.20 -8.30
C GLY E 468 16.09 0.36 -9.13
N ILE E 469 16.10 0.07 -10.43
CA ILE E 469 15.00 0.50 -11.31
C ILE E 469 14.49 -0.63 -12.23
N GLU E 470 13.25 -0.46 -12.68
CA GLU E 470 12.58 -1.38 -13.60
C GLU E 470 13.24 -1.40 -14.97
N CYS E 471 13.40 -2.59 -15.53
CA CYS E 471 13.85 -2.73 -16.90
C CYS E 471 12.86 -3.61 -17.65
N VAL E 472 12.24 -3.07 -18.69
CA VAL E 472 11.38 -3.92 -19.51
C VAL E 472 12.05 -4.18 -20.84
N VAL E 473 11.79 -5.36 -21.37
CA VAL E 473 12.46 -5.84 -22.55
C VAL E 473 11.45 -6.28 -23.60
N ILE E 474 11.62 -5.75 -24.80
CA ILE E 474 10.79 -6.11 -25.93
C ILE E 474 11.68 -6.89 -26.87
N ASN E 475 11.39 -8.18 -27.06
CA ASN E 475 12.20 -8.99 -27.99
C ASN E 475 11.40 -10.02 -28.76
N GLU E 476 12.08 -11.01 -29.33
CA GLU E 476 11.44 -12.00 -30.20
C GLU E 476 10.26 -12.73 -29.52
N HIS E 477 10.26 -12.74 -28.18
CA HIS E 477 9.29 -13.49 -27.40
C HIS E 477 8.15 -12.68 -26.83
N THR E 478 8.14 -11.38 -27.09
CA THR E 478 7.15 -10.49 -26.48
C THR E 478 5.76 -10.62 -27.12
N SER E 479 4.73 -10.74 -26.30
CA SER E 479 3.37 -10.52 -26.79
C SER E 479 2.82 -9.30 -26.08
N VAL E 480 2.18 -8.43 -26.85
CA VAL E 480 1.67 -7.16 -26.36
C VAL E 480 0.79 -7.34 -25.13
N SER E 481 -0.10 -8.33 -25.17
CA SER E 481 -1.07 -8.54 -24.09
C SER E 481 -0.39 -8.92 -22.79
N SER E 482 0.54 -9.87 -22.88
CA SER E 482 1.37 -10.22 -21.75
C SER E 482 2.16 -9.02 -21.24
N PHE E 483 2.76 -8.28 -22.18
CA PHE E 483 3.59 -7.11 -21.87
C PHE E 483 2.80 -6.06 -21.08
N LYS E 484 1.57 -5.80 -21.53
CA LYS E 484 0.65 -4.89 -20.84
C LYS E 484 0.45 -5.30 -19.38
N ASN E 485 0.28 -6.59 -19.13
CA ASN E 485 0.08 -7.09 -17.78
C ASN E 485 1.32 -6.90 -16.94
N GLU E 486 2.47 -7.19 -17.53
CA GLU E 486 3.70 -7.10 -16.77
C GLU E 486 4.02 -5.67 -16.41
N LEU E 487 3.70 -4.73 -17.30
CA LEU E 487 3.80 -3.33 -16.97
C LEU E 487 2.95 -3.03 -15.74
N LYS E 488 1.71 -3.51 -15.72
CA LYS E 488 0.82 -3.29 -14.58
C LYS E 488 1.37 -3.88 -13.29
N TRP E 489 1.82 -5.13 -13.34
CA TRP E 489 2.32 -5.84 -12.16
C TRP E 489 3.64 -5.25 -11.68
N ASN E 490 4.52 -4.90 -12.61
CA ASN E 490 5.77 -4.23 -12.26
C ASN E 490 5.52 -2.91 -11.55
N GLU E 491 4.45 -2.23 -11.96
CA GLU E 491 4.14 -0.91 -11.38
C GLU E 491 3.87 -1.01 -9.91
N VAL E 492 3.15 -2.04 -9.51
CA VAL E 492 2.80 -2.20 -8.11
C VAL E 492 4.00 -2.53 -7.26
N PHE E 493 4.87 -3.40 -7.77
CA PHE E 493 6.13 -3.69 -7.09
C PHE E 493 7.07 -2.48 -6.97
N TRP E 494 7.32 -1.79 -8.08
CA TRP E 494 8.32 -0.70 -8.12
C TRP E 494 7.84 0.60 -7.48
N ARG E 495 6.53 0.78 -7.39
CA ARG E 495 5.94 1.94 -6.74
C ARG E 495 6.37 1.98 -5.27
N GLY E 496 7.03 3.07 -4.88
CA GLY E 496 7.70 3.12 -3.59
C GLY E 496 9.10 2.55 -3.68
N LEU F 5 -35.38 -9.66 24.96
CA LEU F 5 -34.14 -10.24 24.41
C LEU F 5 -33.99 -11.70 24.83
N ARG F 6 -33.18 -12.46 24.11
CA ARG F 6 -32.91 -13.84 24.52
C ARG F 6 -32.07 -13.77 25.79
N PRO F 7 -31.97 -14.87 26.53
CA PRO F 7 -31.14 -14.70 27.72
C PRO F 7 -29.68 -14.58 27.29
N TYR F 8 -28.96 -13.64 27.88
CA TYR F 8 -27.54 -13.50 27.56
C TYR F 8 -26.71 -13.57 28.82
N GLU F 9 -25.48 -14.02 28.68
CA GLU F 9 -24.56 -14.12 29.80
C GLU F 9 -23.16 -13.73 29.35
N PHE F 10 -22.28 -13.52 30.32
CA PHE F 10 -20.89 -13.19 30.05
C PHE F 10 -19.95 -14.16 30.74
N TRP F 11 -18.99 -14.68 29.99
CA TRP F 11 -18.07 -15.69 30.51
C TRP F 11 -16.80 -15.04 31.07
N PHE F 12 -16.50 -15.33 32.33
CA PHE F 12 -15.27 -14.85 32.94
C PHE F 12 -14.27 -15.96 32.83
N VAL F 13 -13.15 -15.70 32.19
CA VAL F 13 -12.16 -16.75 31.99
C VAL F 13 -10.84 -16.30 32.56
N THR F 14 -10.34 -17.06 33.52
CA THR F 14 -9.15 -16.70 34.27
C THR F 14 -7.93 -17.50 33.83
N GLY F 15 -6.85 -16.81 33.49
CA GLY F 15 -5.64 -17.47 33.04
C GLY F 15 -4.63 -17.75 34.15
N SER F 16 -4.00 -18.90 34.10
CA SER F 16 -2.84 -19.15 34.95
C SER F 16 -1.91 -20.20 34.34
N GLN F 17 -1.11 -20.85 35.17
CA GLN F 17 -0.17 -21.85 34.69
C GLN F 17 0.11 -22.89 35.78
N HIS F 18 0.76 -23.98 35.39
CA HIS F 18 1.04 -25.05 36.33
C HIS F 18 2.27 -24.84 37.23
N LEU F 19 3.08 -23.83 36.91
CA LEU F 19 4.35 -23.62 37.60
C LEU F 19 4.32 -23.60 39.14
N TYR F 20 3.31 -22.97 39.75
CA TYR F 20 3.33 -22.80 41.22
C TYR F 20 2.60 -23.89 42.00
N GLY F 21 2.14 -24.93 41.32
CA GLY F 21 1.49 -26.04 41.99
C GLY F 21 -0.03 -26.02 41.92
N GLU F 22 -0.63 -27.11 42.40
CA GLU F 22 -2.08 -27.28 42.39
C GLU F 22 -2.83 -26.40 43.41
N GLU F 23 -2.25 -26.19 44.59
CA GLU F 23 -2.92 -25.37 45.60
C GLU F 23 -3.03 -23.92 45.17
N ALA F 24 -1.99 -23.42 44.52
CA ALA F 24 -2.01 -22.08 43.96
C ALA F 24 -3.21 -21.94 43.03
N LEU F 25 -3.38 -22.90 42.11
CA LEU F 25 -4.49 -22.85 41.16
C LEU F 25 -5.86 -22.92 41.83
N LYS F 26 -5.95 -23.56 42.99
CA LYS F 26 -7.25 -23.61 43.67
C LYS F 26 -7.60 -22.24 44.23
N GLN F 27 -6.57 -21.49 44.62
CA GLN F 27 -6.77 -20.17 45.19
C GLN F 27 -7.16 -19.18 44.12
N VAL F 28 -6.56 -19.30 42.92
CA VAL F 28 -6.98 -18.40 41.84
C VAL F 28 -8.43 -18.68 41.46
N GLU F 29 -8.81 -19.96 41.50
CA GLU F 29 -10.20 -20.33 41.19
C GLU F 29 -11.19 -19.79 42.22
N GLU F 30 -10.83 -19.86 43.50
CA GLU F 30 -11.65 -19.28 44.56
C GLU F 30 -11.86 -17.79 44.37
N HIS F 31 -10.78 -17.05 44.16
CA HIS F 31 -10.85 -15.63 43.82
C HIS F 31 -11.77 -15.38 42.62
N SER F 32 -11.58 -16.14 41.56
CA SER F 32 -12.37 -15.94 40.35
C SER F 32 -13.85 -16.21 40.60
N ARG F 33 -14.15 -17.28 41.32
CA ARG F 33 -15.52 -17.60 41.73
C ARG F 33 -16.16 -16.54 42.60
N ILE F 34 -15.38 -15.99 43.55
CA ILE F 34 -15.87 -14.94 44.45
C ILE F 34 -16.21 -13.66 43.69
N MET F 35 -15.30 -13.25 42.79
CA MET F 35 -15.53 -12.09 41.93
C MET F 35 -16.84 -12.19 41.16
N VAL F 36 -17.00 -13.29 40.43
CA VAL F 36 -18.24 -13.53 39.69
C VAL F 36 -19.47 -13.48 40.63
N ASN F 37 -19.31 -14.07 41.80
CA ASN F 37 -20.40 -14.14 42.76
C ASN F 37 -20.81 -12.74 43.22
N GLU F 38 -19.83 -11.95 43.67
CA GLU F 38 -20.05 -10.57 44.08
C GLU F 38 -20.60 -9.70 42.98
N TRP F 39 -20.02 -9.81 41.79
CA TRP F 39 -20.52 -9.08 40.62
C TRP F 39 -21.99 -9.39 40.36
N ASN F 40 -22.33 -10.67 40.44
CA ASN F 40 -23.73 -11.07 40.23
C ASN F 40 -24.69 -10.51 41.29
N ARG F 41 -24.16 -10.08 42.43
CA ARG F 41 -25.01 -9.54 43.48
C ARG F 41 -25.28 -8.05 43.27
N ASP F 42 -24.49 -7.44 42.40
CA ASP F 42 -24.56 -6.00 42.13
C ASP F 42 -25.54 -5.70 41.02
N SER F 43 -26.48 -4.79 41.27
CA SER F 43 -27.53 -4.50 40.30
C SER F 43 -27.05 -3.71 39.09
N VAL F 44 -25.81 -3.25 39.10
CA VAL F 44 -25.30 -2.44 37.99
C VAL F 44 -25.22 -3.24 36.68
N PHE F 45 -25.10 -4.55 36.80
CA PHE F 45 -24.93 -5.41 35.63
C PHE F 45 -26.28 -5.87 35.09
N PRO F 46 -26.52 -5.65 33.79
CA PRO F 46 -27.76 -6.06 33.13
C PRO F 46 -27.79 -7.55 32.80
N PHE F 47 -26.65 -8.20 32.68
CA PHE F 47 -26.61 -9.65 32.45
C PHE F 47 -25.68 -10.30 33.46
N PRO F 48 -25.85 -11.61 33.71
CA PRO F 48 -25.02 -12.30 34.71
C PRO F 48 -23.65 -12.75 34.20
N PHE F 49 -22.71 -12.91 35.13
CA PHE F 49 -21.43 -13.51 34.78
C PHE F 49 -21.48 -15.02 35.01
N VAL F 50 -20.77 -15.76 34.17
CA VAL F 50 -20.59 -17.19 34.37
C VAL F 50 -19.10 -17.43 34.54
N PHE F 51 -18.72 -18.00 35.68
CA PHE F 51 -17.34 -18.41 35.88
C PHE F 51 -17.06 -19.65 35.05
N LYS F 52 -16.14 -19.53 34.10
CA LYS F 52 -15.61 -20.72 33.45
C LYS F 52 -14.31 -21.02 34.15
N SER F 53 -13.80 -22.22 33.93
CA SER F 53 -12.56 -22.68 34.55
C SER F 53 -11.40 -21.68 34.58
N VAL F 54 -10.40 -22.00 35.39
CA VAL F 54 -9.10 -21.40 35.24
C VAL F 54 -8.42 -22.19 34.13
N VAL F 55 -7.94 -21.52 33.10
CA VAL F 55 -7.28 -22.21 32.00
C VAL F 55 -5.77 -22.10 32.13
N THR F 56 -5.07 -23.21 31.94
CA THR F 56 -3.62 -23.27 32.16
C THR F 56 -2.85 -23.99 31.06
N THR F 57 -3.56 -24.45 30.03
CA THR F 57 -2.94 -25.15 28.90
C THR F 57 -3.61 -24.71 27.60
N PRO F 58 -2.91 -24.90 26.47
CA PRO F 58 -3.50 -24.45 25.21
C PRO F 58 -4.81 -25.14 24.87
N GLU F 59 -4.93 -26.41 25.25
CA GLU F 59 -6.13 -27.19 24.95
C GLU F 59 -7.35 -26.65 25.67
N GLU F 60 -7.18 -26.33 26.96
CA GLU F 60 -8.25 -25.79 27.78
C GLU F 60 -8.70 -24.45 27.22
N ILE F 61 -7.73 -23.58 26.93
CA ILE F 61 -8.01 -22.27 26.35
C ILE F 61 -8.77 -22.39 25.04
N ARG F 62 -8.28 -23.22 24.12
CA ARG F 62 -8.97 -23.40 22.84
C ARG F 62 -10.36 -23.98 23.04
N ARG F 63 -10.49 -24.91 23.96
CA ARG F 63 -11.77 -25.55 24.21
C ARG F 63 -12.80 -24.52 24.69
N VAL F 64 -12.43 -23.64 25.61
CA VAL F 64 -13.39 -22.68 26.14
C VAL F 64 -13.76 -21.63 25.07
N CYS F 65 -12.83 -21.30 24.18
CA CYS F 65 -13.13 -20.33 23.12
C CYS F 65 -14.10 -20.93 22.08
N LEU F 66 -13.91 -22.20 21.74
CA LEU F 66 -14.83 -22.94 20.89
C LEU F 66 -16.23 -23.01 21.49
N GLU F 67 -16.32 -23.28 22.79
CA GLU F 67 -17.62 -23.35 23.45
C GLU F 67 -18.33 -22.01 23.44
N ALA F 68 -17.58 -20.93 23.71
CA ALA F 68 -18.14 -19.59 23.65
C ALA F 68 -18.72 -19.30 22.28
N ASN F 69 -18.00 -19.73 21.23
CA ASN F 69 -18.49 -19.55 19.86
C ASN F 69 -19.80 -20.28 19.61
N ALA F 70 -19.92 -21.47 20.18
CA ALA F 70 -21.06 -22.33 19.93
C ALA F 70 -22.28 -21.96 20.79
N SER F 71 -22.02 -21.19 21.84
CA SER F 71 -23.05 -20.86 22.83
C SER F 71 -23.78 -19.59 22.47
N GLU F 72 -25.06 -19.70 22.12
CA GLU F 72 -25.85 -18.55 21.72
C GLU F 72 -26.11 -17.56 22.86
N GLN F 73 -26.11 -18.04 24.11
CA GLN F 73 -26.27 -17.15 25.26
C GLN F 73 -25.02 -16.35 25.60
N CYS F 74 -23.87 -16.86 25.20
CA CYS F 74 -22.63 -16.16 25.49
C CYS F 74 -22.54 -14.92 24.60
N ALA F 75 -22.66 -13.74 25.21
CA ALA F 75 -22.61 -12.51 24.43
C ALA F 75 -21.22 -11.89 24.44
N GLY F 76 -20.34 -12.38 25.31
CA GLY F 76 -18.99 -11.86 25.37
C GLY F 76 -18.13 -12.61 26.35
N VAL F 77 -16.82 -12.45 26.24
CA VAL F 77 -15.88 -13.16 27.08
C VAL F 77 -14.97 -12.16 27.78
N VAL F 78 -14.86 -12.28 29.10
CA VAL F 78 -14.00 -11.40 29.88
C VAL F 78 -12.82 -12.23 30.37
N THR F 79 -11.62 -11.79 30.03
CA THR F 79 -10.44 -12.56 30.34
C THR F 79 -9.55 -11.75 31.28
N TRP F 80 -8.93 -12.45 32.22
CA TRP F 80 -8.10 -11.87 33.23
C TRP F 80 -7.01 -12.86 33.54
N MET F 81 -5.75 -12.41 33.53
CA MET F 81 -4.63 -13.29 33.89
C MET F 81 -4.32 -13.07 35.37
N HIS F 82 -4.68 -14.04 36.18
CA HIS F 82 -4.52 -13.92 37.62
C HIS F 82 -3.04 -14.04 37.92
N THR F 83 -2.39 -15.01 37.28
CA THR F 83 -0.94 -15.14 37.37
C THR F 83 -0.35 -15.01 35.99
N PHE F 84 0.98 -15.15 35.90
CA PHE F 84 1.63 -15.28 34.60
C PHE F 84 0.99 -16.47 33.90
N SER F 85 0.72 -16.31 32.62
CA SER F 85 0.03 -17.35 31.87
C SER F 85 0.55 -17.31 30.44
N PRO F 86 1.68 -17.99 30.19
CA PRO F 86 2.48 -17.89 28.95
C PRO F 86 1.62 -17.77 27.71
N ALA F 87 1.75 -16.67 26.97
CA ALA F 87 0.74 -16.27 25.99
C ALA F 87 0.70 -17.07 24.68
N LYS F 88 1.74 -17.83 24.37
CA LYS F 88 1.68 -18.71 23.20
C LYS F 88 0.54 -19.74 23.37
N MET F 89 0.24 -20.10 24.61
CA MET F 89 -0.86 -20.99 24.92
C MET F 89 -2.20 -20.38 24.50
N TRP F 90 -2.24 -19.06 24.38
CA TRP F 90 -3.47 -18.35 24.09
C TRP F 90 -3.73 -18.17 22.58
N ILE F 91 -2.72 -18.43 21.75
CA ILE F 91 -2.82 -18.18 20.31
C ILE F 91 -3.98 -18.97 19.70
N GLY F 92 -4.02 -20.27 19.96
CA GLY F 92 -5.06 -21.14 19.44
C GLY F 92 -6.48 -20.70 19.73
N GLY F 93 -6.76 -20.32 20.97
CA GLY F 93 -8.10 -19.88 21.34
C GLY F 93 -8.49 -18.52 20.77
N LEU F 94 -7.55 -17.59 20.75
CA LEU F 94 -7.77 -16.27 20.20
C LEU F 94 -8.00 -16.34 18.69
N LEU F 95 -7.32 -17.25 18.01
CA LEU F 95 -7.58 -17.50 16.60
C LEU F 95 -9.01 -17.98 16.37
N GLU F 96 -9.58 -18.71 17.34
CA GLU F 96 -10.93 -19.27 17.22
C GLU F 96 -12.07 -18.37 17.70
N LEU F 97 -11.81 -17.53 18.70
CA LEU F 97 -12.90 -16.80 19.36
C LEU F 97 -13.60 -15.80 18.46
N ARG F 98 -14.91 -15.92 18.31
CA ARG F 98 -15.66 -14.95 17.49
C ARG F 98 -16.70 -14.18 18.31
N LYS F 99 -16.53 -14.18 19.62
CA LYS F 99 -17.42 -13.42 20.50
C LYS F 99 -16.62 -12.23 20.96
N PRO F 100 -17.29 -11.09 21.21
CA PRO F 100 -16.57 -9.91 21.70
C PRO F 100 -15.75 -10.23 22.96
N LEU F 101 -14.62 -9.55 23.07
CA LEU F 101 -13.65 -9.88 24.10
C LEU F 101 -13.27 -8.64 24.92
N LEU F 102 -13.34 -8.78 26.24
CA LEU F 102 -12.88 -7.73 27.14
C LEU F 102 -11.72 -8.25 27.98
N HIS F 103 -10.61 -7.55 27.95
CA HIS F 103 -9.49 -7.86 28.80
C HIS F 103 -9.59 -7.05 30.09
N LEU F 104 -9.92 -7.73 31.19
CA LEU F 104 -10.00 -7.06 32.47
C LEU F 104 -8.65 -7.18 33.18
N HIS F 105 -7.98 -6.03 33.31
CA HIS F 105 -6.72 -5.96 34.01
C HIS F 105 -6.98 -5.60 35.48
N THR F 106 -6.97 -6.61 36.34
CA THR F 106 -7.44 -6.41 37.71
C THR F 106 -6.63 -7.22 38.70
N GLN F 107 -7.07 -7.23 39.95
CA GLN F 107 -6.32 -7.91 41.00
C GLN F 107 -7.28 -8.23 42.13
N PHE F 108 -7.19 -9.41 42.73
CA PHE F 108 -8.16 -9.77 43.75
C PHE F 108 -8.12 -8.82 44.94
N ASN F 109 -6.96 -8.72 45.57
CA ASN F 109 -6.75 -7.77 46.67
C ASN F 109 -6.58 -6.37 46.14
N ARG F 110 -7.05 -5.38 46.88
CA ARG F 110 -6.84 -4.00 46.45
C ARG F 110 -5.46 -3.49 46.81
N ASP F 111 -5.00 -3.80 48.02
CA ASP F 111 -3.76 -3.21 48.51
C ASP F 111 -2.65 -4.24 48.66
N ILE F 112 -1.42 -3.78 48.64
CA ILE F 112 -0.28 -4.61 48.98
C ILE F 112 -0.28 -4.80 50.50
N PRO F 113 -0.36 -6.05 50.96
CA PRO F 113 -0.26 -6.35 52.40
C PRO F 113 1.19 -6.23 52.88
N TRP F 114 1.66 -5.00 53.04
CA TRP F 114 3.06 -4.69 53.34
C TRP F 114 3.73 -5.58 54.38
N ASP F 115 3.01 -5.85 55.47
CA ASP F 115 3.56 -6.55 56.63
C ASP F 115 3.78 -8.04 56.37
N SER F 116 3.04 -8.60 55.43
CA SER F 116 3.10 -10.04 55.20
C SER F 116 3.46 -10.48 53.78
N ILE F 117 3.59 -9.54 52.84
CA ILE F 117 3.84 -9.93 51.45
C ILE F 117 5.12 -10.74 51.32
N ASP F 118 4.99 -11.93 50.71
CA ASP F 118 6.12 -12.83 50.53
C ASP F 118 6.13 -13.44 49.12
N MET F 119 7.00 -14.42 48.89
CA MET F 119 7.17 -14.96 47.54
C MET F 119 5.94 -15.73 47.06
N ASP F 120 5.26 -16.42 47.98
CA ASP F 120 4.00 -17.06 47.65
C ASP F 120 2.99 -16.01 47.16
N PHE F 121 2.94 -14.88 47.85
CA PHE F 121 2.03 -13.83 47.46
C PHE F 121 2.38 -13.37 46.04
N MET F 122 3.68 -13.15 45.82
CA MET F 122 4.19 -12.61 44.56
C MET F 122 3.92 -13.52 43.37
N ASN F 123 4.05 -14.83 43.58
CA ASN F 123 3.71 -15.81 42.56
C ASN F 123 2.22 -15.83 42.25
N LEU F 124 1.38 -15.62 43.26
CA LEU F 124 -0.07 -15.74 43.09
C LEU F 124 -0.75 -14.49 42.52
N ASN F 125 -0.39 -13.32 43.06
CA ASN F 125 -1.06 -12.10 42.65
C ASN F 125 -0.25 -11.23 41.69
N GLN F 126 0.00 -11.75 40.48
CA GLN F 126 0.92 -11.12 39.55
C GLN F 126 0.29 -10.80 38.19
N SER F 127 -1.01 -10.49 38.18
CA SER F 127 -1.67 -9.87 37.04
C SER F 127 -0.87 -8.69 36.49
N ALA F 128 -0.19 -7.97 37.38
CA ALA F 128 0.63 -6.81 36.99
C ALA F 128 1.53 -7.17 35.80
N HIS F 129 2.06 -8.38 35.80
CA HIS F 129 2.81 -8.83 34.62
C HIS F 129 2.12 -9.89 33.75
N GLY F 130 1.26 -10.71 34.34
CA GLY F 130 0.51 -11.71 33.58
C GLY F 130 -0.37 -11.11 32.49
N ASP F 131 -1.05 -10.01 32.84
CA ASP F 131 -1.89 -9.30 31.90
C ASP F 131 -1.12 -8.52 30.83
N ARG F 132 0.13 -8.19 31.11
CA ARG F 132 0.96 -7.53 30.11
C ARG F 132 1.45 -8.51 29.03
N GLU F 133 1.82 -9.71 29.45
CA GLU F 133 2.23 -10.76 28.50
C GLU F 133 1.03 -11.12 27.59
N TYR F 134 -0.16 -11.17 28.20
CA TYR F 134 -1.37 -11.41 27.43
C TYR F 134 -1.71 -10.25 26.51
N GLY F 135 -1.56 -9.02 27.00
CA GLY F 135 -1.72 -7.83 26.18
C GLY F 135 -0.84 -7.84 24.94
N PHE F 136 0.36 -8.40 25.05
CA PHE F 136 1.27 -8.52 23.90
C PHE F 136 0.71 -9.40 22.80
N ILE F 137 0.21 -10.58 23.17
CA ILE F 137 -0.30 -11.50 22.17
C ILE F 137 -1.53 -10.92 21.48
N GLY F 138 -2.30 -10.09 22.19
CA GLY F 138 -3.45 -9.42 21.61
C GLY F 138 -3.04 -8.42 20.56
N ALA F 139 -2.11 -7.53 20.91
CA ALA F 139 -1.56 -6.59 19.94
C ALA F 139 -0.84 -7.31 18.79
N ARG F 140 -0.06 -8.33 19.13
CA ARG F 140 0.71 -9.09 18.15
C ARG F 140 -0.21 -9.74 17.11
N MET F 141 -1.41 -10.12 17.53
CA MET F 141 -2.37 -10.76 16.65
C MET F 141 -3.40 -9.80 16.03
N GLY F 142 -3.42 -8.56 16.50
CA GLY F 142 -4.41 -7.60 16.02
C GLY F 142 -5.83 -7.91 16.45
N VAL F 143 -5.99 -8.54 17.61
CA VAL F 143 -7.32 -8.84 18.15
C VAL F 143 -8.07 -7.56 18.52
N ALA F 144 -9.31 -7.43 18.08
CA ALA F 144 -10.20 -6.39 18.63
C ALA F 144 -10.52 -6.76 20.07
N ARG F 145 -10.35 -5.79 20.97
CA ARG F 145 -10.52 -6.04 22.40
C ARG F 145 -10.79 -4.73 23.13
N LYS F 146 -11.66 -4.78 24.13
CA LYS F 146 -11.79 -3.69 25.09
C LYS F 146 -10.88 -4.00 26.27
N VAL F 147 -10.21 -2.98 26.79
CA VAL F 147 -9.29 -3.14 27.90
C VAL F 147 -9.74 -2.27 29.08
N VAL F 148 -10.06 -2.92 30.20
CA VAL F 148 -10.45 -2.18 31.41
C VAL F 148 -9.45 -2.44 32.53
N VAL F 149 -8.98 -1.36 33.14
CA VAL F 149 -8.00 -1.44 34.22
C VAL F 149 -8.57 -0.90 35.53
N GLY F 150 -8.47 -1.71 36.59
CA GLY F 150 -8.87 -1.27 37.93
C GLY F 150 -9.24 -2.44 38.81
N HIS F 151 -9.48 -2.16 40.08
CA HIS F 151 -9.82 -3.20 41.04
C HIS F 151 -11.26 -3.64 40.80
N TRP F 152 -11.51 -4.93 40.98
CA TRP F 152 -12.82 -5.49 40.64
C TRP F 152 -13.97 -5.00 41.52
N GLU F 153 -13.66 -4.29 42.60
CA GLU F 153 -14.70 -3.73 43.46
C GLU F 153 -14.90 -2.23 43.22
N ASP F 154 -14.03 -1.65 42.39
CA ASP F 154 -14.15 -0.26 42.01
C ASP F 154 -15.44 -0.03 41.21
N PRO F 155 -16.32 0.86 41.70
CA PRO F 155 -17.60 1.12 41.02
C PRO F 155 -17.43 1.62 39.59
N GLU F 156 -16.38 2.39 39.34
CA GLU F 156 -16.07 2.86 37.98
C GLU F 156 -15.78 1.68 37.06
N VAL F 157 -15.02 0.71 37.56
CA VAL F 157 -14.70 -0.48 36.79
C VAL F 157 -15.96 -1.26 36.43
N ARG F 158 -16.83 -1.46 37.42
CA ARG F 158 -18.04 -2.25 37.19
C ARG F 158 -18.95 -1.53 36.20
N GLU F 159 -19.03 -0.21 36.36
CA GLU F 159 -19.86 0.61 35.48
C GLU F 159 -19.35 0.56 34.04
N ARG F 160 -18.04 0.61 33.87
CA ARG F 160 -17.48 0.41 32.54
C ARG F 160 -17.87 -0.96 32.00
N LEU F 161 -17.74 -2.00 32.84
CA LEU F 161 -18.07 -3.36 32.42
C LEU F 161 -19.54 -3.50 32.04
N ALA F 162 -20.41 -2.89 32.85
CA ALA F 162 -21.85 -3.03 32.63
C ALA F 162 -22.27 -2.40 31.31
N LYS F 163 -21.67 -1.26 30.99
CA LYS F 163 -21.98 -0.54 29.77
C LYS F 163 -21.50 -1.32 28.53
N TRP F 164 -20.32 -1.94 28.63
CA TRP F 164 -19.81 -2.78 27.56
C TRP F 164 -20.68 -4.03 27.35
N MET F 165 -21.23 -4.58 28.43
CA MET F 165 -22.19 -5.66 28.30
C MET F 165 -23.33 -5.31 27.33
N ARG F 166 -23.86 -4.11 27.47
CA ARG F 166 -24.97 -3.64 26.63
C ARG F 166 -24.54 -3.54 25.17
N THR F 167 -23.33 -3.06 24.96
CA THR F 167 -22.75 -2.96 23.62
C THR F 167 -22.57 -4.34 23.00
N ALA F 168 -22.05 -5.28 23.78
CA ALA F 168 -21.81 -6.66 23.33
C ALA F 168 -23.12 -7.39 23.04
N VAL F 169 -24.15 -7.13 23.83
CA VAL F 169 -25.44 -7.76 23.53
C VAL F 169 -26.04 -7.16 22.23
N ALA F 170 -25.83 -5.86 22.03
CA ALA F 170 -26.24 -5.24 20.76
C ALA F 170 -25.54 -5.89 19.58
N PHE F 171 -24.29 -6.27 19.79
CA PHE F 171 -23.52 -6.90 18.74
C PHE F 171 -24.04 -8.30 18.41
N ALA F 172 -24.39 -9.05 19.46
CA ALA F 172 -24.99 -10.38 19.30
C ALA F 172 -26.33 -10.28 18.57
N GLU F 173 -27.09 -9.24 18.90
CA GLU F 173 -28.34 -8.95 18.20
C GLU F 173 -28.09 -8.54 16.76
N SER F 174 -27.04 -7.74 16.55
CA SER F 174 -26.62 -7.33 15.22
C SER F 174 -26.33 -8.52 14.31
N ARG F 175 -25.73 -9.56 14.88
CA ARG F 175 -25.29 -10.73 14.14
C ARG F 175 -26.46 -11.62 13.68
N ASN F 176 -27.64 -11.37 14.23
CA ASN F 176 -28.82 -12.14 13.87
C ASN F 176 -29.92 -11.25 13.36
N LEU F 177 -29.58 -9.99 13.12
CA LEU F 177 -30.56 -8.98 12.79
C LEU F 177 -31.16 -9.21 11.42
N LYS F 178 -32.48 -9.23 11.34
CA LYS F 178 -33.17 -9.31 10.07
C LYS F 178 -33.98 -8.05 9.81
N VAL F 179 -33.73 -7.42 8.66
CA VAL F 179 -34.48 -6.27 8.17
C VAL F 179 -35.38 -6.69 7.01
N ALA F 180 -36.64 -6.25 7.04
CA ALA F 180 -37.54 -6.46 5.90
C ALA F 180 -37.74 -5.13 5.19
N ARG F 181 -37.49 -5.10 3.89
CA ARG F 181 -37.75 -3.88 3.16
C ARG F 181 -39.02 -4.03 2.34
N PHE F 182 -39.97 -3.13 2.55
CA PHE F 182 -41.16 -3.10 1.73
C PHE F 182 -40.91 -2.05 0.66
N GLY F 183 -40.49 -2.49 -0.51
CA GLY F 183 -40.18 -1.56 -1.57
C GLY F 183 -38.73 -1.14 -1.51
N ASP F 184 -38.28 -0.48 -2.58
CA ASP F 184 -36.86 -0.23 -2.79
C ASP F 184 -36.45 1.13 -2.24
N ASN F 185 -35.19 1.51 -2.41
CA ASN F 185 -34.75 2.86 -2.09
C ASN F 185 -35.55 3.90 -2.85
N MET F 186 -35.79 5.03 -2.20
CA MET F 186 -36.34 6.20 -2.85
C MET F 186 -35.45 6.45 -4.07
N ARG F 187 -36.06 6.67 -5.23
CA ARG F 187 -35.29 6.73 -6.47
C ARG F 187 -34.33 7.91 -6.49
N GLU F 188 -33.14 7.66 -7.05
CA GLU F 188 -32.07 8.66 -7.23
C GLU F 188 -31.28 9.02 -5.95
N VAL F 189 -31.69 8.48 -4.81
CA VAL F 189 -31.02 8.84 -3.57
C VAL F 189 -29.74 8.01 -3.39
N ALA F 190 -28.66 8.65 -2.94
CA ALA F 190 -27.36 7.98 -2.83
C ALA F 190 -27.03 7.41 -1.46
N VAL F 191 -27.21 8.21 -0.40
CA VAL F 191 -26.70 7.83 0.90
C VAL F 191 -27.36 6.59 1.49
N THR F 192 -28.57 6.27 1.00
CA THR F 192 -29.29 5.14 1.55
C THR F 192 -29.02 3.86 0.77
N GLU F 193 -28.31 3.98 -0.34
CA GLU F 193 -27.84 2.81 -1.06
C GLU F 193 -26.65 2.20 -0.35
N GLY F 194 -26.22 1.05 -0.82
CA GLY F 194 -25.03 0.44 -0.29
C GLY F 194 -25.05 -1.03 -0.55
N ASP F 195 -23.99 -1.70 -0.12
CA ASP F 195 -23.83 -3.10 -0.42
C ASP F 195 -24.35 -3.93 0.74
N LYS F 196 -25.46 -4.64 0.51
CA LYS F 196 -26.06 -5.52 1.52
C LYS F 196 -25.17 -6.70 1.88
N VAL F 197 -24.57 -7.33 0.86
CA VAL F 197 -23.59 -8.38 1.07
C VAL F 197 -22.43 -7.93 1.99
N GLY F 198 -21.82 -6.79 1.68
CA GLY F 198 -20.78 -6.21 2.52
C GLY F 198 -21.25 -6.02 3.96
N ALA F 199 -22.47 -5.49 4.10
CA ALA F 199 -23.10 -5.32 5.42
C ALA F 199 -23.35 -6.64 6.15
N GLN F 200 -23.75 -7.68 5.43
CA GLN F 200 -23.95 -8.97 6.09
C GLN F 200 -22.60 -9.58 6.50
N ILE F 201 -21.59 -9.39 5.67
CA ILE F 201 -20.25 -9.84 6.04
C ILE F 201 -19.76 -9.10 7.29
N GLN F 202 -19.90 -7.77 7.29
CA GLN F 202 -19.33 -6.94 8.34
C GLN F 202 -20.07 -6.96 9.67
N PHE F 203 -21.40 -6.88 9.63
CA PHE F 203 -22.19 -6.75 10.86
C PHE F 203 -23.09 -7.96 11.12
N GLY F 204 -23.28 -8.78 10.10
CA GLY F 204 -24.18 -9.92 10.20
C GLY F 204 -25.62 -9.68 9.74
N TRP F 205 -25.95 -8.42 9.42
CA TRP F 205 -27.34 -8.06 9.07
C TRP F 205 -27.88 -8.78 7.85
N SER F 206 -29.12 -9.21 7.95
CA SER F 206 -29.81 -9.83 6.84
C SER F 206 -30.87 -8.87 6.32
N VAL F 207 -30.64 -8.33 5.12
CA VAL F 207 -31.53 -7.35 4.54
C VAL F 207 -32.17 -7.91 3.29
N ASN F 208 -33.49 -8.08 3.31
CA ASN F 208 -34.20 -8.62 2.16
C ASN F 208 -35.49 -7.93 1.79
N GLY F 209 -35.82 -7.97 0.50
CA GLY F 209 -36.92 -7.19 -0.04
C GLY F 209 -38.19 -7.99 -0.17
N TYR F 210 -39.31 -7.36 0.14
CA TYR F 210 -40.64 -7.94 -0.06
C TYR F 210 -41.48 -6.92 -0.80
N GLY F 211 -42.43 -7.38 -1.59
CA GLY F 211 -43.35 -6.45 -2.22
C GLY F 211 -44.25 -5.82 -1.16
N ILE F 212 -44.65 -4.58 -1.38
CA ILE F 212 -45.64 -3.91 -0.54
C ILE F 212 -46.91 -4.75 -0.51
N GLY F 213 -47.15 -5.48 -1.60
CA GLY F 213 -48.28 -6.40 -1.67
C GLY F 213 -48.24 -7.48 -0.62
N ASP F 214 -47.05 -7.94 -0.25
CA ASP F 214 -46.93 -8.95 0.81
C ASP F 214 -47.47 -8.41 2.14
N LEU F 215 -47.26 -7.12 2.37
CA LEU F 215 -47.73 -6.47 3.58
C LEU F 215 -49.23 -6.21 3.52
N VAL F 216 -49.70 -5.71 2.39
CA VAL F 216 -51.12 -5.52 2.18
C VAL F 216 -51.94 -6.78 2.52
N GLN F 217 -51.52 -7.95 2.02
CA GLN F 217 -52.18 -9.19 2.38
C GLN F 217 -52.29 -9.37 3.91
N TYR F 218 -51.24 -9.00 4.65
CA TYR F 218 -51.27 -9.13 6.10
C TYR F 218 -52.27 -8.14 6.72
N ILE F 219 -52.20 -6.90 6.28
CA ILE F 219 -53.10 -5.86 6.78
C ILE F 219 -54.55 -6.25 6.56
N ARG F 220 -54.82 -6.84 5.40
CA ARG F 220 -56.17 -7.29 5.06
C ARG F 220 -56.67 -8.44 5.93
N ASP F 221 -55.75 -9.16 6.56
CA ASP F 221 -56.12 -10.32 7.37
C ASP F 221 -56.32 -9.96 8.84
N VAL F 222 -56.21 -8.68 9.15
CA VAL F 222 -56.28 -8.24 10.53
C VAL F 222 -57.69 -8.43 11.10
N SER F 223 -57.77 -8.96 12.31
CA SER F 223 -59.05 -9.11 13.01
C SER F 223 -59.65 -7.73 13.33
N GLU F 224 -60.88 -7.50 12.89
CA GLU F 224 -61.53 -6.21 13.10
C GLU F 224 -61.79 -5.96 14.59
N GLN F 225 -61.92 -7.05 15.33
CA GLN F 225 -62.03 -7.01 16.78
C GLN F 225 -60.74 -6.48 17.38
N LYS F 226 -59.61 -7.03 16.95
CA LYS F 226 -58.29 -6.57 17.39
C LYS F 226 -58.08 -5.09 17.14
N VAL F 227 -58.52 -4.64 15.97
CA VAL F 227 -58.46 -3.22 15.63
C VAL F 227 -59.17 -2.36 16.68
N ASN F 228 -60.38 -2.77 17.04
CA ASN F 228 -61.19 -2.04 17.99
C ASN F 228 -60.53 -1.98 19.35
N GLU F 229 -59.91 -3.08 19.75
CA GLU F 229 -59.20 -3.13 21.01
C GLU F 229 -57.98 -2.22 20.96
N LEU F 230 -57.26 -2.24 19.84
CA LEU F 230 -56.10 -1.38 19.67
C LEU F 230 -56.52 0.09 19.65
N LEU F 231 -57.57 0.38 18.90
CA LEU F 231 -58.13 1.73 18.85
C LEU F 231 -58.46 2.27 20.25
N ASP F 232 -58.89 1.38 21.14
CA ASP F 232 -59.17 1.78 22.50
C ASP F 232 -57.89 2.04 23.28
N GLU F 233 -56.88 1.19 23.08
CA GLU F 233 -55.59 1.40 23.71
C GLU F 233 -55.06 2.81 23.39
N TYR F 234 -55.22 3.23 22.13
CA TYR F 234 -54.83 4.56 21.68
C TYR F 234 -55.51 5.63 22.51
N GLU F 235 -56.81 5.43 22.75
CA GLU F 235 -57.62 6.39 23.50
C GLU F 235 -57.09 6.52 24.92
N GLU F 236 -56.61 5.40 25.45
CA GLU F 236 -56.09 5.32 26.80
C GLU F 236 -54.67 5.86 26.94
N LEU F 237 -53.85 5.68 25.91
CA LEU F 237 -52.45 6.14 25.96
C LEU F 237 -52.26 7.59 25.48
N TYR F 238 -53.08 8.05 24.56
CA TYR F 238 -52.82 9.33 23.93
C TYR F 238 -53.99 10.27 24.05
N ASP F 239 -53.72 11.55 23.84
CA ASP F 239 -54.77 12.54 23.65
C ASP F 239 -55.18 12.48 22.19
N ILE F 240 -56.35 11.92 21.91
CA ILE F 240 -56.87 11.89 20.54
C ILE F 240 -57.55 13.20 20.18
N VAL F 241 -57.32 13.72 18.97
CA VAL F 241 -58.03 14.91 18.48
C VAL F 241 -59.53 14.74 18.67
N PRO F 242 -60.24 15.85 19.00
CA PRO F 242 -61.67 15.82 19.25
C PRO F 242 -62.48 15.10 18.15
N ALA F 243 -62.29 15.52 16.91
CA ALA F 243 -62.96 14.90 15.77
C ALA F 243 -62.80 13.38 15.73
N GLY F 244 -61.69 12.88 16.26
CA GLY F 244 -61.40 11.46 16.27
C GLY F 244 -62.03 10.63 17.38
N ARG F 245 -62.61 11.29 18.38
CA ARG F 245 -63.26 10.54 19.48
C ARG F 245 -64.63 10.01 19.08
N GLN F 246 -65.29 10.70 18.14
CA GLN F 246 -66.58 10.26 17.61
C GLN F 246 -66.38 9.43 16.35
N GLU F 247 -67.39 8.65 15.98
CA GLU F 247 -67.35 7.96 14.71
C GLU F 247 -67.31 9.00 13.60
N GLY F 248 -66.63 8.68 12.51
CA GLY F 248 -66.49 9.60 11.40
C GLY F 248 -65.20 9.34 10.64
N PRO F 249 -64.93 10.16 9.61
CA PRO F 249 -63.75 9.97 8.75
C PRO F 249 -62.43 9.96 9.52
N VAL F 250 -62.22 10.97 10.36
CA VAL F 250 -61.00 11.11 11.15
C VAL F 250 -60.70 9.88 12.00
N ARG F 251 -61.72 9.37 12.68
CA ARG F 251 -61.54 8.19 13.50
C ARG F 251 -61.23 6.98 12.62
N GLU F 252 -61.79 6.98 11.41
CA GLU F 252 -61.50 5.94 10.44
C GLU F 252 -60.05 5.99 9.96
N SER F 253 -59.50 7.18 9.79
CA SER F 253 -58.09 7.35 9.48
C SER F 253 -57.23 6.73 10.57
N ILE F 254 -57.60 7.00 11.82
CA ILE F 254 -56.90 6.45 12.97
C ILE F 254 -57.04 4.94 13.01
N ARG F 255 -58.20 4.46 12.59
CA ARG F 255 -58.47 3.04 12.54
C ARG F 255 -57.60 2.35 11.50
N GLU F 256 -57.36 3.01 10.38
CA GLU F 256 -56.50 2.43 9.35
C GLU F 256 -55.07 2.18 9.84
N GLN F 257 -54.50 3.15 10.55
CA GLN F 257 -53.20 2.99 11.16
C GLN F 257 -53.17 1.81 12.13
N ALA F 258 -54.30 1.56 12.80
CA ALA F 258 -54.42 0.43 13.70
C ALA F 258 -54.30 -0.90 12.95
N ARG F 259 -54.96 -0.97 11.79
CA ARG F 259 -54.87 -2.13 10.92
C ARG F 259 -53.45 -2.27 10.38
N ILE F 260 -52.87 -1.15 9.97
CA ILE F 260 -51.49 -1.18 9.50
C ILE F 260 -50.55 -1.66 10.60
N GLU F 261 -50.72 -1.14 11.81
CA GLU F 261 -49.89 -1.56 12.94
C GLU F 261 -49.99 -3.05 13.18
N LEU F 262 -51.22 -3.56 13.25
CA LEU F 262 -51.42 -4.99 13.49
C LEU F 262 -50.89 -5.88 12.37
N GLY F 263 -51.00 -5.43 11.12
CA GLY F 263 -50.54 -6.22 10.00
C GLY F 263 -49.02 -6.25 9.93
N LEU F 264 -48.40 -5.10 10.20
CA LEU F 264 -46.94 -4.96 10.27
C LEU F 264 -46.40 -5.89 11.33
N LYS F 265 -46.91 -5.71 12.55
CA LYS F 265 -46.56 -6.52 13.71
C LYS F 265 -46.59 -8.01 13.39
N ALA F 266 -47.61 -8.43 12.66
CA ALA F 266 -47.80 -9.84 12.35
C ALA F 266 -46.77 -10.33 11.33
N PHE F 267 -46.48 -9.47 10.35
CA PHE F 267 -45.49 -9.77 9.35
C PHE F 267 -44.13 -9.87 10.02
N LEU F 268 -43.78 -8.86 10.80
CA LEU F 268 -42.49 -8.81 11.48
C LEU F 268 -42.25 -10.05 12.36
N GLN F 269 -43.22 -10.36 13.23
CA GLN F 269 -43.14 -11.55 14.08
C GLN F 269 -43.03 -12.84 13.28
N ASP F 270 -43.84 -12.99 12.24
CA ASP F 270 -43.76 -14.19 11.40
C ASP F 270 -42.37 -14.48 10.88
N GLY F 271 -41.67 -13.45 10.39
CA GLY F 271 -40.34 -13.63 9.87
C GLY F 271 -39.24 -13.28 10.86
N ASN F 272 -39.64 -12.97 12.10
CA ASN F 272 -38.70 -12.61 13.17
C ASN F 272 -37.80 -11.44 12.80
N PHE F 273 -38.38 -10.44 12.15
CA PHE F 273 -37.64 -9.23 11.83
C PHE F 273 -37.62 -8.32 13.05
N THR F 274 -36.56 -7.52 13.19
CA THR F 274 -36.46 -6.56 14.28
C THR F 274 -36.20 -5.15 13.74
N ALA F 275 -36.24 -5.02 12.41
CA ALA F 275 -36.16 -3.71 11.77
C ALA F 275 -36.82 -3.83 10.41
N PHE F 276 -37.34 -2.72 9.91
CA PHE F 276 -37.99 -2.71 8.60
C PHE F 276 -37.93 -1.31 7.97
N THR F 277 -38.16 -1.25 6.66
CA THR F 277 -38.18 0.03 5.97
C THR F 277 -39.47 0.13 5.18
N THR F 278 -39.83 1.35 4.81
CA THR F 278 -40.89 1.60 3.85
C THR F 278 -40.41 2.66 2.85
N THR F 279 -41.19 2.86 1.79
CA THR F 279 -40.93 3.95 0.85
C THR F 279 -42.26 4.52 0.37
N PHE F 280 -42.37 5.84 0.35
CA PHE F 280 -43.62 6.48 -0.04
C PHE F 280 -43.86 6.36 -1.54
N GLU F 281 -42.84 5.96 -2.27
CA GLU F 281 -42.93 5.81 -3.72
C GLU F 281 -43.54 4.49 -4.14
N ASP F 282 -43.84 3.65 -3.17
CA ASP F 282 -44.44 2.35 -3.45
C ASP F 282 -45.45 1.95 -2.37
N LEU F 283 -46.69 2.43 -2.51
CA LEU F 283 -47.74 2.17 -1.55
C LEU F 283 -48.99 1.58 -2.20
N HIS F 284 -48.79 0.86 -3.31
CA HIS F 284 -49.89 0.21 -4.01
C HIS F 284 -50.67 -0.75 -3.12
N GLY F 285 -51.96 -0.49 -2.95
CA GLY F 285 -52.79 -1.34 -2.12
C GLY F 285 -52.90 -0.82 -0.70
N MET F 286 -52.20 0.29 -0.40
CA MET F 286 -52.24 0.88 0.94
C MET F 286 -53.14 2.12 0.96
N LYS F 287 -53.88 2.32 2.03
CA LYS F 287 -54.75 3.49 2.11
C LYS F 287 -53.96 4.74 2.49
N GLN F 288 -52.98 4.58 3.39
CA GLN F 288 -52.16 5.67 3.86
C GLN F 288 -50.72 5.22 3.95
N LEU F 289 -49.82 6.18 4.07
CA LEU F 289 -48.44 5.90 4.41
C LEU F 289 -48.40 5.45 5.86
N PRO F 290 -47.68 4.36 6.14
CA PRO F 290 -47.52 3.99 7.56
C PRO F 290 -46.93 5.13 8.35
N GLY F 291 -47.60 5.50 9.44
CA GLY F 291 -47.19 6.63 10.27
C GLY F 291 -47.31 6.29 11.73
N LEU F 292 -48.48 6.58 12.31
CA LEU F 292 -48.78 6.18 13.68
C LEU F 292 -48.34 4.74 13.96
N ALA F 293 -48.64 3.84 13.02
CA ALA F 293 -48.24 2.44 13.13
C ALA F 293 -46.72 2.25 13.30
N VAL F 294 -45.94 3.00 12.53
CA VAL F 294 -44.48 2.92 12.59
C VAL F 294 -43.96 3.49 13.89
N GLN F 295 -44.56 4.59 14.32
CA GLN F 295 -44.21 5.22 15.60
C GLN F 295 -44.39 4.26 16.78
N ARG F 296 -45.44 3.45 16.75
CA ARG F 296 -45.65 2.51 17.84
C ARG F 296 -44.67 1.33 17.82
N LEU F 297 -44.42 0.81 16.63
CA LEU F 297 -43.46 -0.27 16.49
C LEU F 297 -42.06 0.20 16.88
N MET F 298 -41.79 1.49 16.66
CA MET F 298 -40.51 2.05 17.08
C MET F 298 -40.42 2.11 18.59
N ALA F 299 -41.55 2.37 19.25
CA ALA F 299 -41.61 2.45 20.70
C ALA F 299 -41.37 1.08 21.29
N GLU F 300 -41.88 0.03 20.63
CA GLU F 300 -41.62 -1.34 21.08
C GLU F 300 -40.17 -1.77 20.85
N GLY F 301 -39.37 -0.92 20.22
CA GLY F 301 -37.97 -1.27 19.96
C GLY F 301 -37.61 -1.78 18.57
N TYR F 302 -38.53 -1.67 17.61
CA TYR F 302 -38.21 -2.03 16.22
C TYR F 302 -37.34 -0.96 15.59
N GLY F 303 -36.37 -1.40 14.80
CA GLY F 303 -35.65 -0.48 13.94
C GLY F 303 -36.49 -0.13 12.74
N PHE F 304 -36.36 1.11 12.31
CA PHE F 304 -37.06 1.60 11.14
C PHE F 304 -36.20 2.61 10.38
N GLY F 305 -36.28 2.56 9.06
CA GLY F 305 -35.63 3.55 8.22
C GLY F 305 -36.63 3.95 7.15
N GLY F 306 -36.81 5.24 6.95
CA GLY F 306 -37.65 5.73 5.88
C GLY F 306 -37.00 5.57 4.51
N GLU F 307 -37.82 5.51 3.47
CA GLU F 307 -37.32 5.56 2.09
C GLU F 307 -36.32 4.44 1.78
N GLY F 308 -36.59 3.26 2.32
CA GLY F 308 -35.80 2.08 2.02
C GLY F 308 -34.44 2.05 2.68
N ASP F 309 -34.25 2.90 3.68
CA ASP F 309 -32.98 3.07 4.38
C ASP F 309 -32.67 1.95 5.39
N TRP F 310 -32.15 0.84 4.88
CA TRP F 310 -31.91 -0.34 5.70
C TRP F 310 -30.73 -0.14 6.66
N LYS F 311 -29.73 0.63 6.24
CA LYS F 311 -28.61 0.90 7.14
C LYS F 311 -29.09 1.61 8.41
N THR F 312 -29.95 2.61 8.25
CA THR F 312 -30.42 3.37 9.40
C THR F 312 -31.35 2.53 10.26
N ALA F 313 -32.22 1.74 9.62
CA ALA F 313 -33.13 0.87 10.36
C ALA F 313 -32.35 -0.06 11.29
N ALA F 314 -31.27 -0.63 10.77
CA ALA F 314 -30.46 -1.57 11.54
C ALA F 314 -29.77 -0.82 12.67
N LEU F 315 -29.25 0.36 12.34
CA LEU F 315 -28.60 1.19 13.33
C LEU F 315 -29.56 1.54 14.47
N VAL F 316 -30.80 1.87 14.12
CA VAL F 316 -31.83 2.21 15.10
C VAL F 316 -32.09 1.03 16.01
N ARG F 317 -32.18 -0.15 15.43
CA ARG F 317 -32.45 -1.34 16.21
C ARG F 317 -31.29 -1.61 17.16
N LEU F 318 -30.08 -1.43 16.66
CA LEU F 318 -28.85 -1.67 17.43
C LEU F 318 -28.76 -0.76 18.63
N MET F 319 -29.10 0.50 18.42
CA MET F 319 -29.00 1.48 19.48
C MET F 319 -30.11 1.27 20.49
N LYS F 320 -31.28 0.84 20.03
CA LYS F 320 -32.35 0.50 20.97
C LYS F 320 -31.89 -0.59 21.97
N VAL F 321 -31.08 -1.54 21.50
CA VAL F 321 -30.52 -2.59 22.35
C VAL F 321 -29.41 -2.10 23.27
N MET F 322 -28.52 -1.23 22.78
CA MET F 322 -27.45 -0.66 23.60
C MET F 322 -27.96 0.22 24.74
N ALA F 323 -29.11 0.85 24.51
CA ALA F 323 -29.64 1.88 25.41
C ALA F 323 -29.89 1.36 26.83
N ASP F 324 -29.47 2.11 27.84
CA ASP F 324 -29.81 1.75 29.22
C ASP F 324 -30.95 2.61 29.75
N GLY F 325 -31.84 3.04 28.86
CA GLY F 325 -32.92 3.93 29.24
C GLY F 325 -33.76 4.27 28.02
N LYS F 326 -34.67 5.22 28.19
CA LYS F 326 -35.72 5.55 27.23
C LYS F 326 -35.35 6.65 26.23
N GLY F 327 -35.78 6.49 24.98
CA GLY F 327 -35.71 7.60 24.06
C GLY F 327 -34.74 7.42 22.93
N THR F 328 -35.12 6.59 21.97
CA THR F 328 -34.29 6.27 20.83
C THR F 328 -35.20 6.31 19.60
N SER F 329 -34.82 7.11 18.61
CA SER F 329 -35.65 7.32 17.42
C SER F 329 -34.88 7.40 16.12
N PHE F 330 -35.53 6.96 15.05
CA PHE F 330 -35.11 7.33 13.72
C PHE F 330 -35.33 8.83 13.64
N MET F 331 -34.45 9.53 12.92
CA MET F 331 -34.47 10.99 12.91
C MET F 331 -33.95 11.51 11.58
N GLU F 332 -34.34 12.74 11.25
CA GLU F 332 -33.83 13.46 10.09
C GLU F 332 -33.74 14.94 10.45
N ASP F 333 -32.60 15.58 10.16
CA ASP F 333 -32.48 17.03 10.31
C ASP F 333 -33.39 17.70 9.30
N TYR F 334 -34.38 18.46 9.77
CA TYR F 334 -35.32 19.07 8.84
C TYR F 334 -35.07 20.53 8.52
N THR F 335 -34.70 21.33 9.52
CA THR F 335 -34.53 22.77 9.31
C THR F 335 -33.72 23.47 10.42
N TYR F 336 -33.13 24.61 10.07
CA TYR F 336 -32.22 25.30 10.97
C TYR F 336 -32.80 26.59 11.55
N HIS F 337 -32.34 26.92 12.75
CA HIS F 337 -32.61 28.22 13.39
C HIS F 337 -31.27 28.89 13.59
N PHE F 338 -30.93 29.84 12.73
CA PHE F 338 -29.60 30.43 12.70
C PHE F 338 -29.49 31.69 13.57
N GLU F 339 -30.43 31.87 14.49
CA GLU F 339 -30.40 33.00 15.41
C GLU F 339 -29.14 32.99 16.28
N PRO F 340 -28.25 33.97 16.08
CA PRO F 340 -26.98 34.05 16.81
C PRO F 340 -27.19 33.84 18.30
N GLY F 341 -26.33 33.03 18.91
CA GLY F 341 -26.44 32.74 20.33
C GLY F 341 -27.49 31.70 20.67
N ASN F 342 -28.25 31.28 19.67
CA ASN F 342 -29.29 30.30 19.90
C ASN F 342 -29.48 29.39 18.69
N GLU F 343 -28.38 29.01 18.04
CA GLU F 343 -28.47 28.16 16.86
C GLU F 343 -28.97 26.76 17.23
N LEU F 344 -29.92 26.24 16.46
CA LEU F 344 -30.36 24.89 16.71
C LEU F 344 -30.88 24.21 15.47
N ILE F 345 -31.12 22.91 15.60
CA ILE F 345 -31.64 22.11 14.50
C ILE F 345 -32.98 21.56 14.91
N LEU F 346 -33.96 21.61 14.01
CA LEU F 346 -35.25 20.98 14.25
C LEU F 346 -35.28 19.67 13.47
N GLY F 347 -35.49 18.56 14.19
CA GLY F 347 -35.52 17.24 13.56
C GLY F 347 -36.90 16.61 13.56
N ALA F 348 -37.23 15.88 12.50
CA ALA F 348 -38.52 15.23 12.35
C ALA F 348 -38.46 14.37 11.10
N HIS F 349 -39.62 13.84 10.70
CA HIS F 349 -39.78 13.13 9.43
C HIS F 349 -41.20 13.43 8.93
N MET F 350 -41.58 12.85 7.80
CA MET F 350 -42.96 13.01 7.31
C MET F 350 -44.00 12.65 8.38
N LEU F 351 -43.71 11.62 9.16
CA LEU F 351 -44.65 11.09 10.15
C LEU F 351 -43.89 10.40 11.29
N GLU F 352 -42.76 9.77 10.94
CA GLU F 352 -42.22 8.68 11.73
C GLU F 352 -41.17 9.08 12.78
N VAL F 353 -41.62 9.64 13.89
CA VAL F 353 -40.75 9.91 15.02
C VAL F 353 -41.20 9.06 16.21
N CYS F 354 -40.26 8.54 17.00
CA CYS F 354 -40.60 7.66 18.11
C CYS F 354 -41.08 8.42 19.34
N PRO F 355 -42.26 8.03 19.87
CA PRO F 355 -42.80 8.75 21.04
C PRO F 355 -41.95 8.58 22.31
N THR F 356 -41.04 7.62 22.32
CA THR F 356 -40.17 7.44 23.50
C THR F 356 -39.27 8.65 23.75
N ILE F 357 -39.18 9.57 22.78
CA ILE F 357 -38.38 10.77 22.98
C ILE F 357 -39.23 12.00 23.33
N ALA F 358 -40.53 11.77 23.51
CA ALA F 358 -41.46 12.86 23.80
C ALA F 358 -41.27 13.42 25.21
N ALA F 359 -41.26 14.74 25.33
CA ALA F 359 -41.39 15.36 26.63
C ALA F 359 -42.87 15.33 27.00
N THR F 360 -43.67 15.88 26.09
CA THR F 360 -45.11 15.98 26.26
C THR F 360 -45.78 14.60 26.11
N ARG F 361 -47.09 14.56 26.25
CA ARG F 361 -47.87 13.35 26.05
C ARG F 361 -48.41 13.38 24.62
N PRO F 362 -48.19 12.30 23.85
CA PRO F 362 -48.44 12.39 22.41
C PRO F 362 -49.91 12.54 22.03
N ARG F 363 -50.16 13.49 21.14
CA ARG F 363 -51.50 13.70 20.62
C ARG F 363 -51.65 12.94 19.30
N VAL F 364 -52.74 12.19 19.15
CA VAL F 364 -53.05 11.57 17.86
C VAL F 364 -53.75 12.57 16.95
N GLU F 365 -53.16 12.81 15.78
CA GLU F 365 -53.67 13.80 14.83
C GLU F 365 -53.80 13.25 13.40
N VAL F 366 -54.64 13.90 12.60
CA VAL F 366 -54.82 13.51 11.20
C VAL F 366 -54.69 14.74 10.31
N HIS F 367 -53.76 14.70 9.37
CA HIS F 367 -53.50 15.85 8.52
C HIS F 367 -53.29 15.35 7.11
N PRO F 368 -53.45 16.23 6.13
CA PRO F 368 -53.09 15.85 4.76
C PRO F 368 -51.59 15.65 4.63
N LEU F 369 -51.20 14.68 3.83
CA LEU F 369 -49.81 14.47 3.46
C LEU F 369 -49.76 14.18 1.97
N SER F 370 -49.25 15.12 1.19
CA SER F 370 -49.26 14.98 -0.25
C SER F 370 -48.16 14.04 -0.76
N ILE F 371 -47.14 13.80 0.06
CA ILE F 371 -46.08 12.88 -0.31
C ILE F 371 -46.64 11.47 -0.31
N GLY F 372 -46.48 10.75 -1.42
CA GLY F 372 -47.00 9.40 -1.53
C GLY F 372 -48.38 9.34 -2.17
N GLY F 373 -49.10 10.45 -2.13
CA GLY F 373 -50.39 10.56 -2.81
C GLY F 373 -51.48 9.68 -2.24
N LYS F 374 -51.41 9.41 -0.93
CA LYS F 374 -52.42 8.60 -0.28
C LYS F 374 -53.28 9.46 0.65
N GLU F 375 -54.19 8.82 1.38
CA GLU F 375 -55.14 9.53 2.23
C GLU F 375 -54.49 10.11 3.47
N ASP F 376 -55.16 11.08 4.09
CA ASP F 376 -54.65 11.74 5.28
C ASP F 376 -54.27 10.73 6.36
N PRO F 377 -52.97 10.70 6.71
CA PRO F 377 -52.47 9.71 7.66
C PRO F 377 -52.56 10.16 9.12
N ALA F 378 -52.99 9.26 9.98
CA ALA F 378 -52.98 9.50 11.41
C ALA F 378 -51.55 9.35 11.95
N ARG F 379 -51.20 10.14 12.94
CA ARG F 379 -49.87 10.06 13.54
C ARG F 379 -49.82 10.69 14.92
N LEU F 380 -48.78 10.36 15.67
CA LEU F 380 -48.55 10.94 16.98
C LEU F 380 -47.75 12.24 16.81
N VAL F 381 -48.23 13.31 17.45
CA VAL F 381 -47.57 14.60 17.42
C VAL F 381 -47.14 14.99 18.83
N PHE F 382 -45.88 15.38 18.95
CA PHE F 382 -45.34 15.73 20.26
C PHE F 382 -44.07 16.55 20.11
N ASP F 383 -43.64 17.16 21.20
CA ASP F 383 -42.33 17.79 21.28
C ASP F 383 -41.35 16.82 21.92
N GLY F 384 -40.11 16.83 21.45
CA GLY F 384 -39.10 15.97 22.01
C GLY F 384 -38.57 16.52 23.32
N GLY F 385 -38.12 15.62 24.21
CA GLY F 385 -37.55 16.04 25.48
C GLY F 385 -36.27 16.85 25.36
N GLU F 386 -35.65 17.13 26.50
CA GLU F 386 -34.38 17.83 26.54
C GLU F 386 -33.32 16.91 27.11
N GLY F 387 -32.06 17.17 26.79
CA GLY F 387 -30.98 16.40 27.37
C GLY F 387 -29.79 16.16 26.45
N ALA F 388 -28.71 15.70 27.05
CA ALA F 388 -27.56 15.25 26.28
C ALA F 388 -28.00 14.03 25.48
N ALA F 389 -27.58 13.97 24.22
CA ALA F 389 -27.96 12.89 23.33
C ALA F 389 -26.86 12.62 22.31
N VAL F 390 -27.02 11.51 21.58
CA VAL F 390 -26.16 11.29 20.43
C VAL F 390 -27.04 11.18 19.18
N ASN F 391 -26.47 11.67 18.08
CA ASN F 391 -27.09 11.54 16.78
C ASN F 391 -26.07 10.84 15.88
N ALA F 392 -26.42 9.65 15.40
CA ALA F 392 -25.45 8.82 14.70
C ALA F 392 -25.96 8.40 13.31
N SER F 393 -25.02 8.24 12.39
CA SER F 393 -25.31 7.80 11.03
C SER F 393 -24.26 6.77 10.63
N LEU F 394 -24.68 5.73 9.94
CA LEU F 394 -23.75 4.74 9.42
C LEU F 394 -23.80 4.75 7.89
N ILE F 395 -22.69 5.11 7.24
CA ILE F 395 -22.69 5.23 5.79
C ILE F 395 -21.83 4.20 5.10
N ASP F 396 -22.03 4.09 3.81
CA ASP F 396 -21.23 3.19 2.97
C ASP F 396 -20.33 4.02 2.03
N LEU F 397 -19.02 3.94 2.25
CA LEU F 397 -18.04 4.68 1.44
C LEU F 397 -17.62 3.97 0.14
N GLY F 398 -18.27 2.85 -0.19
CA GLY F 398 -17.91 2.09 -1.37
C GLY F 398 -17.08 0.87 -1.05
N HIS F 399 -16.01 1.04 -0.29
CA HIS F 399 -15.15 -0.09 0.05
C HIS F 399 -15.26 -0.46 1.52
N ARG F 400 -15.95 0.35 2.29
CA ARG F 400 -16.06 0.13 3.74
C ARG F 400 -17.13 1.02 4.32
N PHE F 401 -17.57 0.67 5.53
CA PHE F 401 -18.55 1.47 6.26
C PHE F 401 -17.87 2.45 7.21
N ARG F 402 -18.55 3.56 7.48
CA ARG F 402 -18.08 4.54 8.47
C ARG F 402 -19.21 4.92 9.40
N LEU F 403 -18.96 4.78 10.70
CA LEU F 403 -19.90 5.22 11.70
C LEU F 403 -19.57 6.65 12.13
N ILE F 404 -20.57 7.54 12.05
CA ILE F 404 -20.39 8.94 12.40
C ILE F 404 -21.29 9.30 13.56
N VAL F 405 -20.72 9.91 14.59
CA VAL F 405 -21.45 10.21 15.82
C VAL F 405 -21.28 11.65 16.25
N ASN F 406 -22.38 12.40 16.25
CA ASN F 406 -22.38 13.73 16.81
C ASN F 406 -23.07 13.80 18.18
N GLU F 407 -22.33 14.27 19.17
CA GLU F 407 -22.91 14.54 20.48
C GLU F 407 -23.68 15.86 20.45
N VAL F 408 -24.88 15.86 21.02
CA VAL F 408 -25.76 17.01 20.96
C VAL F 408 -26.51 17.22 22.28
N ASP F 409 -27.07 18.42 22.46
CA ASP F 409 -27.94 18.69 23.62
C ASP F 409 -29.34 19.05 23.17
N ALA F 410 -30.30 18.19 23.49
CA ALA F 410 -31.69 18.42 23.12
C ALA F 410 -32.29 19.52 23.99
N VAL F 411 -33.11 20.37 23.38
CA VAL F 411 -33.71 21.50 24.08
C VAL F 411 -35.23 21.53 23.84
N LYS F 412 -35.99 21.79 24.91
CA LYS F 412 -37.43 22.03 24.78
C LYS F 412 -37.65 23.34 24.02
N PRO F 413 -38.66 23.35 23.14
CA PRO F 413 -39.03 24.57 22.41
C PRO F 413 -39.59 25.65 23.34
N GLU F 414 -39.25 26.91 23.05
CA GLU F 414 -39.77 28.02 23.83
C GLU F 414 -41.00 28.64 23.19
N HIS F 415 -41.19 28.39 21.89
CA HIS F 415 -42.36 28.85 21.16
C HIS F 415 -43.19 27.68 20.71
N ASP F 416 -44.50 27.90 20.67
CA ASP F 416 -45.42 26.88 20.20
C ASP F 416 -45.25 26.72 18.70
N MET F 417 -45.60 25.55 18.18
CA MET F 417 -45.60 25.30 16.74
C MET F 417 -46.94 24.69 16.38
N PRO F 418 -47.97 25.54 16.26
CA PRO F 418 -49.36 25.10 16.13
C PRO F 418 -49.71 24.61 14.74
N LYS F 419 -49.01 25.12 13.71
CA LYS F 419 -49.31 24.70 12.35
C LYS F 419 -48.50 23.47 11.89
N LEU F 420 -47.57 23.01 12.74
CA LEU F 420 -46.68 21.91 12.40
C LEU F 420 -47.25 20.53 12.73
N PRO F 421 -47.71 19.82 11.70
CA PRO F 421 -48.47 18.56 11.87
C PRO F 421 -47.64 17.33 12.26
N VAL F 422 -46.35 17.49 12.55
CA VAL F 422 -45.53 16.35 12.90
C VAL F 422 -44.81 16.51 14.23
N ALA F 423 -44.49 15.39 14.86
CA ALA F 423 -43.63 15.39 16.03
C ALA F 423 -42.26 15.91 15.65
N ARG F 424 -41.59 16.54 16.60
CA ARG F 424 -40.31 17.17 16.32
C ARG F 424 -39.51 17.25 17.60
N ILE F 425 -38.20 17.45 17.45
CA ILE F 425 -37.30 17.65 18.56
C ILE F 425 -36.32 18.72 18.15
N LEU F 426 -35.80 19.47 19.12
CA LEU F 426 -34.85 20.53 18.85
C LEU F 426 -33.54 20.19 19.55
N TRP F 427 -32.41 20.34 18.86
CA TRP F 427 -31.12 20.12 19.52
C TRP F 427 -30.01 21.10 19.12
N LYS F 428 -29.11 21.37 20.06
CA LYS F 428 -27.94 22.18 19.79
C LYS F 428 -26.75 21.25 19.66
N PRO F 429 -26.18 21.16 18.45
CA PRO F 429 -25.12 20.16 18.28
C PRO F 429 -23.78 20.67 18.79
N ARG F 430 -23.04 19.83 19.49
CA ARG F 430 -21.70 20.20 19.94
C ARG F 430 -20.73 20.05 18.76
N PRO F 431 -19.73 20.94 18.66
CA PRO F 431 -19.49 22.09 19.54
C PRO F 431 -20.31 23.33 19.17
N SER F 432 -20.85 23.36 17.96
CA SER F 432 -21.75 24.43 17.53
C SER F 432 -22.48 23.97 16.27
N LEU F 433 -23.52 24.69 15.86
CA LEU F 433 -24.22 24.29 14.65
C LEU F 433 -23.28 24.33 13.46
N ARG F 434 -22.53 25.42 13.37
CA ARG F 434 -21.66 25.65 12.22
C ARG F 434 -20.53 24.63 12.06
N ASP F 435 -19.88 24.27 13.15
CA ASP F 435 -18.75 23.34 13.09
C ASP F 435 -19.19 21.89 13.04
N SER F 436 -20.29 21.58 13.72
CA SER F 436 -20.81 20.23 13.72
C SER F 436 -21.27 19.86 12.32
N ALA F 437 -21.90 20.80 11.64
CA ALA F 437 -22.46 20.52 10.33
C ALA F 437 -21.34 20.43 9.29
N GLU F 438 -20.35 21.29 9.45
CA GLU F 438 -19.19 21.27 8.55
C GLU F 438 -18.46 19.94 8.66
N ALA F 439 -18.25 19.47 9.89
CA ALA F 439 -17.63 18.15 10.14
C ALA F 439 -18.46 16.97 9.60
N TRP F 440 -19.76 17.03 9.84
CA TRP F 440 -20.68 15.99 9.38
C TRP F 440 -20.65 15.86 7.84
N ILE F 441 -20.63 16.99 7.15
CA ILE F 441 -20.58 17.02 5.70
C ILE F 441 -19.24 16.54 5.14
N LEU F 442 -18.15 16.93 5.78
CA LEU F 442 -16.84 16.45 5.35
C LEU F 442 -16.74 14.93 5.52
N ALA F 443 -17.32 14.41 6.59
CA ALA F 443 -17.38 12.98 6.85
C ALA F 443 -18.46 12.29 6.00
N GLY F 444 -19.24 13.06 5.25
CA GLY F 444 -20.33 12.51 4.46
C GLY F 444 -21.48 11.94 5.27
N GLY F 445 -21.68 12.44 6.48
CA GLY F 445 -22.78 11.95 7.31
C GLY F 445 -24.14 12.06 6.62
N ALA F 446 -24.99 11.08 6.88
CA ALA F 446 -26.30 11.03 6.22
C ALA F 446 -27.29 12.05 6.78
N HIS F 447 -28.42 12.18 6.11
CA HIS F 447 -29.51 13.01 6.57
C HIS F 447 -30.42 12.23 7.51
N HIS F 448 -30.41 10.90 7.37
CA HIS F 448 -31.11 10.00 8.28
C HIS F 448 -30.20 9.57 9.41
N THR F 449 -30.72 9.54 10.64
CA THR F 449 -29.90 9.18 11.80
C THR F 449 -30.67 8.36 12.81
N CYS F 450 -29.95 7.91 13.82
CA CYS F 450 -30.57 7.41 15.02
C CYS F 450 -30.24 8.39 16.14
N PHE F 451 -31.28 8.93 16.76
CA PHE F 451 -31.13 9.90 17.84
C PHE F 451 -31.42 9.13 19.10
N SER F 452 -30.56 9.26 20.10
CA SER F 452 -30.81 8.60 21.40
C SER F 452 -30.30 9.41 22.60
N PHE F 453 -31.11 9.41 23.66
CA PHE F 453 -30.74 10.03 24.91
C PHE F 453 -29.98 9.03 25.75
N ALA F 454 -30.14 7.75 25.43
CA ALA F 454 -29.74 6.69 26.34
C ALA F 454 -28.55 5.85 25.84
N VAL F 455 -27.87 6.33 24.81
CA VAL F 455 -26.69 5.64 24.28
C VAL F 455 -25.49 6.56 24.41
N THR F 456 -24.36 6.04 24.89
CA THR F 456 -23.14 6.84 24.96
C THR F 456 -22.21 6.62 23.74
N THR F 457 -21.42 7.65 23.48
CA THR F 457 -20.36 7.62 22.48
C THR F 457 -19.41 6.43 22.68
N GLU F 458 -19.05 6.18 23.93
CA GLU F 458 -18.16 5.06 24.25
C GLU F 458 -18.74 3.75 23.70
N GLN F 459 -20.03 3.52 23.90
CA GLN F 459 -20.67 2.32 23.41
C GLN F 459 -20.55 2.16 21.90
N LEU F 460 -20.79 3.24 21.17
CA LEU F 460 -20.74 3.21 19.72
C LEU F 460 -19.32 2.96 19.22
N GLN F 461 -18.34 3.53 19.91
CA GLN F 461 -16.95 3.25 19.56
C GLN F 461 -16.58 1.79 19.82
N ASP F 462 -17.09 1.22 20.90
CA ASP F 462 -16.82 -0.18 21.23
C ASP F 462 -17.48 -1.08 20.18
N PHE F 463 -18.70 -0.73 19.77
CA PHE F 463 -19.40 -1.51 18.75
C PHE F 463 -18.63 -1.51 17.44
N ALA F 464 -18.18 -0.33 17.03
CA ALA F 464 -17.40 -0.16 15.81
C ALA F 464 -16.13 -0.99 15.86
N GLU F 465 -15.47 -0.96 17.01
CA GLU F 465 -14.33 -1.83 17.30
C GLU F 465 -14.65 -3.33 17.11
N MET F 466 -15.77 -3.77 17.64
CA MET F 466 -16.21 -5.16 17.48
C MET F 466 -16.46 -5.53 16.02
N ALA F 467 -17.03 -4.58 15.27
CA ALA F 467 -17.44 -4.84 13.90
C ALA F 467 -16.30 -4.65 12.94
N GLY F 468 -15.26 -3.97 13.37
CA GLY F 468 -14.13 -3.70 12.51
C GLY F 468 -14.37 -2.55 11.56
N ILE F 469 -14.99 -1.48 12.05
CA ILE F 469 -15.18 -0.29 11.23
C ILE F 469 -14.73 1.00 11.92
N GLU F 470 -14.42 1.99 11.11
CA GLU F 470 -14.08 3.32 11.60
C GLU F 470 -15.25 4.01 12.32
N CYS F 471 -14.94 4.60 13.47
CA CYS F 471 -15.93 5.42 14.15
C CYS F 471 -15.39 6.82 14.36
N VAL F 472 -16.08 7.76 13.75
CA VAL F 472 -15.74 9.17 13.75
C VAL F 472 -16.69 9.90 14.71
N VAL F 473 -16.14 10.69 15.62
CA VAL F 473 -16.93 11.36 16.65
C VAL F 473 -16.84 12.88 16.52
N ILE F 474 -17.96 13.56 16.70
CA ILE F 474 -18.01 15.02 16.66
C ILE F 474 -18.60 15.49 17.98
N ASN F 475 -17.82 16.21 18.77
CA ASN F 475 -18.27 16.64 20.07
C ASN F 475 -17.67 17.99 20.47
N GLU F 476 -17.76 18.33 21.75
CA GLU F 476 -17.34 19.63 22.24
C GLU F 476 -15.85 19.85 22.05
N HIS F 477 -15.09 18.77 21.88
CA HIS F 477 -13.66 18.85 21.71
C HIS F 477 -13.27 18.92 20.25
N THR F 478 -14.24 18.76 19.38
CA THR F 478 -13.92 18.72 17.96
C THR F 478 -13.47 20.07 17.39
N SER F 479 -12.31 20.07 16.74
CA SER F 479 -11.93 21.17 15.87
C SER F 479 -11.93 20.65 14.43
N VAL F 480 -12.46 21.45 13.51
CA VAL F 480 -12.67 21.02 12.12
C VAL F 480 -11.37 20.76 11.36
N SER F 481 -10.39 21.62 11.51
CA SER F 481 -9.13 21.41 10.82
C SER F 481 -8.50 20.10 11.26
N SER F 482 -8.51 19.84 12.57
CA SER F 482 -8.00 18.58 13.10
C SER F 482 -8.80 17.40 12.56
N PHE F 483 -10.13 17.56 12.58
CA PHE F 483 -11.06 16.52 12.18
C PHE F 483 -10.79 16.08 10.74
N LYS F 484 -10.60 17.06 9.87
CA LYS F 484 -10.29 16.81 8.47
C LYS F 484 -9.04 15.96 8.35
N ASN F 485 -8.00 16.32 9.10
CA ASN F 485 -6.77 15.52 9.12
C ASN F 485 -6.99 14.07 9.55
N GLU F 486 -7.75 13.87 10.61
CA GLU F 486 -8.00 12.51 11.10
C GLU F 486 -8.78 11.64 10.10
N LEU F 487 -9.73 12.23 9.39
CA LEU F 487 -10.38 11.48 8.32
C LEU F 487 -9.34 10.96 7.34
N LYS F 488 -8.38 11.79 6.97
CA LYS F 488 -7.33 11.35 6.06
C LYS F 488 -6.53 10.19 6.64
N TRP F 489 -6.07 10.36 7.88
CA TRP F 489 -5.22 9.35 8.53
C TRP F 489 -5.99 8.05 8.81
N ASN F 490 -7.24 8.18 9.26
CA ASN F 490 -8.11 7.02 9.37
C ASN F 490 -8.28 6.32 8.04
N GLU F 491 -8.40 7.11 6.99
CA GLU F 491 -8.66 6.58 5.66
C GLU F 491 -7.58 5.59 5.28
N VAL F 492 -6.32 5.95 5.51
CA VAL F 492 -5.25 5.07 5.08
C VAL F 492 -5.21 3.84 5.99
N PHE F 493 -5.55 4.03 7.27
CA PHE F 493 -5.66 2.87 8.15
C PHE F 493 -6.73 1.84 7.74
N TRP F 494 -7.97 2.28 7.56
CA TRP F 494 -9.07 1.34 7.34
C TRP F 494 -9.19 0.85 5.90
N ARG F 495 -8.43 1.47 4.99
CA ARG F 495 -8.41 1.09 3.57
C ARG F 495 -7.80 -0.29 3.43
N GLY F 496 -8.55 -1.21 2.83
CA GLY F 496 -8.02 -2.53 2.54
C GLY F 496 -6.77 -2.46 1.67
#